data_2MAB
#
_entry.id   2MAB
#
_entity_poly.entity_id   1
_entity_poly.type   'polypeptide(L)'
_entity_poly.pdbx_seq_one_letter_code
;PSFGLVLNSPNGLRSPQAKARINNLASALSTAVGRNGVDVNAFTSGLRATLSNLGDSGMSPNEAKVEVLLEALTAALQLL
SSSTLGAVDTTSIGLTSNSVSKAVAQALA
;
_entity_poly.pdbx_strand_id   A,B
#
# COMPACT_ATOMS: atom_id res chain seq x y z
N PRO A 1 14.72 -7.66 3.01
CA PRO A 1 13.64 -8.12 3.89
C PRO A 1 12.60 -8.95 3.15
N SER A 2 12.87 -10.25 3.01
CA SER A 2 11.97 -11.15 2.33
C SER A 2 10.55 -11.01 2.87
N PHE A 3 9.57 -11.17 1.99
CA PHE A 3 8.16 -11.05 2.37
C PHE A 3 7.69 -12.32 3.08
N GLY A 4 8.57 -13.31 3.16
CA GLY A 4 8.23 -14.56 3.81
C GLY A 4 8.42 -14.50 5.31
N LEU A 5 9.56 -13.96 5.75
CA LEU A 5 9.86 -13.85 7.18
C LEU A 5 9.03 -12.75 7.81
N VAL A 6 8.91 -11.61 7.13
CA VAL A 6 8.14 -10.48 7.64
C VAL A 6 6.67 -10.85 7.79
N LEU A 7 6.16 -11.65 6.86
CA LEU A 7 4.76 -12.08 6.90
C LEU A 7 4.57 -13.20 7.91
N ASN A 8 5.67 -13.85 8.28
CA ASN A 8 5.62 -14.95 9.25
C ASN A 8 5.98 -14.46 10.65
N SER A 9 6.52 -13.25 10.72
CA SER A 9 6.91 -12.66 12.00
C SER A 9 5.70 -12.44 12.90
N PRO A 10 5.95 -12.31 14.21
CA PRO A 10 4.88 -12.09 15.20
C PRO A 10 4.24 -10.71 15.08
N ASN A 11 4.86 -9.85 14.26
CA ASN A 11 4.34 -8.50 14.06
C ASN A 11 4.11 -8.22 12.57
N GLY A 12 3.97 -9.29 11.79
CA GLY A 12 3.75 -9.15 10.36
C GLY A 12 2.41 -8.51 10.05
N LEU A 13 1.60 -9.20 9.25
CA LEU A 13 0.29 -8.70 8.87
C LEU A 13 -0.83 -9.54 9.49
N ARG A 14 -0.62 -10.86 9.49
CA ARG A 14 -1.61 -11.78 10.05
C ARG A 14 -1.65 -11.67 11.57
N SER A 15 -0.73 -10.90 12.13
CA SER A 15 -0.67 -10.72 13.58
C SER A 15 -1.80 -9.81 14.07
N PRO A 16 -2.17 -9.96 15.34
CA PRO A 16 -3.24 -9.18 15.95
C PRO A 16 -2.85 -7.71 16.15
N GLN A 17 -1.55 -7.48 16.37
CA GLN A 17 -1.05 -6.12 16.57
C GLN A 17 -1.10 -5.33 15.27
N ALA A 18 -0.94 -6.03 14.15
CA ALA A 18 -0.97 -5.38 12.84
C ALA A 18 -2.38 -4.96 12.46
N LYS A 19 -3.36 -5.78 12.85
CA LYS A 19 -4.76 -5.49 12.56
C LYS A 19 -5.22 -4.24 13.29
N ALA A 20 -4.77 -4.09 14.53
CA ALA A 20 -5.14 -2.93 15.34
C ALA A 20 -4.55 -1.65 14.76
N ARG A 21 -3.30 -1.71 14.33
CA ARG A 21 -2.62 -0.56 13.76
C ARG A 21 -3.32 -0.10 12.48
N ILE A 22 -3.68 -1.06 11.64
CA ILE A 22 -4.36 -0.76 10.38
C ILE A 22 -5.70 -0.08 10.62
N ASN A 23 -6.39 -0.49 11.68
CA ASN A 23 -7.68 0.08 12.03
C ASN A 23 -7.60 1.60 12.14
N ASN A 24 -6.56 2.08 12.82
CA ASN A 24 -6.36 3.51 13.01
C ASN A 24 -6.12 4.20 11.66
N LEU A 25 -5.40 3.51 10.78
CA LEU A 25 -5.09 4.06 9.46
C LEU A 25 -6.33 4.09 8.58
N ALA A 26 -7.20 3.08 8.74
CA ALA A 26 -8.42 3.00 7.97
C ALA A 26 -9.28 4.26 8.15
N SER A 27 -9.09 4.93 9.28
CA SER A 27 -9.85 6.15 9.57
C SER A 27 -9.06 7.38 9.16
N ALA A 28 -7.75 7.35 9.43
CA ALA A 28 -6.88 8.48 9.09
C ALA A 28 -6.73 8.62 7.59
N LEU A 29 -6.43 7.52 6.91
CA LEU A 29 -6.25 7.52 5.47
C LEU A 29 -7.54 7.98 4.76
N SER A 30 -8.68 7.48 5.24
CA SER A 30 -9.96 7.84 4.66
C SER A 30 -10.21 9.33 4.76
N THR A 31 -9.78 9.93 5.88
CA THR A 31 -9.96 11.35 6.10
C THR A 31 -8.94 12.17 5.31
N ALA A 32 -7.79 11.55 5.04
CA ALA A 32 -6.73 12.21 4.28
C ALA A 32 -7.05 12.23 2.79
N VAL A 33 -7.60 11.13 2.29
CA VAL A 33 -7.95 11.03 0.88
C VAL A 33 -9.44 11.30 0.66
N GLY A 34 -9.74 12.18 -0.28
CA GLY A 34 -11.12 12.51 -0.57
C GLY A 34 -11.26 13.41 -1.78
N ARG A 35 -11.55 14.69 -1.53
CA ARG A 35 -11.72 15.66 -2.62
C ARG A 35 -10.43 16.46 -2.82
N ASN A 36 -9.50 16.31 -1.89
CA ASN A 36 -8.22 17.03 -1.97
C ASN A 36 -7.11 16.10 -2.45
N GLY A 37 -7.49 14.91 -2.90
CA GLY A 37 -6.51 13.95 -3.38
C GLY A 37 -5.96 13.08 -2.28
N VAL A 38 -5.30 13.70 -1.31
CA VAL A 38 -4.72 12.95 -0.19
C VAL A 38 -3.97 13.89 0.76
N ASP A 39 -4.14 13.66 2.06
CA ASP A 39 -3.47 14.48 3.07
C ASP A 39 -2.22 13.78 3.59
N VAL A 40 -1.06 14.25 3.16
CA VAL A 40 0.21 13.67 3.60
C VAL A 40 0.34 13.72 5.12
N ASN A 41 -0.16 14.79 5.72
CA ASN A 41 -0.10 14.95 7.16
C ASN A 41 -0.76 13.78 7.87
N ALA A 42 -1.97 13.43 7.44
CA ALA A 42 -2.70 12.32 8.03
C ALA A 42 -2.17 10.98 7.54
N PHE A 43 -1.77 10.93 6.28
CA PHE A 43 -1.25 9.71 5.69
C PHE A 43 0.06 9.29 6.37
N THR A 44 1.01 10.22 6.42
CA THR A 44 2.30 9.96 7.04
C THR A 44 2.16 9.79 8.55
N SER A 45 1.15 10.44 9.12
CA SER A 45 0.91 10.38 10.55
C SER A 45 0.64 8.94 11.00
N GLY A 46 -0.07 8.19 10.15
CA GLY A 46 -0.39 6.81 10.46
C GLY A 46 0.82 5.89 10.32
N LEU A 47 1.66 6.17 9.33
CA LEU A 47 2.85 5.36 9.09
C LEU A 47 3.87 5.54 10.21
N ARG A 48 3.99 6.78 10.71
CA ARG A 48 4.91 7.07 11.79
C ARG A 48 4.60 6.24 13.02
N ALA A 49 3.32 6.03 13.29
CA ALA A 49 2.89 5.24 14.44
C ALA A 49 3.14 3.76 14.20
N THR A 50 2.96 3.32 12.96
CA THR A 50 3.15 1.92 12.61
C THR A 50 4.63 1.56 12.61
N LEU A 51 5.44 2.39 11.97
CA LEU A 51 6.89 2.16 11.89
C LEU A 51 7.50 2.08 13.29
N SER A 52 7.07 2.98 14.17
CA SER A 52 7.57 3.02 15.54
C SER A 52 7.15 1.77 16.30
N ASN A 53 5.89 1.38 16.14
CA ASN A 53 5.35 0.20 16.82
C ASN A 53 6.06 -1.06 16.33
N LEU A 54 6.23 -1.18 15.03
CA LEU A 54 6.88 -2.33 14.43
C LEU A 54 8.38 -2.34 14.75
N GLY A 55 8.96 -1.14 14.79
CA GLY A 55 10.38 -1.03 15.09
C GLY A 55 10.74 -1.56 16.46
N ASP A 56 9.73 -1.75 17.30
CA ASP A 56 9.94 -2.26 18.65
C ASP A 56 8.96 -3.39 18.97
N SER A 57 8.40 -3.98 17.92
CA SER A 57 7.45 -5.08 18.08
C SER A 57 8.16 -6.42 18.20
N GLY A 58 9.41 -6.46 17.74
CA GLY A 58 10.18 -7.68 17.79
C GLY A 58 10.91 -7.97 16.50
N MET A 59 10.68 -7.12 15.49
CA MET A 59 11.33 -7.29 14.20
C MET A 59 12.53 -6.36 14.05
N SER A 60 13.05 -6.25 12.84
CA SER A 60 14.20 -5.39 12.58
C SER A 60 13.76 -4.02 12.09
N PRO A 61 14.67 -3.03 12.17
CA PRO A 61 14.40 -1.66 11.74
C PRO A 61 14.26 -1.54 10.23
N ASN A 62 14.57 -2.62 9.53
CA ASN A 62 14.49 -2.65 8.06
C ASN A 62 13.20 -3.31 7.60
N GLU A 63 12.75 -4.30 8.37
CA GLU A 63 11.53 -5.02 8.04
C GLU A 63 10.29 -4.15 8.28
N ALA A 64 10.34 -3.35 9.33
CA ALA A 64 9.23 -2.47 9.66
C ALA A 64 8.98 -1.45 8.56
N LYS A 65 10.05 -1.07 7.86
CA LYS A 65 9.96 -0.10 6.78
C LYS A 65 9.17 -0.68 5.61
N VAL A 66 9.33 -1.98 5.36
CA VAL A 66 8.64 -2.65 4.28
C VAL A 66 7.29 -3.20 4.75
N GLU A 67 7.24 -3.61 6.01
CA GLU A 67 6.01 -4.16 6.58
C GLU A 67 4.91 -3.10 6.64
N VAL A 68 5.30 -1.88 6.97
CA VAL A 68 4.35 -0.77 7.07
C VAL A 68 3.63 -0.55 5.75
N LEU A 69 4.35 -0.74 4.65
CA LEU A 69 3.77 -0.56 3.32
C LEU A 69 2.52 -1.42 3.16
N LEU A 70 2.59 -2.65 3.65
CA LEU A 70 1.46 -3.57 3.56
C LEU A 70 0.34 -3.17 4.54
N GLU A 71 0.75 -2.71 5.72
CA GLU A 71 -0.22 -2.29 6.74
C GLU A 71 -1.05 -1.12 6.25
N ALA A 72 -0.41 -0.24 5.47
CA ALA A 72 -1.09 0.94 4.94
C ALA A 72 -2.09 0.55 3.85
N LEU A 73 -1.77 -0.49 3.10
CA LEU A 73 -2.63 -0.96 2.03
C LEU A 73 -3.87 -1.65 2.59
N THR A 74 -3.66 -2.44 3.64
CA THR A 74 -4.76 -3.16 4.27
C THR A 74 -5.84 -2.20 4.76
N ALA A 75 -5.43 -1.04 5.25
CA ALA A 75 -6.37 -0.04 5.74
C ALA A 75 -7.23 0.51 4.61
N ALA A 76 -6.63 0.64 3.43
CA ALA A 76 -7.33 1.16 2.26
C ALA A 76 -8.18 0.07 1.61
N LEU A 77 -7.57 -1.09 1.40
CA LEU A 77 -8.26 -2.22 0.78
C LEU A 77 -9.52 -2.59 1.57
N GLN A 78 -9.37 -2.68 2.89
CA GLN A 78 -10.51 -3.02 3.75
C GLN A 78 -11.58 -1.94 3.68
N LEU A 79 -11.16 -0.69 3.51
CA LEU A 79 -12.09 0.42 3.43
C LEU A 79 -12.85 0.42 2.11
N LEU A 80 -12.15 0.05 1.04
CA LEU A 80 -12.76 -0.01 -0.28
C LEU A 80 -14.00 -0.90 -0.28
N SER A 81 -13.95 -1.97 0.51
CA SER A 81 -15.06 -2.91 0.61
C SER A 81 -16.32 -2.20 1.08
N SER A 82 -16.15 -1.07 1.75
CA SER A 82 -17.27 -0.30 2.26
C SER A 82 -17.40 1.02 1.52
N SER A 83 -16.58 1.21 0.50
CA SER A 83 -16.59 2.43 -0.29
C SER A 83 -17.49 2.28 -1.51
N THR A 84 -17.27 3.14 -2.51
CA THR A 84 -18.05 3.10 -3.74
C THR A 84 -17.18 2.77 -4.93
N LEU A 85 -15.92 3.19 -4.88
CA LEU A 85 -14.98 2.94 -5.97
C LEU A 85 -15.68 3.06 -7.33
N GLY A 86 -16.27 4.21 -7.58
CA GLY A 86 -16.96 4.43 -8.83
C GLY A 86 -16.19 5.36 -9.76
N ALA A 87 -14.88 5.18 -9.82
CA ALA A 87 -14.03 6.00 -10.68
C ALA A 87 -12.57 5.58 -10.57
N VAL A 88 -11.67 6.43 -11.07
CA VAL A 88 -10.24 6.15 -11.02
C VAL A 88 -9.43 7.44 -10.96
N ASP A 89 -9.85 8.43 -11.73
CA ASP A 89 -9.16 9.72 -11.75
C ASP A 89 -7.68 9.53 -12.01
N THR A 90 -7.33 9.11 -13.21
CA THR A 90 -5.93 8.88 -13.58
C THR A 90 -5.19 10.21 -13.71
N THR A 91 -5.92 11.31 -13.67
CA THR A 91 -5.33 12.63 -13.79
C THR A 91 -4.71 13.08 -12.46
N SER A 92 -5.17 12.47 -11.37
CA SER A 92 -4.66 12.80 -10.04
C SER A 92 -3.53 11.86 -9.64
N ILE A 93 -3.21 10.92 -10.52
CA ILE A 93 -2.13 9.96 -10.26
C ILE A 93 -0.86 10.66 -9.81
N GLY A 94 -0.49 11.73 -10.54
CA GLY A 94 0.70 12.47 -10.19
C GLY A 94 0.69 12.95 -8.75
N LEU A 95 -0.48 13.33 -8.26
CA LEU A 95 -0.61 13.81 -6.89
C LEU A 95 -0.54 12.66 -5.90
N THR A 96 -1.24 11.57 -6.21
CA THR A 96 -1.26 10.39 -5.36
C THR A 96 0.13 9.77 -5.23
N SER A 97 0.77 9.55 -6.37
CA SER A 97 2.10 8.96 -6.40
C SER A 97 3.11 9.87 -5.70
N ASN A 98 2.87 11.18 -5.78
CA ASN A 98 3.76 12.16 -5.16
C ASN A 98 3.52 12.23 -3.66
N SER A 99 2.27 12.03 -3.25
CA SER A 99 1.92 12.07 -1.84
C SER A 99 2.47 10.86 -1.10
N VAL A 100 2.32 9.69 -1.70
CA VAL A 100 2.81 8.45 -1.11
C VAL A 100 4.32 8.48 -0.94
N SER A 101 5.02 9.06 -1.92
CA SER A 101 6.46 9.15 -1.87
C SER A 101 6.93 10.06 -0.74
N LYS A 102 6.28 11.22 -0.63
CA LYS A 102 6.62 12.19 0.42
C LYS A 102 6.18 11.68 1.79
N ALA A 103 5.00 11.06 1.83
CA ALA A 103 4.46 10.53 3.08
C ALA A 103 5.30 9.36 3.58
N VAL A 104 5.61 8.43 2.68
CA VAL A 104 6.41 7.26 3.03
C VAL A 104 7.78 7.66 3.53
N ALA A 105 8.41 8.61 2.84
CA ALA A 105 9.73 9.09 3.22
C ALA A 105 9.65 10.03 4.41
N GLN A 106 8.47 10.58 4.65
CA GLN A 106 8.26 11.50 5.77
C GLN A 106 8.14 10.74 7.08
N ALA A 107 7.55 9.56 7.04
CA ALA A 107 7.38 8.74 8.23
C ALA A 107 8.47 7.67 8.31
N LEU A 108 8.74 7.01 7.19
CA LEU A 108 9.76 5.97 7.15
C LEU A 108 11.15 6.57 6.95
N ALA A 109 11.38 7.11 5.75
CA ALA A 109 12.66 7.73 5.43
C ALA A 109 12.87 9.01 6.22
N PRO B 1 16.92 -2.01 1.19
CA PRO B 1 16.57 -1.07 0.11
C PRO B 1 16.10 0.27 0.65
N SER B 2 17.03 1.20 0.81
CA SER B 2 16.71 2.53 1.32
C SER B 2 15.55 3.15 0.55
N PHE B 3 14.59 3.70 1.28
CA PHE B 3 13.43 4.32 0.66
C PHE B 3 13.80 5.62 -0.05
N GLY B 4 15.01 6.11 0.25
CA GLY B 4 15.48 7.34 -0.37
C GLY B 4 15.86 7.15 -1.82
N LEU B 5 16.59 6.08 -2.10
CA LEU B 5 17.03 5.78 -3.47
C LEU B 5 15.87 5.31 -4.32
N VAL B 6 14.96 4.55 -3.71
CA VAL B 6 13.80 4.04 -4.42
C VAL B 6 12.80 5.15 -4.72
N LEU B 7 12.69 6.11 -3.81
CA LEU B 7 11.78 7.23 -3.98
C LEU B 7 12.37 8.30 -4.89
N ASN B 8 13.68 8.21 -5.12
CA ASN B 8 14.38 9.16 -5.98
C ASN B 8 14.80 8.50 -7.29
N SER B 9 14.65 7.18 -7.35
CA SER B 9 15.02 6.43 -8.55
C SER B 9 14.21 6.90 -9.76
N PRO B 10 14.72 6.59 -10.96
CA PRO B 10 14.07 6.97 -12.22
C PRO B 10 12.78 6.19 -12.46
N ASN B 11 12.57 5.15 -11.66
CA ASN B 11 11.38 4.32 -11.79
C ASN B 11 10.67 4.19 -10.45
N GLY B 12 10.89 5.15 -9.57
CA GLY B 12 10.27 5.12 -8.26
C GLY B 12 8.77 5.32 -8.33
N LEU B 13 8.27 6.33 -7.62
CA LEU B 13 6.84 6.62 -7.61
C LEU B 13 6.55 7.95 -8.32
N ARG B 14 7.40 8.93 -8.09
CA ARG B 14 7.24 10.24 -8.71
C ARG B 14 7.55 10.18 -10.20
N SER B 15 8.04 9.03 -10.66
CA SER B 15 8.38 8.84 -12.06
C SER B 15 7.12 8.60 -12.90
N PRO B 16 7.21 8.91 -14.20
CA PRO B 16 6.10 8.74 -15.13
C PRO B 16 5.79 7.27 -15.40
N GLN B 17 6.82 6.44 -15.35
CA GLN B 17 6.66 5.00 -15.58
C GLN B 17 5.83 4.35 -14.46
N ALA B 18 5.96 4.90 -13.26
CA ALA B 18 5.23 4.37 -12.10
C ALA B 18 3.75 4.73 -12.18
N LYS B 19 3.46 5.92 -12.69
CA LYS B 19 2.09 6.39 -12.82
C LYS B 19 1.30 5.49 -13.76
N ALA B 20 1.94 5.05 -14.84
CA ALA B 20 1.31 4.18 -15.82
C ALA B 20 1.00 2.81 -15.22
N ARG B 21 1.95 2.28 -14.46
CA ARG B 21 1.78 0.97 -13.83
C ARG B 21 0.65 1.01 -12.81
N ILE B 22 0.54 2.12 -12.09
CA ILE B 22 -0.49 2.27 -11.08
C ILE B 22 -1.89 2.35 -11.72
N ASN B 23 -1.95 2.98 -12.89
CA ASN B 23 -3.21 3.12 -13.61
C ASN B 23 -3.91 1.77 -13.75
N ASN B 24 -3.15 0.76 -14.13
CA ASN B 24 -3.69 -0.59 -14.30
C ASN B 24 -4.17 -1.16 -12.96
N LEU B 25 -3.48 -0.79 -11.89
CA LEU B 25 -3.84 -1.27 -10.56
C LEU B 25 -5.13 -0.62 -10.08
N ALA B 26 -5.30 0.65 -10.43
CA ALA B 26 -6.50 1.40 -10.03
C ALA B 26 -7.77 0.69 -10.51
N SER B 27 -7.63 -0.09 -11.58
CA SER B 27 -8.78 -0.81 -12.13
C SER B 27 -8.84 -2.23 -11.58
N ALA B 28 -7.67 -2.85 -11.42
CA ALA B 28 -7.59 -4.21 -10.90
C ALA B 28 -7.96 -4.25 -9.43
N LEU B 29 -7.36 -3.37 -8.64
CA LEU B 29 -7.63 -3.31 -7.21
C LEU B 29 -9.11 -3.04 -6.95
N SER B 30 -9.68 -2.10 -7.70
CA SER B 30 -11.09 -1.74 -7.56
C SER B 30 -11.98 -2.94 -7.83
N THR B 31 -11.58 -3.77 -8.79
CA THR B 31 -12.35 -4.95 -9.16
C THR B 31 -12.09 -6.10 -8.19
N ALA B 32 -10.91 -6.09 -7.58
CA ALA B 32 -10.53 -7.13 -6.62
C ALA B 32 -11.22 -6.90 -5.28
N VAL B 33 -11.25 -5.65 -4.84
CA VAL B 33 -11.88 -5.31 -3.56
C VAL B 33 -13.32 -4.85 -3.76
N GLY B 34 -14.21 -5.35 -2.91
CA GLY B 34 -15.62 -4.98 -3.01
C GLY B 34 -16.46 -5.62 -1.93
N ARG B 35 -17.25 -6.62 -2.31
CA ARG B 35 -18.12 -7.31 -1.36
C ARG B 35 -17.47 -8.60 -0.87
N ASN B 36 -16.37 -8.98 -1.51
CA ASN B 36 -15.65 -10.20 -1.15
C ASN B 36 -14.39 -9.87 -0.34
N GLY B 37 -14.25 -8.59 0.01
CA GLY B 37 -13.08 -8.18 0.77
C GLY B 37 -11.91 -7.78 -0.11
N VAL B 38 -11.46 -8.72 -0.94
CA VAL B 38 -10.34 -8.47 -1.83
C VAL B 38 -9.98 -9.72 -2.64
N ASP B 39 -9.69 -9.53 -3.92
CA ASP B 39 -9.33 -10.63 -4.79
C ASP B 39 -7.82 -10.72 -4.97
N VAL B 40 -7.21 -11.70 -4.31
CA VAL B 40 -5.77 -11.89 -4.38
C VAL B 40 -5.33 -12.11 -5.82
N ASN B 41 -6.15 -12.81 -6.60
CA ASN B 41 -5.84 -13.09 -8.00
C ASN B 41 -5.62 -11.79 -8.77
N ALA B 42 -6.53 -10.84 -8.59
CA ALA B 42 -6.44 -9.56 -9.27
C ALA B 42 -5.40 -8.66 -8.61
N PHE B 43 -5.32 -8.73 -7.29
CA PHE B 43 -4.37 -7.92 -6.53
C PHE B 43 -2.94 -8.32 -6.87
N THR B 44 -2.63 -9.60 -6.70
CA THR B 44 -1.30 -10.11 -6.99
C THR B 44 -0.96 -10.00 -8.47
N SER B 45 -2.00 -10.05 -9.30
CA SER B 45 -1.82 -9.96 -10.75
C SER B 45 -1.18 -8.63 -11.14
N GLY B 46 -1.52 -7.58 -10.40
CA GLY B 46 -0.97 -6.27 -10.68
C GLY B 46 0.48 -6.14 -10.25
N LEU B 47 0.80 -6.68 -9.08
CA LEU B 47 2.16 -6.63 -8.56
C LEU B 47 3.12 -7.37 -9.48
N ARG B 48 2.66 -8.48 -10.04
CA ARG B 48 3.48 -9.28 -10.94
C ARG B 48 3.92 -8.47 -12.15
N ALA B 49 3.01 -7.62 -12.64
CA ALA B 49 3.30 -6.77 -13.79
C ALA B 49 4.23 -5.63 -13.42
N THR B 50 4.00 -5.05 -12.25
CA THR B 50 4.83 -3.94 -11.78
C THR B 50 6.24 -4.40 -11.44
N LEU B 51 6.34 -5.52 -10.72
CA LEU B 51 7.63 -6.07 -10.34
C LEU B 51 8.48 -6.37 -11.55
N SER B 52 7.86 -6.97 -12.57
CA SER B 52 8.57 -7.31 -13.80
C SER B 52 9.08 -6.05 -14.50
N ASN B 53 8.23 -5.03 -14.54
CA ASN B 53 8.60 -3.78 -15.19
C ASN B 53 9.70 -3.07 -14.42
N LEU B 54 9.56 -3.01 -13.10
CA LEU B 54 10.55 -2.37 -12.24
C LEU B 54 11.87 -3.14 -12.26
N GLY B 55 11.78 -4.46 -12.30
CA GLY B 55 12.97 -5.28 -12.32
C GLY B 55 13.84 -5.01 -13.54
N ASP B 56 13.27 -4.36 -14.54
CA ASP B 56 14.00 -4.04 -15.76
C ASP B 56 13.82 -2.57 -16.13
N SER B 57 13.43 -1.76 -15.15
CA SER B 57 13.22 -0.34 -15.38
C SER B 57 14.51 0.44 -15.16
N GLY B 58 15.44 -0.15 -14.41
CA GLY B 58 16.71 0.51 -14.15
C GLY B 58 17.14 0.37 -12.71
N MET B 59 16.27 -0.21 -11.89
CA MET B 59 16.56 -0.38 -10.46
C MET B 59 17.04 -1.81 -10.19
N SER B 60 17.08 -2.17 -8.91
CA SER B 60 17.51 -3.51 -8.51
C SER B 60 16.32 -4.43 -8.28
N PRO B 61 16.57 -5.74 -8.28
CA PRO B 61 15.53 -6.75 -8.07
C PRO B 61 15.02 -6.76 -6.64
N ASN B 62 15.69 -6.02 -5.76
CA ASN B 62 15.30 -5.93 -4.37
C ASN B 62 14.45 -4.69 -4.10
N GLU B 63 14.76 -3.62 -4.83
CA GLU B 63 14.02 -2.37 -4.67
C GLU B 63 12.63 -2.47 -5.29
N ALA B 64 12.54 -3.19 -6.41
CA ALA B 64 11.27 -3.37 -7.10
C ALA B 64 10.26 -4.07 -6.20
N LYS B 65 10.75 -4.93 -5.32
CA LYS B 65 9.88 -5.67 -4.40
C LYS B 65 9.21 -4.72 -3.42
N VAL B 66 9.94 -3.71 -2.96
CA VAL B 66 9.41 -2.74 -2.02
C VAL B 66 8.72 -1.59 -2.74
N GLU B 67 9.20 -1.27 -3.93
CA GLU B 67 8.63 -0.20 -4.72
C GLU B 67 7.21 -0.54 -5.16
N VAL B 68 7.00 -1.80 -5.56
CA VAL B 68 5.70 -2.25 -6.00
C VAL B 68 4.65 -2.05 -4.92
N LEU B 69 5.03 -2.28 -3.67
CA LEU B 69 4.12 -2.12 -2.55
C LEU B 69 3.52 -0.72 -2.53
N LEU B 70 4.33 0.28 -2.84
CA LEU B 70 3.88 1.66 -2.88
C LEU B 70 3.02 1.93 -4.11
N GLU B 71 3.38 1.30 -5.22
CA GLU B 71 2.64 1.47 -6.46
C GLU B 71 1.20 0.99 -6.32
N ALA B 72 1.01 -0.05 -5.51
CA ALA B 72 -0.31 -0.61 -5.27
C ALA B 72 -1.15 0.31 -4.40
N LEU B 73 -0.48 1.08 -3.53
CA LEU B 73 -1.16 2.01 -2.65
C LEU B 73 -1.69 3.21 -3.42
N THR B 74 -0.91 3.70 -4.36
CA THR B 74 -1.30 4.84 -5.17
C THR B 74 -2.59 4.57 -5.93
N ALA B 75 -2.73 3.33 -6.41
CA ALA B 75 -3.92 2.94 -7.16
C ALA B 75 -5.16 2.97 -6.27
N ALA B 76 -4.98 2.60 -5.01
CA ALA B 76 -6.09 2.59 -4.06
C ALA B 76 -6.37 3.98 -3.52
N LEU B 77 -5.32 4.68 -3.13
CA LEU B 77 -5.45 6.04 -2.60
C LEU B 77 -6.17 6.94 -3.60
N GLN B 78 -5.75 6.87 -4.86
CA GLN B 78 -6.35 7.69 -5.91
C GLN B 78 -7.82 7.33 -6.10
N LEU B 79 -8.14 6.05 -5.90
CA LEU B 79 -9.51 5.57 -6.06
C LEU B 79 -10.40 6.09 -4.92
N LEU B 80 -9.84 6.12 -3.72
CA LEU B 80 -10.57 6.60 -2.54
C LEU B 80 -11.13 8.00 -2.78
N SER B 81 -10.36 8.82 -3.51
CA SER B 81 -10.78 10.18 -3.80
C SER B 81 -12.10 10.20 -4.56
N SER B 82 -12.40 9.09 -5.25
CA SER B 82 -13.63 8.99 -6.02
C SER B 82 -14.57 7.95 -5.41
N SER B 83 -14.20 7.44 -4.24
CA SER B 83 -15.00 6.44 -3.55
C SER B 83 -15.98 7.10 -2.58
N THR B 84 -16.47 6.33 -1.61
CA THR B 84 -17.41 6.83 -0.62
C THR B 84 -16.81 6.80 0.78
N LEU B 85 -15.96 5.81 1.03
CA LEU B 85 -15.32 5.66 2.34
C LEU B 85 -16.29 6.02 3.46
N GLY B 86 -17.47 5.41 3.43
CA GLY B 86 -18.47 5.68 4.46
C GLY B 86 -18.68 4.49 5.38
N ALA B 87 -17.62 3.72 5.60
CA ALA B 87 -17.70 2.55 6.46
C ALA B 87 -16.35 1.85 6.58
N VAL B 88 -16.07 1.28 7.74
CA VAL B 88 -14.81 0.58 7.97
C VAL B 88 -15.06 -0.84 8.48
N ASP B 89 -15.00 -1.80 7.56
CA ASP B 89 -15.22 -3.20 7.92
C ASP B 89 -14.03 -3.74 8.70
N THR B 90 -13.92 -3.33 9.96
CA THR B 90 -12.83 -3.77 10.82
C THR B 90 -12.94 -5.26 11.12
N THR B 91 -14.09 -5.84 10.82
CA THR B 91 -14.33 -7.26 11.05
C THR B 91 -13.71 -8.11 9.95
N SER B 92 -13.37 -7.48 8.83
CA SER B 92 -12.75 -8.18 7.71
C SER B 92 -11.26 -7.89 7.63
N ILE B 93 -10.74 -7.19 8.63
CA ILE B 93 -9.33 -6.85 8.67
C ILE B 93 -8.46 -8.08 8.46
N GLY B 94 -8.78 -9.15 9.18
CA GLY B 94 -8.02 -10.38 9.05
C GLY B 94 -8.00 -10.91 7.64
N LEU B 95 -9.10 -10.70 6.92
CA LEU B 95 -9.21 -11.15 5.53
C LEU B 95 -8.37 -10.28 4.60
N THR B 96 -8.45 -8.97 4.80
CA THR B 96 -7.71 -8.03 3.98
C THR B 96 -6.20 -8.16 4.21
N SER B 97 -5.79 -8.14 5.48
CA SER B 97 -4.39 -8.26 5.83
C SER B 97 -3.83 -9.61 5.38
N ASN B 98 -4.68 -10.63 5.38
CA ASN B 98 -4.27 -11.97 4.98
C ASN B 98 -4.13 -12.06 3.45
N SER B 99 -5.00 -11.33 2.75
CA SER B 99 -4.98 -11.32 1.29
C SER B 99 -3.70 -10.68 0.76
N VAL B 100 -3.39 -9.49 1.29
CA VAL B 100 -2.19 -8.76 0.88
C VAL B 100 -0.94 -9.57 1.13
N SER B 101 -0.91 -10.29 2.25
CA SER B 101 0.23 -11.10 2.62
C SER B 101 0.45 -12.20 1.59
N LYS B 102 -0.61 -12.89 1.21
CA LYS B 102 -0.53 -13.97 0.23
C LYS B 102 -0.28 -13.42 -1.17
N ALA B 103 -0.90 -12.28 -1.46
CA ALA B 103 -0.74 -11.65 -2.77
C ALA B 103 0.71 -11.17 -2.97
N VAL B 104 1.24 -10.48 -1.97
CA VAL B 104 2.60 -9.96 -2.05
C VAL B 104 3.61 -11.09 -2.13
N ALA B 105 3.37 -12.16 -1.36
CA ALA B 105 4.26 -13.31 -1.36
C ALA B 105 3.97 -14.23 -2.53
N GLN B 106 2.87 -13.96 -3.24
CA GLN B 106 2.49 -14.77 -4.39
C GLN B 106 3.05 -14.18 -5.68
N ALA B 107 3.11 -12.86 -5.75
CA ALA B 107 3.63 -12.17 -6.92
C ALA B 107 5.09 -11.78 -6.73
N LEU B 108 5.43 -11.36 -5.51
CA LEU B 108 6.80 -10.96 -5.20
C LEU B 108 7.53 -12.06 -4.44
N ALA B 109 7.10 -12.32 -3.21
CA ALA B 109 7.71 -13.34 -2.38
C ALA B 109 9.19 -13.07 -2.15
N PRO A 1 14.78 -7.69 3.04
CA PRO A 1 13.68 -8.14 3.90
C PRO A 1 12.65 -8.96 3.14
N SER A 2 12.91 -10.25 3.00
CA SER A 2 12.00 -11.15 2.30
C SER A 2 10.57 -11.00 2.82
N PHE A 3 9.61 -11.16 1.93
CA PHE A 3 8.20 -11.04 2.30
C PHE A 3 7.72 -12.30 3.01
N GLY A 4 8.61 -13.30 3.12
CA GLY A 4 8.26 -14.53 3.78
C GLY A 4 8.45 -14.48 5.27
N LEU A 5 9.60 -13.93 5.69
CA LEU A 5 9.91 -13.82 7.11
C LEU A 5 9.09 -12.72 7.77
N VAL A 6 8.98 -11.58 7.10
CA VAL A 6 8.21 -10.46 7.61
C VAL A 6 6.74 -10.82 7.77
N LEU A 7 6.23 -11.60 6.83
CA LEU A 7 4.83 -12.03 6.86
C LEU A 7 4.63 -13.12 7.90
N ASN A 8 5.71 -13.79 8.28
CA ASN A 8 5.65 -14.87 9.27
C ASN A 8 6.02 -14.35 10.65
N SER A 9 6.58 -13.16 10.70
CA SER A 9 6.99 -12.55 11.96
C SER A 9 5.80 -12.42 12.91
N PRO A 10 6.10 -12.25 14.21
CA PRO A 10 5.06 -12.10 15.24
C PRO A 10 4.31 -10.78 15.12
N ASN A 11 4.86 -9.85 14.33
CA ASN A 11 4.24 -8.55 14.15
C ASN A 11 4.07 -8.24 12.66
N GLY A 12 3.98 -9.29 11.85
CA GLY A 12 3.82 -9.10 10.42
C GLY A 12 2.48 -8.49 10.06
N LEU A 13 1.72 -9.18 9.22
CA LEU A 13 0.41 -8.70 8.79
C LEU A 13 -0.71 -9.55 9.37
N ARG A 14 -0.50 -10.87 9.37
CA ARG A 14 -1.48 -11.81 9.89
C ARG A 14 -1.55 -11.73 11.41
N SER A 15 -0.64 -10.97 12.00
CA SER A 15 -0.59 -10.82 13.45
C SER A 15 -1.69 -9.87 13.94
N PRO A 16 -2.07 -10.02 15.21
CA PRO A 16 -3.12 -9.20 15.83
C PRO A 16 -2.66 -7.75 16.03
N GLN A 17 -1.36 -7.57 16.24
CA GLN A 17 -0.81 -6.23 16.45
C GLN A 17 -0.88 -5.41 15.17
N ALA A 18 -0.78 -6.08 14.03
CA ALA A 18 -0.83 -5.41 12.73
C ALA A 18 -2.25 -4.96 12.42
N LYS A 19 -3.23 -5.78 12.79
CA LYS A 19 -4.63 -5.46 12.54
C LYS A 19 -5.04 -4.20 13.30
N ALA A 20 -4.55 -4.06 14.52
CA ALA A 20 -4.87 -2.89 15.35
C ALA A 20 -4.29 -1.62 14.73
N ARG A 21 -3.04 -1.70 14.28
CA ARG A 21 -2.37 -0.54 13.69
C ARG A 21 -3.10 -0.09 12.43
N ILE A 22 -3.60 -1.05 11.66
CA ILE A 22 -4.32 -0.75 10.43
C ILE A 22 -5.65 -0.07 10.72
N ASN A 23 -6.30 -0.49 11.81
CA ASN A 23 -7.58 0.08 12.20
C ASN A 23 -7.50 1.60 12.29
N ASN A 24 -6.44 2.09 12.93
CA ASN A 24 -6.24 3.53 13.08
C ASN A 24 -6.03 4.19 11.73
N LEU A 25 -5.32 3.51 10.84
CA LEU A 25 -5.05 4.04 9.51
C LEU A 25 -6.31 4.05 8.66
N ALA A 26 -7.15 3.03 8.84
CA ALA A 26 -8.39 2.93 8.09
C ALA A 26 -9.25 4.18 8.27
N SER A 27 -9.05 4.87 9.38
CA SER A 27 -9.81 6.08 9.67
C SER A 27 -9.03 7.32 9.24
N ALA A 28 -7.73 7.31 9.47
CA ALA A 28 -6.88 8.43 9.11
C ALA A 28 -6.75 8.55 7.59
N LEU A 29 -6.45 7.45 6.93
CA LEU A 29 -6.31 7.43 5.48
C LEU A 29 -7.60 7.88 4.80
N SER A 30 -8.73 7.40 5.30
CA SER A 30 -10.02 7.74 4.73
C SER A 30 -10.27 9.25 4.86
N THR A 31 -9.81 9.83 5.96
CA THR A 31 -10.00 11.26 6.20
C THR A 31 -8.98 12.08 5.42
N ALA A 32 -7.83 11.47 5.12
CA ALA A 32 -6.77 12.15 4.37
C ALA A 32 -7.11 12.20 2.89
N VAL A 33 -7.66 11.11 2.37
CA VAL A 33 -8.03 11.04 0.96
C VAL A 33 -9.50 11.38 0.76
N GLY A 34 -9.79 12.17 -0.28
CA GLY A 34 -11.15 12.55 -0.57
C GLY A 34 -11.26 13.45 -1.78
N ARG A 35 -11.53 14.74 -1.54
CA ARG A 35 -11.66 15.70 -2.63
C ARG A 35 -10.36 16.48 -2.82
N ASN A 36 -9.43 16.30 -1.89
CA ASN A 36 -8.14 16.98 -1.96
C ASN A 36 -7.05 16.04 -2.44
N GLY A 37 -7.45 14.84 -2.87
CA GLY A 37 -6.49 13.86 -3.34
C GLY A 37 -5.96 12.97 -2.24
N VAL A 38 -5.29 13.59 -1.26
CA VAL A 38 -4.72 12.85 -0.14
C VAL A 38 -3.97 13.78 0.81
N ASP A 39 -4.19 13.61 2.10
CA ASP A 39 -3.53 14.43 3.11
C ASP A 39 -2.28 13.73 3.65
N VAL A 40 -1.12 14.20 3.21
CA VAL A 40 0.14 13.62 3.65
C VAL A 40 0.27 13.66 5.18
N ASN A 41 -0.24 14.73 5.78
CA ASN A 41 -0.18 14.89 7.22
C ASN A 41 -0.85 13.71 7.93
N ALA A 42 -2.06 13.36 7.47
CA ALA A 42 -2.80 12.26 8.06
C ALA A 42 -2.26 10.91 7.57
N PHE A 43 -1.86 10.88 6.31
CA PHE A 43 -1.32 9.66 5.71
C PHE A 43 -0.02 9.24 6.40
N THR A 44 0.93 10.16 6.46
CA THR A 44 2.22 9.88 7.08
C THR A 44 2.07 9.70 8.59
N SER A 45 1.06 10.36 9.16
CA SER A 45 0.81 10.27 10.59
C SER A 45 0.52 8.83 11.01
N GLY A 46 -0.17 8.10 10.15
CA GLY A 46 -0.50 6.72 10.44
C GLY A 46 0.70 5.80 10.32
N LEU A 47 1.55 6.08 9.34
CA LEU A 47 2.74 5.27 9.11
C LEU A 47 3.73 5.41 10.26
N ARG A 48 3.85 6.63 10.78
CA ARG A 48 4.76 6.91 11.88
C ARG A 48 4.42 6.04 13.09
N ALA A 49 3.13 5.82 13.30
CA ALA A 49 2.67 5.01 14.43
C ALA A 49 2.95 3.53 14.19
N THR A 50 2.82 3.11 12.93
CA THR A 50 3.06 1.71 12.57
C THR A 50 4.54 1.37 12.60
N LEU A 51 5.35 2.23 11.99
CA LEU A 51 6.79 2.03 11.95
C LEU A 51 7.38 2.01 13.35
N SER A 52 6.98 2.97 14.17
CA SER A 52 7.47 3.06 15.55
C SER A 52 7.12 1.80 16.33
N ASN A 53 5.88 1.35 16.19
CA ASN A 53 5.41 0.15 16.90
C ASN A 53 6.16 -1.09 16.39
N LEU A 54 6.29 -1.19 15.08
CA LEU A 54 6.97 -2.33 14.46
C LEU A 54 8.44 -2.36 14.87
N GLY A 55 9.06 -1.18 14.92
CA GLY A 55 10.46 -1.09 15.29
C GLY A 55 10.71 -1.59 16.69
N ASP A 56 9.66 -1.73 17.48
CA ASP A 56 9.76 -2.20 18.85
C ASP A 56 8.79 -3.33 19.12
N SER A 57 8.32 -3.98 18.06
CA SER A 57 7.38 -5.08 18.18
C SER A 57 8.11 -6.41 18.30
N GLY A 58 9.33 -6.46 17.77
CA GLY A 58 10.11 -7.68 17.83
C GLY A 58 10.86 -7.95 16.55
N MET A 59 10.57 -7.15 15.52
CA MET A 59 11.23 -7.31 14.22
C MET A 59 12.43 -6.39 14.10
N SER A 60 12.93 -6.24 12.88
CA SER A 60 14.09 -5.38 12.63
C SER A 60 13.65 -4.01 12.13
N PRO A 61 14.56 -3.03 12.23
CA PRO A 61 14.28 -1.65 11.80
C PRO A 61 14.18 -1.53 10.29
N ASN A 62 14.51 -2.61 9.59
CA ASN A 62 14.46 -2.63 8.13
C ASN A 62 13.17 -3.29 7.64
N GLU A 63 12.71 -4.29 8.40
CA GLU A 63 11.49 -5.00 8.04
C GLU A 63 10.25 -4.13 8.27
N ALA A 64 10.30 -3.31 9.32
CA ALA A 64 9.19 -2.43 9.65
C ALA A 64 8.95 -1.41 8.54
N LYS A 65 10.02 -1.03 7.86
CA LYS A 65 9.94 -0.06 6.77
C LYS A 65 9.14 -0.64 5.59
N VAL A 66 9.30 -1.93 5.36
CA VAL A 66 8.60 -2.60 4.26
C VAL A 66 7.26 -3.16 4.74
N GLU A 67 7.20 -3.56 6.00
CA GLU A 67 5.98 -4.10 6.57
C GLU A 67 4.88 -3.05 6.63
N VAL A 68 5.27 -1.83 6.95
CA VAL A 68 4.32 -0.72 7.04
C VAL A 68 3.58 -0.52 5.71
N LEU A 69 4.30 -0.69 4.61
CA LEU A 69 3.72 -0.53 3.28
C LEU A 69 2.47 -1.40 3.13
N LEU A 70 2.54 -2.62 3.63
CA LEU A 70 1.41 -3.54 3.56
C LEU A 70 0.32 -3.15 4.54
N GLU A 71 0.72 -2.69 5.72
CA GLU A 71 -0.22 -2.28 6.75
C GLU A 71 -1.06 -1.10 6.28
N ALA A 72 -0.44 -0.22 5.49
CA ALA A 72 -1.14 0.95 4.97
C ALA A 72 -2.13 0.57 3.87
N LEU A 73 -1.81 -0.48 3.14
CA LEU A 73 -2.67 -0.95 2.05
C LEU A 73 -3.91 -1.64 2.62
N THR A 74 -3.72 -2.41 3.68
CA THR A 74 -4.82 -3.12 4.32
C THR A 74 -5.91 -2.16 4.78
N ALA A 75 -5.50 -1.00 5.27
CA ALA A 75 -6.44 0.01 5.74
C ALA A 75 -7.27 0.56 4.59
N ALA A 76 -6.64 0.70 3.43
CA ALA A 76 -7.32 1.22 2.25
C ALA A 76 -8.17 0.13 1.58
N LEU A 77 -7.57 -1.04 1.39
CA LEU A 77 -8.27 -2.16 0.77
C LEU A 77 -9.54 -2.50 1.53
N GLN A 78 -9.44 -2.58 2.85
CA GLN A 78 -10.60 -2.89 3.68
C GLN A 78 -11.67 -1.82 3.56
N LEU A 79 -11.24 -0.58 3.36
CA LEU A 79 -12.16 0.54 3.22
C LEU A 79 -12.91 0.47 1.89
N LEU A 80 -12.18 0.13 0.83
CA LEU A 80 -12.76 0.04 -0.51
C LEU A 80 -13.96 -0.91 -0.50
N SER A 81 -13.89 -1.95 0.33
CA SER A 81 -14.97 -2.92 0.42
C SER A 81 -16.26 -2.26 0.86
N SER A 82 -16.13 -1.11 1.53
CA SER A 82 -17.29 -0.37 2.02
C SER A 82 -17.43 0.97 1.29
N SER A 83 -16.60 1.16 0.27
CA SER A 83 -16.63 2.40 -0.50
C SER A 83 -17.49 2.23 -1.75
N THR A 84 -17.26 3.09 -2.75
CA THR A 84 -18.02 3.04 -3.99
C THR A 84 -17.11 2.66 -5.16
N LEU A 85 -15.87 3.12 -5.12
CA LEU A 85 -14.91 2.83 -6.18
C LEU A 85 -15.59 2.82 -7.54
N GLY A 86 -16.19 3.95 -7.91
CA GLY A 86 -16.88 4.04 -9.18
C GLY A 86 -16.21 5.06 -10.10
N ALA A 87 -14.89 5.17 -10.01
CA ALA A 87 -14.15 6.10 -10.84
C ALA A 87 -12.65 6.05 -10.53
N VAL A 88 -11.84 6.25 -11.56
CA VAL A 88 -10.39 6.22 -11.39
C VAL A 88 -9.76 7.54 -11.85
N ASP A 89 -9.43 8.39 -10.89
CA ASP A 89 -8.82 9.68 -11.20
C ASP A 89 -7.38 9.50 -11.67
N THR A 90 -7.23 9.01 -12.90
CA THR A 90 -5.90 8.79 -13.47
C THR A 90 -5.19 10.10 -13.73
N THR A 91 -5.94 11.21 -13.69
CA THR A 91 -5.38 12.52 -13.92
C THR A 91 -4.70 13.06 -12.66
N SER A 92 -5.12 12.56 -11.51
CA SER A 92 -4.56 12.99 -10.23
C SER A 92 -3.47 12.03 -9.77
N ILE A 93 -3.14 11.06 -10.62
CA ILE A 93 -2.11 10.09 -10.30
C ILE A 93 -0.84 10.76 -9.79
N GLY A 94 -0.40 11.79 -10.51
CA GLY A 94 0.79 12.51 -10.11
C GLY A 94 0.73 13.01 -8.68
N LEU A 95 -0.48 13.36 -8.24
CA LEU A 95 -0.67 13.86 -6.88
C LEU A 95 -0.60 12.73 -5.87
N THR A 96 -1.25 11.61 -6.20
CA THR A 96 -1.26 10.45 -5.31
C THR A 96 0.13 9.83 -5.19
N SER A 97 0.76 9.59 -6.34
CA SER A 97 2.09 8.99 -6.37
C SER A 97 3.10 9.91 -5.70
N ASN A 98 2.87 11.22 -5.78
CA ASN A 98 3.77 12.19 -5.17
C ASN A 98 3.54 12.28 -3.67
N SER A 99 2.29 12.12 -3.25
CA SER A 99 1.93 12.19 -1.85
C SER A 99 2.46 10.97 -1.10
N VAL A 100 2.25 9.80 -1.68
CA VAL A 100 2.70 8.55 -1.06
C VAL A 100 4.23 8.55 -0.88
N SER A 101 4.93 9.10 -1.85
CA SER A 101 6.39 9.17 -1.80
C SER A 101 6.85 10.07 -0.66
N LYS A 102 6.22 11.23 -0.55
CA LYS A 102 6.57 12.19 0.50
C LYS A 102 6.13 11.67 1.87
N ALA A 103 4.95 11.05 1.91
CA ALA A 103 4.43 10.51 3.16
C ALA A 103 5.26 9.35 3.65
N VAL A 104 5.57 8.42 2.75
CA VAL A 104 6.37 7.25 3.10
C VAL A 104 7.76 7.66 3.60
N ALA A 105 8.37 8.61 2.91
CA ALA A 105 9.69 9.09 3.28
C ALA A 105 9.62 10.03 4.47
N GLN A 106 8.43 10.57 4.72
CA GLN A 106 8.23 11.48 5.84
C GLN A 106 8.13 10.73 7.16
N ALA A 107 7.54 9.54 7.11
CA ALA A 107 7.38 8.71 8.30
C ALA A 107 8.47 7.65 8.38
N LEU A 108 8.75 7.00 7.25
CA LEU A 108 9.78 5.97 7.20
C LEU A 108 11.16 6.58 6.98
N ALA A 109 11.39 7.13 5.80
CA ALA A 109 12.66 7.74 5.47
C ALA A 109 12.86 9.03 6.25
N PRO B 1 17.11 -2.05 1.10
CA PRO B 1 16.70 -1.12 0.05
C PRO B 1 16.17 0.20 0.61
N SER B 2 17.07 1.15 0.83
CA SER B 2 16.68 2.45 1.38
C SER B 2 15.51 3.04 0.60
N PHE B 3 14.62 3.71 1.30
CA PHE B 3 13.45 4.32 0.68
C PHE B 3 13.84 5.62 -0.03
N GLY B 4 15.02 6.12 0.27
CA GLY B 4 15.50 7.35 -0.34
C GLY B 4 15.89 7.15 -1.80
N LEU B 5 16.60 6.06 -2.08
CA LEU B 5 17.04 5.76 -3.44
C LEU B 5 15.87 5.29 -4.30
N VAL B 6 14.97 4.54 -3.70
CA VAL B 6 13.79 4.03 -4.41
C VAL B 6 12.80 5.16 -4.70
N LEU B 7 12.71 6.12 -3.79
CA LEU B 7 11.80 7.24 -3.95
C LEU B 7 12.40 8.30 -4.87
N ASN B 8 13.70 8.20 -5.10
CA ASN B 8 14.40 9.16 -5.95
C ASN B 8 14.83 8.49 -7.27
N SER B 9 14.67 7.17 -7.34
CA SER B 9 15.04 6.41 -8.53
C SER B 9 14.25 6.90 -9.74
N PRO B 10 14.76 6.56 -10.94
CA PRO B 10 14.12 6.95 -12.20
C PRO B 10 12.82 6.20 -12.44
N ASN B 11 12.59 5.15 -11.66
CA ASN B 11 11.37 4.36 -11.79
C ASN B 11 10.66 4.22 -10.45
N GLY B 12 10.90 5.19 -9.57
CA GLY B 12 10.28 5.16 -8.26
C GLY B 12 8.77 5.35 -8.33
N LEU B 13 8.27 6.35 -7.61
CA LEU B 13 6.85 6.64 -7.59
C LEU B 13 6.55 7.96 -8.30
N ARG B 14 7.40 8.95 -8.09
CA ARG B 14 7.23 10.26 -8.70
C ARG B 14 7.55 10.20 -10.20
N SER B 15 8.04 9.05 -10.65
CA SER B 15 8.39 8.86 -12.04
C SER B 15 7.13 8.63 -12.89
N PRO B 16 7.23 8.96 -14.19
CA PRO B 16 6.11 8.79 -15.12
C PRO B 16 5.80 7.33 -15.41
N GLN B 17 6.84 6.49 -15.35
CA GLN B 17 6.67 5.07 -15.61
C GLN B 17 5.86 4.40 -14.51
N ALA B 18 5.99 4.92 -13.29
CA ALA B 18 5.26 4.38 -12.14
C ALA B 18 3.78 4.73 -12.22
N LYS B 19 3.50 5.94 -12.71
CA LYS B 19 2.11 6.40 -12.82
C LYS B 19 1.32 5.49 -13.75
N ALA B 20 1.96 5.04 -14.83
CA ALA B 20 1.30 4.16 -15.79
C ALA B 20 1.01 2.79 -15.17
N ARG B 21 1.96 2.27 -14.41
CA ARG B 21 1.81 0.98 -13.76
C ARG B 21 0.65 1.01 -12.76
N ILE B 22 0.60 2.08 -11.98
CA ILE B 22 -0.45 2.23 -10.97
C ILE B 22 -1.83 2.27 -11.62
N ASN B 23 -1.90 2.91 -12.78
CA ASN B 23 -3.17 3.03 -13.51
C ASN B 23 -3.82 1.66 -13.68
N ASN B 24 -3.03 0.68 -14.10
CA ASN B 24 -3.54 -0.67 -14.31
C ASN B 24 -4.05 -1.27 -13.00
N LEU B 25 -3.34 -0.98 -11.91
CA LEU B 25 -3.73 -1.49 -10.60
C LEU B 25 -4.99 -0.79 -10.09
N ALA B 26 -5.12 0.49 -10.42
CA ALA B 26 -6.29 1.26 -10.00
C ALA B 26 -7.59 0.61 -10.48
N SER B 27 -7.49 -0.16 -11.56
CA SER B 27 -8.66 -0.84 -12.12
C SER B 27 -8.74 -2.28 -11.62
N ALA B 28 -7.60 -2.93 -11.52
CA ALA B 28 -7.54 -4.31 -11.05
C ALA B 28 -7.88 -4.40 -9.57
N LEU B 29 -7.25 -3.55 -8.77
CA LEU B 29 -7.49 -3.53 -7.32
C LEU B 29 -8.96 -3.23 -7.02
N SER B 30 -9.51 -2.24 -7.73
CA SER B 30 -10.90 -1.86 -7.53
C SER B 30 -11.84 -3.04 -7.79
N THR B 31 -11.49 -3.83 -8.81
CA THR B 31 -12.30 -4.99 -9.18
C THR B 31 -12.09 -6.13 -8.20
N ALA B 32 -10.92 -6.17 -7.58
CA ALA B 32 -10.58 -7.22 -6.61
C ALA B 32 -11.25 -6.96 -5.27
N VAL B 33 -11.27 -5.69 -4.86
CA VAL B 33 -11.89 -5.30 -3.60
C VAL B 33 -13.34 -4.86 -3.80
N GLY B 34 -14.23 -5.40 -2.97
CA GLY B 34 -15.63 -5.04 -3.07
C GLY B 34 -16.46 -5.66 -1.97
N ARG B 35 -17.23 -6.69 -2.30
CA ARG B 35 -18.08 -7.36 -1.33
C ARG B 35 -17.40 -8.62 -0.79
N ASN B 36 -16.29 -9.01 -1.43
CA ASN B 36 -15.56 -10.20 -1.02
C ASN B 36 -14.30 -9.80 -0.24
N GLY B 37 -14.19 -8.52 0.08
CA GLY B 37 -13.03 -8.04 0.82
C GLY B 37 -11.87 -7.69 -0.09
N VAL B 38 -11.43 -8.64 -0.90
CA VAL B 38 -10.32 -8.42 -1.83
C VAL B 38 -10.00 -9.69 -2.59
N ASP B 39 -9.71 -9.53 -3.89
CA ASP B 39 -9.38 -10.67 -4.74
C ASP B 39 -7.87 -10.77 -4.93
N VAL B 40 -7.25 -11.75 -4.26
CA VAL B 40 -5.82 -11.95 -4.36
C VAL B 40 -5.39 -12.18 -5.81
N ASN B 41 -6.24 -12.87 -6.56
CA ASN B 41 -5.95 -13.16 -7.96
C ASN B 41 -5.72 -11.88 -8.74
N ALA B 42 -6.63 -10.91 -8.57
CA ALA B 42 -6.52 -9.63 -9.26
C ALA B 42 -5.47 -8.74 -8.60
N PHE B 43 -5.39 -8.80 -7.27
CA PHE B 43 -4.44 -7.99 -6.53
C PHE B 43 -3.00 -8.40 -6.86
N THR B 44 -2.70 -9.70 -6.70
CA THR B 44 -1.38 -10.21 -6.98
C THR B 44 -1.06 -10.13 -8.47
N SER B 45 -2.10 -10.17 -9.30
CA SER B 45 -1.92 -10.10 -10.74
C SER B 45 -1.27 -8.79 -11.16
N GLY B 46 -1.60 -7.72 -10.44
CA GLY B 46 -1.03 -6.42 -10.73
C GLY B 46 0.43 -6.31 -10.31
N LEU B 47 0.73 -6.79 -9.12
CA LEU B 47 2.09 -6.74 -8.59
C LEU B 47 3.05 -7.49 -9.50
N ARG B 48 2.58 -8.58 -10.08
CA ARG B 48 3.40 -9.38 -10.98
C ARG B 48 3.84 -8.56 -12.19
N ALA B 49 2.93 -7.74 -12.71
CA ALA B 49 3.22 -6.90 -13.86
C ALA B 49 4.13 -5.73 -13.47
N THR B 50 3.82 -5.10 -12.35
CA THR B 50 4.60 -3.96 -11.86
C THR B 50 6.02 -4.39 -11.50
N LEU B 51 6.13 -5.50 -10.77
CA LEU B 51 7.43 -6.01 -10.36
C LEU B 51 8.32 -6.30 -11.56
N SER B 52 7.75 -6.92 -12.58
CA SER B 52 8.49 -7.25 -13.80
C SER B 52 8.95 -5.97 -14.51
N ASN B 53 8.07 -4.98 -14.52
CA ASN B 53 8.37 -3.71 -15.18
C ASN B 53 9.49 -2.98 -14.44
N LEU B 54 9.40 -2.95 -13.12
CA LEU B 54 10.40 -2.28 -12.30
C LEU B 54 11.71 -3.07 -12.28
N GLY B 55 11.60 -4.39 -12.41
CA GLY B 55 12.78 -5.23 -12.42
C GLY B 55 13.65 -5.02 -13.64
N ASP B 56 13.14 -4.25 -14.60
CA ASP B 56 13.88 -3.96 -15.82
C ASP B 56 13.76 -2.49 -16.20
N SER B 57 13.34 -1.67 -15.24
CA SER B 57 13.18 -0.24 -15.47
C SER B 57 14.50 0.50 -15.25
N GLY B 58 15.40 -0.12 -14.50
CA GLY B 58 16.69 0.49 -14.22
C GLY B 58 17.12 0.31 -12.78
N MET B 59 16.22 -0.22 -11.95
CA MET B 59 16.52 -0.44 -10.55
C MET B 59 16.96 -1.88 -10.30
N SER B 60 17.01 -2.27 -9.03
CA SER B 60 17.42 -3.62 -8.66
C SER B 60 16.20 -4.52 -8.43
N PRO B 61 16.42 -5.84 -8.46
CA PRO B 61 15.35 -6.82 -8.25
C PRO B 61 14.86 -6.84 -6.81
N ASN B 62 15.56 -6.13 -5.93
CA ASN B 62 15.19 -6.07 -4.53
C ASN B 62 14.38 -4.81 -4.24
N GLU B 63 14.70 -3.72 -4.94
CA GLU B 63 14.00 -2.46 -4.76
C GLU B 63 12.60 -2.51 -5.37
N ALA B 64 12.47 -3.22 -6.49
CA ALA B 64 11.20 -3.35 -7.16
C ALA B 64 10.17 -4.04 -6.28
N LYS B 65 10.65 -4.92 -5.40
CA LYS B 65 9.78 -5.65 -4.49
C LYS B 65 9.14 -4.72 -3.48
N VAL B 66 9.92 -3.74 -3.00
CA VAL B 66 9.43 -2.78 -2.04
C VAL B 66 8.75 -1.59 -2.73
N GLU B 67 9.23 -1.26 -3.92
CA GLU B 67 8.66 -0.15 -4.68
C GLU B 67 7.22 -0.45 -5.09
N VAL B 68 6.99 -1.68 -5.53
CA VAL B 68 5.66 -2.09 -5.96
C VAL B 68 4.64 -1.90 -4.83
N LEU B 69 5.06 -2.17 -3.61
CA LEU B 69 4.20 -2.03 -2.45
C LEU B 69 3.63 -0.62 -2.35
N LEU B 70 4.46 0.36 -2.68
CA LEU B 70 4.05 1.76 -2.63
C LEU B 70 3.08 2.08 -3.76
N GLU B 71 3.37 1.54 -4.95
CA GLU B 71 2.51 1.77 -6.11
C GLU B 71 1.11 1.22 -5.88
N ALA B 72 1.04 0.06 -5.24
CA ALA B 72 -0.25 -0.57 -4.94
C ALA B 72 -1.14 0.35 -4.13
N LEU B 73 -0.53 1.14 -3.25
CA LEU B 73 -1.28 2.07 -2.41
C LEU B 73 -1.76 3.27 -3.22
N THR B 74 -0.93 3.72 -4.15
CA THR B 74 -1.28 4.87 -4.99
C THR B 74 -2.55 4.58 -5.80
N ALA B 75 -2.69 3.34 -6.25
CA ALA B 75 -3.86 2.94 -7.03
C ALA B 75 -5.13 3.02 -6.20
N ALA B 76 -5.01 2.69 -4.92
CA ALA B 76 -6.16 2.73 -4.02
C ALA B 76 -6.41 4.14 -3.51
N LEU B 77 -5.35 4.81 -3.09
CA LEU B 77 -5.44 6.17 -2.57
C LEU B 77 -6.11 7.09 -3.60
N GLN B 78 -5.75 6.91 -4.86
CA GLN B 78 -6.30 7.73 -5.94
C GLN B 78 -7.76 7.37 -6.19
N LEU B 79 -8.10 6.10 -5.99
CA LEU B 79 -9.46 5.62 -6.20
C LEU B 79 -10.38 6.13 -5.09
N LEU B 80 -9.86 6.19 -3.87
CA LEU B 80 -10.63 6.65 -2.73
C LEU B 80 -11.20 8.05 -2.99
N SER B 81 -10.44 8.87 -3.69
CA SER B 81 -10.86 10.23 -4.02
C SER B 81 -12.17 10.22 -4.80
N SER B 82 -12.43 9.10 -5.48
CA SER B 82 -13.64 8.97 -6.28
C SER B 82 -14.58 7.93 -5.67
N SER B 83 -14.23 7.45 -4.49
CA SER B 83 -15.03 6.45 -3.79
C SER B 83 -16.00 7.10 -2.82
N THR B 84 -16.49 6.32 -1.86
CA THR B 84 -17.43 6.83 -0.87
C THR B 84 -16.84 6.78 0.53
N LEU B 85 -15.96 5.81 0.76
CA LEU B 85 -15.32 5.64 2.06
C LEU B 85 -16.29 5.96 3.19
N GLY B 86 -17.42 5.26 3.21
CA GLY B 86 -18.42 5.48 4.24
C GLY B 86 -18.46 4.35 5.25
N ALA B 87 -17.29 3.85 5.62
CA ALA B 87 -17.19 2.76 6.59
C ALA B 87 -15.74 2.38 6.84
N VAL B 88 -15.54 1.23 7.48
CA VAL B 88 -14.20 0.75 7.78
C VAL B 88 -14.15 -0.77 7.80
N ASP B 89 -15.18 -1.38 8.36
CA ASP B 89 -15.25 -2.83 8.44
C ASP B 89 -13.99 -3.42 9.06
N THR B 90 -13.80 -3.17 10.35
CA THR B 90 -12.63 -3.65 11.07
C THR B 90 -12.69 -5.17 11.25
N THR B 91 -13.84 -5.75 10.93
CA THR B 91 -14.04 -7.19 11.06
C THR B 91 -13.42 -7.93 9.88
N SER B 92 -13.16 -7.20 8.80
CA SER B 92 -12.57 -7.80 7.61
C SER B 92 -11.06 -7.60 7.59
N ILE B 93 -10.55 -6.90 8.60
CA ILE B 93 -9.12 -6.65 8.69
C ILE B 93 -8.31 -7.94 8.54
N GLY B 94 -8.74 -8.98 9.23
CA GLY B 94 -8.05 -10.26 9.15
C GLY B 94 -8.01 -10.80 7.73
N LEU B 95 -9.09 -10.60 6.99
CA LEU B 95 -9.17 -11.09 5.62
C LEU B 95 -8.33 -10.22 4.69
N THR B 96 -8.42 -8.90 4.86
CA THR B 96 -7.67 -7.97 4.04
C THR B 96 -6.17 -8.12 4.27
N SER B 97 -5.76 -8.10 5.54
CA SER B 97 -4.35 -8.24 5.90
C SER B 97 -3.81 -9.59 5.46
N ASN B 98 -4.67 -10.60 5.48
CA ASN B 98 -4.28 -11.95 5.09
C ASN B 98 -4.16 -12.07 3.58
N SER B 99 -5.01 -11.35 2.86
CA SER B 99 -5.00 -11.37 1.41
C SER B 99 -3.75 -10.69 0.85
N VAL B 100 -3.45 -9.51 1.37
CA VAL B 100 -2.28 -8.76 0.94
C VAL B 100 -1.01 -9.56 1.16
N SER B 101 -0.96 -10.26 2.29
CA SER B 101 0.21 -11.07 2.63
C SER B 101 0.43 -12.18 1.60
N LYS B 102 -0.65 -12.87 1.25
CA LYS B 102 -0.58 -13.95 0.27
C LYS B 102 -0.34 -13.40 -1.13
N ALA B 103 -0.96 -12.27 -1.43
CA ALA B 103 -0.80 -11.64 -2.74
C ALA B 103 0.62 -11.15 -2.96
N VAL B 104 1.15 -10.43 -1.97
CA VAL B 104 2.51 -9.91 -2.04
C VAL B 104 3.52 -11.04 -2.13
N ALA B 105 3.29 -12.10 -1.37
CA ALA B 105 4.19 -13.24 -1.36
C ALA B 105 3.90 -14.18 -2.54
N GLN B 106 2.80 -13.93 -3.23
CA GLN B 106 2.42 -14.74 -4.38
C GLN B 106 2.96 -14.15 -5.67
N ALA B 107 2.99 -12.82 -5.74
CA ALA B 107 3.49 -12.13 -6.94
C ALA B 107 4.94 -11.72 -6.76
N LEU B 108 5.30 -11.31 -5.55
CA LEU B 108 6.66 -10.88 -5.25
C LEU B 108 7.42 -11.97 -4.49
N ALA B 109 7.00 -12.22 -3.26
CA ALA B 109 7.62 -13.24 -2.43
C ALA B 109 9.10 -12.92 -2.21
N PRO A 1 14.45 -7.18 3.00
CA PRO A 1 13.52 -7.87 3.89
C PRO A 1 12.56 -8.78 3.14
N SER A 2 12.89 -10.06 3.07
CA SER A 2 12.05 -11.04 2.38
C SER A 2 10.60 -10.94 2.83
N PHE A 3 9.68 -11.14 1.90
CA PHE A 3 8.25 -11.07 2.21
C PHE A 3 7.78 -12.34 2.91
N GLY A 4 8.70 -13.28 3.08
CA GLY A 4 8.36 -14.54 3.74
C GLY A 4 8.57 -14.47 5.24
N LEU A 5 9.72 -13.94 5.65
CA LEU A 5 10.04 -13.83 7.06
C LEU A 5 9.21 -12.73 7.73
N VAL A 6 9.09 -11.59 7.06
CA VAL A 6 8.32 -10.47 7.57
C VAL A 6 6.85 -10.84 7.73
N LEU A 7 6.33 -11.60 6.77
CA LEU A 7 4.94 -12.02 6.80
C LEU A 7 4.73 -13.12 7.83
N ASN A 8 5.80 -13.79 8.20
CA ASN A 8 5.74 -14.87 9.18
C ASN A 8 6.10 -14.36 10.58
N SER A 9 6.69 -13.18 10.63
CA SER A 9 7.09 -12.58 11.90
C SER A 9 5.89 -12.45 12.84
N PRO A 10 6.17 -12.27 14.13
CA PRO A 10 5.13 -12.12 15.16
C PRO A 10 4.38 -10.80 15.04
N ASN A 11 4.92 -9.89 14.23
CA ASN A 11 4.30 -8.59 14.04
C ASN A 11 4.12 -8.29 12.55
N GLY A 12 4.04 -9.35 11.74
CA GLY A 12 3.88 -9.18 10.31
C GLY A 12 2.52 -8.60 9.96
N LEU A 13 1.78 -9.30 9.10
CA LEU A 13 0.47 -8.84 8.67
C LEU A 13 -0.63 -9.74 9.26
N ARG A 14 -0.38 -11.05 9.26
CA ARG A 14 -1.35 -12.00 9.78
C ARG A 14 -1.43 -11.91 11.31
N SER A 15 -0.54 -11.11 11.90
CA SER A 15 -0.52 -10.94 13.34
C SER A 15 -1.63 -10.01 13.80
N PRO A 16 -2.04 -10.14 15.07
CA PRO A 16 -3.10 -9.33 15.67
C PRO A 16 -2.67 -7.87 15.85
N GLN A 17 -1.38 -7.67 16.09
CA GLN A 17 -0.85 -6.33 16.29
C GLN A 17 -0.92 -5.52 15.00
N ALA A 18 -0.82 -6.20 13.87
CA ALA A 18 -0.87 -5.54 12.57
C ALA A 18 -2.28 -5.10 12.23
N LYS A 19 -3.26 -5.92 12.62
CA LYS A 19 -4.66 -5.62 12.36
C LYS A 19 -5.10 -4.36 13.13
N ALA A 20 -4.63 -4.24 14.36
CA ALA A 20 -4.96 -3.09 15.20
C ALA A 20 -4.37 -1.80 14.63
N ARG A 21 -3.13 -1.88 14.18
CA ARG A 21 -2.45 -0.72 13.61
C ARG A 21 -3.17 -0.24 12.35
N ILE A 22 -3.57 -1.18 11.50
CA ILE A 22 -4.26 -0.85 10.26
C ILE A 22 -5.59 -0.16 10.54
N ASN A 23 -6.27 -0.59 11.60
CA ASN A 23 -7.54 0.00 11.99
C ASN A 23 -7.43 1.51 12.12
N ASN A 24 -6.39 1.96 12.80
CA ASN A 24 -6.17 3.39 13.00
C ASN A 24 -5.97 4.10 11.66
N LEU A 25 -5.23 3.45 10.75
CA LEU A 25 -4.97 4.02 9.44
C LEU A 25 -6.23 4.04 8.59
N ALA A 26 -7.06 3.01 8.75
CA ALA A 26 -8.31 2.91 7.99
C ALA A 26 -9.17 4.15 8.18
N SER A 27 -8.98 4.83 9.31
CA SER A 27 -9.75 6.04 9.62
C SER A 27 -8.97 7.28 9.21
N ALA A 28 -7.67 7.27 9.47
CA ALA A 28 -6.81 8.41 9.13
C ALA A 28 -6.68 8.56 7.62
N LEU A 29 -6.36 7.46 6.94
CA LEU A 29 -6.21 7.47 5.49
C LEU A 29 -7.48 7.93 4.81
N SER A 30 -8.62 7.44 5.29
CA SER A 30 -9.92 7.80 4.72
C SER A 30 -10.16 9.30 4.85
N THR A 31 -9.73 9.88 5.96
CA THR A 31 -9.90 11.30 6.20
C THR A 31 -8.90 12.12 5.40
N ALA A 32 -7.76 11.51 5.09
CA ALA A 32 -6.72 12.19 4.31
C ALA A 32 -7.08 12.23 2.83
N VAL A 33 -7.63 11.12 2.34
CA VAL A 33 -8.02 11.03 0.93
C VAL A 33 -9.49 11.35 0.74
N GLY A 34 -9.78 12.19 -0.24
CA GLY A 34 -11.16 12.58 -0.51
C GLY A 34 -11.29 13.47 -1.73
N ARG A 35 -11.54 14.75 -1.49
CA ARG A 35 -11.70 15.71 -2.57
C ARG A 35 -10.40 16.48 -2.81
N ASN A 36 -9.45 16.31 -1.90
CA ASN A 36 -8.16 16.99 -2.00
C ASN A 36 -7.08 16.02 -2.48
N GLY A 37 -7.50 14.84 -2.91
CA GLY A 37 -6.55 13.85 -3.39
C GLY A 37 -5.99 12.98 -2.28
N VAL A 38 -5.34 13.61 -1.31
CA VAL A 38 -4.75 12.90 -0.19
C VAL A 38 -4.00 13.85 0.74
N ASP A 39 -4.17 13.64 2.04
CA ASP A 39 -3.51 14.47 3.05
C ASP A 39 -2.25 13.78 3.58
N VAL A 40 -1.09 14.26 3.14
CA VAL A 40 0.18 13.70 3.58
C VAL A 40 0.31 13.76 5.10
N ASN A 41 -0.21 14.83 5.69
CA ASN A 41 -0.14 15.02 7.14
C ASN A 41 -0.80 13.85 7.86
N ALA A 42 -2.00 13.49 7.43
CA ALA A 42 -2.74 12.38 8.03
C ALA A 42 -2.20 11.04 7.56
N PHE A 43 -1.78 10.99 6.30
CA PHE A 43 -1.25 9.76 5.71
C PHE A 43 0.05 9.35 6.40
N THR A 44 1.00 10.28 6.45
CA THR A 44 2.30 10.03 7.07
C THR A 44 2.15 9.88 8.58
N SER A 45 1.14 10.54 9.15
CA SER A 45 0.90 10.47 10.58
C SER A 45 0.63 9.03 11.03
N GLY A 46 -0.09 8.29 10.19
CA GLY A 46 -0.41 6.91 10.51
C GLY A 46 0.79 6.00 10.37
N LEU A 47 1.62 6.26 9.37
CA LEU A 47 2.81 5.45 9.12
C LEU A 47 3.82 5.61 10.25
N ARG A 48 3.95 6.83 10.75
CA ARG A 48 4.89 7.12 11.83
C ARG A 48 4.58 6.27 13.06
N ALA A 49 3.29 6.10 13.35
CA ALA A 49 2.86 5.30 14.49
C ALA A 49 3.05 3.81 14.23
N THR A 50 2.92 3.42 12.97
CA THR A 50 3.07 2.02 12.58
C THR A 50 4.54 1.62 12.57
N LEU A 51 5.39 2.50 12.06
CA LEU A 51 6.82 2.23 12.00
C LEU A 51 7.42 2.12 13.40
N SER A 52 6.99 3.01 14.29
CA SER A 52 7.49 3.00 15.66
C SER A 52 7.04 1.74 16.40
N ASN A 53 5.79 1.36 16.20
CA ASN A 53 5.23 0.18 16.84
C ASN A 53 5.94 -1.09 16.37
N LEU A 54 6.15 -1.18 15.05
CA LEU A 54 6.81 -2.33 14.46
C LEU A 54 8.30 -2.34 14.81
N GLY A 55 8.88 -1.15 14.91
CA GLY A 55 10.29 -1.04 15.24
C GLY A 55 10.60 -1.54 16.63
N ASP A 56 9.56 -1.77 17.42
CA ASP A 56 9.73 -2.25 18.79
C ASP A 56 8.77 -3.41 19.09
N SER A 57 8.24 -4.00 18.02
CA SER A 57 7.31 -5.12 18.17
C SER A 57 8.07 -6.44 18.30
N GLY A 58 9.30 -6.46 17.80
CA GLY A 58 10.10 -7.67 17.88
C GLY A 58 10.87 -7.94 16.59
N MET A 59 10.59 -7.13 15.57
CA MET A 59 11.26 -7.29 14.28
C MET A 59 12.46 -6.36 14.17
N SER A 60 13.00 -6.22 12.97
CA SER A 60 14.15 -5.37 12.73
C SER A 60 13.73 -3.99 12.23
N PRO A 61 14.64 -3.01 12.34
CA PRO A 61 14.38 -1.65 11.89
C PRO A 61 14.29 -1.53 10.38
N ASN A 62 14.61 -2.61 9.68
CA ASN A 62 14.56 -2.64 8.22
C ASN A 62 13.28 -3.31 7.73
N GLU A 63 12.81 -4.30 8.49
CA GLU A 63 11.59 -5.01 8.13
C GLU A 63 10.36 -4.15 8.35
N ALA A 64 10.40 -3.33 9.40
CA ALA A 64 9.29 -2.45 9.72
C ALA A 64 9.06 -1.43 8.62
N LYS A 65 10.13 -1.06 7.93
CA LYS A 65 10.04 -0.09 6.85
C LYS A 65 9.26 -0.65 5.67
N VAL A 66 9.41 -1.95 5.43
CA VAL A 66 8.71 -2.61 4.34
C VAL A 66 7.37 -3.17 4.80
N GLU A 67 7.31 -3.58 6.07
CA GLU A 67 6.10 -4.14 6.64
C GLU A 67 4.99 -3.09 6.70
N VAL A 68 5.37 -1.86 7.03
CA VAL A 68 4.42 -0.75 7.12
C VAL A 68 3.69 -0.55 5.80
N LEU A 69 4.42 -0.72 4.70
CA LEU A 69 3.85 -0.55 3.37
C LEU A 69 2.61 -1.42 3.19
N LEU A 70 2.68 -2.65 3.70
CA LEU A 70 1.56 -3.58 3.61
C LEU A 70 0.42 -3.16 4.54
N GLU A 71 0.77 -2.71 5.73
CA GLU A 71 -0.22 -2.29 6.71
C GLU A 71 -1.01 -1.10 6.18
N ALA A 72 -0.34 -0.23 5.43
CA ALA A 72 -0.99 0.95 4.87
C ALA A 72 -1.96 0.56 3.77
N LEU A 73 -1.65 -0.49 3.03
CA LEU A 73 -2.49 -0.96 1.95
C LEU A 73 -3.76 -1.62 2.48
N THR A 74 -3.61 -2.40 3.55
CA THR A 74 -4.73 -3.08 4.17
C THR A 74 -5.79 -2.09 4.63
N ALA A 75 -5.34 -0.95 5.16
CA ALA A 75 -6.25 0.08 5.64
C ALA A 75 -7.14 0.60 4.52
N ALA A 76 -6.57 0.69 3.32
CA ALA A 76 -7.31 1.17 2.16
C ALA A 76 -8.12 0.05 1.52
N LEU A 77 -7.47 -1.09 1.31
CA LEU A 77 -8.13 -2.24 0.69
C LEU A 77 -9.35 -2.65 1.49
N GLN A 78 -9.24 -2.60 2.82
CA GLN A 78 -10.34 -2.97 3.69
C GLN A 78 -11.45 -1.91 3.65
N LEU A 79 -11.06 -0.66 3.49
CA LEU A 79 -12.00 0.45 3.43
C LEU A 79 -12.78 0.42 2.12
N LEU A 80 -12.10 0.05 1.04
CA LEU A 80 -12.72 -0.01 -0.28
C LEU A 80 -13.95 -0.91 -0.25
N SER A 81 -13.89 -1.98 0.54
CA SER A 81 -15.00 -2.91 0.65
C SER A 81 -16.26 -2.21 1.14
N SER A 82 -16.07 -1.08 1.82
CA SER A 82 -17.19 -0.31 2.35
C SER A 82 -17.34 1.02 1.61
N SER A 83 -16.53 1.20 0.56
CA SER A 83 -16.56 2.42 -0.23
C SER A 83 -17.46 2.26 -1.44
N THR A 84 -17.24 3.10 -2.45
CA THR A 84 -18.04 3.05 -3.68
C THR A 84 -17.17 2.69 -4.88
N LEU A 85 -15.91 3.10 -4.83
CA LEU A 85 -14.98 2.83 -5.92
C LEU A 85 -15.67 2.92 -7.27
N GLY A 86 -16.22 4.09 -7.57
CA GLY A 86 -16.91 4.30 -8.83
C GLY A 86 -16.15 5.23 -9.76
N ALA A 87 -14.84 5.04 -9.83
CA ALA A 87 -14.00 5.86 -10.69
C ALA A 87 -12.54 5.46 -10.58
N VAL A 88 -11.65 6.31 -11.08
CA VAL A 88 -10.22 6.03 -11.04
C VAL A 88 -9.41 7.32 -10.96
N ASP A 89 -9.83 8.33 -11.72
CA ASP A 89 -9.16 9.62 -11.73
C ASP A 89 -7.66 9.44 -11.99
N THR A 90 -7.32 9.02 -13.20
CA THR A 90 -5.93 8.80 -13.58
C THR A 90 -5.19 10.13 -13.73
N THR A 91 -5.95 11.23 -13.69
CA THR A 91 -5.36 12.55 -13.81
C THR A 91 -4.75 13.02 -12.49
N SER A 92 -5.15 12.37 -11.40
CA SER A 92 -4.65 12.72 -10.08
C SER A 92 -3.51 11.78 -9.67
N ILE A 93 -3.19 10.84 -10.55
CA ILE A 93 -2.12 9.89 -10.28
C ILE A 93 -0.84 10.60 -9.84
N GLY A 94 -0.47 11.64 -10.55
CA GLY A 94 0.73 12.40 -10.22
C GLY A 94 0.72 12.89 -8.79
N LEU A 95 -0.46 13.27 -8.30
CA LEU A 95 -0.60 13.77 -6.94
C LEU A 95 -0.54 12.62 -5.93
N THR A 96 -1.24 11.53 -6.25
CA THR A 96 -1.27 10.37 -5.38
C THR A 96 0.11 9.75 -5.25
N SER A 97 0.76 9.50 -6.38
CA SER A 97 2.08 8.90 -6.38
C SER A 97 3.10 9.81 -5.70
N ASN A 98 2.86 11.12 -5.79
CA ASN A 98 3.75 12.10 -5.17
C ASN A 98 3.51 12.18 -3.67
N SER A 99 2.25 12.00 -3.26
CA SER A 99 1.89 12.06 -1.86
C SER A 99 2.44 10.85 -1.09
N VAL A 100 2.28 9.67 -1.69
CA VAL A 100 2.76 8.43 -1.08
C VAL A 100 4.27 8.46 -0.90
N SER A 101 4.97 9.03 -1.88
CA SER A 101 6.43 9.12 -1.84
C SER A 101 6.88 10.05 -0.72
N LYS A 102 6.24 11.21 -0.63
CA LYS A 102 6.57 12.18 0.40
C LYS A 102 6.13 11.70 1.78
N ALA A 103 4.96 11.08 1.84
CA ALA A 103 4.44 10.56 3.10
C ALA A 103 5.26 9.39 3.60
N VAL A 104 5.58 8.46 2.70
CA VAL A 104 6.37 7.29 3.06
C VAL A 104 7.75 7.70 3.56
N ALA A 105 8.37 8.64 2.86
CA ALA A 105 9.70 9.12 3.25
C ALA A 105 9.62 10.08 4.43
N GLN A 106 8.43 10.63 4.66
CA GLN A 106 8.23 11.56 5.76
C GLN A 106 8.10 10.81 7.09
N ALA A 107 7.49 9.63 7.04
CA ALA A 107 7.31 8.83 8.24
C ALA A 107 8.40 7.76 8.36
N LEU A 108 8.68 7.08 7.24
CA LEU A 108 9.69 6.04 7.22
C LEU A 108 11.08 6.64 7.02
N ALA A 109 11.34 7.16 5.83
CA ALA A 109 12.63 7.78 5.51
C ALA A 109 12.83 9.06 6.29
N PRO B 1 16.98 -2.09 1.26
CA PRO B 1 16.60 -1.15 0.20
C PRO B 1 16.09 0.18 0.75
N SER B 2 17.01 1.12 0.93
CA SER B 2 16.65 2.44 1.45
C SER B 2 15.48 3.05 0.67
N PHE B 3 14.59 3.73 1.39
CA PHE B 3 13.43 4.35 0.75
C PHE B 3 13.83 5.64 0.04
N GLY B 4 15.03 6.13 0.35
CA GLY B 4 15.51 7.35 -0.27
C GLY B 4 15.91 7.15 -1.71
N LEU B 5 16.63 6.05 -1.98
CA LEU B 5 17.08 5.74 -3.33
C LEU B 5 15.92 5.28 -4.20
N VAL B 6 15.00 4.52 -3.61
CA VAL B 6 13.84 4.02 -4.33
C VAL B 6 12.86 5.14 -4.65
N LEU B 7 12.75 6.10 -3.74
CA LEU B 7 11.84 7.23 -3.92
C LEU B 7 12.47 8.29 -4.81
N ASN B 8 13.78 8.19 -5.02
CA ASN B 8 14.50 9.13 -5.86
C ASN B 8 14.93 8.48 -7.16
N SER B 9 14.76 7.17 -7.25
CA SER B 9 15.14 6.43 -8.44
C SER B 9 14.30 6.86 -9.64
N PRO B 10 14.80 6.58 -10.86
CA PRO B 10 14.12 6.92 -12.10
C PRO B 10 12.85 6.09 -12.33
N ASN B 11 12.66 5.08 -11.48
CA ASN B 11 11.50 4.21 -11.59
C ASN B 11 10.73 4.17 -10.28
N GLY B 12 10.94 5.19 -9.44
CA GLY B 12 10.26 5.25 -8.16
C GLY B 12 8.76 5.47 -8.31
N LEU B 13 8.22 6.41 -7.55
CA LEU B 13 6.80 6.72 -7.60
C LEU B 13 6.55 8.00 -8.37
N ARG B 14 7.43 8.98 -8.19
CA ARG B 14 7.30 10.26 -8.88
C ARG B 14 7.61 10.11 -10.36
N SER B 15 8.07 8.93 -10.76
CA SER B 15 8.41 8.66 -12.15
C SER B 15 7.16 8.46 -12.99
N PRO B 16 7.27 8.75 -14.30
CA PRO B 16 6.15 8.62 -15.24
C PRO B 16 5.78 7.16 -15.49
N GLN B 17 6.78 6.28 -15.41
CA GLN B 17 6.56 4.85 -15.64
C GLN B 17 5.75 4.25 -14.50
N ALA B 18 5.93 4.79 -13.30
CA ALA B 18 5.21 4.29 -12.13
C ALA B 18 3.74 4.66 -12.19
N LYS B 19 3.45 5.83 -12.73
CA LYS B 19 2.07 6.30 -12.85
C LYS B 19 1.28 5.41 -13.79
N ALA B 20 1.92 4.97 -14.87
CA ALA B 20 1.28 4.10 -15.85
C ALA B 20 0.97 2.73 -15.25
N ARG B 21 1.91 2.21 -14.46
CA ARG B 21 1.73 0.90 -13.84
C ARG B 21 0.59 0.93 -12.83
N ILE B 22 0.53 2.00 -12.04
CA ILE B 22 -0.51 2.14 -11.03
C ILE B 22 -1.89 2.22 -11.68
N ASN B 23 -1.96 2.85 -12.85
CA ASN B 23 -3.21 2.99 -13.57
C ASN B 23 -3.90 1.64 -13.73
N ASN B 24 -3.13 0.63 -14.13
CA ASN B 24 -3.66 -0.71 -14.33
C ASN B 24 -4.16 -1.30 -13.00
N LEU B 25 -3.45 -1.00 -11.93
CA LEU B 25 -3.82 -1.49 -10.60
C LEU B 25 -5.08 -0.79 -10.09
N ALA B 26 -5.21 0.50 -10.42
CA ALA B 26 -6.36 1.28 -10.00
C ALA B 26 -7.66 0.64 -10.48
N SER B 27 -7.58 -0.13 -11.56
CA SER B 27 -8.75 -0.79 -12.12
C SER B 27 -8.85 -2.22 -11.62
N ALA B 28 -7.71 -2.91 -11.56
CA ALA B 28 -7.67 -4.28 -11.10
C ALA B 28 -8.01 -4.38 -9.61
N LEU B 29 -7.37 -3.53 -8.81
CA LEU B 29 -7.59 -3.52 -7.37
C LEU B 29 -9.05 -3.20 -7.05
N SER B 30 -9.60 -2.23 -7.78
CA SER B 30 -10.99 -1.82 -7.57
C SER B 30 -11.94 -2.99 -7.83
N THR B 31 -11.60 -3.80 -8.83
CA THR B 31 -12.43 -4.96 -9.17
C THR B 31 -12.19 -6.12 -8.22
N ALA B 32 -11.00 -6.16 -7.63
CA ALA B 32 -10.64 -7.22 -6.69
C ALA B 32 -11.31 -6.99 -5.33
N VAL B 33 -11.31 -5.73 -4.90
CA VAL B 33 -11.91 -5.37 -3.62
C VAL B 33 -13.35 -4.90 -3.79
N GLY B 34 -14.23 -5.35 -2.90
CA GLY B 34 -15.63 -4.97 -2.98
C GLY B 34 -16.46 -5.59 -1.88
N ARG B 35 -17.28 -6.58 -2.25
CA ARG B 35 -18.14 -7.26 -1.29
C ARG B 35 -17.51 -8.57 -0.84
N ASN B 36 -16.41 -8.96 -1.50
CA ASN B 36 -15.71 -10.19 -1.16
C ASN B 36 -14.44 -9.89 -0.37
N GLY B 37 -14.26 -8.63 0.01
CA GLY B 37 -13.10 -8.24 0.76
C GLY B 37 -11.94 -7.84 -0.14
N VAL B 38 -11.48 -8.77 -0.96
CA VAL B 38 -10.37 -8.52 -1.87
C VAL B 38 -10.00 -9.77 -2.67
N ASP B 39 -9.78 -9.61 -3.96
CA ASP B 39 -9.42 -10.72 -4.82
C ASP B 39 -7.90 -10.81 -5.00
N VAL B 40 -7.29 -11.77 -4.33
CA VAL B 40 -5.85 -11.96 -4.40
C VAL B 40 -5.40 -12.19 -5.84
N ASN B 41 -6.23 -12.90 -6.60
CA ASN B 41 -5.93 -13.19 -8.00
C ASN B 41 -5.70 -11.90 -8.79
N ALA B 42 -6.61 -10.95 -8.64
CA ALA B 42 -6.50 -9.67 -9.33
C ALA B 42 -5.49 -8.77 -8.65
N PHE B 43 -5.45 -8.82 -7.33
CA PHE B 43 -4.52 -8.00 -6.56
C PHE B 43 -3.07 -8.37 -6.88
N THR B 44 -2.75 -9.65 -6.74
CA THR B 44 -1.41 -10.13 -7.00
C THR B 44 -1.07 -10.05 -8.49
N SER B 45 -2.10 -10.14 -9.32
CA SER B 45 -1.91 -10.07 -10.77
C SER B 45 -1.31 -8.74 -11.19
N GLY B 46 -1.71 -7.67 -10.48
CA GLY B 46 -1.20 -6.35 -10.79
C GLY B 46 0.24 -6.16 -10.34
N LEU B 47 0.57 -6.74 -9.19
CA LEU B 47 1.92 -6.63 -8.64
C LEU B 47 2.92 -7.36 -9.53
N ARG B 48 2.51 -8.52 -10.05
CA ARG B 48 3.37 -9.32 -10.91
C ARG B 48 3.79 -8.52 -12.14
N ALA B 49 2.87 -7.73 -12.68
CA ALA B 49 3.15 -6.93 -13.86
C ALA B 49 4.04 -5.73 -13.51
N THR B 50 3.82 -5.18 -12.32
CA THR B 50 4.60 -4.03 -11.87
C THR B 50 6.03 -4.44 -11.52
N LEU B 51 6.16 -5.53 -10.77
CA LEU B 51 7.47 -6.02 -10.37
C LEU B 51 8.35 -6.31 -11.59
N SER B 52 7.76 -6.98 -12.58
CA SER B 52 8.48 -7.33 -13.80
C SER B 52 8.93 -6.07 -14.54
N ASN B 53 8.08 -5.05 -14.54
CA ASN B 53 8.39 -3.80 -15.21
C ASN B 53 9.52 -3.06 -14.49
N LEU B 54 9.45 -3.01 -13.16
CA LEU B 54 10.46 -2.34 -12.36
C LEU B 54 11.77 -3.15 -12.36
N GLY B 55 11.65 -4.46 -12.53
CA GLY B 55 12.82 -5.31 -12.54
C GLY B 55 13.73 -5.03 -13.73
N ASP B 56 13.24 -4.24 -14.67
CA ASP B 56 14.01 -3.89 -15.86
C ASP B 56 13.93 -2.40 -16.15
N SER B 57 13.53 -1.62 -15.14
CA SER B 57 13.40 -0.19 -15.28
C SER B 57 14.73 0.52 -15.04
N GLY B 58 15.61 -0.16 -14.32
CA GLY B 58 16.92 0.41 -14.02
C GLY B 58 17.30 0.25 -12.57
N MET B 59 16.41 -0.34 -11.78
CA MET B 59 16.67 -0.55 -10.36
C MET B 59 17.09 -2.00 -10.10
N SER B 60 17.12 -2.37 -8.83
CA SER B 60 17.52 -3.73 -8.43
C SER B 60 16.29 -4.61 -8.22
N PRO B 61 16.50 -5.93 -8.23
CA PRO B 61 15.42 -6.90 -8.05
C PRO B 61 14.89 -6.91 -6.63
N ASN B 62 15.56 -6.18 -5.74
CA ASN B 62 15.14 -6.09 -4.34
C ASN B 62 14.33 -4.82 -4.09
N GLU B 63 14.69 -3.76 -4.80
CA GLU B 63 14.01 -2.48 -4.65
C GLU B 63 12.62 -2.53 -5.29
N ALA B 64 12.50 -3.24 -6.40
CA ALA B 64 11.24 -3.37 -7.11
C ALA B 64 10.18 -4.04 -6.23
N LYS B 65 10.65 -4.92 -5.34
CA LYS B 65 9.75 -5.63 -4.44
C LYS B 65 9.10 -4.68 -3.44
N VAL B 66 9.88 -3.70 -2.98
CA VAL B 66 9.38 -2.72 -2.02
C VAL B 66 8.74 -1.54 -2.73
N GLU B 67 9.24 -1.22 -3.92
CA GLU B 67 8.71 -0.10 -4.69
C GLU B 67 7.28 -0.39 -5.13
N VAL B 68 7.02 -1.62 -5.56
CA VAL B 68 5.69 -2.02 -6.01
C VAL B 68 4.66 -1.81 -4.91
N LEU B 69 5.06 -2.07 -3.67
CA LEU B 69 4.16 -1.90 -2.52
C LEU B 69 3.59 -0.48 -2.48
N LEU B 70 4.42 0.50 -2.82
CA LEU B 70 3.99 1.89 -2.83
C LEU B 70 3.01 2.15 -3.96
N GLU B 71 3.28 1.57 -5.12
CA GLU B 71 2.42 1.73 -6.29
C GLU B 71 1.03 1.17 -6.02
N ALA B 72 0.97 0.03 -5.35
CA ALA B 72 -0.30 -0.61 -5.03
C ALA B 72 -1.19 0.33 -4.20
N LEU B 73 -0.57 1.10 -3.33
CA LEU B 73 -1.31 2.03 -2.49
C LEU B 73 -1.80 3.24 -3.30
N THR B 74 -0.98 3.68 -4.24
CA THR B 74 -1.33 4.81 -5.10
C THR B 74 -2.62 4.54 -5.87
N ALA B 75 -2.79 3.30 -6.32
CA ALA B 75 -3.97 2.91 -7.06
C ALA B 75 -5.22 2.99 -6.19
N ALA B 76 -5.07 2.63 -4.92
CA ALA B 76 -6.18 2.66 -3.98
C ALA B 76 -6.45 4.07 -3.48
N LEU B 77 -5.38 4.77 -3.09
CA LEU B 77 -5.50 6.13 -2.59
C LEU B 77 -6.20 7.03 -3.61
N GLN B 78 -5.78 6.92 -4.87
CA GLN B 78 -6.37 7.72 -5.93
C GLN B 78 -7.84 7.36 -6.15
N LEU B 79 -8.16 6.09 -5.92
CA LEU B 79 -9.54 5.62 -6.09
C LEU B 79 -10.43 6.15 -4.97
N LEU B 80 -9.91 6.15 -3.76
CA LEU B 80 -10.66 6.64 -2.61
C LEU B 80 -11.18 8.05 -2.85
N SER B 81 -10.41 8.86 -3.57
CA SER B 81 -10.79 10.22 -3.87
C SER B 81 -12.09 10.26 -4.66
N SER B 82 -12.40 9.16 -5.34
CA SER B 82 -13.62 9.06 -6.13
C SER B 82 -14.57 8.02 -5.55
N SER B 83 -14.23 7.51 -4.37
CA SER B 83 -15.05 6.51 -3.70
C SER B 83 -16.00 7.17 -2.70
N THR B 84 -16.48 6.39 -1.74
CA THR B 84 -17.39 6.89 -0.73
C THR B 84 -16.77 6.83 0.66
N LEU B 85 -16.00 5.77 0.91
CA LEU B 85 -15.34 5.59 2.20
C LEU B 85 -16.23 6.07 3.34
N GLY B 86 -17.42 5.46 3.45
CA GLY B 86 -18.34 5.84 4.49
C GLY B 86 -18.54 4.74 5.52
N ALA B 87 -17.50 3.91 5.71
CA ALA B 87 -17.56 2.83 6.66
C ALA B 87 -16.25 2.06 6.69
N VAL B 88 -15.90 1.53 7.87
CA VAL B 88 -14.67 0.76 8.02
C VAL B 88 -14.95 -0.65 8.52
N ASP B 89 -14.98 -1.61 7.60
CA ASP B 89 -15.25 -2.99 7.95
C ASP B 89 -14.07 -3.60 8.70
N THR B 90 -13.93 -3.22 9.97
CA THR B 90 -12.85 -3.72 10.81
C THR B 90 -12.98 -5.23 11.04
N THR B 91 -14.15 -5.77 10.71
CA THR B 91 -14.41 -7.19 10.88
C THR B 91 -13.78 -8.01 9.76
N SER B 92 -13.44 -7.33 8.67
CA SER B 92 -12.83 -7.99 7.52
C SER B 92 -11.33 -7.78 7.50
N ILE B 93 -10.81 -7.10 8.51
CA ILE B 93 -9.38 -6.82 8.61
C ILE B 93 -8.56 -8.08 8.42
N GLY B 94 -8.94 -9.15 9.12
CA GLY B 94 -8.23 -10.41 9.01
C GLY B 94 -8.16 -10.90 7.58
N LEU B 95 -9.20 -10.64 6.81
CA LEU B 95 -9.25 -11.07 5.41
C LEU B 95 -8.35 -10.19 4.54
N THR B 96 -8.42 -8.89 4.76
CA THR B 96 -7.61 -7.94 3.99
C THR B 96 -6.13 -8.12 4.30
N SER B 97 -5.78 -8.14 5.58
CA SER B 97 -4.40 -8.30 6.00
C SER B 97 -3.85 -9.65 5.55
N ASN B 98 -4.72 -10.64 5.50
CA ASN B 98 -4.33 -11.99 5.08
C ASN B 98 -4.19 -12.08 3.57
N SER B 99 -5.05 -11.35 2.86
CA SER B 99 -5.03 -11.35 1.40
C SER B 99 -3.81 -10.60 0.88
N VAL B 100 -3.54 -9.43 1.45
CA VAL B 100 -2.40 -8.62 1.04
C VAL B 100 -1.09 -9.37 1.25
N SER B 101 -1.02 -10.14 2.34
CA SER B 101 0.18 -10.91 2.64
C SER B 101 0.41 -12.00 1.61
N LYS B 102 -0.66 -12.71 1.27
CA LYS B 102 -0.59 -13.79 0.30
C LYS B 102 -0.36 -13.24 -1.11
N ALA B 103 -1.00 -12.12 -1.41
CA ALA B 103 -0.85 -11.49 -2.72
C ALA B 103 0.55 -10.95 -2.92
N VAL B 104 1.05 -10.24 -1.92
CA VAL B 104 2.40 -9.67 -2.00
C VAL B 104 3.46 -10.77 -2.09
N ALA B 105 3.25 -11.84 -1.35
CA ALA B 105 4.19 -12.96 -1.35
C ALA B 105 3.94 -13.88 -2.54
N GLN B 106 2.80 -13.68 -3.20
CA GLN B 106 2.44 -14.50 -4.35
C GLN B 106 2.99 -13.90 -5.64
N ALA B 107 3.01 -12.57 -5.70
CA ALA B 107 3.52 -11.87 -6.88
C ALA B 107 4.96 -11.42 -6.67
N LEU B 108 5.29 -11.02 -5.44
CA LEU B 108 6.64 -10.56 -5.11
C LEU B 108 7.40 -11.66 -4.37
N ALA B 109 6.97 -11.95 -3.16
CA ALA B 109 7.62 -12.98 -2.34
C ALA B 109 9.06 -12.59 -2.01
N PRO A 1 14.90 -7.63 3.09
CA PRO A 1 13.81 -8.08 3.96
C PRO A 1 12.75 -8.87 3.20
N SER A 2 13.01 -10.17 3.01
CA SER A 2 12.08 -11.04 2.30
C SER A 2 10.68 -10.91 2.86
N PHE A 3 9.68 -11.06 1.99
CA PHE A 3 8.28 -10.96 2.40
C PHE A 3 7.83 -12.23 3.12
N GLY A 4 8.73 -13.22 3.17
CA GLY A 4 8.40 -14.47 3.83
C GLY A 4 8.59 -14.40 5.34
N LEU A 5 9.71 -13.83 5.76
CA LEU A 5 10.01 -13.69 7.18
C LEU A 5 9.15 -12.61 7.82
N VAL A 6 8.97 -11.50 7.11
CA VAL A 6 8.17 -10.39 7.61
C VAL A 6 6.71 -10.80 7.77
N LEU A 7 6.22 -11.61 6.83
CA LEU A 7 4.84 -12.08 6.86
C LEU A 7 4.68 -13.21 7.87
N ASN A 8 5.79 -13.82 8.26
CA ASN A 8 5.77 -14.92 9.22
C ASN A 8 6.13 -14.43 10.62
N SER A 9 6.62 -13.20 10.70
CA SER A 9 7.02 -12.62 11.98
C SER A 9 5.81 -12.48 12.89
N PRO A 10 6.07 -12.30 14.20
CA PRO A 10 5.02 -12.14 15.21
C PRO A 10 4.28 -10.81 15.08
N ASN A 11 4.84 -9.91 14.28
CA ASN A 11 4.25 -8.60 14.07
C ASN A 11 4.07 -8.30 12.59
N GLY A 12 3.99 -9.36 11.78
CA GLY A 12 3.83 -9.19 10.35
C GLY A 12 2.49 -8.59 9.99
N LEU A 13 1.74 -9.29 9.15
CA LEU A 13 0.42 -8.82 8.72
C LEU A 13 -0.69 -9.69 9.29
N ARG A 14 -0.46 -11.00 9.28
CA ARG A 14 -1.45 -11.95 9.81
C ARG A 14 -1.53 -11.85 11.33
N SER A 15 -0.64 -11.08 11.93
CA SER A 15 -0.61 -10.91 13.37
C SER A 15 -1.72 -9.97 13.83
N PRO A 16 -2.12 -10.10 15.10
CA PRO A 16 -3.19 -9.28 15.69
C PRO A 16 -2.75 -7.83 15.88
N GLN A 17 -1.45 -7.64 16.12
CA GLN A 17 -0.91 -6.30 16.32
C GLN A 17 -0.95 -5.49 15.03
N ALA A 18 -0.82 -6.17 13.90
CA ALA A 18 -0.85 -5.51 12.60
C ALA A 18 -2.26 -5.05 12.26
N LYS A 19 -3.25 -5.86 12.63
CA LYS A 19 -4.64 -5.53 12.36
C LYS A 19 -5.06 -4.26 13.09
N ALA A 20 -4.58 -4.10 14.32
CA ALA A 20 -4.89 -2.93 15.13
C ALA A 20 -4.33 -1.66 14.50
N ARG A 21 -3.07 -1.72 14.07
CA ARG A 21 -2.42 -0.58 13.45
C ARG A 21 -3.16 -0.15 12.19
N ILE A 22 -3.59 -1.13 11.41
CA ILE A 22 -4.32 -0.85 10.17
C ILE A 22 -5.64 -0.15 10.45
N ASN A 23 -6.30 -0.54 11.53
CA ASN A 23 -7.57 0.05 11.92
C ASN A 23 -7.45 1.56 12.03
N ASN A 24 -6.40 2.02 12.70
CA ASN A 24 -6.17 3.45 12.89
C ASN A 24 -5.98 4.15 11.54
N LEU A 25 -5.26 3.48 10.64
CA LEU A 25 -5.00 4.04 9.32
C LEU A 25 -6.26 4.04 8.47
N ALA A 26 -7.09 3.01 8.64
CA ALA A 26 -8.33 2.90 7.90
C ALA A 26 -9.20 4.14 8.09
N SER A 27 -9.02 4.82 9.22
CA SER A 27 -9.79 6.02 9.52
C SER A 27 -9.02 7.28 9.13
N ALA A 28 -7.72 7.27 9.40
CA ALA A 28 -6.87 8.41 9.08
C ALA A 28 -6.72 8.57 7.56
N LEU A 29 -6.40 7.48 6.88
CA LEU A 29 -6.24 7.50 5.44
C LEU A 29 -7.51 7.97 4.75
N SER A 30 -8.66 7.46 5.22
CA SER A 30 -9.94 7.83 4.64
C SER A 30 -10.19 9.33 4.77
N THR A 31 -9.77 9.89 5.90
CA THR A 31 -9.95 11.32 6.15
C THR A 31 -8.93 12.15 5.36
N ALA A 32 -7.78 11.54 5.07
CA ALA A 32 -6.73 12.22 4.32
C ALA A 32 -7.05 12.25 2.83
N VAL A 33 -7.58 11.13 2.32
CA VAL A 33 -7.93 11.03 0.91
C VAL A 33 -9.42 11.29 0.69
N GLY A 34 -9.73 12.16 -0.27
CA GLY A 34 -11.12 12.47 -0.56
C GLY A 34 -11.26 13.38 -1.77
N ARG A 35 -11.56 14.65 -1.52
CA ARG A 35 -11.73 15.62 -2.59
C ARG A 35 -10.44 16.44 -2.79
N ASN A 36 -9.51 16.30 -1.86
CA ASN A 36 -8.25 17.02 -1.92
C ASN A 36 -7.12 16.11 -2.42
N GLY A 37 -7.49 14.91 -2.85
CA GLY A 37 -6.50 13.97 -3.34
C GLY A 37 -5.96 13.08 -2.23
N VAL A 38 -5.28 13.70 -1.26
CA VAL A 38 -4.70 12.96 -0.14
C VAL A 38 -3.95 13.89 0.80
N ASP A 39 -4.14 13.69 2.10
CA ASP A 39 -3.48 14.51 3.10
C ASP A 39 -2.23 13.81 3.64
N VAL A 40 -1.06 14.27 3.20
CA VAL A 40 0.20 13.70 3.64
C VAL A 40 0.34 13.75 5.15
N ASN A 41 -0.18 14.81 5.76
CA ASN A 41 -0.12 14.98 7.20
C ASN A 41 -0.78 13.80 7.91
N ALA A 42 -1.98 13.45 7.47
CA ALA A 42 -2.72 12.35 8.06
C ALA A 42 -2.18 11.00 7.58
N PHE A 43 -1.78 10.96 6.31
CA PHE A 43 -1.24 9.73 5.73
C PHE A 43 0.05 9.32 6.41
N THR A 44 1.01 10.25 6.47
CA THR A 44 2.30 9.99 7.10
C THR A 44 2.15 9.83 8.60
N SER A 45 1.14 10.48 9.18
CA SER A 45 0.89 10.40 10.61
C SER A 45 0.61 8.96 11.04
N GLY A 46 -0.09 8.23 10.19
CA GLY A 46 -0.41 6.84 10.50
C GLY A 46 0.79 5.92 10.38
N LEU A 47 1.63 6.19 9.38
CA LEU A 47 2.82 5.38 9.15
C LEU A 47 3.82 5.55 10.29
N ARG A 48 3.94 6.77 10.79
CA ARG A 48 4.86 7.06 11.88
C ARG A 48 4.54 6.22 13.10
N ALA A 49 3.24 6.01 13.34
CA ALA A 49 2.79 5.21 14.48
C ALA A 49 3.04 3.72 14.25
N THR A 50 2.89 3.29 13.01
CA THR A 50 3.09 1.89 12.65
C THR A 50 4.57 1.54 12.67
N LEU A 51 5.39 2.37 12.04
CA LEU A 51 6.83 2.14 11.99
C LEU A 51 7.43 2.09 13.39
N SER A 52 7.00 3.02 14.25
CA SER A 52 7.49 3.08 15.62
C SER A 52 7.07 1.85 16.40
N ASN A 53 5.84 1.39 16.16
CA ASN A 53 5.32 0.21 16.85
C ASN A 53 6.02 -1.05 16.37
N LEU A 54 6.18 -1.18 15.05
CA LEU A 54 6.83 -2.34 14.46
C LEU A 54 8.32 -2.35 14.79
N GLY A 55 8.92 -1.17 14.86
CA GLY A 55 10.33 -1.06 15.17
C GLY A 55 10.66 -1.58 16.55
N ASP A 56 9.63 -1.77 17.38
CA ASP A 56 9.82 -2.27 18.73
C ASP A 56 8.83 -3.38 19.04
N SER A 57 8.25 -3.96 17.99
CA SER A 57 7.28 -5.04 18.17
C SER A 57 7.99 -6.39 18.27
N GLY A 58 9.23 -6.45 17.80
CA GLY A 58 9.99 -7.69 17.85
C GLY A 58 10.76 -7.95 16.57
N MET A 59 10.53 -7.12 15.56
CA MET A 59 11.21 -7.27 14.28
C MET A 59 12.41 -6.33 14.18
N SER A 60 12.94 -6.18 12.98
CA SER A 60 14.10 -5.32 12.75
C SER A 60 13.66 -3.96 12.23
N PRO A 61 14.56 -2.96 12.35
CA PRO A 61 14.29 -1.60 11.90
C PRO A 61 14.21 -1.49 10.39
N ASN A 62 14.57 -2.56 9.70
CA ASN A 62 14.54 -2.59 8.24
C ASN A 62 13.27 -3.25 7.73
N GLU A 63 12.78 -4.25 8.47
CA GLU A 63 11.57 -4.97 8.10
C GLU A 63 10.34 -4.10 8.32
N ALA A 64 10.37 -3.30 9.38
CA ALA A 64 9.25 -2.42 9.70
C ALA A 64 9.01 -1.40 8.59
N LYS A 65 10.09 -1.01 7.91
CA LYS A 65 9.99 -0.04 6.83
C LYS A 65 9.22 -0.61 5.66
N VAL A 66 9.39 -1.91 5.40
CA VAL A 66 8.70 -2.58 4.31
C VAL A 66 7.36 -3.14 4.77
N GLU A 67 7.29 -3.53 6.04
CA GLU A 67 6.07 -4.10 6.60
C GLU A 67 4.96 -3.05 6.65
N VAL A 68 5.34 -1.82 6.99
CA VAL A 68 4.38 -0.72 7.08
C VAL A 68 3.66 -0.52 5.75
N LEU A 69 4.39 -0.70 4.66
CA LEU A 69 3.82 -0.53 3.32
C LEU A 69 2.58 -1.42 3.15
N LEU A 70 2.66 -2.63 3.67
CA LEU A 70 1.55 -3.58 3.57
C LEU A 70 0.40 -3.16 4.48
N GLU A 71 0.73 -2.69 5.68
CA GLU A 71 -0.28 -2.26 6.64
C GLU A 71 -1.07 -1.08 6.10
N ALA A 72 -0.38 -0.21 5.35
CA ALA A 72 -1.03 0.96 4.77
C ALA A 72 -2.02 0.56 3.68
N LEU A 73 -1.69 -0.49 2.94
CA LEU A 73 -2.54 -0.97 1.86
C LEU A 73 -3.78 -1.66 2.42
N THR A 74 -3.60 -2.42 3.49
CA THR A 74 -4.71 -3.13 4.12
C THR A 74 -5.79 -2.15 4.59
N ALA A 75 -5.36 -1.00 5.10
CA ALA A 75 -6.29 0.01 5.58
C ALA A 75 -7.18 0.52 4.45
N ALA A 76 -6.61 0.62 3.26
CA ALA A 76 -7.36 1.09 2.10
C ALA A 76 -8.16 -0.04 1.46
N LEU A 77 -7.50 -1.17 1.25
CA LEU A 77 -8.15 -2.34 0.64
C LEU A 77 -9.38 -2.75 1.44
N GLN A 78 -9.28 -2.68 2.76
CA GLN A 78 -10.39 -3.04 3.63
C GLN A 78 -11.48 -1.98 3.59
N LEU A 79 -11.08 -0.72 3.43
CA LEU A 79 -12.03 0.38 3.37
C LEU A 79 -12.80 0.37 2.05
N LEU A 80 -12.12 -0.03 0.98
CA LEU A 80 -12.75 -0.09 -0.34
C LEU A 80 -14.00 -0.97 -0.31
N SER A 81 -13.94 -2.03 0.49
CA SER A 81 -15.07 -2.95 0.61
C SER A 81 -16.32 -2.22 1.07
N SER A 82 -16.13 -1.10 1.75
CA SER A 82 -17.24 -0.30 2.25
C SER A 82 -17.36 1.03 1.51
N SER A 83 -16.53 1.18 0.47
CA SER A 83 -16.54 2.40 -0.32
C SER A 83 -17.45 2.25 -1.54
N THR A 84 -17.22 3.10 -2.55
CA THR A 84 -18.02 3.06 -3.76
C THR A 84 -17.16 2.71 -4.97
N LEU A 85 -15.89 3.10 -4.92
CA LEU A 85 -14.96 2.83 -6.02
C LEU A 85 -15.66 2.96 -7.37
N GLY A 86 -16.27 4.12 -7.60
CA GLY A 86 -16.96 4.35 -8.85
C GLY A 86 -16.19 5.29 -9.77
N ALA A 87 -14.88 5.12 -9.82
CA ALA A 87 -14.03 5.97 -10.66
C ALA A 87 -12.57 5.56 -10.55
N VAL A 88 -11.68 6.42 -11.04
CA VAL A 88 -10.25 6.15 -10.99
C VAL A 88 -9.45 7.44 -10.90
N ASP A 89 -9.88 8.45 -11.64
CA ASP A 89 -9.21 9.75 -11.64
C ASP A 89 -7.71 9.59 -11.89
N THR A 90 -7.37 9.18 -13.11
CA THR A 90 -5.98 8.99 -13.49
C THR A 90 -5.24 10.32 -13.61
N THR A 91 -6.00 11.41 -13.55
CA THR A 91 -5.42 12.74 -13.65
C THR A 91 -4.82 13.18 -12.31
N SER A 92 -5.22 12.51 -11.24
CA SER A 92 -4.72 12.83 -9.92
C SER A 92 -3.56 11.90 -9.53
N ILE A 93 -3.24 10.98 -10.43
CA ILE A 93 -2.16 10.02 -10.18
C ILE A 93 -0.89 10.74 -9.73
N GLY A 94 -0.54 11.81 -10.44
CA GLY A 94 0.66 12.57 -10.10
C GLY A 94 0.65 13.04 -8.65
N LEU A 95 -0.54 13.40 -8.16
CA LEU A 95 -0.68 13.89 -6.79
C LEU A 95 -0.60 12.74 -5.80
N THR A 96 -1.27 11.63 -6.11
CA THR A 96 -1.27 10.47 -5.24
C THR A 96 0.12 9.84 -5.16
N SER A 97 0.72 9.60 -6.33
CA SER A 97 2.05 9.00 -6.39
C SER A 97 3.08 9.91 -5.73
N ASN A 98 2.85 11.22 -5.81
CA ASN A 98 3.76 12.20 -5.23
C ASN A 98 3.55 12.30 -3.72
N SER A 99 2.29 12.17 -3.30
CA SER A 99 1.95 12.26 -1.88
C SER A 99 2.45 11.03 -1.12
N VAL A 100 2.20 9.85 -1.69
CA VAL A 100 2.63 8.60 -1.08
C VAL A 100 4.14 8.57 -0.89
N SER A 101 4.87 9.10 -1.87
CA SER A 101 6.32 9.13 -1.82
C SER A 101 6.81 10.04 -0.68
N LYS A 102 6.21 11.22 -0.59
CA LYS A 102 6.57 12.17 0.45
C LYS A 102 6.13 11.69 1.83
N ALA A 103 4.96 11.06 1.89
CA ALA A 103 4.43 10.55 3.14
C ALA A 103 5.27 9.39 3.65
N VAL A 104 5.58 8.45 2.76
CA VAL A 104 6.37 7.28 3.12
C VAL A 104 7.76 7.69 3.61
N ALA A 105 8.37 8.63 2.90
CA ALA A 105 9.70 9.12 3.25
C ALA A 105 9.63 10.06 4.44
N GLN A 106 8.45 10.61 4.70
CA GLN A 106 8.26 11.54 5.80
C GLN A 106 8.16 10.79 7.12
N ALA A 107 7.57 9.60 7.10
CA ALA A 107 7.42 8.79 8.29
C ALA A 107 8.51 7.74 8.37
N LEU A 108 8.78 7.07 7.25
CA LEU A 108 9.81 6.04 7.20
C LEU A 108 11.18 6.64 7.00
N ALA A 109 11.41 7.18 5.80
CA ALA A 109 12.69 7.80 5.46
C ALA A 109 12.91 9.07 6.27
N PRO B 1 17.04 -1.91 1.13
CA PRO B 1 16.67 -0.97 0.08
C PRO B 1 16.21 0.38 0.63
N SER B 2 17.15 1.29 0.79
CA SER B 2 16.85 2.62 1.33
C SER B 2 15.69 3.25 0.57
N PHE B 3 14.69 3.73 1.30
CA PHE B 3 13.53 4.36 0.71
C PHE B 3 13.90 5.66 0.00
N GLY B 4 15.11 6.14 0.29
CA GLY B 4 15.57 7.37 -0.33
C GLY B 4 15.97 7.19 -1.78
N LEU B 5 16.73 6.13 -2.05
CA LEU B 5 17.17 5.84 -3.40
C LEU B 5 16.02 5.34 -4.27
N VAL B 6 15.12 4.56 -3.66
CA VAL B 6 13.97 4.03 -4.36
C VAL B 6 12.96 5.11 -4.68
N LEU B 7 12.86 6.11 -3.80
CA LEU B 7 11.94 7.21 -4.00
C LEU B 7 12.50 8.24 -4.97
N ASN B 8 13.81 8.17 -5.19
CA ASN B 8 14.49 9.10 -6.09
C ASN B 8 14.93 8.39 -7.36
N SER B 9 14.78 7.07 -7.38
CA SER B 9 15.16 6.27 -8.54
C SER B 9 14.45 6.76 -9.79
N PRO B 10 15.01 6.40 -10.96
CA PRO B 10 14.44 6.79 -12.26
C PRO B 10 13.11 6.08 -12.56
N ASN B 11 12.76 5.12 -11.71
CA ASN B 11 11.52 4.38 -11.88
C ASN B 11 10.84 4.14 -10.52
N GLY B 12 11.10 5.04 -9.58
CA GLY B 12 10.50 4.93 -8.26
C GLY B 12 9.00 5.10 -8.30
N LEU B 13 8.51 6.16 -7.65
CA LEU B 13 7.08 6.42 -7.60
C LEU B 13 6.75 7.74 -8.31
N ARG B 14 7.61 8.74 -8.11
CA ARG B 14 7.41 10.04 -8.73
C ARG B 14 7.69 9.98 -10.23
N SER B 15 8.17 8.83 -10.69
CA SER B 15 8.48 8.64 -12.10
C SER B 15 7.21 8.46 -12.92
N PRO B 16 7.31 8.72 -14.23
CA PRO B 16 6.17 8.59 -15.15
C PRO B 16 5.76 7.13 -15.37
N GLN B 17 6.76 6.25 -15.40
CA GLN B 17 6.51 4.83 -15.61
C GLN B 17 5.71 4.24 -14.45
N ALA B 18 5.91 4.81 -13.26
CA ALA B 18 5.21 4.34 -12.07
C ALA B 18 3.74 4.72 -12.12
N LYS B 19 3.45 5.90 -12.66
CA LYS B 19 2.06 6.37 -12.76
C LYS B 19 1.26 5.50 -13.71
N ALA B 20 1.89 5.07 -14.79
CA ALA B 20 1.24 4.21 -15.77
C ALA B 20 0.90 2.84 -15.18
N ARG B 21 1.83 2.29 -14.42
CA ARG B 21 1.63 0.99 -13.80
C ARG B 21 0.49 1.03 -12.80
N ILE B 22 0.42 2.11 -12.03
CA ILE B 22 -0.63 2.27 -11.03
C ILE B 22 -2.00 2.38 -11.70
N ASN B 23 -2.04 3.01 -12.86
CA ASN B 23 -3.29 3.18 -13.60
C ASN B 23 -3.99 1.84 -13.80
N ASN B 24 -3.22 0.83 -14.20
CA ASN B 24 -3.76 -0.51 -14.43
C ASN B 24 -4.23 -1.13 -13.12
N LEU B 25 -3.49 -0.87 -12.05
CA LEU B 25 -3.81 -1.41 -10.73
C LEU B 25 -5.07 -0.74 -10.17
N ALA B 26 -5.23 0.54 -10.47
CA ALA B 26 -6.38 1.30 -9.99
C ALA B 26 -7.68 0.65 -10.44
N SER B 27 -7.62 -0.10 -11.55
CA SER B 27 -8.79 -0.77 -12.09
C SER B 27 -8.84 -2.22 -11.62
N ALA B 28 -7.69 -2.88 -11.61
CA ALA B 28 -7.61 -4.27 -11.18
C ALA B 28 -7.89 -4.41 -9.69
N LEU B 29 -7.23 -3.57 -8.89
CA LEU B 29 -7.41 -3.61 -7.44
C LEU B 29 -8.87 -3.35 -7.07
N SER B 30 -9.45 -2.30 -7.64
CA SER B 30 -10.84 -1.95 -7.37
C SER B 30 -11.77 -3.11 -7.73
N THR B 31 -11.43 -3.82 -8.79
CA THR B 31 -12.23 -4.95 -9.25
C THR B 31 -12.06 -6.15 -8.33
N ALA B 32 -10.89 -6.24 -7.69
CA ALA B 32 -10.62 -7.35 -6.78
C ALA B 32 -11.30 -7.14 -5.43
N VAL B 33 -11.30 -5.88 -4.96
CA VAL B 33 -11.91 -5.56 -3.68
C VAL B 33 -13.34 -5.05 -3.88
N GLY B 34 -14.18 -5.25 -2.87
CA GLY B 34 -15.56 -4.82 -2.96
C GLY B 34 -16.46 -5.54 -1.98
N ARG B 35 -17.27 -6.47 -2.51
CA ARG B 35 -18.18 -7.24 -1.68
C ARG B 35 -17.52 -8.52 -1.17
N ASN B 36 -16.38 -8.87 -1.77
CA ASN B 36 -15.65 -10.06 -1.38
C ASN B 36 -14.42 -9.70 -0.56
N GLY B 37 -14.28 -8.42 -0.23
CA GLY B 37 -13.15 -7.97 0.56
C GLY B 37 -11.95 -7.63 -0.29
N VAL B 38 -11.43 -8.62 -1.00
CA VAL B 38 -10.27 -8.44 -1.87
C VAL B 38 -9.89 -9.73 -2.58
N ASP B 39 -9.79 -9.66 -3.90
CA ASP B 39 -9.43 -10.82 -4.70
C ASP B 39 -7.91 -10.90 -4.91
N VAL B 40 -7.26 -11.81 -4.19
CA VAL B 40 -5.82 -11.98 -4.30
C VAL B 40 -5.40 -12.22 -5.74
N ASN B 41 -6.24 -12.94 -6.48
CA ASN B 41 -5.96 -13.24 -7.88
C ASN B 41 -5.75 -11.96 -8.69
N ALA B 42 -6.67 -11.01 -8.53
CA ALA B 42 -6.59 -9.75 -9.24
C ALA B 42 -5.58 -8.81 -8.58
N PHE B 43 -5.50 -8.87 -7.25
CA PHE B 43 -4.58 -8.03 -6.50
C PHE B 43 -3.13 -8.39 -6.82
N THR B 44 -2.80 -9.67 -6.67
CA THR B 44 -1.45 -10.14 -6.94
C THR B 44 -1.12 -10.06 -8.42
N SER B 45 -2.16 -10.16 -9.25
CA SER B 45 -1.98 -10.10 -10.70
C SER B 45 -1.37 -8.77 -11.12
N GLY B 46 -1.78 -7.70 -10.44
CA GLY B 46 -1.26 -6.38 -10.76
C GLY B 46 0.17 -6.19 -10.29
N LEU B 47 0.49 -6.73 -9.13
CA LEU B 47 1.83 -6.61 -8.57
C LEU B 47 2.85 -7.34 -9.45
N ARG B 48 2.45 -8.49 -9.98
CA ARG B 48 3.32 -9.28 -10.84
C ARG B 48 3.77 -8.48 -12.05
N ALA B 49 2.85 -7.67 -12.60
CA ALA B 49 3.16 -6.84 -13.76
C ALA B 49 4.04 -5.66 -13.37
N THR B 50 3.84 -5.14 -12.18
CA THR B 50 4.62 -4.01 -11.68
C THR B 50 6.04 -4.44 -11.32
N LEU B 51 6.15 -5.60 -10.69
CA LEU B 51 7.46 -6.11 -10.28
C LEU B 51 8.34 -6.39 -11.50
N SER B 52 7.74 -6.95 -12.54
CA SER B 52 8.46 -7.25 -13.77
C SER B 52 8.92 -5.98 -14.47
N ASN B 53 8.02 -4.99 -14.52
CA ASN B 53 8.32 -3.72 -15.17
C ASN B 53 9.44 -2.99 -14.44
N LEU B 54 9.35 -2.97 -13.11
CA LEU B 54 10.35 -2.30 -12.28
C LEU B 54 11.66 -3.09 -12.27
N GLY B 55 11.54 -4.42 -12.32
CA GLY B 55 12.71 -5.26 -12.31
C GLY B 55 13.57 -5.08 -13.55
N ASP B 56 13.05 -4.38 -14.54
CA ASP B 56 13.77 -4.12 -15.78
C ASP B 56 13.68 -2.65 -16.18
N SER B 57 13.29 -1.82 -15.23
CA SER B 57 13.16 -0.38 -15.48
C SER B 57 14.49 0.33 -15.30
N GLY B 58 15.38 -0.28 -14.52
CA GLY B 58 16.68 0.30 -14.29
C GLY B 58 17.12 0.18 -12.84
N MET B 59 16.22 -0.27 -11.99
CA MET B 59 16.51 -0.44 -10.56
C MET B 59 16.98 -1.86 -10.27
N SER B 60 17.02 -2.21 -8.99
CA SER B 60 17.44 -3.53 -8.57
C SER B 60 16.24 -4.44 -8.31
N PRO B 61 16.50 -5.76 -8.31
CA PRO B 61 15.45 -6.76 -8.08
C PRO B 61 14.96 -6.76 -6.63
N ASN B 62 15.63 -6.00 -5.79
CA ASN B 62 15.26 -5.90 -4.38
C ASN B 62 14.42 -4.65 -4.12
N GLU B 63 14.74 -3.58 -4.85
CA GLU B 63 14.02 -2.32 -4.69
C GLU B 63 12.63 -2.40 -5.29
N ALA B 64 12.51 -3.11 -6.41
CA ALA B 64 11.23 -3.28 -7.08
C ALA B 64 10.22 -3.98 -6.18
N LYS B 65 10.72 -4.84 -5.29
CA LYS B 65 9.86 -5.57 -4.37
C LYS B 65 9.20 -4.62 -3.38
N VAL B 66 9.96 -3.63 -2.93
CA VAL B 66 9.45 -2.64 -1.97
C VAL B 66 8.77 -1.48 -2.68
N GLU B 67 9.25 -1.17 -3.88
CA GLU B 67 8.68 -0.08 -4.67
C GLU B 67 7.26 -0.41 -5.11
N VAL B 68 7.05 -1.66 -5.52
CA VAL B 68 5.73 -2.11 -5.96
C VAL B 68 4.68 -1.92 -4.87
N LEU B 69 5.09 -2.16 -3.63
CA LEU B 69 4.19 -2.03 -2.49
C LEU B 69 3.57 -0.62 -2.45
N LEU B 70 4.38 0.38 -2.76
CA LEU B 70 3.92 1.76 -2.76
C LEU B 70 3.03 2.04 -3.98
N GLU B 71 3.38 1.43 -5.11
CA GLU B 71 2.62 1.61 -6.34
C GLU B 71 1.19 1.10 -6.17
N ALA B 72 1.04 0.03 -5.39
CA ALA B 72 -0.27 -0.56 -5.15
C ALA B 72 -1.14 0.36 -4.29
N LEU B 73 -0.50 1.12 -3.42
CA LEU B 73 -1.21 2.04 -2.54
C LEU B 73 -1.74 3.24 -3.32
N THR B 74 -0.93 3.74 -4.26
CA THR B 74 -1.31 4.88 -5.07
C THR B 74 -2.59 4.60 -5.85
N ALA B 75 -2.72 3.36 -6.32
CA ALA B 75 -3.91 2.97 -7.08
C ALA B 75 -5.16 2.99 -6.20
N ALA B 76 -4.99 2.61 -4.94
CA ALA B 76 -6.11 2.59 -4.00
C ALA B 76 -6.41 3.99 -3.48
N LEU B 77 -5.37 4.70 -3.06
CA LEU B 77 -5.52 6.05 -2.54
C LEU B 77 -6.22 6.95 -3.56
N GLN B 78 -5.78 6.88 -4.80
CA GLN B 78 -6.36 7.69 -5.87
C GLN B 78 -7.82 7.33 -6.09
N LEU B 79 -8.14 6.06 -5.88
CA LEU B 79 -9.51 5.58 -6.06
C LEU B 79 -10.41 6.09 -4.95
N LEU B 80 -9.89 6.09 -3.72
CA LEU B 80 -10.65 6.56 -2.57
C LEU B 80 -11.18 7.97 -2.80
N SER B 81 -10.39 8.78 -3.51
CA SER B 81 -10.77 10.16 -3.79
C SER B 81 -12.07 10.22 -4.59
N SER B 82 -12.38 9.13 -5.28
CA SER B 82 -13.59 9.05 -6.08
C SER B 82 -14.56 8.01 -5.51
N SER B 83 -14.22 7.48 -4.33
CA SER B 83 -15.06 6.49 -3.67
C SER B 83 -16.01 7.15 -2.67
N THR B 84 -16.50 6.36 -1.72
CA THR B 84 -17.41 6.87 -0.71
C THR B 84 -16.79 6.79 0.68
N LEU B 85 -16.00 5.75 0.92
CA LEU B 85 -15.34 5.57 2.20
C LEU B 85 -16.25 5.99 3.35
N GLY B 86 -17.43 5.40 3.40
CA GLY B 86 -18.38 5.73 4.45
C GLY B 86 -18.59 4.58 5.42
N ALA B 87 -17.54 3.79 5.63
CA ALA B 87 -17.62 2.66 6.55
C ALA B 87 -16.28 1.92 6.61
N VAL B 88 -15.96 1.40 7.79
CA VAL B 88 -14.71 0.68 7.99
C VAL B 88 -14.98 -0.73 8.51
N ASP B 89 -14.95 -1.70 7.60
CA ASP B 89 -15.18 -3.10 7.95
C ASP B 89 -14.01 -3.66 8.74
N THR B 90 -13.89 -3.25 9.99
CA THR B 90 -12.80 -3.72 10.85
C THR B 90 -12.93 -5.21 11.13
N THR B 91 -14.08 -5.78 10.82
CA THR B 91 -14.33 -7.20 11.03
C THR B 91 -13.72 -8.03 9.91
N SER B 92 -13.42 -7.38 8.80
CA SER B 92 -12.84 -8.06 7.64
C SER B 92 -11.33 -7.83 7.58
N ILE B 93 -10.80 -7.12 8.57
CA ILE B 93 -9.38 -6.83 8.62
C ILE B 93 -8.54 -8.10 8.44
N GLY B 94 -8.93 -9.15 9.17
CA GLY B 94 -8.21 -10.41 9.07
C GLY B 94 -8.12 -10.92 7.65
N LEU B 95 -9.17 -10.68 6.87
CA LEU B 95 -9.21 -11.11 5.47
C LEU B 95 -8.32 -10.24 4.60
N THR B 96 -8.40 -8.93 4.80
CA THR B 96 -7.61 -7.98 4.03
C THR B 96 -6.12 -8.15 4.33
N SER B 97 -5.77 -8.17 5.62
CA SER B 97 -4.38 -8.32 6.02
C SER B 97 -3.83 -9.68 5.57
N ASN B 98 -4.70 -10.68 5.53
CA ASN B 98 -4.30 -12.02 5.12
C ASN B 98 -4.16 -12.11 3.61
N SER B 99 -5.03 -11.39 2.89
CA SER B 99 -5.01 -11.39 1.44
C SER B 99 -3.78 -10.65 0.92
N VAL B 100 -3.52 -9.48 1.47
CA VAL B 100 -2.38 -8.67 1.06
C VAL B 100 -1.07 -9.42 1.28
N SER B 101 -1.00 -10.17 2.36
CA SER B 101 0.20 -10.94 2.69
C SER B 101 0.43 -12.04 1.67
N LYS B 102 -0.64 -12.77 1.33
CA LYS B 102 -0.56 -13.86 0.36
C LYS B 102 -0.33 -13.30 -1.05
N ALA B 103 -0.96 -12.18 -1.35
CA ALA B 103 -0.82 -11.56 -2.66
C ALA B 103 0.61 -11.07 -2.89
N VAL B 104 1.15 -10.37 -1.91
CA VAL B 104 2.51 -9.85 -2.00
C VAL B 104 3.53 -10.98 -2.09
N ALA B 105 3.32 -12.02 -1.28
CA ALA B 105 4.22 -13.17 -1.28
C ALA B 105 3.94 -14.09 -2.45
N GLN B 106 2.83 -13.86 -3.14
CA GLN B 106 2.43 -14.67 -4.28
C GLN B 106 2.98 -14.08 -5.58
N ALA B 107 3.03 -12.75 -5.65
CA ALA B 107 3.53 -12.07 -6.83
C ALA B 107 5.00 -11.68 -6.66
N LEU B 108 5.36 -11.31 -5.44
CA LEU B 108 6.74 -10.91 -5.14
C LEU B 108 7.47 -12.02 -4.38
N ALA B 109 7.05 -12.25 -3.14
CA ALA B 109 7.67 -13.28 -2.32
C ALA B 109 9.14 -12.96 -2.04
N PRO A 1 15.81 -8.14 3.72
CA PRO A 1 14.54 -8.40 4.40
C PRO A 1 13.50 -9.00 3.45
N SER A 2 13.66 -10.29 3.14
CA SER A 2 12.74 -10.97 2.25
C SER A 2 11.30 -10.78 2.70
N PHE A 3 10.36 -10.91 1.77
CA PHE A 3 8.94 -10.75 2.07
C PHE A 3 8.40 -11.99 2.76
N GLY A 4 9.24 -13.03 2.86
CA GLY A 4 8.82 -14.26 3.50
C GLY A 4 8.92 -14.20 5.01
N LEU A 5 10.02 -13.64 5.51
CA LEU A 5 10.24 -13.52 6.94
C LEU A 5 9.34 -12.45 7.54
N VAL A 6 9.15 -11.36 6.81
CA VAL A 6 8.30 -10.27 7.27
C VAL A 6 6.83 -10.66 7.28
N LEU A 7 6.45 -11.49 6.31
CA LEU A 7 5.07 -11.96 6.20
C LEU A 7 4.81 -13.10 7.17
N ASN A 8 5.87 -13.69 7.69
CA ASN A 8 5.75 -14.80 8.64
C ASN A 8 6.12 -14.35 10.04
N SER A 9 6.65 -13.13 10.16
CA SER A 9 7.05 -12.58 11.45
C SER A 9 5.85 -12.47 12.38
N PRO A 10 6.13 -12.37 13.69
CA PRO A 10 5.09 -12.26 14.72
C PRO A 10 4.37 -10.92 14.68
N ASN A 11 4.91 -9.99 13.90
CA ASN A 11 4.32 -8.67 13.76
C ASN A 11 4.08 -8.32 12.29
N GLY A 12 3.97 -9.35 11.46
CA GLY A 12 3.75 -9.14 10.04
C GLY A 12 2.38 -8.54 9.75
N LEU A 13 1.67 -9.15 8.81
CA LEU A 13 0.34 -8.67 8.44
C LEU A 13 -0.75 -9.58 9.01
N ARG A 14 -0.50 -10.89 8.97
CA ARG A 14 -1.45 -11.87 9.48
C ARG A 14 -1.50 -11.83 11.00
N SER A 15 -0.62 -11.04 11.60
CA SER A 15 -0.56 -10.93 13.05
C SER A 15 -1.66 -10.02 13.57
N PRO A 16 -2.05 -10.22 14.84
CA PRO A 16 -3.11 -9.43 15.48
C PRO A 16 -2.67 -7.99 15.74
N GLN A 17 -1.38 -7.79 15.97
CA GLN A 17 -0.84 -6.46 16.22
C GLN A 17 -0.94 -5.59 14.98
N ALA A 18 -0.83 -6.21 13.81
CA ALA A 18 -0.91 -5.49 12.54
C ALA A 18 -2.34 -5.02 12.27
N LYS A 19 -3.30 -5.83 12.65
CA LYS A 19 -4.71 -5.51 12.44
C LYS A 19 -5.09 -4.24 13.19
N ALA A 20 -4.56 -4.10 14.41
CA ALA A 20 -4.83 -2.92 15.23
C ALA A 20 -4.24 -1.66 14.61
N ARG A 21 -3.00 -1.77 14.14
CA ARG A 21 -2.32 -0.65 13.52
C ARG A 21 -3.06 -0.16 12.28
N ILE A 22 -3.54 -1.11 11.48
CA ILE A 22 -4.28 -0.78 10.26
C ILE A 22 -5.57 -0.06 10.59
N ASN A 23 -6.22 -0.45 11.68
CA ASN A 23 -7.47 0.17 12.10
C ASN A 23 -7.32 1.68 12.19
N ASN A 24 -6.24 2.13 12.83
CA ASN A 24 -5.98 3.54 12.99
C ASN A 24 -5.79 4.23 11.64
N LEU A 25 -5.11 3.56 10.72
CA LEU A 25 -4.86 4.09 9.39
C LEU A 25 -6.15 4.11 8.57
N ALA A 26 -7.00 3.12 8.77
CA ALA A 26 -8.27 3.03 8.06
C ALA A 26 -9.09 4.29 8.26
N SER A 27 -8.85 4.98 9.36
CA SER A 27 -9.58 6.20 9.67
C SER A 27 -8.81 7.43 9.21
N ALA A 28 -7.50 7.42 9.44
CA ALA A 28 -6.64 8.53 9.05
C ALA A 28 -6.57 8.66 7.53
N LEU A 29 -6.38 7.53 6.85
CA LEU A 29 -6.29 7.51 5.40
C LEU A 29 -7.63 7.92 4.77
N SER A 30 -8.72 7.43 5.35
CA SER A 30 -10.05 7.74 4.84
C SER A 30 -10.30 9.25 4.86
N THR A 31 -9.86 9.91 5.93
CA THR A 31 -10.03 11.35 6.06
C THR A 31 -8.98 12.11 5.27
N ALA A 32 -7.84 11.47 5.04
CA ALA A 32 -6.75 12.09 4.29
C ALA A 32 -7.07 12.12 2.80
N VAL A 33 -7.59 11.02 2.29
CA VAL A 33 -7.95 10.93 0.87
C VAL A 33 -9.43 11.21 0.65
N GLY A 34 -9.72 12.09 -0.30
CA GLY A 34 -11.10 12.43 -0.59
C GLY A 34 -11.23 13.37 -1.77
N ARG A 35 -11.52 14.64 -1.50
CA ARG A 35 -11.67 15.64 -2.55
C ARG A 35 -10.38 16.43 -2.73
N ASN A 36 -9.44 16.26 -1.80
CA ASN A 36 -8.16 16.96 -1.86
C ASN A 36 -7.06 16.03 -2.37
N GLY A 37 -7.44 14.83 -2.77
CA GLY A 37 -6.47 13.87 -3.27
C GLY A 37 -5.92 12.97 -2.18
N VAL A 38 -5.27 13.58 -1.20
CA VAL A 38 -4.70 12.83 -0.08
C VAL A 38 -3.96 13.76 0.88
N ASP A 39 -4.15 13.53 2.18
CA ASP A 39 -3.51 14.34 3.20
C ASP A 39 -2.25 13.64 3.73
N VAL A 40 -1.09 14.11 3.31
CA VAL A 40 0.18 13.54 3.73
C VAL A 40 0.31 13.57 5.25
N ASN A 41 -0.20 14.63 5.86
CA ASN A 41 -0.15 14.79 7.31
C ASN A 41 -0.82 13.61 8.01
N ALA A 42 -2.03 13.27 7.54
CA ALA A 42 -2.78 12.16 8.13
C ALA A 42 -2.23 10.82 7.66
N PHE A 43 -1.81 10.77 6.40
CA PHE A 43 -1.27 9.54 5.84
C PHE A 43 0.03 9.15 6.52
N THR A 44 0.99 10.07 6.54
CA THR A 44 2.28 9.84 7.16
C THR A 44 2.14 9.66 8.66
N SER A 45 1.12 10.28 9.23
CA SER A 45 0.87 10.19 10.67
C SER A 45 0.65 8.75 11.10
N GLY A 46 0.01 7.97 10.24
CA GLY A 46 -0.25 6.58 10.54
C GLY A 46 1.00 5.72 10.45
N LEU A 47 1.80 5.96 9.42
CA LEU A 47 3.03 5.20 9.23
C LEU A 47 3.99 5.41 10.39
N ARG A 48 4.04 6.63 10.90
CA ARG A 48 4.92 6.96 12.01
C ARG A 48 4.60 6.11 13.23
N ALA A 49 3.31 5.89 13.47
CA ALA A 49 2.86 5.08 14.60
C ALA A 49 3.12 3.60 14.36
N THR A 50 2.92 3.17 13.12
CA THR A 50 3.12 1.78 12.75
C THR A 50 4.60 1.41 12.78
N LEU A 51 5.43 2.28 12.21
CA LEU A 51 6.88 2.04 12.18
C LEU A 51 7.44 1.91 13.59
N SER A 52 7.00 2.79 14.47
CA SER A 52 7.47 2.77 15.85
C SER A 52 6.98 1.52 16.58
N ASN A 53 5.72 1.17 16.35
CA ASN A 53 5.12 0.01 16.99
C ASN A 53 5.80 -1.27 16.50
N LEU A 54 6.14 -1.32 15.22
CA LEU A 54 6.81 -2.48 14.64
C LEU A 54 8.29 -2.49 14.99
N GLY A 55 8.85 -1.30 15.18
CA GLY A 55 10.27 -1.20 15.52
C GLY A 55 10.58 -1.79 16.88
N ASP A 56 9.53 -2.09 17.64
CA ASP A 56 9.70 -2.67 18.97
C ASP A 56 8.73 -3.83 19.19
N SER A 57 8.21 -4.36 18.10
CA SER A 57 7.27 -5.48 18.17
C SER A 57 8.01 -6.81 18.21
N GLY A 58 9.26 -6.80 17.75
CA GLY A 58 10.06 -8.01 17.75
C GLY A 58 10.83 -8.19 16.47
N MET A 59 10.62 -7.29 15.51
CA MET A 59 11.30 -7.36 14.23
C MET A 59 12.46 -6.38 14.18
N SER A 60 13.01 -6.16 12.99
CA SER A 60 14.13 -5.25 12.81
C SER A 60 13.64 -3.88 12.34
N PRO A 61 14.51 -2.87 12.50
CA PRO A 61 14.20 -1.49 12.09
C PRO A 61 14.14 -1.33 10.57
N ASN A 62 14.55 -2.38 9.86
CA ASN A 62 14.54 -2.36 8.40
C ASN A 62 13.30 -3.05 7.85
N GLU A 63 12.82 -4.07 8.56
CA GLU A 63 11.64 -4.81 8.14
C GLU A 63 10.37 -3.98 8.38
N ALA A 64 10.35 -3.23 9.47
CA ALA A 64 9.21 -2.40 9.80
C ALA A 64 8.96 -1.35 8.73
N LYS A 65 10.03 -0.91 8.08
CA LYS A 65 9.93 0.09 7.03
C LYS A 65 9.18 -0.46 5.81
N VAL A 66 9.38 -1.73 5.52
CA VAL A 66 8.72 -2.38 4.39
C VAL A 66 7.39 -2.99 4.82
N GLU A 67 7.31 -3.43 6.07
CA GLU A 67 6.10 -4.04 6.60
C GLU A 67 4.98 -3.01 6.70
N VAL A 68 5.34 -1.79 7.09
CA VAL A 68 4.36 -0.71 7.23
C VAL A 68 3.65 -0.45 5.91
N LEU A 69 4.38 -0.55 4.81
CA LEU A 69 3.80 -0.33 3.48
C LEU A 69 2.60 -1.23 3.25
N LEU A 70 2.70 -2.48 3.70
CA LEU A 70 1.61 -3.44 3.54
C LEU A 70 0.44 -3.08 4.45
N GLU A 71 0.74 -2.66 5.67
CA GLU A 71 -0.29 -2.28 6.64
C GLU A 71 -1.10 -1.10 6.12
N ALA A 72 -0.43 -0.21 5.39
CA ALA A 72 -1.09 0.98 4.84
C ALA A 72 -2.10 0.59 3.77
N LEU A 73 -1.78 -0.45 3.01
CA LEU A 73 -2.67 -0.92 1.95
C LEU A 73 -3.89 -1.61 2.52
N THR A 74 -3.69 -2.36 3.60
CA THR A 74 -4.78 -3.08 4.24
C THR A 74 -5.87 -2.12 4.71
N ALA A 75 -5.47 -0.94 5.18
CA ALA A 75 -6.41 0.07 5.64
C ALA A 75 -7.27 0.59 4.50
N ALA A 76 -6.66 0.71 3.32
CA ALA A 76 -7.37 1.20 2.14
C ALA A 76 -8.20 0.09 1.50
N LEU A 77 -7.59 -1.08 1.34
CA LEU A 77 -8.27 -2.22 0.74
C LEU A 77 -9.56 -2.54 1.49
N GLN A 78 -9.48 -2.56 2.81
CA GLN A 78 -10.64 -2.85 3.64
C GLN A 78 -11.70 -1.77 3.50
N LEU A 79 -11.25 -0.54 3.30
CA LEU A 79 -12.17 0.59 3.15
C LEU A 79 -12.87 0.55 1.80
N LEU A 80 -12.15 0.09 0.78
CA LEU A 80 -12.71 -0.01 -0.57
C LEU A 80 -13.96 -0.88 -0.58
N SER A 81 -13.94 -1.94 0.23
CA SER A 81 -15.07 -2.85 0.32
C SER A 81 -16.32 -2.12 0.80
N SER A 82 -16.13 -1.03 1.52
CA SER A 82 -17.23 -0.25 2.04
C SER A 82 -17.36 1.08 1.31
N SER A 83 -16.55 1.25 0.26
CA SER A 83 -16.57 2.47 -0.53
C SER A 83 -17.47 2.32 -1.75
N THR A 84 -17.27 3.19 -2.73
CA THR A 84 -18.07 3.15 -3.95
C THR A 84 -17.21 2.79 -5.17
N LEU A 85 -15.93 3.17 -5.11
CA LEU A 85 -15.01 2.88 -6.20
C LEU A 85 -15.70 3.05 -7.56
N GLY A 86 -16.33 4.19 -7.77
CA GLY A 86 -17.02 4.44 -9.02
C GLY A 86 -16.23 5.36 -9.93
N ALA A 87 -14.91 5.16 -9.97
CA ALA A 87 -14.05 5.97 -10.82
C ALA A 87 -12.59 5.55 -10.67
N VAL A 88 -11.68 6.38 -11.18
CA VAL A 88 -10.26 6.09 -11.12
C VAL A 88 -9.43 7.36 -11.02
N ASP A 89 -9.84 8.38 -11.77
CA ASP A 89 -9.14 9.66 -11.78
C ASP A 89 -7.65 9.46 -12.01
N THR A 90 -7.29 9.04 -13.22
CA THR A 90 -5.90 8.81 -13.58
C THR A 90 -5.14 10.13 -13.71
N THR A 91 -5.88 11.23 -13.68
CA THR A 91 -5.28 12.56 -13.81
C THR A 91 -4.68 13.02 -12.48
N SER A 92 -5.09 12.38 -11.40
CA SER A 92 -4.61 12.72 -10.07
C SER A 92 -3.49 11.77 -9.65
N ILE A 93 -3.16 10.83 -10.52
CA ILE A 93 -2.11 9.86 -10.24
C ILE A 93 -0.83 10.55 -9.76
N GLY A 94 -0.44 11.60 -10.47
CA GLY A 94 0.75 12.33 -10.11
C GLY A 94 0.70 12.87 -8.70
N LEU A 95 -0.49 13.28 -8.26
CA LEU A 95 -0.67 13.82 -6.92
C LEU A 95 -0.62 12.70 -5.88
N THR A 96 -1.30 11.60 -6.17
CA THR A 96 -1.33 10.46 -5.25
C THR A 96 0.04 9.84 -5.11
N SER A 97 0.67 9.54 -6.24
CA SER A 97 2.00 8.93 -6.25
C SER A 97 3.02 9.85 -5.58
N ASN A 98 2.81 11.15 -5.73
CA ASN A 98 3.72 12.14 -5.15
C ASN A 98 3.51 12.26 -3.64
N SER A 99 2.25 12.09 -3.21
CA SER A 99 1.92 12.18 -1.80
C SER A 99 2.48 10.99 -1.03
N VAL A 100 2.25 9.79 -1.56
CA VAL A 100 2.73 8.57 -0.94
C VAL A 100 4.25 8.59 -0.77
N SER A 101 4.93 9.11 -1.79
CA SER A 101 6.39 9.19 -1.76
C SER A 101 6.87 10.09 -0.62
N LYS A 102 6.23 11.26 -0.50
CA LYS A 102 6.58 12.21 0.54
C LYS A 102 6.17 11.71 1.92
N ALA A 103 5.00 11.07 1.98
CA ALA A 103 4.49 10.53 3.23
C ALA A 103 5.34 9.37 3.73
N VAL A 104 5.65 8.44 2.82
CA VAL A 104 6.47 7.29 3.17
C VAL A 104 7.85 7.71 3.64
N ALA A 105 8.46 8.66 2.94
CA ALA A 105 9.77 9.15 3.30
C ALA A 105 9.70 10.10 4.50
N GLN A 106 8.52 10.63 4.75
CA GLN A 106 8.31 11.54 5.87
C GLN A 106 8.24 10.79 7.19
N ALA A 107 7.68 9.58 7.16
CA ALA A 107 7.56 8.75 8.35
C ALA A 107 8.67 7.71 8.41
N LEU A 108 8.94 7.08 7.28
CA LEU A 108 9.98 6.06 7.20
C LEU A 108 11.35 6.69 6.99
N ALA A 109 11.56 7.23 5.79
CA ALA A 109 12.82 7.87 5.45
C ALA A 109 13.09 9.07 6.37
N PRO B 1 17.05 -1.73 1.15
CA PRO B 1 16.68 -0.81 0.07
C PRO B 1 16.26 0.56 0.58
N SER B 2 17.22 1.47 0.68
CA SER B 2 16.95 2.82 1.17
C SER B 2 15.78 3.43 0.41
N PHE B 3 14.81 3.94 1.16
CA PHE B 3 13.63 4.56 0.57
C PHE B 3 14.00 5.84 -0.17
N GLY B 4 15.21 6.33 0.09
CA GLY B 4 15.67 7.55 -0.55
C GLY B 4 16.02 7.34 -2.01
N LEU B 5 16.73 6.27 -2.29
CA LEU B 5 17.13 5.95 -3.67
C LEU B 5 15.94 5.46 -4.49
N VAL B 6 15.05 4.72 -3.84
CA VAL B 6 13.87 4.18 -4.50
C VAL B 6 12.86 5.30 -4.80
N LEU B 7 12.80 6.28 -3.92
CA LEU B 7 11.88 7.40 -4.09
C LEU B 7 12.45 8.42 -5.06
N ASN B 8 13.75 8.34 -5.32
CA ASN B 8 14.41 9.25 -6.24
C ASN B 8 14.81 8.54 -7.53
N SER B 9 14.65 7.21 -7.55
CA SER B 9 14.99 6.42 -8.72
C SER B 9 14.19 6.86 -9.94
N PRO B 10 14.69 6.50 -11.13
CA PRO B 10 14.03 6.85 -12.39
C PRO B 10 12.72 6.09 -12.59
N ASN B 11 12.50 5.08 -11.77
CA ASN B 11 11.29 4.28 -11.85
C ASN B 11 10.59 4.18 -10.50
N GLY B 12 10.85 5.16 -9.64
CA GLY B 12 10.24 5.18 -8.33
C GLY B 12 8.73 5.37 -8.37
N LEU B 13 8.25 6.40 -7.69
CA LEU B 13 6.83 6.69 -7.66
C LEU B 13 6.51 7.98 -8.42
N ARG B 14 7.36 8.98 -8.25
CA ARG B 14 7.19 10.26 -8.92
C ARG B 14 7.48 10.14 -10.41
N SER B 15 7.96 8.97 -10.83
CA SER B 15 8.28 8.74 -12.22
C SER B 15 7.02 8.46 -13.03
N PRO B 16 7.09 8.71 -14.35
CA PRO B 16 5.97 8.50 -15.26
C PRO B 16 5.66 7.03 -15.47
N GLN B 17 6.70 6.19 -15.39
CA GLN B 17 6.54 4.75 -15.58
C GLN B 17 5.75 4.14 -14.42
N ALA B 18 5.87 4.73 -13.24
CA ALA B 18 5.16 4.25 -12.07
C ALA B 18 3.67 4.59 -12.14
N LYS B 19 3.37 5.76 -12.70
CA LYS B 19 1.98 6.20 -12.84
C LYS B 19 1.20 5.27 -13.76
N ALA B 20 1.84 4.82 -14.82
CA ALA B 20 1.22 3.92 -15.78
C ALA B 20 0.89 2.57 -15.13
N ARG B 21 1.83 2.05 -14.35
CA ARG B 21 1.65 0.77 -13.69
C ARG B 21 0.49 0.84 -12.69
N ILE B 22 0.41 1.95 -11.96
CA ILE B 22 -0.65 2.14 -10.98
C ILE B 22 -2.02 2.19 -11.64
N ASN B 23 -2.07 2.78 -12.83
CA ASN B 23 -3.31 2.90 -13.57
C ASN B 23 -3.97 1.53 -13.74
N ASN B 24 -3.18 0.54 -14.12
CA ASN B 24 -3.68 -0.81 -14.32
C ASN B 24 -4.19 -1.40 -13.02
N LEU B 25 -3.48 -1.12 -11.93
CA LEU B 25 -3.86 -1.62 -10.61
C LEU B 25 -5.12 -0.92 -10.11
N ALA B 26 -5.24 0.37 -10.44
CA ALA B 26 -6.41 1.15 -10.02
C ALA B 26 -7.71 0.50 -10.49
N SER B 27 -7.61 -0.28 -11.56
CA SER B 27 -8.78 -0.95 -12.11
C SER B 27 -8.90 -2.38 -11.58
N ALA B 28 -7.75 -3.04 -11.46
CA ALA B 28 -7.71 -4.42 -10.97
C ALA B 28 -8.07 -4.47 -9.48
N LEU B 29 -7.43 -3.61 -8.69
CA LEU B 29 -7.68 -3.56 -7.25
C LEU B 29 -9.13 -3.22 -6.97
N SER B 30 -9.67 -2.25 -7.71
CA SER B 30 -11.05 -1.82 -7.53
C SER B 30 -12.01 -2.98 -7.75
N THR B 31 -11.69 -3.82 -8.73
CA THR B 31 -12.53 -4.97 -9.04
C THR B 31 -12.23 -6.14 -8.12
N ALA B 32 -11.01 -6.18 -7.60
CA ALA B 32 -10.59 -7.24 -6.69
C ALA B 32 -11.26 -7.08 -5.32
N VAL B 33 -11.25 -5.86 -4.81
CA VAL B 33 -11.85 -5.58 -3.52
C VAL B 33 -13.17 -4.84 -3.67
N GLY B 34 -14.16 -5.22 -2.86
CA GLY B 34 -15.46 -4.59 -2.91
C GLY B 34 -16.47 -5.25 -2.00
N ARG B 35 -17.48 -5.88 -2.60
CA ARG B 35 -18.51 -6.56 -1.83
C ARG B 35 -18.23 -8.05 -1.73
N ASN B 36 -17.29 -8.52 -2.53
CA ASN B 36 -16.92 -9.93 -2.53
C ASN B 36 -15.58 -10.15 -1.84
N GLY B 37 -15.04 -9.09 -1.26
CA GLY B 37 -13.76 -9.18 -0.56
C GLY B 37 -12.59 -9.10 -1.51
N VAL B 38 -11.49 -8.52 -1.04
CA VAL B 38 -10.29 -8.38 -1.86
C VAL B 38 -9.93 -9.70 -2.55
N ASP B 39 -9.76 -9.63 -3.86
CA ASP B 39 -9.41 -10.82 -4.64
C ASP B 39 -7.90 -10.92 -4.84
N VAL B 40 -7.28 -11.84 -4.11
CA VAL B 40 -5.83 -12.04 -4.20
C VAL B 40 -5.40 -12.25 -5.64
N ASN B 41 -6.28 -12.86 -6.44
CA ASN B 41 -5.99 -13.13 -7.84
C ASN B 41 -5.82 -11.82 -8.62
N ALA B 42 -6.75 -10.89 -8.43
CA ALA B 42 -6.70 -9.61 -9.11
C ALA B 42 -5.69 -8.67 -8.45
N PHE B 43 -5.47 -8.87 -7.14
CA PHE B 43 -4.53 -8.04 -6.40
C PHE B 43 -3.09 -8.44 -6.71
N THR B 44 -2.79 -9.73 -6.55
CA THR B 44 -1.46 -10.25 -6.81
C THR B 44 -1.10 -10.13 -8.28
N SER B 45 -2.12 -10.20 -9.14
CA SER B 45 -1.91 -10.11 -10.58
C SER B 45 -1.28 -8.78 -10.95
N GLY B 46 -1.65 -7.73 -10.22
CA GLY B 46 -1.12 -6.41 -10.50
C GLY B 46 0.32 -6.27 -10.04
N LEU B 47 0.64 -6.83 -8.88
CA LEU B 47 1.99 -6.77 -8.34
C LEU B 47 2.98 -7.50 -9.23
N ARG B 48 2.54 -8.62 -9.80
CA ARG B 48 3.39 -9.42 -10.68
C ARG B 48 3.83 -8.60 -11.89
N ALA B 49 2.92 -7.79 -12.41
CA ALA B 49 3.22 -6.95 -13.58
C ALA B 49 4.10 -5.77 -13.18
N THR B 50 3.86 -5.23 -12.00
CA THR B 50 4.65 -4.09 -11.51
C THR B 50 6.07 -4.52 -11.16
N LEU B 51 6.19 -5.62 -10.42
CA LEU B 51 7.49 -6.13 -10.01
C LEU B 51 8.36 -6.43 -11.22
N SER B 52 7.76 -7.05 -12.24
CA SER B 52 8.49 -7.39 -13.46
C SER B 52 8.93 -6.14 -14.19
N ASN B 53 8.04 -5.15 -14.29
CA ASN B 53 8.34 -3.90 -14.97
C ASN B 53 9.44 -3.14 -14.24
N LEU B 54 9.34 -3.09 -12.92
CA LEU B 54 10.33 -2.38 -12.11
C LEU B 54 11.65 -3.15 -12.07
N GLY B 55 11.56 -4.47 -12.16
CA GLY B 55 12.75 -5.31 -12.14
C GLY B 55 13.60 -5.13 -13.38
N ASP B 56 13.07 -4.42 -14.36
CA ASP B 56 13.79 -4.18 -15.61
C ASP B 56 13.66 -2.72 -16.03
N SER B 57 13.23 -1.87 -15.09
CA SER B 57 13.06 -0.45 -15.39
C SER B 57 14.38 0.30 -15.21
N GLY B 58 15.29 -0.28 -14.43
CA GLY B 58 16.57 0.35 -14.20
C GLY B 58 17.02 0.26 -12.75
N MET B 59 16.13 -0.25 -11.90
CA MET B 59 16.44 -0.40 -10.48
C MET B 59 16.92 -1.82 -10.18
N SER B 60 16.96 -2.16 -8.89
CA SER B 60 17.41 -3.48 -8.46
C SER B 60 16.21 -4.39 -8.18
N PRO B 61 16.45 -5.70 -8.15
CA PRO B 61 15.41 -6.70 -7.89
C PRO B 61 14.92 -6.66 -6.45
N ASN B 62 15.60 -5.89 -5.62
CA ASN B 62 15.23 -5.76 -4.21
C ASN B 62 14.42 -4.50 -3.98
N GLU B 63 14.71 -3.46 -4.74
CA GLU B 63 13.99 -2.19 -4.61
C GLU B 63 12.58 -2.30 -5.19
N ALA B 64 12.45 -3.06 -6.27
CA ALA B 64 11.17 -3.25 -6.92
C ALA B 64 10.17 -3.92 -5.98
N LYS B 65 10.68 -4.76 -5.10
CA LYS B 65 9.84 -5.48 -4.14
C LYS B 65 9.20 -4.51 -3.15
N VAL B 66 9.95 -3.47 -2.77
CA VAL B 66 9.45 -2.47 -1.83
C VAL B 66 8.75 -1.33 -2.56
N GLU B 67 9.22 -1.05 -3.78
CA GLU B 67 8.63 0.03 -4.58
C GLU B 67 7.21 -0.32 -5.01
N VAL B 68 7.00 -1.59 -5.34
CA VAL B 68 5.68 -2.05 -5.76
C VAL B 68 4.63 -1.80 -4.68
N LEU B 69 5.03 -1.96 -3.42
CA LEU B 69 4.12 -1.74 -2.30
C LEU B 69 3.52 -0.35 -2.35
N LEU B 70 4.34 0.63 -2.69
CA LEU B 70 3.89 2.02 -2.78
C LEU B 70 2.99 2.22 -3.99
N GLU B 71 3.36 1.62 -5.11
CA GLU B 71 2.58 1.73 -6.34
C GLU B 71 1.18 1.14 -6.15
N ALA B 72 1.10 0.09 -5.34
CA ALA B 72 -0.18 -0.56 -5.07
C ALA B 72 -1.10 0.34 -4.25
N LEU B 73 -0.52 1.14 -3.37
CA LEU B 73 -1.29 2.05 -2.53
C LEU B 73 -1.81 3.23 -3.34
N THR B 74 -1.00 3.70 -4.27
CA THR B 74 -1.39 4.82 -5.12
C THR B 74 -2.66 4.51 -5.91
N ALA B 75 -2.79 3.26 -6.34
CA ALA B 75 -3.96 2.83 -7.10
C ALA B 75 -5.22 2.89 -6.24
N ALA B 76 -5.08 2.56 -4.96
CA ALA B 76 -6.20 2.57 -4.03
C ALA B 76 -6.48 3.98 -3.54
N LEU B 77 -5.43 4.69 -3.13
CA LEU B 77 -5.57 6.05 -2.62
C LEU B 77 -6.25 6.93 -3.67
N GLN B 78 -5.80 6.85 -4.90
CA GLN B 78 -6.36 7.65 -5.99
C GLN B 78 -7.83 7.30 -6.20
N LEU B 79 -8.18 6.03 -5.98
CA LEU B 79 -9.55 5.57 -6.16
C LEU B 79 -10.44 6.10 -5.05
N LEU B 80 -9.92 6.11 -3.82
CA LEU B 80 -10.68 6.59 -2.66
C LEU B 80 -11.20 8.01 -2.91
N SER B 81 -10.40 8.80 -3.62
CA SER B 81 -10.78 10.18 -3.92
C SER B 81 -12.07 10.23 -4.74
N SER B 82 -12.37 9.12 -5.41
CA SER B 82 -13.58 9.04 -6.24
C SER B 82 -14.55 8.02 -5.66
N SER B 83 -14.23 7.51 -4.48
CA SER B 83 -15.09 6.52 -3.83
C SER B 83 -16.04 7.19 -2.85
N THR B 84 -16.54 6.41 -1.89
CA THR B 84 -17.47 6.93 -0.89
C THR B 84 -16.87 6.87 0.51
N LEU B 85 -16.01 5.87 0.73
CA LEU B 85 -15.36 5.70 2.03
C LEU B 85 -16.33 6.02 3.16
N GLY B 86 -17.48 5.35 3.15
CA GLY B 86 -18.47 5.57 4.19
C GLY B 86 -18.50 4.45 5.22
N ALA B 87 -17.31 3.95 5.57
CA ALA B 87 -17.21 2.87 6.54
C ALA B 87 -15.75 2.48 6.77
N VAL B 88 -15.55 1.35 7.44
CA VAL B 88 -14.19 0.87 7.72
C VAL B 88 -14.15 -0.66 7.74
N ASP B 89 -15.19 -1.26 8.33
CA ASP B 89 -15.27 -2.71 8.43
C ASP B 89 -14.01 -3.28 9.07
N THR B 90 -13.82 -3.00 10.35
CA THR B 90 -12.65 -3.49 11.07
C THR B 90 -12.73 -4.99 11.31
N THR B 91 -13.90 -5.56 11.01
CA THR B 91 -14.11 -7.00 11.20
C THR B 91 -13.53 -7.78 10.03
N SER B 92 -13.28 -7.10 8.92
CA SER B 92 -12.72 -7.74 7.74
C SER B 92 -11.20 -7.55 7.68
N ILE B 93 -10.66 -6.83 8.67
CA ILE B 93 -9.23 -6.59 8.74
C ILE B 93 -8.43 -7.87 8.58
N GLY B 94 -8.82 -8.89 9.32
CA GLY B 94 -8.14 -10.18 9.25
C GLY B 94 -8.08 -10.72 7.84
N LEU B 95 -9.14 -10.51 7.08
CA LEU B 95 -9.21 -10.99 5.70
C LEU B 95 -8.35 -10.12 4.79
N THR B 96 -8.44 -8.82 4.97
CA THR B 96 -7.66 -7.88 4.16
C THR B 96 -6.16 -8.05 4.39
N SER B 97 -5.76 -8.05 5.66
CA SER B 97 -4.36 -8.20 6.02
C SER B 97 -3.83 -9.56 5.58
N ASN B 98 -4.70 -10.56 5.59
CA ASN B 98 -4.33 -11.92 5.19
C ASN B 98 -4.20 -12.01 3.67
N SER B 99 -5.05 -11.27 2.96
CA SER B 99 -5.02 -11.27 1.50
C SER B 99 -3.75 -10.62 0.97
N VAL B 100 -3.42 -9.45 1.51
CA VAL B 100 -2.23 -8.72 1.08
C VAL B 100 -0.98 -9.55 1.33
N SER B 101 -0.95 -10.26 2.45
CA SER B 101 0.20 -11.08 2.81
C SER B 101 0.40 -12.20 1.78
N LYS B 102 -0.68 -12.88 1.44
CA LYS B 102 -0.62 -13.98 0.47
C LYS B 102 -0.39 -13.44 -0.94
N ALA B 103 -1.04 -12.32 -1.25
CA ALA B 103 -0.90 -11.69 -2.57
C ALA B 103 0.52 -11.18 -2.79
N VAL B 104 1.05 -10.48 -1.80
CA VAL B 104 2.40 -9.93 -1.88
C VAL B 104 3.44 -11.04 -2.02
N ALA B 105 3.26 -12.11 -1.24
CA ALA B 105 4.17 -13.23 -1.27
C ALA B 105 3.88 -14.14 -2.45
N GLN B 106 2.74 -13.92 -3.10
CA GLN B 106 2.35 -14.72 -4.27
C GLN B 106 2.90 -14.11 -5.55
N ALA B 107 2.99 -12.78 -5.59
CA ALA B 107 3.50 -12.08 -6.76
C ALA B 107 4.96 -11.69 -6.57
N LEU B 108 5.31 -11.31 -5.35
CA LEU B 108 6.69 -10.91 -5.05
C LEU B 108 7.48 -12.09 -4.47
N ALA B 109 7.14 -12.50 -3.26
CA ALA B 109 7.82 -13.61 -2.61
C ALA B 109 7.40 -14.94 -3.21
N PRO A 1 15.35 -7.38 3.22
CA PRO A 1 14.25 -7.88 4.04
C PRO A 1 13.27 -8.74 3.25
N SER A 2 13.56 -10.04 3.19
CA SER A 2 12.71 -10.98 2.46
C SER A 2 11.25 -10.82 2.88
N PHE A 3 10.34 -10.95 1.92
CA PHE A 3 8.92 -10.83 2.19
C PHE A 3 8.39 -12.09 2.86
N GLY A 4 9.24 -13.11 2.97
CA GLY A 4 8.83 -14.35 3.59
C GLY A 4 8.90 -14.30 5.10
N LEU A 5 9.99 -13.74 5.62
CA LEU A 5 10.18 -13.63 7.07
C LEU A 5 9.25 -12.56 7.65
N VAL A 6 9.07 -11.47 6.91
CA VAL A 6 8.21 -10.38 7.36
C VAL A 6 6.75 -10.80 7.35
N LEU A 7 6.38 -11.63 6.38
CA LEU A 7 5.00 -12.10 6.26
C LEU A 7 4.74 -13.25 7.24
N ASN A 8 5.81 -13.83 7.78
CA ASN A 8 5.69 -14.93 8.73
C ASN A 8 6.08 -14.48 10.13
N SER A 9 6.57 -13.25 10.24
CA SER A 9 6.98 -12.70 11.52
C SER A 9 5.78 -12.56 12.46
N PRO A 10 6.08 -12.46 13.77
CA PRO A 10 5.04 -12.32 14.80
C PRO A 10 4.34 -10.96 14.74
N ASN A 11 4.89 -10.05 13.94
CA ASN A 11 4.31 -8.73 13.80
C ASN A 11 4.07 -8.39 12.33
N GLY A 12 3.95 -9.43 11.51
CA GLY A 12 3.71 -9.23 10.09
C GLY A 12 2.34 -8.62 9.82
N LEU A 13 1.60 -9.25 8.91
CA LEU A 13 0.27 -8.77 8.54
C LEU A 13 -0.81 -9.67 9.13
N ARG A 14 -0.57 -10.97 9.10
CA ARG A 14 -1.51 -11.94 9.64
C ARG A 14 -1.56 -11.88 11.16
N SER A 15 -0.67 -11.09 11.74
CA SER A 15 -0.60 -10.94 13.19
C SER A 15 -1.70 -10.01 13.70
N PRO A 16 -2.08 -10.19 14.97
CA PRO A 16 -3.12 -9.38 15.61
C PRO A 16 -2.68 -7.95 15.84
N GLN A 17 -1.37 -7.76 16.06
CA GLN A 17 -0.82 -6.43 16.29
C GLN A 17 -0.90 -5.57 15.03
N ALA A 18 -0.82 -6.21 13.87
CA ALA A 18 -0.90 -5.51 12.60
C ALA A 18 -2.32 -5.03 12.31
N LYS A 19 -3.29 -5.84 12.71
CA LYS A 19 -4.70 -5.49 12.50
C LYS A 19 -5.07 -4.23 13.25
N ALA A 20 -4.53 -4.09 14.46
CA ALA A 20 -4.81 -2.91 15.29
C ALA A 20 -4.20 -1.66 14.67
N ARG A 21 -2.97 -1.77 14.19
CA ARG A 21 -2.28 -0.64 13.57
C ARG A 21 -3.03 -0.16 12.33
N ILE A 22 -3.51 -1.11 11.54
CA ILE A 22 -4.25 -0.78 10.32
C ILE A 22 -5.55 -0.06 10.64
N ASN A 23 -6.19 -0.46 11.73
CA ASN A 23 -7.45 0.16 12.15
C ASN A 23 -7.30 1.68 12.25
N ASN A 24 -6.22 2.13 12.87
CA ASN A 24 -5.96 3.55 13.04
C ASN A 24 -5.77 4.23 11.67
N LEU A 25 -5.09 3.54 10.77
CA LEU A 25 -4.85 4.08 9.43
C LEU A 25 -6.13 4.10 8.62
N ALA A 26 -6.98 3.10 8.82
CA ALA A 26 -8.24 3.00 8.10
C ALA A 26 -9.08 4.27 8.29
N SER A 27 -8.84 4.96 9.40
CA SER A 27 -9.57 6.19 9.70
C SER A 27 -8.79 7.42 9.22
N ALA A 28 -7.48 7.40 9.43
CA ALA A 28 -6.64 8.52 9.02
C ALA A 28 -6.57 8.63 7.51
N LEU A 29 -6.39 7.49 6.83
CA LEU A 29 -6.31 7.46 5.38
C LEU A 29 -7.65 7.85 4.76
N SER A 30 -8.74 7.38 5.35
CA SER A 30 -10.07 7.67 4.85
C SER A 30 -10.32 9.19 4.83
N THR A 31 -9.88 9.87 5.87
CA THR A 31 -10.05 11.30 5.97
C THR A 31 -9.00 12.05 5.16
N ALA A 32 -7.85 11.40 4.96
CA ALA A 32 -6.76 12.00 4.19
C ALA A 32 -7.11 12.06 2.71
N VAL A 33 -7.69 10.98 2.19
CA VAL A 33 -8.08 10.91 0.79
C VAL A 33 -9.53 11.33 0.60
N GLY A 34 -9.77 12.19 -0.38
CA GLY A 34 -11.12 12.65 -0.66
C GLY A 34 -11.19 13.52 -1.90
N ARG A 35 -11.35 14.83 -1.69
CA ARG A 35 -11.45 15.78 -2.79
C ARG A 35 -10.10 16.44 -3.05
N ASN A 36 -9.16 16.24 -2.13
CA ASN A 36 -7.83 16.83 -2.25
C ASN A 36 -6.82 15.78 -2.69
N GLY A 37 -7.31 14.59 -3.05
CA GLY A 37 -6.43 13.53 -3.49
C GLY A 37 -5.94 12.68 -2.34
N VAL A 38 -5.30 13.33 -1.37
CA VAL A 38 -4.76 12.62 -0.20
C VAL A 38 -3.99 13.58 0.70
N ASP A 39 -4.16 13.41 2.01
CA ASP A 39 -3.46 14.24 2.98
C ASP A 39 -2.21 13.55 3.52
N VAL A 40 -1.06 14.06 3.12
CA VAL A 40 0.21 13.49 3.56
C VAL A 40 0.35 13.55 5.08
N ASN A 41 -0.15 14.62 5.68
CA ASN A 41 -0.10 14.80 7.12
C ASN A 41 -0.75 13.62 7.84
N ALA A 42 -1.95 13.26 7.40
CA ALA A 42 -2.69 12.15 8.00
C ALA A 42 -2.13 10.81 7.54
N PHE A 43 -1.73 10.75 6.27
CA PHE A 43 -1.17 9.52 5.71
C PHE A 43 0.13 9.14 6.41
N THR A 44 1.08 10.07 6.42
CA THR A 44 2.37 9.85 7.05
C THR A 44 2.23 9.68 8.56
N SER A 45 1.20 10.30 9.12
CA SER A 45 0.95 10.23 10.56
C SER A 45 0.73 8.79 10.99
N GLY A 46 0.09 8.01 10.13
CA GLY A 46 -0.18 6.61 10.44
C GLY A 46 1.06 5.75 10.36
N LEU A 47 1.87 5.97 9.33
CA LEU A 47 3.09 5.21 9.13
C LEU A 47 4.06 5.42 10.29
N ARG A 48 4.10 6.64 10.81
CA ARG A 48 4.98 6.97 11.93
C ARG A 48 4.64 6.12 13.15
N ALA A 49 3.36 5.89 13.37
CA ALA A 49 2.91 5.08 14.51
C ALA A 49 3.16 3.60 14.27
N THR A 50 2.95 3.16 13.03
CA THR A 50 3.17 1.76 12.68
C THR A 50 4.64 1.41 12.70
N LEU A 51 5.46 2.26 12.11
CA LEU A 51 6.91 2.05 12.07
C LEU A 51 7.48 1.92 13.47
N SER A 52 7.05 2.81 14.37
CA SER A 52 7.52 2.81 15.75
C SER A 52 7.05 1.55 16.47
N ASN A 53 5.80 1.18 16.25
CA ASN A 53 5.24 -0.01 16.88
C ASN A 53 5.94 -1.28 16.40
N LEU A 54 6.16 -1.36 15.08
CA LEU A 54 6.82 -2.52 14.49
C LEU A 54 8.31 -2.53 14.83
N GLY A 55 8.89 -1.34 14.97
CA GLY A 55 10.30 -1.23 15.30
C GLY A 55 10.62 -1.81 16.66
N ASP A 56 9.59 -2.08 17.45
CA ASP A 56 9.76 -2.63 18.79
C ASP A 56 8.78 -3.78 19.04
N SER A 57 8.22 -4.31 17.95
CA SER A 57 7.27 -5.41 18.06
C SER A 57 7.99 -6.75 18.12
N GLY A 58 9.24 -6.77 17.68
CA GLY A 58 10.01 -8.00 17.70
C GLY A 58 10.80 -8.21 16.42
N MET A 59 10.60 -7.33 15.45
CA MET A 59 11.29 -7.41 14.16
C MET A 59 12.46 -6.44 14.11
N SER A 60 13.02 -6.26 12.92
CA SER A 60 14.15 -5.37 12.73
C SER A 60 13.69 -4.00 12.25
N PRO A 61 14.57 -2.99 12.39
CA PRO A 61 14.27 -1.61 11.97
C PRO A 61 14.20 -1.47 10.46
N ASN A 62 14.58 -2.53 9.75
CA ASN A 62 14.55 -2.51 8.29
C ASN A 62 13.29 -3.19 7.77
N GLU A 63 12.82 -4.21 8.49
CA GLU A 63 11.62 -4.93 8.09
C GLU A 63 10.36 -4.10 8.33
N ALA A 64 10.38 -3.32 9.41
CA ALA A 64 9.25 -2.47 9.75
C ALA A 64 8.99 -1.43 8.66
N LYS A 65 10.06 -1.02 7.98
CA LYS A 65 9.96 -0.02 6.92
C LYS A 65 9.19 -0.59 5.73
N VAL A 66 9.37 -1.87 5.47
CA VAL A 66 8.68 -2.53 4.36
C VAL A 66 7.35 -3.12 4.80
N GLU A 67 7.29 -3.54 6.06
CA GLU A 67 6.07 -4.12 6.61
C GLU A 67 4.96 -3.07 6.71
N VAL A 68 5.34 -1.85 7.06
CA VAL A 68 4.38 -0.76 7.19
C VAL A 68 3.64 -0.52 5.87
N LEU A 69 4.36 -0.66 4.77
CA LEU A 69 3.78 -0.46 3.45
C LEU A 69 2.56 -1.35 3.26
N LEU A 70 2.64 -2.58 3.73
CA LEU A 70 1.54 -3.53 3.61
C LEU A 70 0.39 -3.14 4.54
N GLU A 71 0.73 -2.70 5.75
CA GLU A 71 -0.27 -2.31 6.73
C GLU A 71 -1.09 -1.12 6.22
N ALA A 72 -0.43 -0.24 5.47
CA ALA A 72 -1.09 0.94 4.92
C ALA A 72 -2.09 0.55 3.84
N LEU A 73 -1.78 -0.51 3.10
CA LEU A 73 -2.65 -0.98 2.03
C LEU A 73 -3.89 -1.65 2.59
N THR A 74 -3.71 -2.39 3.68
CA THR A 74 -4.82 -3.09 4.32
C THR A 74 -5.90 -2.12 4.77
N ALA A 75 -5.47 -0.94 5.23
CA ALA A 75 -6.41 0.08 5.69
C ALA A 75 -7.25 0.61 4.53
N ALA A 76 -6.63 0.72 3.36
CA ALA A 76 -7.32 1.22 2.17
C ALA A 76 -8.17 0.11 1.53
N LEU A 77 -7.57 -1.06 1.38
CA LEU A 77 -8.26 -2.20 0.77
C LEU A 77 -9.53 -2.52 1.53
N GLN A 78 -9.44 -2.56 2.86
CA GLN A 78 -10.59 -2.86 3.70
C GLN A 78 -11.66 -1.79 3.56
N LEU A 79 -11.23 -0.55 3.34
CA LEU A 79 -12.15 0.57 3.18
C LEU A 79 -12.89 0.49 1.86
N LEU A 80 -12.17 0.10 0.81
CA LEU A 80 -12.76 -0.02 -0.52
C LEU A 80 -13.98 -0.93 -0.50
N SER A 81 -13.92 -1.96 0.35
CA SER A 81 -15.03 -2.90 0.47
C SER A 81 -16.31 -2.20 0.93
N SER A 82 -16.13 -1.04 1.57
CA SER A 82 -17.26 -0.28 2.07
C SER A 82 -17.40 1.04 1.31
N SER A 83 -16.59 1.21 0.27
CA SER A 83 -16.61 2.43 -0.53
C SER A 83 -17.51 2.26 -1.75
N THR A 84 -17.29 3.09 -2.77
CA THR A 84 -18.08 3.04 -3.99
C THR A 84 -17.20 2.70 -5.19
N LEU A 85 -15.94 3.10 -5.13
CA LEU A 85 -15.00 2.85 -6.23
C LEU A 85 -15.69 2.98 -7.58
N GLY A 86 -16.29 4.15 -7.82
CA GLY A 86 -16.97 4.38 -9.08
C GLY A 86 -16.19 5.30 -10.00
N ALA A 87 -14.88 5.11 -10.04
CA ALA A 87 -14.02 5.94 -10.89
C ALA A 87 -12.56 5.51 -10.77
N VAL A 88 -11.65 6.37 -11.24
CA VAL A 88 -10.23 6.09 -11.19
C VAL A 88 -9.42 7.37 -11.07
N ASP A 89 -9.83 8.39 -11.80
CA ASP A 89 -9.13 9.68 -11.78
C ASP A 89 -7.65 9.50 -12.02
N THR A 90 -7.28 9.11 -13.24
CA THR A 90 -5.89 8.89 -13.59
C THR A 90 -5.14 10.22 -13.71
N THR A 91 -5.89 11.32 -13.65
CA THR A 91 -5.30 12.65 -13.74
C THR A 91 -4.68 13.07 -12.41
N SER A 92 -5.07 12.39 -11.35
CA SER A 92 -4.56 12.70 -10.01
C SER A 92 -3.43 11.74 -9.62
N ILE A 93 -3.12 10.82 -10.52
CA ILE A 93 -2.06 9.85 -10.28
C ILE A 93 -0.78 10.53 -9.82
N GLY A 94 -0.51 11.71 -10.36
CA GLY A 94 0.68 12.46 -9.99
C GLY A 94 0.60 13.04 -8.60
N LEU A 95 -0.59 13.49 -8.22
CA LEU A 95 -0.81 14.07 -6.90
C LEU A 95 -0.82 12.98 -5.83
N THR A 96 -1.53 11.89 -6.11
CA THR A 96 -1.62 10.78 -5.17
C THR A 96 -0.28 10.09 -5.00
N SER A 97 0.34 9.71 -6.12
CA SER A 97 1.63 9.03 -6.09
C SER A 97 2.69 9.91 -5.42
N ASN A 98 2.53 11.23 -5.55
CA ASN A 98 3.47 12.17 -4.96
C ASN A 98 3.27 12.26 -3.45
N SER A 99 2.02 12.10 -3.01
CA SER A 99 1.71 12.17 -1.59
C SER A 99 2.34 11.02 -0.83
N VAL A 100 2.09 9.80 -1.30
CA VAL A 100 2.64 8.61 -0.67
C VAL A 100 4.16 8.64 -0.66
N SER A 101 4.75 9.11 -1.76
CA SER A 101 6.20 9.19 -1.88
C SER A 101 6.79 10.07 -0.78
N LYS A 102 6.19 11.24 -0.58
CA LYS A 102 6.65 12.17 0.44
C LYS A 102 6.26 11.68 1.84
N ALA A 103 5.09 11.08 1.94
CA ALA A 103 4.60 10.56 3.21
C ALA A 103 5.46 9.41 3.71
N VAL A 104 5.77 8.48 2.81
CA VAL A 104 6.59 7.33 3.15
C VAL A 104 7.97 7.76 3.65
N ALA A 105 8.58 8.70 2.93
CA ALA A 105 9.90 9.20 3.30
C ALA A 105 9.80 10.17 4.48
N GLN A 106 8.61 10.70 4.72
CA GLN A 106 8.39 11.64 5.80
C GLN A 106 8.29 10.90 7.14
N ALA A 107 7.71 9.70 7.10
CA ALA A 107 7.55 8.90 8.32
C ALA A 107 8.64 7.84 8.42
N LEU A 108 8.91 7.16 7.31
CA LEU A 108 9.93 6.12 7.27
C LEU A 108 11.31 6.72 7.06
N ALA A 109 11.54 7.23 5.85
CA ALA A 109 12.82 7.84 5.51
C ALA A 109 13.02 9.16 6.26
N PRO B 1 16.83 -1.86 1.29
CA PRO B 1 16.50 -0.94 0.20
C PRO B 1 16.06 0.43 0.73
N SER B 2 17.02 1.35 0.86
CA SER B 2 16.74 2.68 1.36
C SER B 2 15.58 3.31 0.59
N PHE B 3 14.58 3.81 1.31
CA PHE B 3 13.42 4.43 0.70
C PHE B 3 13.82 5.73 0.00
N GLY B 4 15.02 6.22 0.28
CA GLY B 4 15.48 7.44 -0.33
C GLY B 4 15.87 7.26 -1.79
N LEU B 5 16.58 6.17 -2.08
CA LEU B 5 17.01 5.89 -3.44
C LEU B 5 15.83 5.42 -4.29
N VAL B 6 14.92 4.68 -3.67
CA VAL B 6 13.75 4.16 -4.37
C VAL B 6 12.75 5.27 -4.66
N LEU B 7 12.66 6.24 -3.74
CA LEU B 7 11.75 7.36 -3.89
C LEU B 7 12.35 8.43 -4.81
N ASN B 8 13.65 8.33 -5.05
CA ASN B 8 14.34 9.29 -5.90
C ASN B 8 14.81 8.63 -7.19
N SER B 9 14.62 7.31 -7.27
CA SER B 9 15.02 6.55 -8.45
C SER B 9 14.18 6.94 -9.66
N PRO B 10 14.70 6.63 -10.86
CA PRO B 10 14.01 6.94 -12.12
C PRO B 10 12.77 6.07 -12.33
N ASN B 11 12.58 5.11 -11.43
CA ASN B 11 11.43 4.21 -11.51
C ASN B 11 10.63 4.23 -10.22
N GLY B 12 10.86 5.25 -9.40
CA GLY B 12 10.15 5.36 -8.15
C GLY B 12 8.66 5.60 -8.34
N LEU B 13 8.14 6.61 -7.64
CA LEU B 13 6.71 6.93 -7.73
C LEU B 13 6.50 8.22 -8.52
N ARG B 14 7.45 9.15 -8.39
CA ARG B 14 7.36 10.42 -9.10
C ARG B 14 7.68 10.25 -10.58
N SER B 15 8.06 9.03 -10.96
CA SER B 15 8.39 8.73 -12.35
C SER B 15 7.13 8.49 -13.17
N PRO B 16 7.22 8.74 -14.49
CA PRO B 16 6.10 8.55 -15.41
C PRO B 16 5.75 7.09 -15.61
N GLN B 17 6.75 6.22 -15.52
CA GLN B 17 6.55 4.79 -15.68
C GLN B 17 5.74 4.21 -14.52
N ALA B 18 5.90 4.80 -13.34
CA ALA B 18 5.20 4.35 -12.15
C ALA B 18 3.71 4.70 -12.23
N LYS B 19 3.43 5.88 -12.78
CA LYS B 19 2.05 6.33 -12.92
C LYS B 19 1.25 5.40 -13.82
N ALA B 20 1.88 4.94 -14.89
CA ALA B 20 1.23 4.03 -15.84
C ALA B 20 0.90 2.69 -15.18
N ARG B 21 1.85 2.17 -14.40
CA ARG B 21 1.66 0.90 -13.72
C ARG B 21 0.51 0.98 -12.72
N ILE B 22 0.45 2.08 -11.98
CA ILE B 22 -0.61 2.28 -10.99
C ILE B 22 -1.98 2.32 -11.66
N ASN B 23 -2.04 2.90 -12.85
CA ASN B 23 -3.30 3.00 -13.59
C ASN B 23 -3.94 1.63 -13.76
N ASN B 24 -3.13 0.65 -14.16
CA ASN B 24 -3.62 -0.71 -14.36
C ASN B 24 -4.13 -1.31 -13.05
N LEU B 25 -3.40 -1.04 -11.97
CA LEU B 25 -3.78 -1.55 -10.65
C LEU B 25 -5.02 -0.85 -10.13
N ALA B 26 -5.15 0.44 -10.45
CA ALA B 26 -6.30 1.22 -10.03
C ALA B 26 -7.61 0.58 -10.49
N SER B 27 -7.53 -0.19 -11.56
CA SER B 27 -8.70 -0.86 -12.12
C SER B 27 -8.81 -2.29 -11.60
N ALA B 28 -7.67 -2.97 -11.53
CA ALA B 28 -7.63 -4.34 -11.04
C ALA B 28 -7.95 -4.42 -9.56
N LEU B 29 -7.30 -3.57 -8.76
CA LEU B 29 -7.51 -3.54 -7.33
C LEU B 29 -8.97 -3.21 -7.01
N SER B 30 -9.51 -2.24 -7.73
CA SER B 30 -10.90 -1.83 -7.52
C SER B 30 -11.86 -2.98 -7.77
N THR B 31 -11.54 -3.80 -8.76
CA THR B 31 -12.37 -4.95 -9.11
C THR B 31 -12.16 -6.09 -8.13
N ALA B 32 -10.96 -6.15 -7.55
CA ALA B 32 -10.63 -7.20 -6.60
C ALA B 32 -11.30 -6.96 -5.24
N VAL B 33 -11.34 -5.69 -4.83
CA VAL B 33 -11.95 -5.33 -3.56
C VAL B 33 -13.38 -4.85 -3.76
N GLY B 34 -14.30 -5.37 -2.94
CA GLY B 34 -15.69 -4.99 -3.04
C GLY B 34 -16.54 -5.60 -1.95
N ARG B 35 -17.34 -6.60 -2.32
CA ARG B 35 -18.22 -7.27 -1.37
C ARG B 35 -17.58 -8.57 -0.88
N ASN B 36 -16.49 -8.97 -1.52
CA ASN B 36 -15.79 -10.19 -1.15
C ASN B 36 -14.53 -9.87 -0.35
N GLY B 37 -14.37 -8.61 0.03
CA GLY B 37 -13.21 -8.20 0.80
C GLY B 37 -12.04 -7.81 -0.08
N VAL B 38 -11.59 -8.76 -0.90
CA VAL B 38 -10.46 -8.52 -1.80
C VAL B 38 -10.11 -9.78 -2.59
N ASP B 39 -9.81 -9.59 -3.87
CA ASP B 39 -9.46 -10.72 -4.74
C ASP B 39 -7.94 -10.82 -4.91
N VAL B 40 -7.34 -11.79 -4.23
CA VAL B 40 -5.90 -12.00 -4.30
C VAL B 40 -5.45 -12.23 -5.75
N ASN B 41 -6.28 -12.91 -6.52
CA ASN B 41 -5.97 -13.20 -7.92
C ASN B 41 -5.74 -11.91 -8.70
N ALA B 42 -6.66 -10.95 -8.53
CA ALA B 42 -6.56 -9.67 -9.22
C ALA B 42 -5.52 -8.77 -8.55
N PHE B 43 -5.44 -8.84 -7.23
CA PHE B 43 -4.49 -8.03 -6.47
C PHE B 43 -3.06 -8.44 -6.80
N THR B 44 -2.75 -9.72 -6.64
CA THR B 44 -1.42 -10.24 -6.91
C THR B 44 -1.08 -10.13 -8.40
N SER B 45 -2.12 -10.17 -9.23
CA SER B 45 -1.93 -10.07 -10.68
C SER B 45 -1.27 -8.76 -11.06
N GLY B 46 -1.60 -7.70 -10.34
CA GLY B 46 -1.03 -6.40 -10.61
C GLY B 46 0.41 -6.29 -10.16
N LEU B 47 0.70 -6.81 -8.98
CA LEU B 47 2.05 -6.77 -8.43
C LEU B 47 3.02 -7.52 -9.33
N ARG B 48 2.56 -8.63 -9.90
CA ARG B 48 3.39 -9.43 -10.80
C ARG B 48 3.85 -8.61 -12.00
N ALA B 49 2.93 -7.82 -12.56
CA ALA B 49 3.24 -6.99 -13.72
C ALA B 49 4.09 -5.79 -13.32
N THR B 50 3.84 -5.26 -12.12
CA THR B 50 4.58 -4.11 -11.63
C THR B 50 6.01 -4.49 -11.27
N LEU B 51 6.17 -5.63 -10.59
CA LEU B 51 7.48 -6.11 -10.19
C LEU B 51 8.36 -6.38 -11.41
N SER B 52 7.78 -7.04 -12.41
CA SER B 52 8.51 -7.37 -13.63
C SER B 52 8.92 -6.10 -14.37
N ASN B 53 8.04 -5.12 -14.37
CA ASN B 53 8.31 -3.85 -15.05
C ASN B 53 9.43 -3.08 -14.35
N LEU B 54 9.36 -3.03 -13.02
CA LEU B 54 10.37 -2.33 -12.23
C LEU B 54 11.69 -3.11 -12.21
N GLY B 55 11.59 -4.43 -12.35
CA GLY B 55 12.76 -5.27 -12.35
C GLY B 55 13.67 -4.99 -13.53
N ASP B 56 13.17 -4.23 -14.50
CA ASP B 56 13.94 -3.90 -15.69
C ASP B 56 13.84 -2.42 -16.00
N SER B 57 13.43 -1.63 -15.02
CA SER B 57 13.29 -0.19 -15.19
C SER B 57 14.61 0.52 -14.96
N GLY B 58 15.51 -0.13 -14.22
CA GLY B 58 16.81 0.45 -13.95
C GLY B 58 17.20 0.31 -12.49
N MET B 59 16.31 -0.27 -11.68
CA MET B 59 16.58 -0.46 -10.26
C MET B 59 17.03 -1.89 -9.98
N SER B 60 17.07 -2.25 -8.70
CA SER B 60 17.48 -3.59 -8.30
C SER B 60 16.27 -4.49 -8.08
N PRO B 61 16.51 -5.81 -8.06
CA PRO B 61 15.44 -6.79 -7.85
C PRO B 61 14.89 -6.78 -6.43
N ASN B 62 15.54 -6.00 -5.56
CA ASN B 62 15.12 -5.90 -4.17
C ASN B 62 14.31 -4.63 -3.95
N GLU B 63 14.64 -3.57 -4.69
CA GLU B 63 13.95 -2.30 -4.58
C GLU B 63 12.55 -2.38 -5.20
N ALA B 64 12.45 -3.11 -6.30
CA ALA B 64 11.17 -3.27 -7.00
C ALA B 64 10.15 -3.96 -6.10
N LYS B 65 10.62 -4.82 -5.21
CA LYS B 65 9.75 -5.53 -4.29
C LYS B 65 9.09 -4.57 -3.30
N VAL B 66 9.83 -3.56 -2.89
CA VAL B 66 9.32 -2.57 -1.94
C VAL B 66 8.66 -1.41 -2.68
N GLU B 67 9.15 -1.11 -3.87
CA GLU B 67 8.60 -0.01 -4.66
C GLU B 67 7.18 -0.34 -5.12
N VAL B 68 6.96 -1.60 -5.49
CA VAL B 68 5.65 -2.04 -5.95
C VAL B 68 4.59 -1.80 -4.88
N LEU B 69 4.97 -1.98 -3.62
CA LEU B 69 4.04 -1.78 -2.50
C LEU B 69 3.44 -0.38 -2.54
N LEU B 70 4.26 0.60 -2.89
CA LEU B 70 3.81 1.99 -2.96
C LEU B 70 2.84 2.18 -4.13
N GLU B 71 3.15 1.54 -5.26
CA GLU B 71 2.32 1.65 -6.45
C GLU B 71 0.93 1.08 -6.18
N ALA B 72 0.87 0.04 -5.36
CA ALA B 72 -0.40 -0.59 -5.02
C ALA B 72 -1.30 0.35 -4.22
N LEU B 73 -0.69 1.12 -3.33
CA LEU B 73 -1.43 2.07 -2.50
C LEU B 73 -1.89 3.26 -3.32
N THR B 74 -1.03 3.72 -4.23
CA THR B 74 -1.37 4.85 -5.08
C THR B 74 -2.63 4.59 -5.89
N ALA B 75 -2.79 3.35 -6.36
CA ALA B 75 -3.96 2.98 -7.14
C ALA B 75 -5.23 3.01 -6.28
N ALA B 76 -5.08 2.61 -5.02
CA ALA B 76 -6.20 2.59 -4.09
C ALA B 76 -6.54 4.00 -3.60
N LEU B 77 -5.51 4.73 -3.17
CA LEU B 77 -5.70 6.09 -2.68
C LEU B 77 -6.38 6.97 -3.73
N GLN B 78 -5.86 6.91 -4.95
CA GLN B 78 -6.41 7.70 -6.05
C GLN B 78 -7.87 7.34 -6.29
N LEU B 79 -8.22 6.08 -6.06
CA LEU B 79 -9.59 5.62 -6.24
C LEU B 79 -10.51 6.16 -5.16
N LEU B 80 -10.02 6.16 -3.92
CA LEU B 80 -10.81 6.66 -2.80
C LEU B 80 -11.29 8.07 -3.06
N SER B 81 -10.47 8.86 -3.75
CA SER B 81 -10.83 10.24 -4.07
C SER B 81 -12.12 10.30 -4.86
N SER B 82 -12.45 9.20 -5.53
CA SER B 82 -13.67 9.13 -6.34
C SER B 82 -14.63 8.09 -5.78
N SER B 83 -14.30 7.56 -4.61
CA SER B 83 -15.14 6.55 -3.96
C SER B 83 -16.10 7.19 -2.97
N THR B 84 -16.60 6.39 -2.03
CA THR B 84 -17.52 6.88 -1.02
C THR B 84 -16.90 6.83 0.37
N LEU B 85 -16.04 5.84 0.59
CA LEU B 85 -15.37 5.68 1.88
C LEU B 85 -16.31 6.04 3.03
N GLY B 86 -17.42 5.33 3.12
CA GLY B 86 -18.39 5.59 4.18
C GLY B 86 -18.42 4.48 5.21
N ALA B 87 -17.25 3.97 5.59
CA ALA B 87 -17.16 2.91 6.58
C ALA B 87 -15.71 2.52 6.83
N VAL B 88 -15.51 1.38 7.50
CA VAL B 88 -14.17 0.90 7.80
C VAL B 88 -14.13 -0.62 7.83
N ASP B 89 -15.17 -1.22 8.40
CA ASP B 89 -15.26 -2.67 8.49
C ASP B 89 -14.00 -3.26 9.13
N THR B 90 -13.80 -2.97 10.41
CA THR B 90 -12.63 -3.47 11.13
C THR B 90 -12.71 -4.97 11.35
N THR B 91 -13.88 -5.55 11.07
CA THR B 91 -14.09 -6.98 11.25
C THR B 91 -13.51 -7.76 10.07
N SER B 92 -13.26 -7.07 8.96
CA SER B 92 -12.71 -7.70 7.77
C SER B 92 -11.20 -7.52 7.72
N ILE B 93 -10.65 -6.81 8.70
CA ILE B 93 -9.22 -6.57 8.76
C ILE B 93 -8.44 -7.87 8.60
N GLY B 94 -8.86 -8.90 9.32
CA GLY B 94 -8.19 -10.18 9.24
C GLY B 94 -8.14 -10.73 7.82
N LEU B 95 -9.22 -10.52 7.08
CA LEU B 95 -9.30 -10.99 5.70
C LEU B 95 -8.43 -10.15 4.77
N THR B 96 -8.50 -8.82 4.95
CA THR B 96 -7.72 -7.91 4.14
C THR B 96 -6.23 -8.09 4.37
N SER B 97 -5.83 -8.08 5.64
CA SER B 97 -4.43 -8.24 6.00
C SER B 97 -3.91 -9.61 5.56
N ASN B 98 -4.79 -10.61 5.56
CA ASN B 98 -4.43 -11.96 5.16
C ASN B 98 -4.29 -12.06 3.65
N SER B 99 -5.12 -11.31 2.94
CA SER B 99 -5.10 -11.31 1.47
C SER B 99 -3.83 -10.65 0.94
N VAL B 100 -3.51 -9.48 1.48
CA VAL B 100 -2.32 -8.74 1.08
C VAL B 100 -1.06 -9.57 1.31
N SER B 101 -1.03 -10.29 2.42
CA SER B 101 0.13 -11.12 2.75
C SER B 101 0.32 -12.23 1.73
N LYS B 102 -0.77 -12.90 1.37
CA LYS B 102 -0.71 -13.99 0.39
C LYS B 102 -0.47 -13.44 -1.01
N ALA B 103 -1.09 -12.30 -1.31
CA ALA B 103 -0.95 -11.67 -2.62
C ALA B 103 0.48 -11.16 -2.82
N VAL B 104 1.01 -10.46 -1.82
CA VAL B 104 2.36 -9.92 -1.89
C VAL B 104 3.38 -11.03 -2.03
N ALA B 105 3.20 -12.11 -1.26
CA ALA B 105 4.11 -13.24 -1.31
C ALA B 105 3.83 -14.13 -2.51
N GLN B 106 2.68 -13.90 -3.15
CA GLN B 106 2.30 -14.68 -4.33
C GLN B 106 2.87 -14.07 -5.60
N ALA B 107 3.00 -12.75 -5.62
CA ALA B 107 3.54 -12.05 -6.78
C ALA B 107 5.00 -11.67 -6.56
N LEU B 108 5.34 -11.32 -5.32
CA LEU B 108 6.71 -10.94 -4.98
C LEU B 108 7.48 -12.13 -4.41
N ALA B 109 7.11 -12.54 -3.21
CA ALA B 109 7.76 -13.67 -2.55
C ALA B 109 7.37 -14.99 -3.22
N PRO A 1 15.15 -8.18 3.59
CA PRO A 1 13.96 -8.60 4.34
C PRO A 1 12.90 -9.22 3.42
N SER A 2 13.07 -10.51 3.14
CA SER A 2 12.14 -11.22 2.28
C SER A 2 10.70 -11.04 2.75
N PHE A 3 9.75 -11.19 1.83
CA PHE A 3 8.34 -11.02 2.16
C PHE A 3 7.80 -12.25 2.88
N GLY A 4 8.65 -13.28 3.01
CA GLY A 4 8.25 -14.49 3.69
C GLY A 4 8.49 -14.44 5.18
N LEU A 5 9.67 -13.95 5.57
CA LEU A 5 10.02 -13.85 6.98
C LEU A 5 9.24 -12.71 7.66
N VAL A 6 9.14 -11.59 6.97
CA VAL A 6 8.43 -10.43 7.50
C VAL A 6 6.95 -10.73 7.68
N LEU A 7 6.40 -11.55 6.77
CA LEU A 7 5.00 -11.92 6.82
C LEU A 7 4.76 -13.02 7.84
N ASN A 8 5.83 -13.74 8.19
CA ASN A 8 5.74 -14.83 9.14
C ASN A 8 6.17 -14.37 10.53
N SER A 9 6.79 -13.20 10.60
CA SER A 9 7.25 -12.64 11.86
C SER A 9 6.11 -12.55 12.87
N PRO A 10 6.46 -12.40 14.15
CA PRO A 10 5.48 -12.30 15.23
C PRO A 10 4.69 -11.00 15.19
N ASN A 11 5.11 -10.09 14.31
CA ASN A 11 4.45 -8.80 14.17
C ASN A 11 4.36 -8.39 12.71
N GLY A 12 4.33 -9.39 11.82
CA GLY A 12 4.24 -9.12 10.40
C GLY A 12 2.92 -8.47 10.02
N LEU A 13 2.13 -9.18 9.22
CA LEU A 13 0.83 -8.66 8.79
C LEU A 13 -0.31 -9.53 9.31
N ARG A 14 -0.11 -10.85 9.29
CA ARG A 14 -1.12 -11.78 9.77
C ARG A 14 -1.22 -11.73 11.28
N SER A 15 -0.32 -10.99 11.92
CA SER A 15 -0.32 -10.86 13.37
C SER A 15 -1.47 -9.99 13.85
N PRO A 16 -1.85 -10.15 15.12
CA PRO A 16 -2.94 -9.39 15.73
C PRO A 16 -2.59 -7.92 15.93
N GLN A 17 -1.32 -7.67 16.24
CA GLN A 17 -0.85 -6.30 16.46
C GLN A 17 -0.88 -5.51 15.16
N ALA A 18 -0.70 -6.19 14.05
CA ALA A 18 -0.70 -5.54 12.74
C ALA A 18 -2.10 -5.10 12.36
N LYS A 19 -3.10 -5.89 12.72
CA LYS A 19 -4.49 -5.58 12.42
C LYS A 19 -4.94 -4.34 13.18
N ALA A 20 -4.49 -4.22 14.42
CA ALA A 20 -4.84 -3.06 15.25
C ALA A 20 -4.26 -1.77 14.68
N ARG A 21 -3.02 -1.85 14.23
CA ARG A 21 -2.35 -0.68 13.66
C ARG A 21 -3.06 -0.21 12.40
N ILE A 22 -3.44 -1.15 11.55
CA ILE A 22 -4.13 -0.83 10.30
C ILE A 22 -5.46 -0.15 10.58
N ASN A 23 -6.14 -0.58 11.64
CA ASN A 23 -7.43 -0.01 12.01
C ASN A 23 -7.34 1.52 12.10
N ASN A 24 -6.30 2.01 12.76
CA ASN A 24 -6.09 3.44 12.92
C ASN A 24 -5.90 4.12 11.57
N LEU A 25 -5.18 3.44 10.68
CA LEU A 25 -4.92 3.98 9.34
C LEU A 25 -6.19 3.97 8.49
N ALA A 26 -7.02 2.95 8.68
CA ALA A 26 -8.27 2.83 7.94
C ALA A 26 -9.15 4.06 8.13
N SER A 27 -8.96 4.75 9.26
CA SER A 27 -9.74 5.94 9.56
C SER A 27 -8.97 7.20 9.16
N ALA A 28 -7.67 7.20 9.41
CA ALA A 28 -6.84 8.34 9.08
C ALA A 28 -6.71 8.50 7.57
N LEU A 29 -6.40 7.41 6.88
CA LEU A 29 -6.25 7.42 5.44
C LEU A 29 -7.54 7.87 4.76
N SER A 30 -8.67 7.37 5.25
CA SER A 30 -9.97 7.72 4.69
C SER A 30 -10.23 9.21 4.81
N THR A 31 -9.79 9.81 5.92
CA THR A 31 -9.96 11.23 6.15
C THR A 31 -8.95 12.05 5.36
N ALA A 32 -7.80 11.45 5.09
CA ALA A 32 -6.74 12.12 4.34
C ALA A 32 -7.07 12.17 2.85
N VAL A 33 -7.63 11.07 2.33
CA VAL A 33 -7.98 10.99 0.93
C VAL A 33 -9.46 11.30 0.72
N GLY A 34 -9.75 12.17 -0.23
CA GLY A 34 -11.13 12.52 -0.52
C GLY A 34 -11.26 13.43 -1.73
N ARG A 35 -11.54 14.70 -1.49
CA ARG A 35 -11.69 15.68 -2.57
C ARG A 35 -10.40 16.46 -2.77
N ASN A 36 -9.46 16.30 -1.85
CA ASN A 36 -8.18 17.00 -1.94
C ASN A 36 -7.07 16.06 -2.41
N GLY A 37 -7.47 14.87 -2.84
CA GLY A 37 -6.50 13.90 -3.33
C GLY A 37 -5.96 13.02 -2.22
N VAL A 38 -5.30 13.64 -1.24
CA VAL A 38 -4.74 12.91 -0.11
C VAL A 38 -3.98 13.84 0.82
N ASP A 39 -4.15 13.62 2.12
CA ASP A 39 -3.49 14.44 3.14
C ASP A 39 -2.24 13.75 3.67
N VAL A 40 -1.07 14.22 3.23
CA VAL A 40 0.19 13.64 3.67
C VAL A 40 0.33 13.69 5.18
N ASN A 41 -0.17 14.77 5.78
CA ASN A 41 -0.11 14.95 7.23
C ASN A 41 -0.76 13.77 7.95
N ALA A 42 -1.97 13.41 7.51
CA ALA A 42 -2.70 12.30 8.11
C ALA A 42 -2.17 10.97 7.62
N PHE A 43 -1.78 10.92 6.35
CA PHE A 43 -1.25 9.70 5.76
C PHE A 43 0.05 9.27 6.44
N THR A 44 1.01 10.20 6.49
CA THR A 44 2.30 9.93 7.11
C THR A 44 2.15 9.76 8.62
N SER A 45 1.17 10.44 9.19
CA SER A 45 0.92 10.36 10.63
C SER A 45 0.62 8.93 11.06
N GLY A 46 -0.08 8.20 10.22
CA GLY A 46 -0.43 6.83 10.53
C GLY A 46 0.77 5.89 10.40
N LEU A 47 1.62 6.15 9.41
CA LEU A 47 2.80 5.32 9.19
C LEU A 47 3.81 5.49 10.33
N ARG A 48 3.93 6.72 10.82
CA ARG A 48 4.86 7.00 11.91
C ARG A 48 4.51 6.19 13.15
N ALA A 49 3.22 6.02 13.40
CA ALA A 49 2.76 5.27 14.55
C ALA A 49 2.96 3.77 14.35
N THR A 50 2.83 3.33 13.10
CA THR A 50 3.00 1.92 12.77
C THR A 50 4.47 1.52 12.79
N LEU A 51 5.31 2.34 12.16
CA LEU A 51 6.74 2.07 12.10
C LEU A 51 7.33 1.98 13.51
N SER A 52 6.90 2.87 14.39
CA SER A 52 7.38 2.90 15.76
C SER A 52 6.97 1.63 16.50
N ASN A 53 5.71 1.23 16.32
CA ASN A 53 5.19 0.03 16.97
C ASN A 53 5.91 -1.21 16.48
N LEU A 54 6.10 -1.30 15.17
CA LEU A 54 6.78 -2.44 14.56
C LEU A 54 8.27 -2.45 14.93
N GLY A 55 8.85 -1.26 14.97
CA GLY A 55 10.26 -1.14 15.31
C GLY A 55 10.57 -1.61 16.72
N ASP A 56 9.52 -1.81 17.51
CA ASP A 56 9.68 -2.26 18.89
C ASP A 56 8.76 -3.44 19.18
N SER A 57 8.25 -4.06 18.13
CA SER A 57 7.36 -5.21 18.27
C SER A 57 8.15 -6.50 18.40
N GLY A 58 9.36 -6.51 17.86
CA GLY A 58 10.20 -7.69 17.92
C GLY A 58 10.96 -7.93 16.63
N MET A 59 10.62 -7.17 15.59
CA MET A 59 11.27 -7.31 14.29
C MET A 59 12.46 -6.35 14.19
N SER A 60 12.97 -6.20 12.96
CA SER A 60 14.11 -5.32 12.71
C SER A 60 13.64 -3.95 12.24
N PRO A 61 14.53 -2.95 12.37
CA PRO A 61 14.24 -1.58 11.96
C PRO A 61 14.14 -1.44 10.43
N ASN A 62 14.49 -2.50 9.72
CA ASN A 62 14.44 -2.49 8.27
C ASN A 62 13.18 -3.19 7.76
N GLU A 63 12.73 -4.20 8.51
CA GLU A 63 11.54 -4.95 8.14
C GLU A 63 10.27 -4.12 8.36
N ALA A 64 10.29 -3.32 9.43
CA ALA A 64 9.14 -2.47 9.76
C ALA A 64 8.90 -1.44 8.67
N LYS A 65 9.96 -1.02 8.00
CA LYS A 65 9.86 -0.04 6.93
C LYS A 65 9.11 -0.61 5.73
N VAL A 66 9.31 -1.90 5.47
CA VAL A 66 8.65 -2.56 4.36
C VAL A 66 7.31 -3.16 4.79
N GLU A 67 7.24 -3.59 6.04
CA GLU A 67 6.02 -4.18 6.58
C GLU A 67 4.89 -3.14 6.65
N VAL A 68 5.25 -1.92 7.03
CA VAL A 68 4.28 -0.84 7.14
C VAL A 68 3.57 -0.62 5.82
N LEU A 69 4.30 -0.75 4.72
CA LEU A 69 3.74 -0.56 3.38
C LEU A 69 2.53 -1.46 3.18
N LEU A 70 2.62 -2.69 3.66
CA LEU A 70 1.53 -3.66 3.53
C LEU A 70 0.33 -3.24 4.38
N GLU A 71 0.60 -2.77 5.59
CA GLU A 71 -0.45 -2.34 6.49
C GLU A 71 -1.21 -1.15 5.91
N ALA A 72 -0.48 -0.21 5.34
CA ALA A 72 -1.09 0.97 4.74
C ALA A 72 -2.10 0.59 3.67
N LEU A 73 -1.80 -0.46 2.92
CA LEU A 73 -2.68 -0.93 1.87
C LEU A 73 -3.92 -1.63 2.45
N THR A 74 -3.70 -2.37 3.54
CA THR A 74 -4.79 -3.09 4.19
C THR A 74 -5.88 -2.13 4.66
N ALA A 75 -5.47 -0.96 5.13
CA ALA A 75 -6.42 0.04 5.60
C ALA A 75 -7.28 0.57 4.45
N ALA A 76 -6.68 0.69 3.28
CA ALA A 76 -7.40 1.17 2.10
C ALA A 76 -8.22 0.06 1.46
N LEU A 77 -7.59 -1.10 1.28
CA LEU A 77 -8.27 -2.25 0.68
C LEU A 77 -9.53 -2.60 1.45
N GLN A 78 -9.43 -2.64 2.77
CA GLN A 78 -10.57 -2.97 3.62
C GLN A 78 -11.66 -1.90 3.50
N LEU A 79 -11.24 -0.65 3.29
CA LEU A 79 -12.17 0.46 3.16
C LEU A 79 -12.92 0.39 1.83
N LEU A 80 -12.19 0.04 0.77
CA LEU A 80 -12.79 -0.06 -0.56
C LEU A 80 -14.00 -1.00 -0.54
N SER A 81 -13.92 -2.04 0.28
CA SER A 81 -15.01 -3.01 0.39
C SER A 81 -16.29 -2.33 0.86
N SER A 82 -16.14 -1.19 1.51
CA SER A 82 -17.30 -0.44 2.02
C SER A 82 -17.42 0.90 1.31
N SER A 83 -16.61 1.10 0.27
CA SER A 83 -16.64 2.35 -0.49
C SER A 83 -17.51 2.21 -1.73
N THR A 84 -17.29 3.09 -2.71
CA THR A 84 -18.06 3.06 -3.94
C THR A 84 -17.17 2.73 -5.14
N LEU A 85 -15.91 3.15 -5.07
CA LEU A 85 -14.96 2.89 -6.14
C LEU A 85 -15.63 3.03 -7.50
N GLY A 86 -16.29 4.17 -7.72
CA GLY A 86 -16.96 4.41 -8.99
C GLY A 86 -16.19 5.35 -9.88
N ALA A 87 -14.87 5.17 -9.94
CA ALA A 87 -14.02 6.02 -10.76
C ALA A 87 -12.55 5.61 -10.64
N VAL A 88 -11.67 6.45 -11.14
CA VAL A 88 -10.24 6.18 -11.08
C VAL A 88 -9.43 7.47 -10.97
N ASP A 89 -9.85 8.49 -11.70
CA ASP A 89 -9.17 9.78 -11.68
C ASP A 89 -7.68 9.62 -11.94
N THR A 90 -7.35 9.23 -13.17
CA THR A 90 -5.96 9.03 -13.56
C THR A 90 -5.22 10.37 -13.66
N THR A 91 -5.97 11.46 -13.58
CA THR A 91 -5.39 12.79 -13.67
C THR A 91 -4.76 13.21 -12.34
N SER A 92 -5.20 12.57 -11.26
CA SER A 92 -4.68 12.87 -9.93
C SER A 92 -3.54 11.93 -9.56
N ILE A 93 -3.21 11.01 -10.48
CA ILE A 93 -2.14 10.06 -10.25
C ILE A 93 -0.87 10.76 -9.79
N GLY A 94 -0.49 11.83 -10.48
CA GLY A 94 0.70 12.56 -10.13
C GLY A 94 0.69 13.01 -8.68
N LEU A 95 -0.48 13.40 -8.20
CA LEU A 95 -0.63 13.85 -6.81
C LEU A 95 -0.58 12.68 -5.84
N THR A 96 -1.28 11.61 -6.18
CA THR A 96 -1.31 10.42 -5.33
C THR A 96 0.08 9.80 -5.21
N SER A 97 0.72 9.57 -6.35
CA SER A 97 2.06 8.97 -6.38
C SER A 97 3.06 9.87 -5.67
N ASN A 98 2.83 11.19 -5.74
CA ASN A 98 3.73 12.15 -5.11
C ASN A 98 3.49 12.20 -3.61
N SER A 99 2.23 12.01 -3.20
CA SER A 99 1.88 12.05 -1.78
C SER A 99 2.45 10.82 -1.05
N VAL A 100 2.29 9.66 -1.67
CA VAL A 100 2.79 8.42 -1.07
C VAL A 100 4.30 8.46 -0.91
N SER A 101 4.99 9.04 -1.89
CA SER A 101 6.44 9.14 -1.86
C SER A 101 6.89 10.06 -0.72
N LYS A 102 6.25 11.21 -0.60
CA LYS A 102 6.58 12.17 0.44
C LYS A 102 6.16 11.66 1.81
N ALA A 103 4.98 11.03 1.87
CA ALA A 103 4.46 10.49 3.11
C ALA A 103 5.31 9.32 3.60
N VAL A 104 5.62 8.41 2.69
CA VAL A 104 6.42 7.24 3.03
C VAL A 104 7.81 7.65 3.52
N ALA A 105 8.42 8.60 2.84
CA ALA A 105 9.75 9.08 3.21
C ALA A 105 9.67 10.01 4.42
N GLN A 106 8.48 10.56 4.67
CA GLN A 106 8.28 11.47 5.79
C GLN A 106 8.18 10.70 7.10
N ALA A 107 7.60 9.51 7.05
CA ALA A 107 7.46 8.67 8.23
C ALA A 107 8.56 7.61 8.30
N LEU A 108 8.83 6.97 7.17
CA LEU A 108 9.85 5.95 7.10
C LEU A 108 11.24 6.56 6.89
N ALA A 109 11.46 7.12 5.71
CA ALA A 109 12.73 7.75 5.38
C ALA A 109 12.95 9.01 6.20
N PRO B 1 16.82 -1.94 1.29
CA PRO B 1 16.52 -1.02 0.18
C PRO B 1 16.12 0.36 0.67
N SER B 2 17.09 1.27 0.77
CA SER B 2 16.84 2.62 1.23
C SER B 2 15.69 3.25 0.47
N PHE B 3 14.69 3.75 1.20
CA PHE B 3 13.52 4.37 0.58
C PHE B 3 13.91 5.66 -0.13
N GLY B 4 15.11 6.14 0.15
CA GLY B 4 15.59 7.37 -0.48
C GLY B 4 15.96 7.17 -1.93
N LEU B 5 16.67 6.10 -2.22
CA LEU B 5 17.08 5.79 -3.58
C LEU B 5 15.90 5.31 -4.42
N VAL B 6 15.01 4.56 -3.79
CA VAL B 6 13.83 4.04 -4.48
C VAL B 6 12.83 5.15 -4.78
N LEU B 7 12.75 6.13 -3.89
CA LEU B 7 11.84 7.26 -4.05
C LEU B 7 12.43 8.30 -5.00
N ASN B 8 13.73 8.19 -5.24
CA ASN B 8 14.41 9.13 -6.13
C ASN B 8 14.83 8.44 -7.43
N SER B 9 14.66 7.12 -7.48
CA SER B 9 15.02 6.35 -8.66
C SER B 9 14.21 6.80 -9.87
N PRO B 10 14.71 6.46 -11.06
CA PRO B 10 14.05 6.82 -12.32
C PRO B 10 12.74 6.05 -12.54
N ASN B 11 12.53 5.01 -11.73
CA ASN B 11 11.33 4.21 -11.84
C ASN B 11 10.63 4.10 -10.48
N GLY B 12 10.89 5.08 -9.61
CA GLY B 12 10.26 5.08 -8.30
C GLY B 12 8.76 5.29 -8.36
N LEU B 13 8.29 6.33 -7.69
CA LEU B 13 6.86 6.64 -7.67
C LEU B 13 6.58 7.94 -8.40
N ARG B 14 7.44 8.94 -8.20
CA ARG B 14 7.28 10.24 -8.85
C ARG B 14 7.58 10.14 -10.34
N SER B 15 8.04 8.97 -10.77
CA SER B 15 8.37 8.76 -12.17
C SER B 15 7.12 8.51 -12.99
N PRO B 16 7.19 8.80 -14.31
CA PRO B 16 6.06 8.62 -15.22
C PRO B 16 5.74 7.15 -15.47
N GLN B 17 6.77 6.30 -15.40
CA GLN B 17 6.60 4.88 -15.61
C GLN B 17 5.80 4.25 -14.48
N ALA B 18 5.94 4.80 -13.28
CA ALA B 18 5.22 4.29 -12.12
C ALA B 18 3.75 4.67 -12.18
N LYS B 19 3.47 5.87 -12.68
CA LYS B 19 2.09 6.35 -12.79
C LYS B 19 1.28 5.46 -13.73
N ALA B 20 1.91 5.03 -14.82
CA ALA B 20 1.25 4.18 -15.81
C ALA B 20 0.92 2.82 -15.21
N ARG B 21 1.87 2.24 -14.47
CA ARG B 21 1.67 0.94 -13.86
C ARG B 21 0.54 0.99 -12.84
N ILE B 22 0.44 2.10 -12.12
CA ILE B 22 -0.60 2.27 -11.11
C ILE B 22 -1.98 2.36 -11.76
N ASN B 23 -2.04 3.00 -12.93
CA ASN B 23 -3.29 3.16 -13.66
C ASN B 23 -3.97 1.81 -13.86
N ASN B 24 -3.19 0.81 -14.28
CA ASN B 24 -3.72 -0.52 -14.52
C ASN B 24 -4.22 -1.15 -13.22
N LEU B 25 -3.49 -0.90 -12.14
CA LEU B 25 -3.86 -1.45 -10.83
C LEU B 25 -5.11 -0.75 -10.29
N ALA B 26 -5.25 0.54 -10.58
CA ALA B 26 -6.39 1.31 -10.14
C ALA B 26 -7.70 0.67 -10.59
N SER B 27 -7.64 -0.10 -11.66
CA SER B 27 -8.81 -0.78 -12.20
C SER B 27 -8.90 -2.20 -11.69
N ALA B 28 -7.75 -2.87 -11.62
CA ALA B 28 -7.70 -4.25 -11.15
C ALA B 28 -8.01 -4.33 -9.65
N LEU B 29 -7.35 -3.49 -8.86
CA LEU B 29 -7.56 -3.47 -7.42
C LEU B 29 -9.01 -3.17 -7.08
N SER B 30 -9.59 -2.19 -7.78
CA SER B 30 -10.98 -1.80 -7.55
C SER B 30 -11.92 -2.98 -7.83
N THR B 31 -11.57 -3.78 -8.84
CA THR B 31 -12.38 -4.93 -9.21
C THR B 31 -12.16 -6.09 -8.26
N ALA B 32 -10.98 -6.14 -7.65
CA ALA B 32 -10.64 -7.20 -6.71
C ALA B 32 -11.31 -6.96 -5.36
N VAL B 33 -11.38 -5.70 -4.95
CA VAL B 33 -11.99 -5.33 -3.67
C VAL B 33 -13.43 -4.87 -3.87
N GLY B 34 -14.33 -5.40 -3.05
CA GLY B 34 -15.73 -5.03 -3.15
C GLY B 34 -16.57 -5.65 -2.06
N ARG B 35 -17.36 -6.66 -2.43
CA ARG B 35 -18.22 -7.34 -1.47
C ARG B 35 -17.58 -8.63 -0.99
N ASN B 36 -16.49 -9.02 -1.63
CA ASN B 36 -15.78 -10.24 -1.26
C ASN B 36 -14.51 -9.92 -0.46
N GLY B 37 -14.38 -8.65 -0.08
CA GLY B 37 -13.22 -8.24 0.69
C GLY B 37 -12.04 -7.85 -0.20
N VAL B 38 -11.56 -8.81 -1.00
CA VAL B 38 -10.45 -8.57 -1.89
C VAL B 38 -10.06 -9.84 -2.66
N ASP B 39 -9.84 -9.69 -3.95
CA ASP B 39 -9.46 -10.82 -4.79
C ASP B 39 -7.95 -10.89 -4.98
N VAL B 40 -7.32 -11.84 -4.28
CA VAL B 40 -5.87 -12.01 -4.37
C VAL B 40 -5.43 -12.23 -5.81
N ASN B 41 -6.26 -12.94 -6.57
CA ASN B 41 -5.95 -13.23 -7.97
C ASN B 41 -5.73 -11.94 -8.75
N ALA B 42 -6.65 -11.00 -8.60
CA ALA B 42 -6.57 -9.71 -9.30
C ALA B 42 -5.57 -8.79 -8.60
N PHE B 43 -5.52 -8.86 -7.28
CA PHE B 43 -4.60 -8.03 -6.50
C PHE B 43 -3.15 -8.37 -6.82
N THR B 44 -2.81 -9.65 -6.69
CA THR B 44 -1.45 -10.10 -6.97
C THR B 44 -1.12 -10.01 -8.45
N SER B 45 -2.16 -10.11 -9.28
CA SER B 45 -1.98 -10.04 -10.73
C SER B 45 -1.39 -8.69 -11.14
N GLY B 46 -1.80 -7.63 -10.44
CA GLY B 46 -1.30 -6.31 -10.75
C GLY B 46 0.13 -6.11 -10.29
N LEU B 47 0.46 -6.66 -9.13
CA LEU B 47 1.80 -6.54 -8.57
C LEU B 47 2.82 -7.28 -9.44
N ARG B 48 2.42 -8.45 -9.96
CA ARG B 48 3.29 -9.25 -10.80
C ARG B 48 3.76 -8.46 -12.01
N ALA B 49 2.86 -7.63 -12.55
CA ALA B 49 3.18 -6.82 -13.71
C ALA B 49 4.11 -5.66 -13.34
N THR B 50 3.92 -5.12 -12.15
CA THR B 50 4.72 -4.00 -11.67
C THR B 50 6.13 -4.47 -11.30
N LEU B 51 6.21 -5.59 -10.59
CA LEU B 51 7.49 -6.14 -10.18
C LEU B 51 8.38 -6.44 -11.39
N SER B 52 7.77 -7.04 -12.42
CA SER B 52 8.50 -7.38 -13.63
C SER B 52 9.00 -6.13 -14.34
N ASN B 53 8.13 -5.13 -14.44
CA ASN B 53 8.49 -3.87 -15.11
C ASN B 53 9.58 -3.15 -14.33
N LEU B 54 9.44 -3.10 -13.02
CA LEU B 54 10.42 -2.44 -12.16
C LEU B 54 11.74 -3.20 -12.15
N GLY B 55 11.65 -4.52 -12.17
CA GLY B 55 12.85 -5.35 -12.16
C GLY B 55 13.70 -5.13 -13.40
N ASP B 56 13.12 -4.51 -14.42
CA ASP B 56 13.84 -4.24 -15.66
C ASP B 56 13.75 -2.77 -16.04
N SER B 57 13.37 -1.94 -15.07
CA SER B 57 13.23 -0.50 -15.30
C SER B 57 14.57 0.21 -15.11
N GLY B 58 15.45 -0.43 -14.35
CA GLY B 58 16.77 0.16 -14.10
C GLY B 58 17.18 0.04 -12.64
N MET B 59 16.26 -0.37 -11.80
CA MET B 59 16.53 -0.53 -10.37
C MET B 59 17.00 -1.95 -10.06
N SER B 60 17.03 -2.29 -8.78
CA SER B 60 17.46 -3.62 -8.35
C SER B 60 16.25 -4.53 -8.11
N PRO B 61 16.51 -5.85 -8.09
CA PRO B 61 15.46 -6.85 -7.88
C PRO B 61 14.94 -6.83 -6.44
N ASN B 62 15.58 -6.06 -5.58
CA ASN B 62 15.18 -5.94 -4.18
C ASN B 62 14.35 -4.69 -3.96
N GLU B 63 14.67 -3.63 -4.70
CA GLU B 63 13.96 -2.36 -4.58
C GLU B 63 12.57 -2.46 -5.21
N ALA B 64 12.47 -3.21 -6.30
CA ALA B 64 11.20 -3.39 -6.99
C ALA B 64 10.17 -4.05 -6.09
N LYS B 65 10.64 -4.91 -5.19
CA LYS B 65 9.77 -5.61 -4.27
C LYS B 65 9.11 -4.65 -3.28
N VAL B 66 9.86 -3.63 -2.86
CA VAL B 66 9.36 -2.65 -1.93
C VAL B 66 8.68 -1.49 -2.67
N GLU B 67 9.19 -1.19 -3.86
CA GLU B 67 8.63 -0.11 -4.67
C GLU B 67 7.21 -0.43 -5.11
N VAL B 68 6.98 -1.69 -5.48
CA VAL B 68 5.66 -2.13 -5.92
C VAL B 68 4.61 -1.88 -4.85
N LEU B 69 4.99 -2.09 -3.59
CA LEU B 69 4.09 -1.89 -2.47
C LEU B 69 3.49 -0.48 -2.49
N LEU B 70 4.32 0.50 -2.83
CA LEU B 70 3.88 1.89 -2.89
C LEU B 70 2.98 2.11 -4.11
N GLU B 71 3.33 1.49 -5.23
CA GLU B 71 2.56 1.63 -6.46
C GLU B 71 1.14 1.08 -6.26
N ALA B 72 1.02 0.04 -5.46
CA ALA B 72 -0.27 -0.58 -5.19
C ALA B 72 -1.15 0.35 -4.35
N LEU B 73 -0.52 1.11 -3.47
CA LEU B 73 -1.25 2.04 -2.61
C LEU B 73 -1.77 3.23 -3.39
N THR B 74 -0.96 3.71 -4.33
CA THR B 74 -1.34 4.85 -5.16
C THR B 74 -2.62 4.57 -5.93
N ALA B 75 -2.76 3.33 -6.40
CA ALA B 75 -3.95 2.93 -7.15
C ALA B 75 -5.20 2.99 -6.29
N ALA B 76 -5.05 2.63 -5.01
CA ALA B 76 -6.17 2.65 -4.08
C ALA B 76 -6.43 4.06 -3.56
N LEU B 77 -5.37 4.74 -3.15
CA LEU B 77 -5.48 6.10 -2.63
C LEU B 77 -6.17 7.02 -3.64
N GLN B 78 -5.75 6.92 -4.90
CA GLN B 78 -6.33 7.74 -5.95
C GLN B 78 -7.79 7.38 -6.17
N LEU B 79 -8.13 6.11 -5.97
CA LEU B 79 -9.50 5.64 -6.15
C LEU B 79 -10.40 6.16 -5.03
N LEU B 80 -9.88 6.15 -3.81
CA LEU B 80 -10.64 6.61 -2.65
C LEU B 80 -11.16 8.03 -2.88
N SER B 81 -10.37 8.84 -3.58
CA SER B 81 -10.75 10.22 -3.86
C SER B 81 -12.04 10.27 -4.67
N SER B 82 -12.34 9.17 -5.37
CA SER B 82 -13.55 9.09 -6.18
C SER B 82 -14.51 8.04 -5.62
N SER B 83 -14.20 7.53 -4.44
CA SER B 83 -15.03 6.52 -3.80
C SER B 83 -15.99 7.15 -2.80
N THR B 84 -16.48 6.35 -1.87
CA THR B 84 -17.42 6.84 -0.85
C THR B 84 -16.80 6.76 0.53
N LEU B 85 -15.95 5.77 0.75
CA LEU B 85 -15.29 5.58 2.04
C LEU B 85 -16.25 5.89 3.19
N GLY B 86 -17.43 5.28 3.15
CA GLY B 86 -18.40 5.50 4.20
C GLY B 86 -18.46 4.37 5.20
N ALA B 87 -17.28 3.86 5.57
CA ALA B 87 -17.20 2.77 6.53
C ALA B 87 -15.75 2.38 6.79
N VAL B 88 -15.55 1.23 7.43
CA VAL B 88 -14.21 0.74 7.73
C VAL B 88 -14.17 -0.78 7.75
N ASP B 89 -15.22 -1.40 8.30
CA ASP B 89 -15.30 -2.85 8.38
C ASP B 89 -14.05 -3.43 9.01
N THR B 90 -13.85 -3.16 10.30
CA THR B 90 -12.70 -3.66 11.03
C THR B 90 -12.79 -5.16 11.26
N THR B 91 -13.97 -5.73 10.96
CA THR B 91 -14.19 -7.15 11.14
C THR B 91 -13.58 -7.95 9.99
N SER B 92 -13.38 -7.29 8.85
CA SER B 92 -12.81 -7.94 7.68
C SER B 92 -11.31 -7.74 7.63
N ILE B 93 -10.77 -7.05 8.62
CA ILE B 93 -9.34 -6.79 8.69
C ILE B 93 -8.54 -8.07 8.51
N GLY B 94 -8.96 -9.13 9.18
CA GLY B 94 -8.27 -10.40 9.07
C GLY B 94 -8.17 -10.89 7.64
N LEU B 95 -9.22 -10.63 6.86
CA LEU B 95 -9.25 -11.06 5.46
C LEU B 95 -8.36 -10.16 4.60
N THR B 96 -8.45 -8.85 4.82
CA THR B 96 -7.65 -7.89 4.07
C THR B 96 -6.17 -8.06 4.37
N SER B 97 -5.82 -8.08 5.66
CA SER B 97 -4.44 -8.24 6.07
C SER B 97 -3.87 -9.58 5.62
N ASN B 98 -4.74 -10.59 5.54
CA ASN B 98 -4.33 -11.92 5.11
C ASN B 98 -4.18 -11.98 3.59
N SER B 99 -5.04 -11.25 2.89
CA SER B 99 -5.00 -11.22 1.44
C SER B 99 -3.77 -10.48 0.93
N VAL B 100 -3.48 -9.34 1.55
CA VAL B 100 -2.33 -8.53 1.16
C VAL B 100 -1.03 -9.31 1.35
N SER B 101 -0.96 -10.07 2.44
CA SER B 101 0.23 -10.86 2.74
C SER B 101 0.44 -11.95 1.69
N LYS B 102 -0.64 -12.65 1.35
CA LYS B 102 -0.58 -13.72 0.36
C LYS B 102 -0.35 -13.15 -1.04
N ALA B 103 -1.00 -12.04 -1.33
CA ALA B 103 -0.88 -11.39 -2.64
C ALA B 103 0.51 -10.79 -2.81
N VAL B 104 1.02 -10.18 -1.75
CA VAL B 104 2.35 -9.57 -1.79
C VAL B 104 3.44 -10.62 -1.92
N ALA B 105 3.26 -11.74 -1.24
CA ALA B 105 4.23 -12.83 -1.30
C ALA B 105 3.99 -13.72 -2.50
N GLN B 106 2.83 -13.55 -3.14
CA GLN B 106 2.48 -14.35 -4.31
C GLN B 106 3.03 -13.71 -5.59
N ALA B 107 3.03 -12.38 -5.62
CA ALA B 107 3.51 -11.64 -6.78
C ALA B 107 4.94 -11.16 -6.56
N LEU B 108 5.24 -10.75 -5.33
CA LEU B 108 6.57 -10.26 -5.00
C LEU B 108 7.39 -11.34 -4.29
N ALA B 109 6.97 -11.70 -3.08
CA ALA B 109 7.65 -12.72 -2.30
C ALA B 109 9.08 -12.30 -1.96
N PRO A 1 14.56 -7.27 3.03
CA PRO A 1 13.55 -7.86 3.90
C PRO A 1 12.56 -8.72 3.13
N SER A 2 12.88 -10.00 2.97
CA SER A 2 12.02 -10.92 2.24
C SER A 2 10.59 -10.85 2.77
N PHE A 3 9.62 -11.03 1.87
CA PHE A 3 8.22 -10.98 2.25
C PHE A 3 7.79 -12.28 2.93
N GLY A 4 8.72 -13.22 3.04
CA GLY A 4 8.42 -14.50 3.66
C GLY A 4 8.64 -14.46 5.17
N LEU A 5 9.78 -13.94 5.59
CA LEU A 5 10.10 -13.86 7.02
C LEU A 5 9.29 -12.75 7.69
N VAL A 6 9.20 -11.60 7.02
CA VAL A 6 8.46 -10.47 7.54
C VAL A 6 6.98 -10.81 7.73
N LEU A 7 6.42 -11.53 6.78
CA LEU A 7 5.02 -11.93 6.84
C LEU A 7 4.82 -13.07 7.82
N ASN A 8 5.89 -13.81 8.10
CA ASN A 8 5.84 -14.93 9.02
C ASN A 8 6.15 -14.47 10.44
N SER A 9 6.75 -13.29 10.56
CA SER A 9 7.10 -12.73 11.86
C SER A 9 5.88 -12.65 12.78
N PRO A 10 6.12 -12.49 14.08
CA PRO A 10 5.06 -12.40 15.08
C PRO A 10 4.27 -11.10 14.97
N ASN A 11 4.80 -10.15 14.20
CA ASN A 11 4.15 -8.87 14.00
C ASN A 11 4.15 -8.47 12.53
N GLY A 12 4.16 -9.48 11.65
CA GLY A 12 4.17 -9.21 10.23
C GLY A 12 2.91 -8.49 9.77
N LEU A 13 2.03 -9.21 9.09
CA LEU A 13 0.79 -8.63 8.59
C LEU A 13 -0.41 -9.48 9.01
N ARG A 14 -0.25 -10.80 8.97
CA ARG A 14 -1.31 -11.72 9.34
C ARG A 14 -1.46 -11.79 10.86
N SER A 15 -0.57 -11.12 11.57
CA SER A 15 -0.60 -11.10 13.03
C SER A 15 -1.72 -10.20 13.54
N PRO A 16 -2.13 -10.43 14.79
CA PRO A 16 -3.20 -9.64 15.43
C PRO A 16 -2.77 -8.21 15.73
N GLN A 17 -1.50 -8.03 16.05
CA GLN A 17 -0.95 -6.71 16.36
C GLN A 17 -0.98 -5.82 15.13
N ALA A 18 -0.81 -6.42 13.96
CA ALA A 18 -0.82 -5.67 12.71
C ALA A 18 -2.22 -5.16 12.39
N LYS A 19 -3.22 -5.95 12.71
CA LYS A 19 -4.61 -5.59 12.45
C LYS A 19 -4.97 -4.30 13.21
N ALA A 20 -4.47 -4.17 14.42
CA ALA A 20 -4.74 -3.00 15.24
C ALA A 20 -4.12 -1.74 14.63
N ARG A 21 -2.89 -1.88 14.11
CA ARG A 21 -2.20 -0.76 13.49
C ARG A 21 -2.93 -0.29 12.25
N ILE A 22 -3.37 -1.24 11.44
CA ILE A 22 -4.09 -0.92 10.20
C ILE A 22 -5.39 -0.17 10.50
N ASN A 23 -6.04 -0.56 11.59
CA ASN A 23 -7.30 0.08 11.99
C ASN A 23 -7.16 1.59 12.03
N ASN A 24 -6.07 2.06 12.63
CA ASN A 24 -5.81 3.50 12.74
C ASN A 24 -5.67 4.13 11.36
N LEU A 25 -5.06 3.38 10.44
CA LEU A 25 -4.85 3.87 9.08
C LEU A 25 -6.18 3.93 8.32
N ALA A 26 -7.05 2.97 8.58
CA ALA A 26 -8.35 2.91 7.93
C ALA A 26 -9.13 4.21 8.15
N SER A 27 -8.82 4.90 9.23
CA SER A 27 -9.50 6.15 9.56
C SER A 27 -8.69 7.36 9.07
N ALA A 28 -7.37 7.29 9.24
CA ALA A 28 -6.49 8.36 8.80
C ALA A 28 -6.48 8.48 7.28
N LEU A 29 -6.35 7.34 6.61
CA LEU A 29 -6.33 7.32 5.15
C LEU A 29 -7.67 7.78 4.57
N SER A 30 -8.76 7.32 5.18
CA SER A 30 -10.09 7.69 4.73
C SER A 30 -10.31 9.20 4.82
N THR A 31 -9.77 9.81 5.88
CA THR A 31 -9.91 11.24 6.08
C THR A 31 -8.86 12.01 5.29
N ALA A 32 -7.74 11.36 5.01
CA ALA A 32 -6.66 11.97 4.26
C ALA A 32 -6.99 12.04 2.77
N VAL A 33 -7.53 10.95 2.24
CA VAL A 33 -7.90 10.89 0.83
C VAL A 33 -9.38 11.18 0.63
N GLY A 34 -9.68 12.11 -0.27
CA GLY A 34 -11.06 12.47 -0.54
C GLY A 34 -11.20 13.40 -1.73
N ARG A 35 -11.45 14.67 -1.46
CA ARG A 35 -11.60 15.66 -2.52
C ARG A 35 -10.31 16.44 -2.75
N ASN A 36 -9.35 16.25 -1.83
CA ASN A 36 -8.07 16.94 -1.92
C ASN A 36 -6.99 16.00 -2.44
N GLY A 37 -7.40 14.78 -2.80
CA GLY A 37 -6.45 13.80 -3.30
C GLY A 37 -5.89 12.91 -2.20
N VAL A 38 -5.24 13.53 -1.23
CA VAL A 38 -4.65 12.79 -0.11
C VAL A 38 -3.92 13.73 0.85
N ASP A 39 -4.09 13.49 2.14
CA ASP A 39 -3.45 14.31 3.16
C ASP A 39 -2.18 13.63 3.69
N VAL A 40 -1.03 14.13 3.26
CA VAL A 40 0.24 13.57 3.69
C VAL A 40 0.38 13.60 5.20
N ASN A 41 -0.15 14.66 5.82
CA ASN A 41 -0.09 14.81 7.27
C ASN A 41 -0.76 13.63 7.96
N ALA A 42 -1.96 13.29 7.51
CA ALA A 42 -2.72 12.17 8.08
C ALA A 42 -2.15 10.83 7.62
N PHE A 43 -1.71 10.77 6.37
CA PHE A 43 -1.15 9.55 5.81
C PHE A 43 0.15 9.19 6.50
N THR A 44 1.10 10.13 6.53
CA THR A 44 2.39 9.90 7.16
C THR A 44 2.24 9.73 8.67
N SER A 45 1.21 10.34 9.23
CA SER A 45 0.96 10.27 10.66
C SER A 45 0.75 8.82 11.10
N GLY A 46 0.09 8.03 10.24
CA GLY A 46 -0.16 6.64 10.56
C GLY A 46 1.09 5.79 10.45
N LEU A 47 1.89 6.04 9.43
CA LEU A 47 3.12 5.28 9.20
C LEU A 47 4.08 5.48 10.38
N ARG A 48 4.11 6.69 10.91
CA ARG A 48 5.00 7.01 12.03
C ARG A 48 4.65 6.15 13.26
N ALA A 49 3.36 6.04 13.53
CA ALA A 49 2.90 5.25 14.67
C ALA A 49 3.04 3.76 14.40
N THR A 50 2.79 3.35 13.16
CA THR A 50 2.89 1.95 12.77
C THR A 50 4.34 1.48 12.78
N LEU A 51 5.22 2.30 12.20
CA LEU A 51 6.64 1.97 12.14
C LEU A 51 7.23 1.80 13.54
N SER A 52 6.88 2.73 14.43
CA SER A 52 7.37 2.69 15.80
C SER A 52 6.85 1.47 16.54
N ASN A 53 5.57 1.16 16.32
CA ASN A 53 4.95 0.00 16.96
C ASN A 53 5.60 -1.29 16.49
N LEU A 54 5.95 -1.36 15.21
CA LEU A 54 6.58 -2.53 14.64
C LEU A 54 8.06 -2.60 15.01
N GLY A 55 8.69 -1.43 15.10
CA GLY A 55 10.09 -1.37 15.45
C GLY A 55 10.37 -1.86 16.86
N ASP A 56 9.29 -2.05 17.63
CA ASP A 56 9.42 -2.51 19.01
C ASP A 56 8.50 -3.70 19.27
N SER A 57 7.99 -4.29 18.19
CA SER A 57 7.09 -5.44 18.31
C SER A 57 7.88 -6.73 18.39
N GLY A 58 9.12 -6.71 17.89
CA GLY A 58 9.95 -7.90 17.93
C GLY A 58 10.74 -8.09 16.64
N MET A 59 10.34 -7.37 15.60
CA MET A 59 11.02 -7.47 14.31
C MET A 59 12.20 -6.52 14.24
N SER A 60 12.72 -6.30 13.03
CA SER A 60 13.85 -5.41 12.83
C SER A 60 13.40 -4.04 12.35
N PRO A 61 14.28 -3.04 12.51
CA PRO A 61 13.98 -1.66 12.10
C PRO A 61 13.94 -1.51 10.59
N ASN A 62 14.33 -2.56 9.87
CA ASN A 62 14.34 -2.54 8.41
C ASN A 62 13.08 -3.21 7.86
N GLU A 63 12.60 -4.24 8.56
CA GLU A 63 11.41 -4.96 8.13
C GLU A 63 10.16 -4.12 8.36
N ALA A 64 10.12 -3.39 9.46
CA ALA A 64 8.99 -2.53 9.79
C ALA A 64 8.76 -1.48 8.71
N LYS A 65 9.85 -1.07 8.04
CA LYS A 65 9.76 -0.08 6.98
C LYS A 65 9.01 -0.62 5.77
N VAL A 66 9.23 -1.90 5.47
CA VAL A 66 8.58 -2.55 4.35
C VAL A 66 7.23 -3.12 4.75
N GLU A 67 7.13 -3.56 6.00
CA GLU A 67 5.90 -4.14 6.52
C GLU A 67 4.79 -3.09 6.56
N VAL A 68 5.15 -1.89 6.99
CA VAL A 68 4.17 -0.80 7.09
C VAL A 68 3.52 -0.52 5.74
N LEU A 69 4.30 -0.63 4.67
CA LEU A 69 3.80 -0.40 3.31
C LEU A 69 2.61 -1.30 3.02
N LEU A 70 2.68 -2.54 3.49
CA LEU A 70 1.60 -3.50 3.28
C LEU A 70 0.39 -3.15 4.12
N GLU A 71 0.61 -2.77 5.38
CA GLU A 71 -0.46 -2.41 6.28
C GLU A 71 -1.22 -1.19 5.76
N ALA A 72 -0.49 -0.25 5.17
CA ALA A 72 -1.09 0.96 4.63
C ALA A 72 -2.17 0.63 3.60
N LEU A 73 -1.91 -0.39 2.79
CA LEU A 73 -2.85 -0.81 1.76
C LEU A 73 -4.05 -1.53 2.38
N THR A 74 -3.80 -2.29 3.45
CA THR A 74 -4.85 -3.02 4.12
C THR A 74 -5.94 -2.08 4.62
N ALA A 75 -5.54 -0.90 5.08
CA ALA A 75 -6.49 0.09 5.57
C ALA A 75 -7.39 0.60 4.46
N ALA A 76 -6.83 0.73 3.26
CA ALA A 76 -7.58 1.20 2.11
C ALA A 76 -8.41 0.07 1.49
N LEU A 77 -7.78 -1.09 1.32
CA LEU A 77 -8.45 -2.24 0.74
C LEU A 77 -9.73 -2.57 1.50
N GLN A 78 -9.62 -2.59 2.83
CA GLN A 78 -10.76 -2.90 3.68
C GLN A 78 -11.83 -1.81 3.56
N LEU A 79 -11.40 -0.58 3.35
CA LEU A 79 -12.32 0.55 3.22
C LEU A 79 -13.08 0.48 1.89
N LEU A 80 -12.37 0.11 0.83
CA LEU A 80 -12.97 0.00 -0.49
C LEU A 80 -14.19 -0.91 -0.46
N SER A 81 -14.13 -1.94 0.37
CA SER A 81 -15.23 -2.90 0.50
C SER A 81 -16.51 -2.20 0.94
N SER A 82 -16.36 -1.03 1.56
CA SER A 82 -17.49 -0.26 2.03
C SER A 82 -17.59 1.07 1.30
N SER A 83 -16.75 1.24 0.27
CA SER A 83 -16.74 2.47 -0.50
C SER A 83 -17.61 2.34 -1.76
N THR A 84 -17.35 3.18 -2.75
CA THR A 84 -18.10 3.15 -3.99
C THR A 84 -17.22 2.81 -5.18
N LEU A 85 -15.94 3.20 -5.09
CA LEU A 85 -14.98 2.93 -6.15
C LEU A 85 -15.64 3.07 -7.52
N GLY A 86 -16.27 4.22 -7.75
CA GLY A 86 -16.93 4.46 -9.02
C GLY A 86 -16.14 5.40 -9.90
N ALA A 87 -14.83 5.22 -9.95
CA ALA A 87 -13.96 6.06 -10.77
C ALA A 87 -12.51 5.62 -10.65
N VAL A 88 -11.61 6.48 -11.12
CA VAL A 88 -10.17 6.18 -11.08
C VAL A 88 -9.35 7.46 -10.98
N ASP A 89 -9.76 8.47 -11.73
CA ASP A 89 -9.05 9.75 -11.73
C ASP A 89 -7.56 9.55 -11.97
N THR A 90 -7.21 9.15 -13.20
CA THR A 90 -5.83 8.92 -13.56
C THR A 90 -5.05 10.23 -13.65
N THR A 91 -5.78 11.34 -13.57
CA THR A 91 -5.15 12.66 -13.64
C THR A 91 -4.55 13.06 -12.30
N SER A 92 -4.99 12.39 -11.24
CA SER A 92 -4.48 12.67 -9.90
C SER A 92 -3.35 11.72 -9.53
N ILE A 93 -3.04 10.80 -10.45
CA ILE A 93 -1.98 9.83 -10.22
C ILE A 93 -0.69 10.52 -9.78
N GLY A 94 -0.32 11.59 -10.48
CA GLY A 94 0.89 12.31 -10.14
C GLY A 94 0.87 12.83 -8.72
N LEU A 95 -0.29 13.26 -8.26
CA LEU A 95 -0.44 13.77 -6.91
C LEU A 95 -0.41 12.64 -5.88
N THR A 96 -1.13 11.56 -6.19
CA THR A 96 -1.19 10.41 -5.29
C THR A 96 0.18 9.77 -5.14
N SER A 97 0.85 9.50 -6.26
CA SER A 97 2.16 8.89 -6.24
C SER A 97 3.18 9.79 -5.55
N ASN A 98 2.98 11.11 -5.68
CA ASN A 98 3.87 12.08 -5.08
C ASN A 98 3.63 12.19 -3.57
N SER A 99 2.37 12.02 -3.17
CA SER A 99 2.00 12.10 -1.76
C SER A 99 2.55 10.89 -1.00
N VAL A 100 2.36 9.71 -1.55
CA VAL A 100 2.82 8.48 -0.92
C VAL A 100 4.34 8.50 -0.74
N SER A 101 5.04 9.03 -1.74
CA SER A 101 6.49 9.11 -1.68
C SER A 101 6.95 10.04 -0.57
N LYS A 102 6.32 11.20 -0.48
CA LYS A 102 6.66 12.18 0.55
C LYS A 102 6.22 11.70 1.93
N ALA A 103 5.06 11.06 1.99
CA ALA A 103 4.53 10.55 3.25
C ALA A 103 5.36 9.36 3.75
N VAL A 104 5.63 8.41 2.87
CA VAL A 104 6.41 7.23 3.22
C VAL A 104 7.82 7.62 3.65
N ALA A 105 8.39 8.61 2.98
CA ALA A 105 9.73 9.08 3.30
C ALA A 105 9.71 10.07 4.45
N GLN A 106 8.53 10.62 4.74
CA GLN A 106 8.37 11.57 5.82
C GLN A 106 8.26 10.87 7.16
N ALA A 107 7.63 9.71 7.16
CA ALA A 107 7.46 8.92 8.38
C ALA A 107 8.51 7.83 8.48
N LEU A 108 8.76 7.15 7.37
CA LEU A 108 9.75 6.07 7.33
C LEU A 108 11.10 6.59 6.86
N ALA A 109 11.16 6.99 5.59
CA ALA A 109 12.40 7.50 5.01
C ALA A 109 13.47 6.42 4.95
N PRO B 1 16.81 -1.42 1.32
CA PRO B 1 16.40 -0.53 0.21
C PRO B 1 15.76 0.76 0.72
N SER B 2 16.60 1.75 1.02
CA SER B 2 16.13 3.04 1.51
C SER B 2 15.04 3.60 0.61
N PHE B 3 14.09 4.32 1.20
CA PHE B 3 12.99 4.92 0.45
C PHE B 3 13.46 6.17 -0.29
N GLY B 4 14.64 6.66 0.08
CA GLY B 4 15.18 7.85 -0.56
C GLY B 4 15.66 7.59 -1.97
N LEU B 5 16.39 6.49 -2.14
CA LEU B 5 16.91 6.13 -3.46
C LEU B 5 15.80 5.61 -4.37
N VAL B 6 14.92 4.79 -3.80
CA VAL B 6 13.80 4.23 -4.56
C VAL B 6 12.85 5.33 -5.03
N LEU B 7 12.66 6.34 -4.19
CA LEU B 7 11.78 7.46 -4.52
C LEU B 7 12.48 8.45 -5.42
N ASN B 8 13.80 8.37 -5.49
CA ASN B 8 14.59 9.26 -6.33
C ASN B 8 15.00 8.57 -7.63
N SER B 9 14.79 7.27 -7.69
CA SER B 9 15.13 6.50 -8.88
C SER B 9 14.26 6.89 -10.06
N PRO B 10 14.73 6.56 -11.28
CA PRO B 10 14.00 6.87 -12.51
C PRO B 10 12.74 6.04 -12.67
N ASN B 11 12.57 5.05 -11.80
CA ASN B 11 11.41 4.18 -11.84
C ASN B 11 10.68 4.18 -10.50
N GLY B 12 10.90 5.23 -9.71
CA GLY B 12 10.25 5.33 -8.42
C GLY B 12 8.76 5.52 -8.53
N LEU B 13 8.24 6.56 -7.88
CA LEU B 13 6.81 6.85 -7.90
C LEU B 13 6.53 8.11 -8.72
N ARG B 14 7.40 9.11 -8.57
CA ARG B 14 7.24 10.37 -9.30
C ARG B 14 7.54 10.17 -10.78
N SER B 15 8.03 9.00 -11.14
CA SER B 15 8.36 8.69 -12.52
C SER B 15 7.09 8.47 -13.35
N PRO B 16 7.20 8.69 -14.67
CA PRO B 16 6.09 8.52 -15.60
C PRO B 16 5.70 7.05 -15.78
N GLN B 17 6.69 6.17 -15.68
CA GLN B 17 6.45 4.74 -15.84
C GLN B 17 5.68 4.19 -14.66
N ALA B 18 5.87 4.79 -13.49
CA ALA B 18 5.18 4.36 -12.28
C ALA B 18 3.70 4.73 -12.33
N LYS B 19 3.41 5.89 -12.90
CA LYS B 19 2.03 6.36 -13.01
C LYS B 19 1.22 5.46 -13.94
N ALA B 20 1.85 5.01 -15.02
CA ALA B 20 1.19 4.14 -15.98
C ALA B 20 0.87 2.79 -15.36
N ARG B 21 1.80 2.25 -14.57
CA ARG B 21 1.61 0.97 -13.92
C ARG B 21 0.48 1.03 -12.91
N ILE B 22 0.45 2.10 -12.12
CA ILE B 22 -0.58 2.28 -11.11
C ILE B 22 -1.96 2.36 -11.75
N ASN B 23 -2.03 2.98 -12.92
CA ASN B 23 -3.30 3.13 -13.64
C ASN B 23 -4.01 1.80 -13.76
N ASN B 24 -3.26 0.75 -14.13
CA ASN B 24 -3.81 -0.58 -14.30
C ASN B 24 -4.23 -1.15 -12.94
N LEU B 25 -3.49 -0.80 -11.90
CA LEU B 25 -3.78 -1.29 -10.56
C LEU B 25 -5.05 -0.64 -10.01
N ALA B 26 -5.25 0.64 -10.33
CA ALA B 26 -6.42 1.36 -9.88
C ALA B 26 -7.71 0.69 -10.33
N SER B 27 -7.62 -0.06 -11.44
CA SER B 27 -8.78 -0.77 -11.98
C SER B 27 -8.80 -2.21 -11.51
N ALA B 28 -7.62 -2.83 -11.43
CA ALA B 28 -7.51 -4.22 -11.00
C ALA B 28 -7.81 -4.35 -9.51
N LEU B 29 -7.20 -3.49 -8.71
CA LEU B 29 -7.41 -3.51 -7.26
C LEU B 29 -8.88 -3.30 -6.92
N SER B 30 -9.48 -2.28 -7.53
CA SER B 30 -10.88 -1.97 -7.28
C SER B 30 -11.78 -3.16 -7.66
N THR B 31 -11.38 -3.88 -8.71
CA THR B 31 -12.14 -5.03 -9.17
C THR B 31 -11.96 -6.21 -8.22
N ALA B 32 -10.83 -6.27 -7.54
CA ALA B 32 -10.54 -7.35 -6.60
C ALA B 32 -11.28 -7.13 -5.28
N VAL B 33 -11.30 -5.88 -4.83
CA VAL B 33 -11.97 -5.54 -3.57
C VAL B 33 -13.40 -5.08 -3.82
N GLY B 34 -14.27 -5.29 -2.82
CA GLY B 34 -15.65 -4.88 -2.95
C GLY B 34 -16.56 -5.60 -1.98
N ARG B 35 -17.31 -6.58 -2.48
CA ARG B 35 -18.22 -7.34 -1.64
C ARG B 35 -17.54 -8.57 -1.07
N ASN B 36 -16.38 -8.92 -1.64
CA ASN B 36 -15.63 -10.08 -1.19
C ASN B 36 -14.43 -9.65 -0.35
N GLY B 37 -14.33 -8.36 -0.07
CA GLY B 37 -13.23 -7.84 0.72
C GLY B 37 -12.01 -7.52 -0.13
N VAL B 38 -11.49 -8.53 -0.80
CA VAL B 38 -10.31 -8.34 -1.65
C VAL B 38 -9.93 -9.65 -2.36
N ASP B 39 -9.75 -9.56 -3.67
CA ASP B 39 -9.39 -10.72 -4.47
C ASP B 39 -7.88 -10.80 -4.69
N VAL B 40 -7.23 -11.70 -3.97
CA VAL B 40 -5.79 -11.87 -4.07
C VAL B 40 -5.37 -12.10 -5.52
N ASN B 41 -6.21 -12.80 -6.27
CA ASN B 41 -5.94 -13.10 -7.66
C ASN B 41 -5.73 -11.82 -8.47
N ALA B 42 -6.63 -10.86 -8.28
CA ALA B 42 -6.55 -9.58 -8.98
C ALA B 42 -5.50 -8.67 -8.35
N PHE B 43 -5.39 -8.74 -7.02
CA PHE B 43 -4.43 -7.92 -6.29
C PHE B 43 -3.00 -8.33 -6.64
N THR B 44 -2.70 -9.61 -6.48
CA THR B 44 -1.37 -10.13 -6.77
C THR B 44 -1.06 -10.04 -8.27
N SER B 45 -2.12 -10.09 -9.08
CA SER B 45 -1.95 -10.02 -10.52
C SER B 45 -1.29 -8.72 -10.94
N GLY B 46 -1.60 -7.64 -10.22
CA GLY B 46 -1.04 -6.35 -10.52
C GLY B 46 0.41 -6.24 -10.10
N LEU B 47 0.72 -6.73 -8.92
CA LEU B 47 2.08 -6.69 -8.39
C LEU B 47 3.04 -7.45 -9.30
N ARG B 48 2.56 -8.55 -9.86
CA ARG B 48 3.37 -9.37 -10.76
C ARG B 48 3.79 -8.58 -11.99
N ALA B 49 2.87 -7.78 -12.51
CA ALA B 49 3.15 -6.97 -13.69
C ALA B 49 4.04 -5.77 -13.35
N THR B 50 3.78 -5.17 -12.18
CA THR B 50 4.56 -4.03 -11.73
C THR B 50 5.99 -4.44 -11.38
N LEU B 51 6.12 -5.51 -10.60
CA LEU B 51 7.43 -6.00 -10.19
C LEU B 51 8.29 -6.35 -11.41
N SER B 52 7.70 -7.08 -12.35
CA SER B 52 8.41 -7.47 -13.57
C SER B 52 8.86 -6.25 -14.36
N ASN B 53 8.02 -5.23 -14.39
CA ASN B 53 8.33 -4.00 -15.11
C ASN B 53 9.46 -3.24 -14.42
N LEU B 54 9.38 -3.13 -13.10
CA LEU B 54 10.40 -2.43 -12.32
C LEU B 54 11.71 -3.21 -12.31
N GLY B 55 11.59 -4.53 -12.39
CA GLY B 55 12.78 -5.38 -12.38
C GLY B 55 13.67 -5.14 -13.59
N ASP B 56 13.14 -4.42 -14.58
CA ASP B 56 13.90 -4.13 -15.78
C ASP B 56 13.80 -2.64 -16.14
N SER B 57 13.42 -1.83 -15.15
CA SER B 57 13.29 -0.39 -15.36
C SER B 57 14.62 0.31 -15.16
N GLY B 58 15.52 -0.32 -14.43
CA GLY B 58 16.82 0.26 -14.17
C GLY B 58 17.23 0.17 -12.72
N MET B 59 16.34 -0.38 -11.89
CA MET B 59 16.62 -0.52 -10.47
C MET B 59 17.06 -1.94 -10.13
N SER B 60 17.10 -2.25 -8.85
CA SER B 60 17.52 -3.58 -8.40
C SER B 60 16.31 -4.47 -8.15
N PRO B 61 16.55 -5.79 -8.11
CA PRO B 61 15.49 -6.78 -7.87
C PRO B 61 14.97 -6.74 -6.44
N ASN B 62 15.63 -5.96 -5.60
CA ASN B 62 15.23 -5.84 -4.20
C ASN B 62 14.41 -4.57 -3.98
N GLU B 63 14.75 -3.51 -4.73
CA GLU B 63 14.04 -2.25 -4.62
C GLU B 63 12.66 -2.34 -5.23
N ALA B 64 12.55 -3.07 -6.34
CA ALA B 64 11.28 -3.25 -7.02
C ALA B 64 10.25 -3.92 -6.12
N LYS B 65 10.73 -4.75 -5.19
CA LYS B 65 9.85 -5.45 -4.27
C LYS B 65 9.19 -4.47 -3.29
N VAL B 66 9.96 -3.49 -2.84
CA VAL B 66 9.45 -2.49 -1.90
C VAL B 66 8.76 -1.35 -2.65
N GLU B 67 9.25 -1.06 -3.85
CA GLU B 67 8.69 0.02 -4.66
C GLU B 67 7.25 -0.30 -5.06
N VAL B 68 7.02 -1.55 -5.46
CA VAL B 68 5.69 -1.99 -5.88
C VAL B 68 4.67 -1.78 -4.75
N LEU B 69 5.11 -2.01 -3.52
CA LEU B 69 4.23 -1.84 -2.36
C LEU B 69 3.63 -0.44 -2.33
N LEU B 70 4.42 0.56 -2.71
CA LEU B 70 3.97 1.94 -2.72
C LEU B 70 3.09 2.20 -3.93
N GLU B 71 3.45 1.61 -5.07
CA GLU B 71 2.68 1.78 -6.30
C GLU B 71 1.27 1.25 -6.14
N ALA B 72 1.16 0.06 -5.55
CA ALA B 72 -0.14 -0.56 -5.32
C ALA B 72 -1.05 0.33 -4.48
N LEU B 73 -0.44 1.08 -3.56
CA LEU B 73 -1.19 1.97 -2.69
C LEU B 73 -1.73 3.17 -3.46
N THR B 74 -0.92 3.67 -4.40
CA THR B 74 -1.31 4.82 -5.21
C THR B 74 -2.60 4.54 -5.98
N ALA B 75 -2.74 3.31 -6.46
CA ALA B 75 -3.93 2.90 -7.20
C ALA B 75 -5.17 2.93 -6.32
N ALA B 76 -5.00 2.55 -5.06
CA ALA B 76 -6.11 2.54 -4.11
C ALA B 76 -6.40 3.94 -3.58
N LEU B 77 -5.35 4.64 -3.19
CA LEU B 77 -5.49 6.00 -2.66
C LEU B 77 -6.19 6.91 -3.67
N GLN B 78 -5.74 6.86 -4.92
CA GLN B 78 -6.33 7.67 -5.97
C GLN B 78 -7.79 7.32 -6.18
N LEU B 79 -8.12 6.06 -5.98
CA LEU B 79 -9.50 5.59 -6.13
C LEU B 79 -10.39 6.11 -5.01
N LEU B 80 -9.84 6.10 -3.80
CA LEU B 80 -10.58 6.58 -2.62
C LEU B 80 -11.10 7.99 -2.84
N SER B 81 -10.32 8.80 -3.55
CA SER B 81 -10.70 10.19 -3.82
C SER B 81 -12.00 10.24 -4.60
N SER B 82 -12.31 9.15 -5.30
CA SER B 82 -13.54 9.08 -6.10
C SER B 82 -14.50 8.04 -5.53
N SER B 83 -14.17 7.52 -4.36
CA SER B 83 -15.00 6.51 -3.70
C SER B 83 -15.98 7.16 -2.74
N THR B 84 -16.51 6.36 -1.82
CA THR B 84 -17.46 6.86 -0.83
C THR B 84 -16.90 6.75 0.59
N LEU B 85 -16.06 5.75 0.80
CA LEU B 85 -15.45 5.54 2.11
C LEU B 85 -16.44 5.85 3.23
N GLY B 86 -17.57 5.14 3.22
CA GLY B 86 -18.58 5.36 4.25
C GLY B 86 -18.58 4.27 5.30
N ALA B 87 -17.40 3.78 5.65
CA ALA B 87 -17.27 2.73 6.65
C ALA B 87 -15.81 2.36 6.88
N VAL B 88 -15.59 1.23 7.53
CA VAL B 88 -14.23 0.76 7.80
C VAL B 88 -14.19 -0.77 7.86
N ASP B 89 -15.19 -1.37 8.47
CA ASP B 89 -15.26 -2.82 8.59
C ASP B 89 -13.98 -3.39 9.18
N THR B 90 -13.74 -3.08 10.46
CA THR B 90 -12.55 -3.56 11.15
C THR B 90 -12.62 -5.06 11.41
N THR B 91 -13.79 -5.64 11.16
CA THR B 91 -14.00 -7.07 11.37
C THR B 91 -13.42 -7.88 10.22
N SER B 92 -13.23 -7.22 9.07
CA SER B 92 -12.70 -7.89 7.89
C SER B 92 -11.20 -7.66 7.77
N ILE B 93 -10.64 -6.94 8.73
CA ILE B 93 -9.21 -6.65 8.74
C ILE B 93 -8.38 -7.91 8.56
N GLY B 94 -8.72 -8.95 9.33
CA GLY B 94 -8.00 -10.21 9.24
C GLY B 94 -7.98 -10.76 7.82
N LEU B 95 -9.07 -10.54 7.09
CA LEU B 95 -9.18 -11.02 5.72
C LEU B 95 -8.33 -10.17 4.77
N THR B 96 -8.41 -8.85 4.95
CA THR B 96 -7.66 -7.93 4.11
C THR B 96 -6.16 -8.07 4.35
N SER B 97 -5.76 -8.03 5.61
CA SER B 97 -4.35 -8.15 5.98
C SER B 97 -3.79 -9.51 5.54
N ASN B 98 -4.65 -10.52 5.56
CA ASN B 98 -4.25 -11.88 5.17
C ASN B 98 -4.11 -11.98 3.66
N SER B 99 -4.96 -11.26 2.93
CA SER B 99 -4.94 -11.28 1.48
C SER B 99 -3.70 -10.56 0.94
N VAL B 100 -3.44 -9.38 1.48
CA VAL B 100 -2.28 -8.59 1.06
C VAL B 100 -0.98 -9.36 1.30
N SER B 101 -0.91 -10.04 2.42
CA SER B 101 0.28 -10.82 2.78
C SER B 101 0.51 -11.95 1.77
N LYS B 102 -0.56 -12.67 1.45
CA LYS B 102 -0.47 -13.78 0.50
C LYS B 102 -0.26 -13.27 -0.91
N ALA B 103 -0.88 -12.14 -1.23
CA ALA B 103 -0.76 -11.54 -2.56
C ALA B 103 0.67 -11.05 -2.80
N VAL B 104 1.21 -10.31 -1.84
CA VAL B 104 2.56 -9.77 -1.95
C VAL B 104 3.58 -10.89 -2.04
N ALA B 105 3.38 -11.94 -1.25
CA ALA B 105 4.29 -13.08 -1.24
C ALA B 105 3.98 -14.03 -2.40
N GLN B 106 2.85 -13.80 -3.06
CA GLN B 106 2.45 -14.64 -4.19
C GLN B 106 2.97 -14.07 -5.50
N ALA B 107 3.00 -12.75 -5.60
CA ALA B 107 3.49 -12.09 -6.81
C ALA B 107 4.96 -11.73 -6.69
N LEU B 108 5.34 -11.18 -5.54
CA LEU B 108 6.73 -10.79 -5.30
C LEU B 108 7.48 -11.90 -4.56
N ALA B 109 7.08 -12.13 -3.31
CA ALA B 109 7.71 -13.15 -2.49
C ALA B 109 9.18 -12.84 -2.26
N PRO A 1 14.63 -7.26 2.99
CA PRO A 1 14.08 -7.83 4.22
C PRO A 1 13.33 -9.13 3.98
N SER A 2 13.17 -9.49 2.71
CA SER A 2 12.46 -10.70 2.34
C SER A 2 10.98 -10.59 2.71
N PHE A 3 10.11 -10.76 1.71
CA PHE A 3 8.68 -10.69 1.94
C PHE A 3 8.15 -11.99 2.53
N GLY A 4 9.05 -12.92 2.81
CA GLY A 4 8.67 -14.19 3.38
C GLY A 4 8.74 -14.19 4.90
N LEU A 5 9.88 -13.75 5.43
CA LEU A 5 10.08 -13.70 6.88
C LEU A 5 9.27 -12.57 7.50
N VAL A 6 9.15 -11.47 6.78
CA VAL A 6 8.39 -10.32 7.28
C VAL A 6 6.89 -10.61 7.28
N LEU A 7 6.45 -11.38 6.28
CA LEU A 7 5.03 -11.73 6.18
C LEU A 7 4.67 -12.86 7.14
N ASN A 8 5.69 -13.58 7.61
CA ASN A 8 5.48 -14.68 8.53
C ASN A 8 5.90 -14.29 9.94
N SER A 9 6.54 -13.13 10.07
CA SER A 9 7.00 -12.64 11.36
C SER A 9 5.84 -12.56 12.35
N PRO A 10 6.17 -12.48 13.64
CA PRO A 10 5.17 -12.40 14.72
C PRO A 10 4.44 -11.07 14.72
N ASN A 11 4.93 -10.11 13.94
CA ASN A 11 4.32 -8.80 13.85
C ASN A 11 4.23 -8.33 12.40
N GLY A 12 4.26 -9.28 11.48
CA GLY A 12 4.19 -8.95 10.07
C GLY A 12 2.86 -8.32 9.69
N LEU A 13 2.08 -9.02 8.88
CA LEU A 13 0.78 -8.54 8.44
C LEU A 13 -0.34 -9.49 8.85
N ARG A 14 -0.04 -10.78 8.80
CA ARG A 14 -1.02 -11.80 9.16
C ARG A 14 -1.20 -11.85 10.68
N SER A 15 -0.35 -11.15 11.40
CA SER A 15 -0.42 -11.12 12.85
C SER A 15 -1.54 -10.20 13.33
N PRO A 16 -1.98 -10.39 14.57
CA PRO A 16 -3.06 -9.59 15.18
C PRO A 16 -2.61 -8.15 15.44
N GLN A 17 -1.37 -7.99 15.88
CA GLN A 17 -0.82 -6.67 16.17
C GLN A 17 -0.87 -5.77 14.95
N ALA A 18 -0.76 -6.37 13.77
CA ALA A 18 -0.79 -5.63 12.52
C ALA A 18 -2.21 -5.17 12.20
N LYS A 19 -3.19 -5.99 12.53
CA LYS A 19 -4.59 -5.67 12.27
C LYS A 19 -5.01 -4.43 13.07
N ALA A 20 -4.53 -4.34 14.30
CA ALA A 20 -4.85 -3.20 15.16
C ALA A 20 -4.30 -1.90 14.58
N ARG A 21 -3.06 -1.95 14.12
CA ARG A 21 -2.40 -0.78 13.55
C ARG A 21 -3.15 -0.30 12.30
N ILE A 22 -3.58 -1.25 11.48
CA ILE A 22 -4.31 -0.92 10.26
C ILE A 22 -5.63 -0.23 10.57
N ASN A 23 -6.27 -0.66 11.65
CA ASN A 23 -7.55 -0.07 12.06
C ASN A 23 -7.44 1.43 12.20
N ASN A 24 -6.37 1.89 12.85
CA ASN A 24 -6.16 3.31 13.06
C ASN A 24 -5.95 4.03 11.73
N LEU A 25 -5.22 3.39 10.82
CA LEU A 25 -4.96 3.96 9.51
C LEU A 25 -6.22 3.98 8.65
N ALA A 26 -7.07 2.96 8.82
CA ALA A 26 -8.31 2.86 8.07
C ALA A 26 -9.16 4.12 8.26
N SER A 27 -8.96 4.80 9.39
CA SER A 27 -9.72 6.01 9.69
C SER A 27 -8.93 7.25 9.27
N ALA A 28 -7.63 7.25 9.53
CA ALA A 28 -6.78 8.37 9.18
C ALA A 28 -6.66 8.52 7.66
N LEU A 29 -6.38 7.41 6.99
CA LEU A 29 -6.25 7.42 5.53
C LEU A 29 -7.54 7.87 4.86
N SER A 30 -8.66 7.37 5.37
CA SER A 30 -9.97 7.72 4.82
C SER A 30 -10.20 9.22 4.88
N THR A 31 -9.76 9.85 5.98
CA THR A 31 -9.91 11.28 6.16
C THR A 31 -8.87 12.05 5.36
N ALA A 32 -7.73 11.42 5.09
CA ALA A 32 -6.67 12.05 4.33
C ALA A 32 -7.01 12.09 2.84
N VAL A 33 -7.58 11.00 2.33
CA VAL A 33 -7.95 10.92 0.93
C VAL A 33 -9.42 11.28 0.74
N GLY A 34 -9.68 12.14 -0.24
CA GLY A 34 -11.05 12.56 -0.52
C GLY A 34 -11.15 13.45 -1.74
N ARG A 35 -11.36 14.75 -1.51
CA ARG A 35 -11.48 15.70 -2.60
C ARG A 35 -10.15 16.43 -2.84
N ASN A 36 -9.22 16.24 -1.91
CA ASN A 36 -7.91 16.88 -2.02
C ASN A 36 -6.86 15.88 -2.50
N GLY A 37 -7.31 14.70 -2.90
CA GLY A 37 -6.40 13.68 -3.38
C GLY A 37 -5.86 12.81 -2.26
N VAL A 38 -5.21 13.45 -1.28
CA VAL A 38 -4.64 12.73 -0.14
C VAL A 38 -3.91 13.68 0.79
N ASP A 39 -4.07 13.46 2.09
CA ASP A 39 -3.43 14.29 3.11
C ASP A 39 -2.17 13.62 3.65
N VAL A 40 -1.01 14.12 3.22
CA VAL A 40 0.26 13.56 3.66
C VAL A 40 0.39 13.62 5.17
N ASN A 41 -0.14 14.68 5.77
CA ASN A 41 -0.09 14.86 7.21
C ASN A 41 -0.75 13.69 7.93
N ALA A 42 -1.95 13.33 7.48
CA ALA A 42 -2.69 12.23 8.07
C ALA A 42 -2.13 10.88 7.62
N PHE A 43 -1.70 10.82 6.36
CA PHE A 43 -1.15 9.58 5.81
C PHE A 43 0.16 9.22 6.50
N THR A 44 1.11 10.15 6.51
CA THR A 44 2.40 9.92 7.14
C THR A 44 2.24 9.74 8.66
N SER A 45 1.21 10.36 9.22
CA SER A 45 0.96 10.28 10.65
C SER A 45 0.74 8.83 11.07
N GLY A 46 0.10 8.06 10.21
CA GLY A 46 -0.17 6.66 10.51
C GLY A 46 1.07 5.80 10.42
N LEU A 47 1.88 6.04 9.39
CA LEU A 47 3.10 5.28 9.19
C LEU A 47 4.06 5.47 10.36
N ARG A 48 4.11 6.68 10.90
CA ARG A 48 4.99 6.98 12.02
C ARG A 48 4.64 6.11 13.22
N ALA A 49 3.35 5.93 13.48
CA ALA A 49 2.89 5.12 14.60
C ALA A 49 3.08 3.63 14.31
N THR A 50 2.91 3.26 13.04
CA THR A 50 3.06 1.88 12.63
C THR A 50 4.52 1.44 12.65
N LEU A 51 5.40 2.34 12.21
CA LEU A 51 6.83 2.06 12.18
C LEU A 51 7.39 1.90 13.59
N SER A 52 6.94 2.75 14.49
CA SER A 52 7.39 2.72 15.88
C SER A 52 6.89 1.45 16.58
N ASN A 53 5.63 1.12 16.33
CA ASN A 53 5.02 -0.07 16.94
C ASN A 53 5.71 -1.34 16.46
N LEU A 54 6.06 -1.37 15.17
CA LEU A 54 6.72 -2.53 14.59
C LEU A 54 8.20 -2.55 14.95
N GLY A 55 8.78 -1.36 15.10
CA GLY A 55 10.18 -1.26 15.45
C GLY A 55 10.48 -1.80 16.83
N ASP A 56 9.43 -2.07 17.60
CA ASP A 56 9.58 -2.60 18.95
C ASP A 56 8.65 -3.79 19.17
N SER A 57 8.14 -4.36 18.09
CA SER A 57 7.24 -5.49 18.17
C SER A 57 8.02 -6.81 18.25
N GLY A 58 9.24 -6.79 17.72
CA GLY A 58 10.07 -7.98 17.75
C GLY A 58 10.87 -8.15 16.46
N MET A 59 10.56 -7.34 15.46
CA MET A 59 11.25 -7.40 14.18
C MET A 59 12.42 -6.42 14.15
N SER A 60 12.98 -6.21 12.96
CA SER A 60 14.09 -5.29 12.79
C SER A 60 13.62 -3.93 12.31
N PRO A 61 14.48 -2.91 12.48
CA PRO A 61 14.18 -1.54 12.07
C PRO A 61 14.12 -1.38 10.56
N ASN A 62 14.52 -2.42 9.84
CA ASN A 62 14.51 -2.40 8.38
C ASN A 62 13.26 -3.08 7.84
N GLU A 63 12.80 -4.12 8.54
CA GLU A 63 11.62 -4.85 8.12
C GLU A 63 10.35 -4.04 8.35
N ALA A 64 10.32 -3.29 9.45
CA ALA A 64 9.17 -2.47 9.79
C ALA A 64 8.93 -1.42 8.71
N LYS A 65 9.99 -0.97 8.06
CA LYS A 65 9.89 0.03 7.01
C LYS A 65 9.13 -0.51 5.81
N VAL A 66 9.35 -1.78 5.49
CA VAL A 66 8.68 -2.42 4.37
C VAL A 66 7.35 -3.03 4.80
N GLU A 67 7.28 -3.46 6.04
CA GLU A 67 6.06 -4.06 6.57
C GLU A 67 4.94 -3.02 6.68
N VAL A 68 5.30 -1.82 7.13
CA VAL A 68 4.34 -0.74 7.27
C VAL A 68 3.63 -0.46 5.95
N LEU A 69 4.39 -0.51 4.86
CA LEU A 69 3.84 -0.26 3.53
C LEU A 69 2.65 -1.18 3.25
N LEU A 70 2.77 -2.43 3.68
CA LEU A 70 1.71 -3.41 3.47
C LEU A 70 0.50 -3.11 4.36
N GLU A 71 0.77 -2.76 5.61
CA GLU A 71 -0.29 -2.45 6.56
C GLU A 71 -1.10 -1.24 6.09
N ALA A 72 -0.42 -0.31 5.43
CA ALA A 72 -1.08 0.89 4.92
C ALA A 72 -2.10 0.55 3.84
N LEU A 73 -1.79 -0.47 3.05
CA LEU A 73 -2.68 -0.90 1.97
C LEU A 73 -3.92 -1.61 2.53
N THR A 74 -3.71 -2.37 3.61
CA THR A 74 -4.80 -3.10 4.24
C THR A 74 -5.90 -2.15 4.71
N ALA A 75 -5.50 -0.97 5.19
CA ALA A 75 -6.45 0.02 5.66
C ALA A 75 -7.31 0.55 4.53
N ALA A 76 -6.70 0.69 3.35
CA ALA A 76 -7.41 1.19 2.18
C ALA A 76 -8.24 0.09 1.53
N LEU A 77 -7.61 -1.07 1.33
CA LEU A 77 -8.29 -2.20 0.72
C LEU A 77 -9.57 -2.56 1.48
N GLN A 78 -9.46 -2.61 2.81
CA GLN A 78 -10.61 -2.93 3.65
C GLN A 78 -11.69 -1.86 3.54
N LEU A 79 -11.25 -0.62 3.34
CA LEU A 79 -12.19 0.50 3.21
C LEU A 79 -12.93 0.44 1.89
N LEU A 80 -12.23 0.09 0.83
CA LEU A 80 -12.82 -0.01 -0.50
C LEU A 80 -14.03 -0.93 -0.48
N SER A 81 -13.97 -1.98 0.34
CA SER A 81 -15.07 -2.93 0.45
C SER A 81 -16.34 -2.24 0.91
N SER A 82 -16.19 -1.09 1.57
CA SER A 82 -17.34 -0.34 2.06
C SER A 82 -17.45 1.01 1.35
N SER A 83 -16.63 1.19 0.32
CA SER A 83 -16.63 2.44 -0.45
C SER A 83 -17.51 2.31 -1.69
N THR A 84 -17.27 3.18 -2.67
CA THR A 84 -18.05 3.17 -3.91
C THR A 84 -17.16 2.82 -5.10
N LEU A 85 -15.90 3.23 -5.02
CA LEU A 85 -14.96 2.95 -6.11
C LEU A 85 -15.62 3.11 -7.47
N GLY A 86 -16.27 4.26 -7.69
CA GLY A 86 -16.94 4.49 -8.95
C GLY A 86 -16.13 5.40 -9.86
N ALA A 87 -14.83 5.19 -9.90
CA ALA A 87 -13.94 6.00 -10.74
C ALA A 87 -12.49 5.55 -10.60
N VAL A 88 -11.58 6.37 -11.09
CA VAL A 88 -10.16 6.06 -11.02
C VAL A 88 -9.32 7.34 -10.92
N ASP A 89 -9.71 8.36 -11.67
CA ASP A 89 -9.00 9.63 -11.65
C ASP A 89 -7.52 9.43 -11.93
N THR A 90 -7.20 9.02 -13.16
CA THR A 90 -5.81 8.79 -13.54
C THR A 90 -5.03 10.10 -13.65
N THR A 91 -5.76 11.22 -13.59
CA THR A 91 -5.14 12.54 -13.67
C THR A 91 -4.54 12.94 -12.33
N SER A 92 -4.95 12.27 -11.26
CA SER A 92 -4.45 12.56 -9.93
C SER A 92 -3.31 11.63 -9.55
N ILE A 93 -3.00 10.70 -10.46
CA ILE A 93 -1.93 9.73 -10.22
C ILE A 93 -0.65 10.44 -9.78
N GLY A 94 -0.27 11.49 -10.52
CA GLY A 94 0.93 12.22 -10.18
C GLY A 94 0.91 12.76 -8.77
N LEU A 95 -0.26 13.21 -8.31
CA LEU A 95 -0.40 13.75 -6.97
C LEU A 95 -0.39 12.63 -5.93
N THR A 96 -1.11 11.55 -6.22
CA THR A 96 -1.17 10.41 -5.32
C THR A 96 0.20 9.77 -5.13
N SER A 97 0.86 9.48 -6.25
CA SER A 97 2.19 8.86 -6.20
C SER A 97 3.19 9.77 -5.51
N ASN A 98 2.99 11.09 -5.66
CA ASN A 98 3.88 12.07 -5.05
C ASN A 98 3.64 12.17 -3.55
N SER A 99 2.38 12.00 -3.14
CA SER A 99 2.02 12.06 -1.73
C SER A 99 2.58 10.87 -0.96
N VAL A 100 2.39 9.68 -1.52
CA VAL A 100 2.87 8.47 -0.89
C VAL A 100 4.39 8.50 -0.71
N SER A 101 5.07 9.05 -1.71
CA SER A 101 6.53 9.14 -1.67
C SER A 101 6.99 10.08 -0.56
N LYS A 102 6.35 11.25 -0.48
CA LYS A 102 6.69 12.24 0.53
C LYS A 102 6.26 11.76 1.92
N ALA A 103 5.10 11.11 1.98
CA ALA A 103 4.57 10.60 3.25
C ALA A 103 5.42 9.43 3.76
N VAL A 104 5.69 8.48 2.88
CA VAL A 104 6.49 7.31 3.24
C VAL A 104 7.88 7.71 3.69
N ALA A 105 8.47 8.68 2.99
CA ALA A 105 9.81 9.16 3.32
C ALA A 105 9.76 10.15 4.48
N GLN A 106 8.58 10.70 4.75
CA GLN A 106 8.40 11.66 5.82
C GLN A 106 8.29 10.95 7.17
N ALA A 107 7.67 9.78 7.17
CA ALA A 107 7.49 9.00 8.38
C ALA A 107 8.55 7.90 8.49
N LEU A 108 8.79 7.22 7.38
CA LEU A 108 9.78 6.14 7.35
C LEU A 108 11.14 6.66 6.89
N ALA A 109 11.21 7.05 5.61
CA ALA A 109 12.45 7.57 5.06
C ALA A 109 13.54 6.49 5.03
N PRO B 1 16.82 -1.25 1.32
CA PRO B 1 16.41 -0.37 0.23
C PRO B 1 15.79 0.92 0.73
N SER B 2 16.63 1.92 0.99
CA SER B 2 16.15 3.21 1.49
C SER B 2 15.07 3.77 0.58
N PHE B 3 14.12 4.47 1.18
CA PHE B 3 13.01 5.06 0.44
C PHE B 3 13.46 6.32 -0.30
N GLY B 4 14.63 6.82 0.07
CA GLY B 4 15.15 8.02 -0.57
C GLY B 4 15.66 7.76 -1.97
N LEU B 5 16.42 6.68 -2.14
CA LEU B 5 16.97 6.31 -3.43
C LEU B 5 15.89 5.76 -4.35
N VAL B 6 15.01 4.92 -3.79
CA VAL B 6 13.93 4.33 -4.56
C VAL B 6 12.97 5.40 -5.07
N LEU B 7 12.73 6.41 -4.25
CA LEU B 7 11.82 7.49 -4.62
C LEU B 7 12.52 8.49 -5.54
N ASN B 8 13.85 8.43 -5.56
CA ASN B 8 14.64 9.33 -6.40
C ASN B 8 15.04 8.64 -7.70
N SER B 9 14.86 7.33 -7.75
CA SER B 9 15.21 6.55 -8.94
C SER B 9 14.30 6.92 -10.11
N PRO B 10 14.75 6.58 -11.32
CA PRO B 10 13.99 6.86 -12.56
C PRO B 10 12.73 6.01 -12.67
N ASN B 11 12.59 5.04 -11.76
CA ASN B 11 11.44 4.16 -11.76
C ASN B 11 10.72 4.18 -10.41
N GLY B 12 10.95 5.26 -9.66
CA GLY B 12 10.32 5.39 -8.36
C GLY B 12 8.81 5.56 -8.45
N LEU B 13 8.30 6.64 -7.87
CA LEU B 13 6.87 6.90 -7.89
C LEU B 13 6.56 8.13 -8.73
N ARG B 14 7.40 9.14 -8.63
CA ARG B 14 7.22 10.37 -9.40
C ARG B 14 7.51 10.15 -10.87
N SER B 15 8.00 8.95 -11.21
CA SER B 15 8.32 8.61 -12.58
C SER B 15 7.06 8.34 -13.39
N PRO B 16 7.15 8.54 -14.72
CA PRO B 16 6.03 8.32 -15.62
C PRO B 16 5.66 6.85 -15.77
N GLN B 17 6.68 5.99 -15.66
CA GLN B 17 6.46 4.55 -15.78
C GLN B 17 5.70 4.01 -14.58
N ALA B 18 5.90 4.64 -13.42
CA ALA B 18 5.23 4.22 -12.20
C ALA B 18 3.74 4.58 -12.25
N LYS B 19 3.43 5.73 -12.84
CA LYS B 19 2.05 6.18 -12.96
C LYS B 19 1.24 5.24 -13.84
N ALA B 20 1.86 4.77 -14.91
CA ALA B 20 1.19 3.86 -15.84
C ALA B 20 0.87 2.52 -15.17
N ARG B 21 1.83 2.01 -14.41
CA ARG B 21 1.65 0.73 -13.71
C ARG B 21 0.51 0.82 -12.71
N ILE B 22 0.45 1.93 -11.99
CA ILE B 22 -0.59 2.14 -10.99
C ILE B 22 -1.97 2.19 -11.65
N ASN B 23 -2.04 2.78 -12.84
CA ASN B 23 -3.29 2.89 -13.57
C ASN B 23 -3.96 1.52 -13.73
N ASN B 24 -3.16 0.54 -14.12
CA ASN B 24 -3.67 -0.82 -14.31
C ASN B 24 -4.18 -1.40 -13.00
N LEU B 25 -3.47 -1.13 -11.91
CA LEU B 25 -3.86 -1.62 -10.59
C LEU B 25 -5.11 -0.90 -10.10
N ALA B 26 -5.22 0.39 -10.42
CA ALA B 26 -6.37 1.18 -10.01
C ALA B 26 -7.67 0.55 -10.48
N SER B 27 -7.59 -0.23 -11.55
CA SER B 27 -8.77 -0.89 -12.10
C SER B 27 -8.89 -2.31 -11.57
N ALA B 28 -7.76 -3.00 -11.47
CA ALA B 28 -7.73 -4.37 -10.98
C ALA B 28 -8.09 -4.42 -9.50
N LEU B 29 -7.43 -3.59 -8.71
CA LEU B 29 -7.68 -3.54 -7.27
C LEU B 29 -9.14 -3.20 -6.97
N SER B 30 -9.68 -2.25 -7.72
CA SER B 30 -11.06 -1.83 -7.54
C SER B 30 -12.02 -3.00 -7.80
N THR B 31 -11.68 -3.83 -8.77
CA THR B 31 -12.51 -4.98 -9.13
C THR B 31 -12.28 -6.13 -8.15
N ALA B 32 -11.10 -6.17 -7.55
CA ALA B 32 -10.75 -7.22 -6.60
C ALA B 32 -11.43 -6.98 -5.25
N VAL B 33 -11.48 -5.72 -4.84
CA VAL B 33 -12.10 -5.35 -3.57
C VAL B 33 -13.53 -4.86 -3.78
N GLY B 34 -14.44 -5.38 -2.97
CA GLY B 34 -15.84 -4.99 -3.07
C GLY B 34 -16.69 -5.57 -1.97
N ARG B 35 -17.52 -6.56 -2.32
CA ARG B 35 -18.39 -7.20 -1.35
C ARG B 35 -17.78 -8.51 -0.86
N ASN B 36 -16.70 -8.94 -1.49
CA ASN B 36 -16.03 -10.18 -1.12
C ASN B 36 -14.77 -9.88 -0.31
N GLY B 37 -14.54 -8.61 0.00
CA GLY B 37 -13.38 -8.23 0.77
C GLY B 37 -12.21 -7.84 -0.13
N VAL B 38 -11.73 -8.80 -0.92
CA VAL B 38 -10.61 -8.55 -1.81
C VAL B 38 -10.22 -9.81 -2.58
N ASP B 39 -9.95 -9.66 -3.86
CA ASP B 39 -9.57 -10.79 -4.71
C ASP B 39 -8.06 -10.86 -4.87
N VAL B 40 -7.45 -11.82 -4.17
CA VAL B 40 -6.00 -11.99 -4.23
C VAL B 40 -5.55 -12.23 -5.67
N ASN B 41 -6.36 -12.94 -6.44
CA ASN B 41 -6.04 -13.24 -7.83
C ASN B 41 -5.80 -11.96 -8.62
N ALA B 42 -6.72 -11.01 -8.48
CA ALA B 42 -6.62 -9.73 -9.18
C ALA B 42 -5.62 -8.81 -8.50
N PHE B 43 -5.58 -8.87 -7.17
CA PHE B 43 -4.67 -8.04 -6.40
C PHE B 43 -3.22 -8.39 -6.70
N THR B 44 -2.89 -9.68 -6.57
CA THR B 44 -1.54 -10.15 -6.83
C THR B 44 -1.18 -10.04 -8.30
N SER B 45 -2.21 -10.16 -9.16
CA SER B 45 -2.00 -10.08 -10.60
C SER B 45 -1.41 -8.72 -10.99
N GLY B 46 -1.84 -7.67 -10.30
CA GLY B 46 -1.34 -6.34 -10.59
C GLY B 46 0.08 -6.14 -10.11
N LEU B 47 0.41 -6.73 -8.97
CA LEU B 47 1.76 -6.61 -8.40
C LEU B 47 2.78 -7.37 -9.25
N ARG B 48 2.36 -8.53 -9.76
CA ARG B 48 3.23 -9.35 -10.59
C ARG B 48 3.74 -8.57 -11.80
N ALA B 49 2.85 -7.74 -12.36
CA ALA B 49 3.20 -6.94 -13.53
C ALA B 49 4.12 -5.78 -13.15
N THR B 50 3.89 -5.21 -11.97
CA THR B 50 4.70 -4.11 -11.49
C THR B 50 6.10 -4.57 -11.10
N LEU B 51 6.17 -5.67 -10.35
CA LEU B 51 7.44 -6.21 -9.92
C LEU B 51 8.33 -6.54 -11.11
N SER B 52 7.74 -7.17 -12.13
CA SER B 52 8.48 -7.54 -13.33
C SER B 52 8.90 -6.30 -14.12
N ASN B 53 8.02 -5.30 -14.16
CA ASN B 53 8.29 -4.07 -14.87
C ASN B 53 9.43 -3.30 -14.21
N LEU B 54 9.38 -3.20 -12.89
CA LEU B 54 10.41 -2.49 -12.13
C LEU B 54 11.71 -3.28 -12.11
N GLY B 55 11.59 -4.60 -12.19
CA GLY B 55 12.77 -5.45 -12.17
C GLY B 55 13.66 -5.24 -13.38
N ASP B 56 13.14 -4.52 -14.38
CA ASP B 56 13.89 -4.24 -15.59
C ASP B 56 13.77 -2.77 -15.98
N SER B 57 13.39 -1.94 -15.01
CA SER B 57 13.23 -0.51 -15.24
C SER B 57 14.56 0.22 -15.09
N GLY B 58 15.49 -0.41 -14.37
CA GLY B 58 16.79 0.19 -14.15
C GLY B 58 17.21 0.15 -12.70
N MET B 59 16.37 -0.42 -11.85
CA MET B 59 16.65 -0.52 -10.43
C MET B 59 17.12 -1.92 -10.07
N SER B 60 17.18 -2.21 -8.77
CA SER B 60 17.61 -3.52 -8.29
C SER B 60 16.41 -4.42 -8.02
N PRO B 61 16.66 -5.74 -7.95
CA PRO B 61 15.61 -6.73 -7.69
C PRO B 61 15.09 -6.66 -6.26
N ASN B 62 15.74 -5.86 -5.44
CA ASN B 62 15.33 -5.69 -4.05
C ASN B 62 14.51 -4.42 -3.86
N GLU B 63 14.83 -3.39 -4.64
CA GLU B 63 14.12 -2.13 -4.55
C GLU B 63 12.72 -2.24 -5.16
N ALA B 64 12.61 -3.02 -6.23
CA ALA B 64 11.34 -3.21 -6.90
C ALA B 64 10.33 -3.88 -5.98
N LYS B 65 10.83 -4.70 -5.06
CA LYS B 65 9.97 -5.41 -4.11
C LYS B 65 9.32 -4.42 -3.14
N VAL B 66 10.06 -3.39 -2.76
CA VAL B 66 9.55 -2.38 -1.84
C VAL B 66 8.86 -1.25 -2.59
N GLU B 67 9.34 -0.97 -3.81
CA GLU B 67 8.77 0.09 -4.63
C GLU B 67 7.34 -0.26 -5.04
N VAL B 68 7.12 -1.52 -5.37
CA VAL B 68 5.80 -1.99 -5.79
C VAL B 68 4.76 -1.72 -4.70
N LEU B 69 5.16 -1.87 -3.45
CA LEU B 69 4.27 -1.64 -2.32
C LEU B 69 3.64 -0.25 -2.39
N LEU B 70 4.45 0.73 -2.78
CA LEU B 70 3.98 2.11 -2.89
C LEU B 70 3.05 2.28 -4.09
N GLU B 71 3.41 1.65 -5.20
CA GLU B 71 2.61 1.71 -6.41
C GLU B 71 1.22 1.12 -6.19
N ALA B 72 1.16 0.08 -5.36
CA ALA B 72 -0.11 -0.57 -5.07
C ALA B 72 -1.02 0.34 -4.25
N LEU B 73 -0.43 1.12 -3.36
CA LEU B 73 -1.20 2.04 -2.52
C LEU B 73 -1.70 3.23 -3.34
N THR B 74 -0.90 3.68 -4.29
CA THR B 74 -1.27 4.79 -5.15
C THR B 74 -2.55 4.51 -5.91
N ALA B 75 -2.71 3.26 -6.34
CA ALA B 75 -3.90 2.86 -7.08
C ALA B 75 -5.14 2.92 -6.20
N ALA B 76 -4.98 2.58 -4.93
CA ALA B 76 -6.10 2.60 -3.98
C ALA B 76 -6.37 4.02 -3.49
N LEU B 77 -5.31 4.72 -3.10
CA LEU B 77 -5.44 6.09 -2.61
C LEU B 77 -6.13 6.98 -3.64
N GLN B 78 -5.69 6.86 -4.89
CA GLN B 78 -6.26 7.65 -5.98
C GLN B 78 -7.73 7.31 -6.19
N LEU B 79 -8.06 6.05 -5.95
CA LEU B 79 -9.45 5.58 -6.12
C LEU B 79 -10.34 6.13 -5.01
N LEU B 80 -9.82 6.12 -3.79
CA LEU B 80 -10.57 6.61 -2.64
C LEU B 80 -11.07 8.04 -2.88
N SER B 81 -10.27 8.82 -3.59
CA SER B 81 -10.63 10.20 -3.90
C SER B 81 -11.92 10.26 -4.71
N SER B 82 -12.24 9.17 -5.38
CA SER B 82 -13.45 9.08 -6.19
C SER B 82 -14.42 8.06 -5.64
N SER B 83 -14.12 7.55 -4.45
CA SER B 83 -14.96 6.56 -3.80
C SER B 83 -15.92 7.21 -2.81
N THR B 84 -16.43 6.43 -1.87
CA THR B 84 -17.36 6.94 -0.87
C THR B 84 -16.76 6.86 0.52
N LEU B 85 -15.92 5.85 0.75
CA LEU B 85 -15.28 5.68 2.05
C LEU B 85 -16.23 6.01 3.19
N GLY B 86 -17.41 5.37 3.17
CA GLY B 86 -18.39 5.61 4.20
C GLY B 86 -18.46 4.48 5.22
N ALA B 87 -17.29 3.96 5.59
CA ALA B 87 -17.23 2.87 6.56
C ALA B 87 -15.78 2.44 6.80
N VAL B 88 -15.61 1.30 7.46
CA VAL B 88 -14.27 0.79 7.76
C VAL B 88 -14.26 -0.74 7.75
N ASP B 89 -15.32 -1.34 8.29
CA ASP B 89 -15.43 -2.79 8.35
C ASP B 89 -14.19 -3.40 8.99
N THR B 90 -14.00 -3.15 10.28
CA THR B 90 -12.85 -3.68 11.00
C THR B 90 -12.98 -5.18 11.23
N THR B 91 -14.16 -5.71 10.92
CA THR B 91 -14.41 -7.14 11.09
C THR B 91 -13.81 -7.96 9.95
N SER B 92 -13.61 -7.30 8.82
CA SER B 92 -13.04 -7.96 7.64
C SER B 92 -11.53 -7.76 7.59
N ILE B 93 -10.99 -7.09 8.60
CA ILE B 93 -9.56 -6.83 8.66
C ILE B 93 -8.76 -8.11 8.45
N GLY B 94 -9.15 -9.17 9.15
CA GLY B 94 -8.46 -10.45 9.02
C GLY B 94 -8.38 -10.92 7.58
N LEU B 95 -9.41 -10.62 6.81
CA LEU B 95 -9.45 -11.01 5.40
C LEU B 95 -8.54 -10.14 4.56
N THR B 96 -8.58 -8.83 4.81
CA THR B 96 -7.75 -7.89 4.07
C THR B 96 -6.27 -8.10 4.38
N SER B 97 -5.94 -8.15 5.66
CA SER B 97 -4.56 -8.34 6.09
C SER B 97 -4.02 -9.69 5.61
N ASN B 98 -4.92 -10.67 5.50
CA ASN B 98 -4.54 -12.01 5.06
C ASN B 98 -4.37 -12.04 3.55
N SER B 99 -5.21 -11.28 2.84
CA SER B 99 -5.15 -11.23 1.38
C SER B 99 -3.92 -10.48 0.91
N VAL B 100 -3.62 -9.37 1.58
CA VAL B 100 -2.46 -8.56 1.22
C VAL B 100 -1.16 -9.33 1.44
N SER B 101 -1.11 -10.10 2.51
CA SER B 101 0.07 -10.89 2.84
C SER B 101 0.29 -12.00 1.81
N LYS B 102 -0.79 -12.70 1.46
CA LYS B 102 -0.72 -13.77 0.49
C LYS B 102 -0.48 -13.23 -0.92
N ALA B 103 -1.15 -12.11 -1.23
CA ALA B 103 -1.02 -11.49 -2.53
C ALA B 103 0.40 -10.96 -2.75
N VAL B 104 0.93 -10.29 -1.74
CA VAL B 104 2.28 -9.73 -1.82
C VAL B 104 3.33 -10.84 -1.94
N ALA B 105 3.14 -11.91 -1.17
CA ALA B 105 4.06 -13.04 -1.19
C ALA B 105 3.79 -13.95 -2.37
N GLN B 106 2.66 -13.72 -3.04
CA GLN B 106 2.28 -14.51 -4.20
C GLN B 106 2.82 -13.92 -5.50
N ALA B 107 2.89 -12.59 -5.53
CA ALA B 107 3.40 -11.88 -6.71
C ALA B 107 4.85 -11.47 -6.52
N LEU B 108 5.20 -11.10 -5.29
CA LEU B 108 6.57 -10.68 -4.99
C LEU B 108 7.37 -11.84 -4.39
N ALA B 109 7.03 -12.23 -3.17
CA ALA B 109 7.71 -13.33 -2.50
C ALA B 109 7.29 -14.67 -3.08
N PRO A 1 14.87 -7.78 3.11
CA PRO A 1 13.77 -8.22 3.98
C PRO A 1 12.72 -9.03 3.24
N SER A 2 12.98 -10.32 3.08
CA SER A 2 12.07 -11.20 2.38
C SER A 2 10.65 -11.07 2.93
N PHE A 3 9.66 -11.18 2.06
CA PHE A 3 8.26 -11.06 2.46
C PHE A 3 7.80 -12.33 3.19
N GLY A 4 8.67 -13.34 3.23
CA GLY A 4 8.34 -14.58 3.90
C GLY A 4 8.52 -14.49 5.40
N LEU A 5 9.66 -13.96 5.83
CA LEU A 5 9.96 -13.82 7.25
C LEU A 5 9.12 -12.72 7.88
N VAL A 6 8.96 -11.61 7.15
CA VAL A 6 8.18 -10.49 7.65
C VAL A 6 6.71 -10.87 7.81
N LEU A 7 6.21 -11.69 6.90
CA LEU A 7 4.82 -12.13 6.95
C LEU A 7 4.64 -13.25 7.98
N ASN A 8 5.75 -13.88 8.36
CA ASN A 8 5.72 -14.97 9.33
C ASN A 8 6.09 -14.47 10.72
N SER A 9 6.62 -13.24 10.78
CA SER A 9 7.01 -12.65 12.06
C SER A 9 5.82 -12.51 12.99
N PRO A 10 6.10 -12.32 14.29
CA PRO A 10 5.06 -12.16 15.31
C PRO A 10 4.32 -10.84 15.18
N ASN A 11 4.84 -9.95 14.35
CA ASN A 11 4.22 -8.65 14.14
C ASN A 11 4.10 -8.33 12.65
N GLY A 12 4.05 -9.38 11.84
CA GLY A 12 3.94 -9.21 10.40
C GLY A 12 2.63 -8.56 10.00
N LEU A 13 1.78 -9.33 9.32
CA LEU A 13 0.48 -8.82 8.88
C LEU A 13 -0.66 -9.67 9.45
N ARG A 14 -0.47 -10.98 9.44
CA ARG A 14 -1.47 -11.89 9.96
C ARG A 14 -1.57 -11.81 11.49
N SER A 15 -0.64 -11.07 12.08
CA SER A 15 -0.61 -10.90 13.53
C SER A 15 -1.70 -9.93 13.99
N PRO A 16 -2.09 -10.06 15.27
CA PRO A 16 -3.13 -9.21 15.86
C PRO A 16 -2.66 -7.77 16.04
N GLN A 17 -1.36 -7.60 16.26
CA GLN A 17 -0.79 -6.27 16.46
C GLN A 17 -0.84 -5.47 15.16
N ALA A 18 -0.75 -6.16 14.03
CA ALA A 18 -0.78 -5.51 12.73
C ALA A 18 -2.19 -5.03 12.39
N LYS A 19 -3.19 -5.82 12.79
CA LYS A 19 -4.58 -5.47 12.52
C LYS A 19 -4.97 -4.20 13.27
N ALA A 20 -4.49 -4.05 14.49
CA ALA A 20 -4.78 -2.87 15.30
C ALA A 20 -4.21 -1.61 14.66
N ARG A 21 -2.98 -1.71 14.19
CA ARG A 21 -2.32 -0.56 13.55
C ARG A 21 -3.08 -0.13 12.31
N ILE A 22 -3.51 -1.10 11.51
CA ILE A 22 -4.24 -0.81 10.28
C ILE A 22 -5.56 -0.11 10.57
N ASN A 23 -6.19 -0.50 11.68
CA ASN A 23 -7.46 0.10 12.09
C ASN A 23 -7.34 1.62 12.17
N ASN A 24 -6.28 2.09 12.80
CA ASN A 24 -6.04 3.52 12.96
C ASN A 24 -5.86 4.19 11.59
N LEU A 25 -5.16 3.52 10.70
CA LEU A 25 -4.91 4.04 9.36
C LEU A 25 -6.19 4.03 8.53
N ALA A 26 -7.02 3.01 8.73
CA ALA A 26 -8.27 2.89 8.01
C ALA A 26 -9.14 4.13 8.19
N SER A 27 -8.93 4.83 9.30
CA SER A 27 -9.70 6.03 9.60
C SER A 27 -8.94 7.28 9.16
N ALA A 28 -7.63 7.28 9.38
CA ALA A 28 -6.79 8.41 9.00
C ALA A 28 -6.69 8.54 7.49
N LEU A 29 -6.38 7.43 6.83
CA LEU A 29 -6.26 7.42 5.37
C LEU A 29 -7.56 7.86 4.70
N SER A 30 -8.68 7.40 5.25
CA SER A 30 -10.00 7.75 4.71
C SER A 30 -10.24 9.25 4.81
N THR A 31 -9.77 9.85 5.90
CA THR A 31 -9.94 11.28 6.12
C THR A 31 -8.92 12.09 5.32
N ALA A 32 -7.77 11.46 5.04
CA ALA A 32 -6.73 12.13 4.28
C ALA A 32 -7.05 12.16 2.79
N VAL A 33 -7.59 11.05 2.29
CA VAL A 33 -7.96 10.95 0.88
C VAL A 33 -9.44 11.23 0.67
N GLY A 34 -9.75 12.07 -0.31
CA GLY A 34 -11.13 12.41 -0.60
C GLY A 34 -11.27 13.32 -1.81
N ARG A 35 -11.57 14.59 -1.55
CA ARG A 35 -11.73 15.56 -2.63
C ARG A 35 -10.46 16.36 -2.83
N ASN A 36 -9.51 16.21 -1.91
CA ASN A 36 -8.24 16.93 -1.98
C ASN A 36 -7.13 16.01 -2.48
N GLY A 37 -7.51 14.81 -2.90
CA GLY A 37 -6.52 13.86 -3.39
C GLY A 37 -5.96 12.98 -2.29
N VAL A 38 -5.29 13.59 -1.32
CA VAL A 38 -4.70 12.87 -0.21
C VAL A 38 -3.95 13.81 0.73
N ASP A 39 -4.14 13.59 2.04
CA ASP A 39 -3.48 14.42 3.04
C ASP A 39 -2.24 13.72 3.58
N VAL A 40 -1.07 14.19 3.15
CA VAL A 40 0.20 13.62 3.59
C VAL A 40 0.32 13.67 5.10
N ASN A 41 -0.20 14.73 5.70
CA ASN A 41 -0.14 14.89 7.15
C ASN A 41 -0.82 13.73 7.85
N ALA A 42 -2.02 13.38 7.40
CA ALA A 42 -2.77 12.28 7.99
C ALA A 42 -2.23 10.93 7.51
N PHE A 43 -1.81 10.87 6.26
CA PHE A 43 -1.27 9.64 5.68
C PHE A 43 0.03 9.25 6.37
N THR A 44 0.98 10.19 6.41
CA THR A 44 2.27 9.94 7.04
C THR A 44 2.13 9.77 8.55
N SER A 45 1.11 10.40 9.12
CA SER A 45 0.86 10.33 10.56
C SER A 45 0.62 8.89 10.99
N GLY A 46 -0.08 8.13 10.15
CA GLY A 46 -0.36 6.75 10.46
C GLY A 46 0.85 5.86 10.32
N LEU A 47 1.68 6.14 9.32
CA LEU A 47 2.89 5.36 9.07
C LEU A 47 3.88 5.53 10.21
N ARG A 48 3.98 6.74 10.73
CA ARG A 48 4.90 7.03 11.84
C ARG A 48 4.60 6.15 13.04
N ALA A 49 3.31 5.94 13.31
CA ALA A 49 2.89 5.12 14.43
C ALA A 49 3.12 3.63 14.15
N THR A 50 2.94 3.24 12.90
CA THR A 50 3.13 1.85 12.50
C THR A 50 4.60 1.48 12.50
N LEU A 51 5.44 2.34 11.93
CA LEU A 51 6.87 2.11 11.87
C LEU A 51 7.47 2.02 13.27
N SER A 52 7.07 2.93 14.14
CA SER A 52 7.57 2.94 15.52
C SER A 52 7.09 1.72 16.28
N ASN A 53 5.83 1.36 16.08
CA ASN A 53 5.25 0.19 16.75
C ASN A 53 5.93 -1.09 16.31
N LEU A 54 6.15 -1.21 15.01
CA LEU A 54 6.79 -2.40 14.45
C LEU A 54 8.28 -2.42 14.80
N GLY A 55 8.88 -1.23 14.88
CA GLY A 55 10.29 -1.14 15.20
C GLY A 55 10.60 -1.61 16.61
N ASP A 56 9.55 -1.81 17.40
CA ASP A 56 9.71 -2.26 18.77
C ASP A 56 8.75 -3.41 19.09
N SER A 57 8.21 -4.01 18.04
CA SER A 57 7.27 -5.12 18.20
C SER A 57 8.01 -6.45 18.34
N GLY A 58 9.24 -6.49 17.82
CA GLY A 58 10.04 -7.70 17.90
C GLY A 58 10.79 -7.97 16.62
N MET A 59 10.50 -7.19 15.58
CA MET A 59 11.17 -7.35 14.29
C MET A 59 12.36 -6.42 14.18
N SER A 60 12.89 -6.27 12.96
CA SER A 60 14.04 -5.41 12.72
C SER A 60 13.59 -4.04 12.21
N PRO A 61 14.49 -3.05 12.31
CA PRO A 61 14.21 -1.68 11.86
C PRO A 61 14.13 -1.58 10.35
N ASN A 62 14.48 -2.67 9.66
CA ASN A 62 14.45 -2.69 8.20
C ASN A 62 13.17 -3.36 7.70
N GLU A 63 12.69 -4.35 8.45
CA GLU A 63 11.49 -5.07 8.07
C GLU A 63 10.24 -4.20 8.29
N ALA A 64 10.28 -3.40 9.35
CA ALA A 64 9.16 -2.52 9.67
C ALA A 64 8.94 -1.50 8.56
N LYS A 65 10.00 -1.12 7.87
CA LYS A 65 9.92 -0.15 6.78
C LYS A 65 9.15 -0.72 5.61
N VAL A 66 9.31 -2.02 5.38
CA VAL A 66 8.62 -2.70 4.27
C VAL A 66 7.27 -3.24 4.72
N GLU A 67 7.19 -3.63 6.00
CA GLU A 67 5.96 -4.17 6.55
C GLU A 67 4.87 -3.11 6.60
N VAL A 68 5.26 -1.89 6.93
CA VAL A 68 4.31 -0.78 7.01
C VAL A 68 3.59 -0.58 5.68
N LEU A 69 4.31 -0.76 4.58
CA LEU A 69 3.75 -0.59 3.25
C LEU A 69 2.52 -1.49 3.07
N LEU A 70 2.61 -2.71 3.58
CA LEU A 70 1.51 -3.67 3.48
C LEU A 70 0.36 -3.27 4.40
N GLU A 71 0.69 -2.85 5.61
CA GLU A 71 -0.31 -2.45 6.59
C GLU A 71 -1.09 -1.24 6.09
N ALA A 72 -0.41 -0.35 5.37
CA ALA A 72 -1.03 0.84 4.83
C ALA A 72 -2.07 0.50 3.76
N LEU A 73 -1.77 -0.53 2.98
CA LEU A 73 -2.68 -0.97 1.92
C LEU A 73 -3.91 -1.66 2.51
N THR A 74 -3.70 -2.42 3.59
CA THR A 74 -4.78 -3.14 4.25
C THR A 74 -5.87 -2.18 4.71
N ALA A 75 -5.46 -1.00 5.18
CA ALA A 75 -6.40 0.01 5.65
C ALA A 75 -7.26 0.53 4.50
N ALA A 76 -6.66 0.66 3.32
CA ALA A 76 -7.36 1.15 2.15
C ALA A 76 -8.20 0.06 1.51
N LEU A 77 -7.59 -1.12 1.34
CA LEU A 77 -8.29 -2.26 0.74
C LEU A 77 -9.58 -2.57 1.50
N GLN A 78 -9.48 -2.60 2.82
CA GLN A 78 -10.64 -2.89 3.66
C GLN A 78 -11.70 -1.81 3.52
N LEU A 79 -11.25 -0.58 3.32
CA LEU A 79 -12.16 0.55 3.16
C LEU A 79 -12.90 0.49 1.83
N LEU A 80 -12.19 0.07 0.78
CA LEU A 80 -12.77 -0.04 -0.54
C LEU A 80 -14.00 -0.94 -0.52
N SER A 81 -13.97 -1.97 0.32
CA SER A 81 -15.08 -2.90 0.44
C SER A 81 -16.36 -2.18 0.88
N SER A 82 -16.18 -1.03 1.53
CA SER A 82 -17.31 -0.24 2.01
C SER A 82 -17.41 1.08 1.24
N SER A 83 -16.58 1.23 0.22
CA SER A 83 -16.57 2.44 -0.59
C SER A 83 -17.43 2.27 -1.84
N THR A 84 -17.18 3.10 -2.84
CA THR A 84 -17.95 3.05 -4.09
C THR A 84 -17.05 2.64 -5.25
N LEU A 85 -15.80 3.07 -5.21
CA LEU A 85 -14.83 2.75 -6.26
C LEU A 85 -15.51 2.78 -7.64
N GLY A 86 -16.20 3.87 -7.92
CA GLY A 86 -16.88 4.01 -9.20
C GLY A 86 -16.27 5.09 -10.07
N ALA A 87 -14.96 5.24 -9.99
CA ALA A 87 -14.25 6.25 -10.77
C ALA A 87 -12.75 6.20 -10.52
N VAL A 88 -11.97 6.51 -11.55
CA VAL A 88 -10.51 6.49 -11.44
C VAL A 88 -9.92 7.84 -11.86
N ASP A 89 -9.64 8.68 -10.88
CA ASP A 89 -9.06 9.99 -11.16
C ASP A 89 -7.61 9.87 -11.60
N THR A 90 -7.42 9.43 -12.83
CA THR A 90 -6.07 9.26 -13.38
C THR A 90 -5.36 10.60 -13.52
N THR A 91 -6.12 11.67 -13.42
CA THR A 91 -5.57 13.02 -13.53
C THR A 91 -4.93 13.46 -12.23
N SER A 92 -5.28 12.77 -11.14
CA SER A 92 -4.74 13.09 -9.83
C SER A 92 -3.61 12.13 -9.45
N ILE A 93 -3.28 11.23 -10.37
CA ILE A 93 -2.21 10.26 -10.13
C ILE A 93 -0.95 10.94 -9.65
N GLY A 94 -0.54 12.00 -10.34
CA GLY A 94 0.65 12.73 -9.97
C GLY A 94 0.63 13.19 -8.52
N LEU A 95 -0.56 13.53 -8.04
CA LEU A 95 -0.72 14.00 -6.66
C LEU A 95 -0.62 12.83 -5.68
N THR A 96 -1.29 11.73 -6.01
CA THR A 96 -1.29 10.55 -5.16
C THR A 96 0.11 9.92 -5.09
N SER A 97 0.70 9.70 -6.27
CA SER A 97 2.03 9.11 -6.34
C SER A 97 3.07 10.00 -5.67
N ASN A 98 2.82 11.31 -5.71
CA ASN A 98 3.74 12.28 -5.10
C ASN A 98 3.53 12.34 -3.59
N SER A 99 2.28 12.20 -3.16
CA SER A 99 1.94 12.26 -1.74
C SER A 99 2.44 11.00 -1.02
N VAL A 100 2.22 9.84 -1.64
CA VAL A 100 2.66 8.58 -1.06
C VAL A 100 4.17 8.54 -0.87
N SER A 101 4.89 9.10 -1.85
CA SER A 101 6.35 9.11 -1.81
C SER A 101 6.84 10.02 -0.68
N LYS A 102 6.23 11.20 -0.57
CA LYS A 102 6.61 12.16 0.48
C LYS A 102 6.17 11.66 1.85
N ALA A 103 4.98 11.05 1.90
CA ALA A 103 4.45 10.53 3.14
C ALA A 103 5.29 9.37 3.66
N VAL A 104 5.58 8.42 2.79
CA VAL A 104 6.38 7.25 3.15
C VAL A 104 7.77 7.67 3.62
N ALA A 105 8.38 8.60 2.91
CA ALA A 105 9.72 9.09 3.26
C ALA A 105 9.65 10.06 4.43
N GLN A 106 8.46 10.61 4.68
CA GLN A 106 8.28 11.55 5.78
C GLN A 106 8.18 10.82 7.12
N ALA A 107 7.57 9.64 7.09
CA ALA A 107 7.41 8.84 8.30
C ALA A 107 8.50 7.78 8.40
N LEU A 108 8.77 7.09 7.30
CA LEU A 108 9.79 6.05 7.27
C LEU A 108 11.17 6.65 7.03
N ALA A 109 11.40 7.16 5.83
CA ALA A 109 12.67 7.76 5.47
C ALA A 109 12.88 9.07 6.23
N PRO B 1 16.88 -1.78 1.21
CA PRO B 1 16.59 -0.85 0.12
C PRO B 1 16.13 0.52 0.63
N SER B 2 17.06 1.47 0.69
CA SER B 2 16.76 2.80 1.17
C SER B 2 15.54 3.37 0.45
N PHE B 3 14.53 3.76 1.24
CA PHE B 3 13.30 4.32 0.68
C PHE B 3 13.59 5.62 -0.07
N GLY B 4 14.75 6.20 0.18
CA GLY B 4 15.13 7.44 -0.48
C GLY B 4 15.49 7.23 -1.94
N LEU B 5 16.25 6.18 -2.21
CA LEU B 5 16.67 5.87 -3.57
C LEU B 5 15.51 5.30 -4.38
N VAL B 6 14.64 4.55 -3.72
CA VAL B 6 13.48 3.95 -4.38
C VAL B 6 12.40 4.99 -4.64
N LEU B 7 12.29 5.97 -3.74
CA LEU B 7 11.29 7.03 -3.87
C LEU B 7 11.77 8.10 -4.86
N ASN B 8 13.07 8.11 -5.14
CA ASN B 8 13.63 9.08 -6.06
C ASN B 8 14.14 8.39 -7.33
N SER B 9 14.13 7.06 -7.32
CA SER B 9 14.58 6.29 -8.47
C SER B 9 13.90 6.74 -9.74
N PRO B 10 14.50 6.42 -10.89
CA PRO B 10 13.96 6.78 -12.21
C PRO B 10 12.69 6.02 -12.55
N ASN B 11 12.35 5.04 -11.72
CA ASN B 11 11.16 4.24 -11.93
C ASN B 11 10.42 3.99 -10.62
N GLY B 12 10.78 4.76 -9.60
CA GLY B 12 10.15 4.61 -8.30
C GLY B 12 8.67 4.97 -8.32
N LEU B 13 8.34 6.12 -7.75
CA LEU B 13 6.96 6.58 -7.71
C LEU B 13 6.84 7.99 -8.28
N ARG B 14 7.85 8.82 -8.05
CA ARG B 14 7.86 10.18 -8.55
C ARG B 14 8.05 10.21 -10.06
N SER B 15 8.33 9.04 -10.64
CA SER B 15 8.54 8.93 -12.08
C SER B 15 7.22 8.70 -12.81
N PRO B 16 7.19 9.04 -14.11
CA PRO B 16 5.99 8.89 -14.93
C PRO B 16 5.67 7.42 -15.21
N GLN B 17 6.70 6.61 -15.38
CA GLN B 17 6.52 5.18 -15.65
C GLN B 17 5.76 4.51 -14.52
N ALA B 18 5.93 5.02 -13.31
CA ALA B 18 5.24 4.47 -12.15
C ALA B 18 3.76 4.83 -12.16
N LYS B 19 3.45 6.03 -12.61
CA LYS B 19 2.07 6.50 -12.68
C LYS B 19 1.25 5.64 -13.63
N ALA B 20 1.86 5.26 -14.76
CA ALA B 20 1.19 4.43 -15.74
C ALA B 20 0.88 3.05 -15.18
N ARG B 21 1.85 2.45 -14.51
CA ARG B 21 1.67 1.13 -13.92
C ARG B 21 0.56 1.14 -12.87
N ILE B 22 0.47 2.24 -12.12
CA ILE B 22 -0.55 2.37 -11.08
C ILE B 22 -1.95 2.46 -11.70
N ASN B 23 -2.04 3.14 -12.85
CA ASN B 23 -3.32 3.30 -13.53
C ASN B 23 -3.98 1.95 -13.76
N ASN B 24 -3.21 0.97 -14.21
CA ASN B 24 -3.73 -0.37 -14.47
C ASN B 24 -4.17 -1.04 -13.16
N LEU B 25 -3.43 -0.79 -12.10
CA LEU B 25 -3.75 -1.37 -10.79
C LEU B 25 -4.99 -0.72 -10.21
N ALA B 26 -5.17 0.57 -10.45
CA ALA B 26 -6.32 1.31 -9.96
C ALA B 26 -7.62 0.65 -10.40
N SER B 27 -7.57 -0.08 -11.52
CA SER B 27 -8.74 -0.75 -12.05
C SER B 27 -8.79 -2.21 -11.58
N ALA B 28 -7.62 -2.85 -11.55
CA ALA B 28 -7.53 -4.24 -11.13
C ALA B 28 -7.82 -4.38 -9.64
N LEU B 29 -7.15 -3.55 -8.83
CA LEU B 29 -7.34 -3.58 -7.39
C LEU B 29 -8.80 -3.34 -7.02
N SER B 30 -9.39 -2.30 -7.59
CA SER B 30 -10.78 -1.96 -7.32
C SER B 30 -11.70 -3.13 -7.69
N THR B 31 -11.35 -3.84 -8.76
CA THR B 31 -12.14 -4.97 -9.22
C THR B 31 -11.97 -6.17 -8.29
N ALA B 32 -10.82 -6.25 -7.64
CA ALA B 32 -10.54 -7.34 -6.72
C ALA B 32 -11.22 -7.13 -5.37
N VAL B 33 -11.21 -5.89 -4.90
CA VAL B 33 -11.82 -5.54 -3.63
C VAL B 33 -13.25 -5.03 -3.82
N GLY B 34 -14.10 -5.24 -2.83
CA GLY B 34 -15.47 -4.79 -2.90
C GLY B 34 -16.39 -5.57 -1.99
N ARG B 35 -17.21 -6.45 -2.57
CA ARG B 35 -18.14 -7.26 -1.80
C ARG B 35 -17.45 -8.52 -1.26
N ASN B 36 -16.30 -8.85 -1.84
CA ASN B 36 -15.56 -10.03 -1.42
C ASN B 36 -14.35 -9.63 -0.57
N GLY B 37 -14.24 -8.34 -0.28
CA GLY B 37 -13.13 -7.84 0.52
C GLY B 37 -11.91 -7.54 -0.31
N VAL B 38 -11.39 -8.55 -1.00
CA VAL B 38 -10.21 -8.39 -1.84
C VAL B 38 -9.85 -9.70 -2.53
N ASP B 39 -9.71 -9.64 -3.86
CA ASP B 39 -9.36 -10.82 -4.64
C ASP B 39 -7.85 -10.90 -4.85
N VAL B 40 -7.20 -11.81 -4.13
CA VAL B 40 -5.76 -11.98 -4.24
C VAL B 40 -5.34 -12.21 -5.68
N ASN B 41 -6.18 -12.93 -6.43
CA ASN B 41 -5.91 -13.23 -7.84
C ASN B 41 -5.71 -11.94 -8.63
N ALA B 42 -6.62 -10.99 -8.45
CA ALA B 42 -6.55 -9.72 -9.16
C ALA B 42 -5.51 -8.79 -8.51
N PHE B 43 -5.42 -8.85 -7.18
CA PHE B 43 -4.47 -8.03 -6.45
C PHE B 43 -3.03 -8.41 -6.78
N THR B 44 -2.70 -9.69 -6.60
CA THR B 44 -1.37 -10.19 -6.88
C THR B 44 -1.05 -10.10 -8.37
N SER B 45 -2.10 -10.16 -9.20
CA SER B 45 -1.93 -10.09 -10.63
C SER B 45 -1.26 -8.78 -11.05
N GLY B 46 -1.59 -7.71 -10.33
CA GLY B 46 -1.02 -6.42 -10.64
C GLY B 46 0.43 -6.30 -10.21
N LEU B 47 0.73 -6.80 -9.02
CA LEU B 47 2.09 -6.75 -8.49
C LEU B 47 3.05 -7.51 -9.39
N ARG B 48 2.59 -8.63 -9.95
CA ARG B 48 3.40 -9.44 -10.85
C ARG B 48 3.85 -8.63 -12.06
N ALA B 49 2.95 -7.82 -12.59
CA ALA B 49 3.25 -6.99 -13.76
C ALA B 49 4.14 -5.82 -13.37
N THR B 50 3.87 -5.23 -12.21
CA THR B 50 4.65 -4.09 -11.74
C THR B 50 6.07 -4.51 -11.39
N LEU B 51 6.20 -5.61 -10.64
CA LEU B 51 7.51 -6.11 -10.25
C LEU B 51 8.37 -6.41 -11.46
N SER B 52 7.80 -7.10 -12.45
CA SER B 52 8.52 -7.45 -13.67
C SER B 52 8.92 -6.20 -14.43
N ASN B 53 8.01 -5.23 -14.50
CA ASN B 53 8.27 -3.99 -15.21
C ASN B 53 9.40 -3.21 -14.54
N LEU B 54 9.35 -3.11 -13.22
CA LEU B 54 10.36 -2.40 -12.46
C LEU B 54 11.70 -3.14 -12.50
N GLY B 55 11.62 -4.47 -12.60
CA GLY B 55 12.83 -5.27 -12.63
C GLY B 55 13.67 -4.99 -13.87
N ASP B 56 13.10 -4.28 -14.83
CA ASP B 56 13.79 -3.94 -16.07
C ASP B 56 13.66 -2.45 -16.37
N SER B 57 13.31 -1.67 -15.36
CA SER B 57 13.16 -0.23 -15.52
C SER B 57 14.48 0.50 -15.30
N GLY B 58 15.36 -0.13 -14.53
CA GLY B 58 16.66 0.46 -14.27
C GLY B 58 17.08 0.32 -12.82
N MET B 59 16.17 -0.19 -11.99
CA MET B 59 16.45 -0.37 -10.57
C MET B 59 16.93 -1.80 -10.30
N SER B 60 16.93 -2.18 -9.03
CA SER B 60 17.38 -3.51 -8.63
C SER B 60 16.18 -4.42 -8.37
N PRO B 61 16.43 -5.74 -8.41
CA PRO B 61 15.38 -6.75 -8.18
C PRO B 61 14.92 -6.78 -6.72
N ASN B 62 15.62 -6.03 -5.87
CA ASN B 62 15.27 -5.97 -4.46
C ASN B 62 14.45 -4.72 -4.14
N GLU B 63 14.76 -3.63 -4.84
CA GLU B 63 14.05 -2.37 -4.64
C GLU B 63 12.64 -2.44 -5.22
N ALA B 64 12.50 -3.11 -6.36
CA ALA B 64 11.21 -3.26 -7.01
C ALA B 64 10.21 -3.98 -6.10
N LYS B 65 10.72 -4.87 -5.26
CA LYS B 65 9.87 -5.62 -4.35
C LYS B 65 9.24 -4.70 -3.32
N VAL B 66 9.99 -3.70 -2.88
CA VAL B 66 9.49 -2.74 -1.89
C VAL B 66 8.81 -1.56 -2.57
N GLU B 67 9.29 -1.21 -3.76
CA GLU B 67 8.73 -0.09 -4.51
C GLU B 67 7.31 -0.41 -4.98
N VAL B 68 7.09 -1.66 -5.37
CA VAL B 68 5.78 -2.10 -5.85
C VAL B 68 4.72 -1.89 -4.78
N LEU B 69 5.09 -2.15 -3.54
CA LEU B 69 4.16 -2.00 -2.41
C LEU B 69 3.61 -0.58 -2.36
N LEU B 70 4.46 0.39 -2.66
CA LEU B 70 4.05 1.79 -2.64
C LEU B 70 3.19 2.12 -3.86
N GLU B 71 3.57 1.58 -5.01
CA GLU B 71 2.84 1.82 -6.25
C GLU B 71 1.40 1.29 -6.14
N ALA B 72 1.25 0.13 -5.50
CA ALA B 72 -0.06 -0.49 -5.33
C ALA B 72 -0.96 0.39 -4.47
N LEU B 73 -0.36 1.13 -3.54
CA LEU B 73 -1.11 2.01 -2.65
C LEU B 73 -1.65 3.21 -3.41
N THR B 74 -0.84 3.74 -4.33
CA THR B 74 -1.23 4.89 -5.12
C THR B 74 -2.50 4.61 -5.92
N ALA B 75 -2.62 3.38 -6.40
CA ALA B 75 -3.79 2.97 -7.18
C ALA B 75 -5.05 2.99 -6.33
N ALA B 76 -4.91 2.62 -5.06
CA ALA B 76 -6.03 2.60 -4.15
C ALA B 76 -6.33 3.99 -3.59
N LEU B 77 -5.29 4.67 -3.14
CA LEU B 77 -5.43 6.01 -2.59
C LEU B 77 -6.10 6.95 -3.60
N GLN B 78 -5.62 6.89 -4.85
CA GLN B 78 -6.16 7.72 -5.90
C GLN B 78 -7.61 7.37 -6.19
N LEU B 79 -7.94 6.09 -6.06
CA LEU B 79 -9.30 5.61 -6.30
C LEU B 79 -10.24 6.07 -5.20
N LEU B 80 -9.74 6.10 -3.97
CA LEU B 80 -10.53 6.52 -2.82
C LEU B 80 -11.12 7.91 -3.04
N SER B 81 -10.36 8.76 -3.72
CA SER B 81 -10.80 10.12 -3.99
C SER B 81 -12.10 10.12 -4.79
N SER B 82 -12.35 9.03 -5.50
CA SER B 82 -13.57 8.90 -6.30
C SER B 82 -14.52 7.89 -5.68
N SER B 83 -14.15 7.36 -4.52
CA SER B 83 -14.98 6.38 -3.83
C SER B 83 -15.95 7.06 -2.87
N THR B 84 -16.46 6.30 -1.91
CA THR B 84 -17.39 6.84 -0.93
C THR B 84 -16.80 6.81 0.47
N LEU B 85 -15.93 5.83 0.72
CA LEU B 85 -15.29 5.70 2.02
C LEU B 85 -16.26 6.02 3.15
N GLY B 86 -17.39 5.31 3.18
CA GLY B 86 -18.39 5.54 4.20
C GLY B 86 -18.42 4.43 5.24
N ALA B 87 -17.24 3.93 5.60
CA ALA B 87 -17.15 2.85 6.58
C ALA B 87 -15.70 2.46 6.81
N VAL B 88 -15.49 1.31 7.45
CA VAL B 88 -14.15 0.81 7.73
C VAL B 88 -14.12 -0.71 7.76
N ASP B 89 -15.16 -1.30 8.34
CA ASP B 89 -15.25 -2.76 8.44
C ASP B 89 -13.99 -3.35 9.05
N THR B 90 -13.78 -3.09 10.34
CA THR B 90 -12.61 -3.58 11.05
C THR B 90 -12.71 -5.09 11.26
N THR B 91 -13.87 -5.66 10.96
CA THR B 91 -14.08 -7.09 11.12
C THR B 91 -13.48 -7.87 9.95
N SER B 92 -13.21 -7.18 8.85
CA SER B 92 -12.64 -7.81 7.67
C SER B 92 -11.13 -7.61 7.63
N ILE B 93 -10.61 -6.91 8.63
CA ILE B 93 -9.17 -6.65 8.72
C ILE B 93 -8.37 -7.94 8.56
N GLY B 94 -8.77 -8.96 9.31
CA GLY B 94 -8.08 -10.25 9.23
C GLY B 94 -8.04 -10.80 7.83
N LEU B 95 -9.12 -10.60 7.08
CA LEU B 95 -9.21 -11.09 5.71
C LEU B 95 -8.36 -10.24 4.77
N THR B 96 -8.45 -8.92 4.93
CA THR B 96 -7.69 -7.99 4.10
C THR B 96 -6.19 -8.16 4.33
N SER B 97 -5.78 -8.13 5.60
CA SER B 97 -4.37 -8.27 5.95
C SER B 97 -3.84 -9.64 5.52
N ASN B 98 -4.70 -10.65 5.58
CA ASN B 98 -4.31 -12.01 5.20
C ASN B 98 -4.20 -12.14 3.69
N SER B 99 -5.06 -11.41 2.97
CA SER B 99 -5.06 -11.45 1.51
C SER B 99 -3.79 -10.79 0.95
N VAL B 100 -3.49 -9.60 1.44
CA VAL B 100 -2.31 -8.87 0.99
C VAL B 100 -1.04 -9.66 1.25
N SER B 101 -0.99 -10.34 2.39
CA SER B 101 0.18 -11.14 2.76
C SER B 101 0.42 -12.24 1.73
N LYS B 102 -0.64 -12.94 1.36
CA LYS B 102 -0.53 -14.02 0.38
C LYS B 102 -0.29 -13.47 -1.02
N ALA B 103 -0.90 -12.32 -1.31
CA ALA B 103 -0.75 -11.68 -2.62
C ALA B 103 0.68 -11.22 -2.83
N VAL B 104 1.23 -10.52 -1.83
CA VAL B 104 2.59 -10.00 -1.91
C VAL B 104 3.60 -11.15 -1.99
N ALA B 105 3.36 -12.21 -1.22
CA ALA B 105 4.25 -13.36 -1.21
C ALA B 105 3.95 -14.29 -2.40
N GLN B 106 2.86 -14.01 -3.09
CA GLN B 106 2.47 -14.81 -4.25
C GLN B 106 3.03 -14.23 -5.55
N ALA B 107 3.09 -12.90 -5.61
CA ALA B 107 3.60 -12.22 -6.79
C ALA B 107 5.06 -11.83 -6.60
N LEU B 108 5.40 -11.39 -5.40
CA LEU B 108 6.77 -10.98 -5.09
C LEU B 108 7.51 -12.09 -4.33
N ALA B 109 7.09 -12.35 -3.10
CA ALA B 109 7.70 -13.38 -2.28
C ALA B 109 9.18 -13.10 -2.06
N PRO A 1 15.36 -7.19 3.30
CA PRO A 1 14.24 -7.69 4.12
C PRO A 1 13.28 -8.55 3.30
N SER A 2 13.57 -9.85 3.23
CA SER A 2 12.74 -10.78 2.48
C SER A 2 11.28 -10.65 2.89
N PHE A 3 10.38 -10.79 1.93
CA PHE A 3 8.94 -10.69 2.19
C PHE A 3 8.42 -11.95 2.87
N GLY A 4 9.27 -12.96 2.95
CA GLY A 4 8.88 -14.22 3.57
C GLY A 4 8.96 -14.17 5.09
N LEU A 5 10.04 -13.60 5.60
CA LEU A 5 10.23 -13.48 7.04
C LEU A 5 9.30 -12.43 7.63
N VAL A 6 9.11 -11.34 6.90
CA VAL A 6 8.25 -10.25 7.36
C VAL A 6 6.79 -10.69 7.35
N LEU A 7 6.42 -11.52 6.38
CA LEU A 7 5.06 -12.02 6.26
C LEU A 7 4.79 -13.15 7.24
N ASN A 8 5.87 -13.73 7.76
CA ASN A 8 5.75 -14.83 8.72
C ASN A 8 6.14 -14.37 10.13
N SER A 9 6.62 -13.15 10.23
CA SER A 9 7.03 -12.60 11.52
C SER A 9 5.83 -12.50 12.46
N PRO A 10 6.12 -12.37 13.77
CA PRO A 10 5.08 -12.27 14.80
C PRO A 10 4.33 -10.95 14.74
N ASN A 11 4.86 -10.01 13.96
CA ASN A 11 4.24 -8.69 13.82
C ASN A 11 4.03 -8.36 12.35
N GLY A 12 3.96 -9.39 11.51
CA GLY A 12 3.75 -9.17 10.10
C GLY A 12 2.38 -8.59 9.77
N LEU A 13 1.66 -9.26 8.88
CA LEU A 13 0.33 -8.82 8.50
C LEU A 13 -0.75 -9.74 9.06
N ARG A 14 -0.47 -11.05 9.02
CA ARG A 14 -1.41 -12.04 9.53
C ARG A 14 -1.49 -11.99 11.05
N SER A 15 -0.62 -11.18 11.66
CA SER A 15 -0.59 -11.04 13.11
C SER A 15 -1.71 -10.13 13.60
N PRO A 16 -2.12 -10.33 14.86
CA PRO A 16 -3.18 -9.53 15.48
C PRO A 16 -2.75 -8.08 15.74
N GLN A 17 -1.47 -7.89 15.99
CA GLN A 17 -0.93 -6.56 16.24
C GLN A 17 -1.00 -5.69 14.99
N ALA A 18 -0.89 -6.32 13.83
CA ALA A 18 -0.95 -5.61 12.56
C ALA A 18 -2.37 -5.15 12.24
N LYS A 19 -3.34 -5.99 12.59
CA LYS A 19 -4.74 -5.67 12.35
C LYS A 19 -5.16 -4.42 13.12
N ALA A 20 -4.66 -4.29 14.35
CA ALA A 20 -4.98 -3.14 15.19
C ALA A 20 -4.41 -1.86 14.60
N ARG A 21 -3.16 -1.94 14.14
CA ARG A 21 -2.49 -0.78 13.55
C ARG A 21 -3.22 -0.31 12.30
N ILE A 22 -3.65 -1.26 11.48
CA ILE A 22 -4.36 -0.94 10.24
C ILE A 22 -5.68 -0.23 10.53
N ASN A 23 -6.34 -0.64 11.62
CA ASN A 23 -7.61 -0.04 12.01
C ASN A 23 -7.48 1.47 12.13
N ASN A 24 -6.43 1.91 12.80
CA ASN A 24 -6.19 3.35 13.00
C ASN A 24 -5.94 4.04 11.67
N LEU A 25 -5.21 3.37 10.78
CA LEU A 25 -4.90 3.92 9.46
C LEU A 25 -6.15 3.95 8.58
N ALA A 26 -7.00 2.95 8.74
CA ALA A 26 -8.23 2.86 7.97
C ALA A 26 -9.08 4.11 8.15
N SER A 27 -8.91 4.78 9.28
CA SER A 27 -9.68 5.99 9.58
C SER A 27 -8.87 7.23 9.22
N ALA A 28 -7.58 7.20 9.53
CA ALA A 28 -6.69 8.33 9.24
C ALA A 28 -6.50 8.50 7.73
N LEU A 29 -6.18 7.41 7.05
CA LEU A 29 -5.96 7.44 5.62
C LEU A 29 -7.21 7.93 4.89
N SER A 30 -8.35 7.34 5.22
CA SER A 30 -9.62 7.72 4.59
C SER A 30 -9.90 9.21 4.80
N THR A 31 -9.50 9.72 5.95
CA THR A 31 -9.72 11.13 6.28
C THR A 31 -8.76 12.02 5.49
N ALA A 32 -7.59 11.48 5.16
CA ALA A 32 -6.59 12.23 4.41
C ALA A 32 -6.96 12.32 2.94
N VAL A 33 -7.48 11.21 2.40
CA VAL A 33 -7.88 11.16 1.00
C VAL A 33 -9.36 11.46 0.84
N GLY A 34 -9.74 11.98 -0.32
CA GLY A 34 -11.13 12.29 -0.58
C GLY A 34 -11.30 13.29 -1.72
N ARG A 35 -11.58 14.53 -1.37
CA ARG A 35 -11.77 15.59 -2.36
C ARG A 35 -10.45 16.32 -2.64
N ASN A 36 -9.47 16.10 -1.76
CA ASN A 36 -8.16 16.74 -1.92
C ASN A 36 -7.14 15.75 -2.44
N GLY A 37 -7.60 14.56 -2.80
CA GLY A 37 -6.70 13.54 -3.32
C GLY A 37 -6.08 12.70 -2.22
N VAL A 38 -5.30 13.35 -1.35
CA VAL A 38 -4.64 12.66 -0.25
C VAL A 38 -3.83 13.63 0.59
N ASP A 39 -4.09 13.62 1.90
CA ASP A 39 -3.38 14.49 2.82
C ASP A 39 -2.14 13.80 3.40
N VAL A 40 -0.97 14.20 2.91
CA VAL A 40 0.28 13.63 3.37
C VAL A 40 0.40 13.70 4.89
N ASN A 41 -0.10 14.79 5.46
CA ASN A 41 -0.06 14.99 6.90
C ASN A 41 -0.74 13.83 7.63
N ALA A 42 -1.94 13.48 7.18
CA ALA A 42 -2.69 12.39 7.79
C ALA A 42 -2.16 11.03 7.33
N PHE A 43 -1.72 10.97 6.08
CA PHE A 43 -1.18 9.73 5.53
C PHE A 43 0.10 9.32 6.25
N THR A 44 1.06 10.23 6.29
CA THR A 44 2.34 9.96 6.94
C THR A 44 2.17 9.83 8.45
N SER A 45 1.15 10.51 8.99
CA SER A 45 0.89 10.46 10.42
C SER A 45 0.59 9.04 10.88
N GLY A 46 -0.10 8.28 10.04
CA GLY A 46 -0.43 6.91 10.37
C GLY A 46 0.76 5.98 10.27
N LEU A 47 1.62 6.23 9.28
CA LEU A 47 2.81 5.40 9.09
C LEU A 47 3.80 5.59 10.23
N ARG A 48 3.92 6.82 10.71
CA ARG A 48 4.83 7.14 11.80
C ARG A 48 4.51 6.29 13.03
N ALA A 49 3.21 6.12 13.30
CA ALA A 49 2.77 5.34 14.45
C ALA A 49 2.98 3.85 14.20
N THR A 50 2.85 3.43 12.96
CA THR A 50 3.03 2.03 12.59
C THR A 50 4.50 1.63 12.63
N LEU A 51 5.36 2.51 12.12
CA LEU A 51 6.79 2.25 12.10
C LEU A 51 7.35 2.11 13.52
N SER A 52 6.89 2.99 14.41
CA SER A 52 7.35 2.96 15.80
C SER A 52 6.84 1.72 16.51
N ASN A 53 5.61 1.32 16.21
CA ASN A 53 5.01 0.14 16.82
C ASN A 53 5.72 -1.13 16.36
N LEU A 54 5.99 -1.22 15.06
CA LEU A 54 6.67 -2.38 14.50
C LEU A 54 8.15 -2.38 14.86
N GLY A 55 8.72 -1.18 15.00
CA GLY A 55 10.12 -1.06 15.35
C GLY A 55 10.43 -1.63 16.72
N ASP A 56 9.38 -1.90 17.50
CA ASP A 56 9.55 -2.44 18.83
C ASP A 56 8.58 -3.59 19.08
N SER A 57 8.04 -4.15 18.00
CA SER A 57 7.09 -5.25 18.10
C SER A 57 7.83 -6.59 18.19
N GLY A 58 9.09 -6.60 17.75
CA GLY A 58 9.87 -7.82 17.79
C GLY A 58 10.67 -8.03 16.53
N MET A 59 10.47 -7.15 15.54
CA MET A 59 11.19 -7.26 14.28
C MET A 59 12.36 -6.29 14.23
N SER A 60 12.92 -6.10 13.03
CA SER A 60 14.06 -5.20 12.86
C SER A 60 13.58 -3.83 12.36
N PRO A 61 14.46 -2.82 12.52
CA PRO A 61 14.16 -1.45 12.10
C PRO A 61 14.10 -1.31 10.59
N ASN A 62 14.51 -2.36 9.87
CA ASN A 62 14.51 -2.35 8.42
C ASN A 62 13.25 -3.03 7.87
N GLU A 63 12.78 -4.05 8.59
CA GLU A 63 11.59 -4.79 8.17
C GLU A 63 10.33 -3.95 8.40
N ALA A 64 10.32 -3.19 9.49
CA ALA A 64 9.18 -2.34 9.82
C ALA A 64 8.93 -1.30 8.74
N LYS A 65 10.00 -0.88 8.08
CA LYS A 65 9.90 0.11 7.01
C LYS A 65 9.13 -0.45 5.81
N VAL A 66 9.34 -1.73 5.54
CA VAL A 66 8.67 -2.39 4.42
C VAL A 66 7.34 -2.99 4.85
N GLU A 67 7.28 -3.42 6.12
CA GLU A 67 6.06 -4.01 6.66
C GLU A 67 4.94 -2.97 6.75
N VAL A 68 5.31 -1.77 7.14
CA VAL A 68 4.34 -0.68 7.27
C VAL A 68 3.61 -0.43 5.94
N LEU A 69 4.35 -0.55 4.85
CA LEU A 69 3.78 -0.34 3.52
C LEU A 69 2.56 -1.22 3.30
N LEU A 70 2.65 -2.46 3.76
CA LEU A 70 1.56 -3.42 3.62
C LEU A 70 0.37 -3.03 4.51
N GLU A 71 0.67 -2.58 5.71
CA GLU A 71 -0.37 -2.17 6.66
C GLU A 71 -1.17 -0.99 6.11
N ALA A 72 -0.50 -0.11 5.37
CA ALA A 72 -1.14 1.05 4.78
C ALA A 72 -2.13 0.64 3.69
N LEU A 73 -1.79 -0.42 2.96
CA LEU A 73 -2.65 -0.91 1.89
C LEU A 73 -3.88 -1.61 2.45
N THR A 74 -3.69 -2.38 3.52
CA THR A 74 -4.78 -3.11 4.15
C THR A 74 -5.86 -2.15 4.65
N ALA A 75 -5.43 -1.00 5.16
CA ALA A 75 -6.36 0.01 5.67
C ALA A 75 -7.26 0.52 4.55
N ALA A 76 -6.70 0.64 3.35
CA ALA A 76 -7.46 1.12 2.21
C ALA A 76 -8.26 0.00 1.55
N LEU A 77 -7.61 -1.13 1.32
CA LEU A 77 -8.26 -2.28 0.72
C LEU A 77 -9.49 -2.69 1.51
N GLN A 78 -9.38 -2.65 2.83
CA GLN A 78 -10.49 -3.02 3.71
C GLN A 78 -11.59 -1.96 3.66
N LEU A 79 -11.19 -0.70 3.50
CA LEU A 79 -12.14 0.40 3.45
C LEU A 79 -12.91 0.40 2.14
N LEU A 80 -12.22 0.02 1.06
CA LEU A 80 -12.83 -0.03 -0.26
C LEU A 80 -14.08 -0.91 -0.24
N SER A 81 -14.04 -1.97 0.55
CA SER A 81 -15.16 -2.90 0.65
C SER A 81 -16.41 -2.18 1.13
N SER A 82 -16.22 -1.07 1.82
CA SER A 82 -17.33 -0.28 2.34
C SER A 82 -17.44 1.06 1.61
N SER A 83 -16.62 1.24 0.58
CA SER A 83 -16.62 2.47 -0.19
C SER A 83 -17.52 2.34 -1.42
N THR A 84 -17.26 3.18 -2.42
CA THR A 84 -18.04 3.16 -3.64
C THR A 84 -17.19 2.76 -4.84
N LEU A 85 -15.91 3.14 -4.80
CA LEU A 85 -14.98 2.80 -5.88
C LEU A 85 -15.68 2.91 -7.24
N GLY A 86 -16.30 4.06 -7.50
CA GLY A 86 -16.99 4.26 -8.76
C GLY A 86 -16.22 5.19 -9.69
N ALA A 87 -14.90 5.03 -9.72
CA ALA A 87 -14.06 5.86 -10.58
C ALA A 87 -12.59 5.48 -10.43
N VAL A 88 -11.70 6.32 -10.95
CA VAL A 88 -10.27 6.08 -10.87
C VAL A 88 -9.49 7.39 -10.79
N ASP A 89 -9.93 8.39 -11.54
CA ASP A 89 -9.28 9.68 -11.55
C ASP A 89 -7.79 9.55 -11.83
N THR A 90 -7.46 9.15 -13.06
CA THR A 90 -6.07 8.97 -13.46
C THR A 90 -5.36 10.31 -13.58
N THR A 91 -6.12 11.39 -13.49
CA THR A 91 -5.56 12.73 -13.58
C THR A 91 -4.90 13.16 -12.27
N SER A 92 -5.36 12.57 -11.17
CA SER A 92 -4.82 12.88 -9.85
C SER A 92 -3.66 11.95 -9.51
N ILE A 93 -3.34 11.05 -10.43
CA ILE A 93 -2.25 10.10 -10.23
C ILE A 93 -0.98 10.81 -9.78
N GLY A 94 -0.63 11.88 -10.48
CA GLY A 94 0.57 12.64 -10.15
C GLY A 94 0.57 13.09 -8.70
N LEU A 95 -0.61 13.42 -8.18
CA LEU A 95 -0.74 13.88 -6.80
C LEU A 95 -0.62 12.70 -5.83
N THR A 96 -1.28 11.60 -6.14
CA THR A 96 -1.24 10.41 -5.30
C THR A 96 0.15 9.80 -5.27
N SER A 97 0.73 9.59 -6.44
CA SER A 97 2.06 9.01 -6.55
C SER A 97 3.11 9.92 -5.89
N ASN A 98 2.86 11.23 -5.96
CA ASN A 98 3.78 12.20 -5.37
C ASN A 98 3.58 12.29 -3.86
N SER A 99 2.33 12.15 -3.42
CA SER A 99 2.00 12.22 -2.00
C SER A 99 2.53 11.00 -1.26
N VAL A 100 2.30 9.82 -1.84
CA VAL A 100 2.74 8.57 -1.24
C VAL A 100 4.26 8.55 -1.09
N SER A 101 4.96 9.07 -2.08
CA SER A 101 6.42 9.10 -2.05
C SER A 101 6.92 9.99 -0.92
N LYS A 102 6.31 11.17 -0.79
CA LYS A 102 6.69 12.12 0.26
C LYS A 102 6.26 11.62 1.63
N ALA A 103 5.08 11.00 1.69
CA ALA A 103 4.55 10.46 2.93
C ALA A 103 5.41 9.31 3.44
N VAL A 104 5.72 8.37 2.55
CA VAL A 104 6.54 7.22 2.91
C VAL A 104 7.92 7.65 3.40
N ALA A 105 8.52 8.60 2.70
CA ALA A 105 9.84 9.10 3.06
C ALA A 105 9.76 10.05 4.25
N GLN A 106 8.56 10.58 4.49
CA GLN A 106 8.36 11.50 5.60
C GLN A 106 8.28 10.75 6.93
N ALA A 107 7.70 9.55 6.89
CA ALA A 107 7.56 8.73 8.09
C ALA A 107 8.67 7.70 8.18
N LEU A 108 8.95 7.04 7.06
CA LEU A 108 10.00 6.02 7.01
C LEU A 108 11.37 6.66 6.81
N ALA A 109 11.59 7.21 5.63
CA ALA A 109 12.86 7.86 5.30
C ALA A 109 13.07 9.10 6.16
N PRO B 1 17.10 -1.75 1.24
CA PRO B 1 16.76 -0.84 0.15
C PRO B 1 16.37 0.54 0.63
N SER B 2 17.34 1.45 0.67
CA SER B 2 17.11 2.81 1.12
C SER B 2 15.91 3.42 0.39
N PHE B 3 14.93 3.88 1.16
CA PHE B 3 13.73 4.49 0.57
C PHE B 3 14.08 5.79 -0.15
N GLY B 4 15.29 6.29 0.09
CA GLY B 4 15.72 7.52 -0.54
C GLY B 4 16.06 7.33 -2.01
N LEU B 5 16.83 6.27 -2.29
CA LEU B 5 17.23 5.97 -3.67
C LEU B 5 16.06 5.43 -4.48
N VAL B 6 15.20 4.65 -3.82
CA VAL B 6 14.04 4.07 -4.48
C VAL B 6 13.00 5.14 -4.81
N LEU B 7 12.88 6.12 -3.93
CA LEU B 7 11.94 7.22 -4.13
C LEU B 7 12.50 8.26 -5.07
N ASN B 8 13.81 8.21 -5.30
CA ASN B 8 14.47 9.16 -6.19
C ASN B 8 14.86 8.49 -7.49
N SER B 9 14.72 7.18 -7.55
CA SER B 9 15.07 6.41 -8.75
C SER B 9 14.22 6.86 -9.94
N PRO B 10 14.68 6.52 -11.15
CA PRO B 10 13.98 6.87 -12.39
C PRO B 10 12.68 6.10 -12.56
N ASN B 11 12.57 4.97 -11.87
CA ASN B 11 11.37 4.14 -11.94
C ASN B 11 10.72 3.99 -10.57
N GLY B 12 10.97 4.96 -9.69
CA GLY B 12 10.41 4.91 -8.35
C GLY B 12 8.90 5.07 -8.36
N LEU B 13 8.42 6.09 -7.64
CA LEU B 13 6.99 6.34 -7.55
C LEU B 13 6.63 7.69 -8.17
N ARG B 14 7.49 8.69 -7.92
CA ARG B 14 7.27 10.02 -8.45
C ARG B 14 7.53 10.06 -9.96
N SER B 15 8.04 8.95 -10.49
CA SER B 15 8.34 8.86 -11.91
C SER B 15 7.06 8.64 -12.72
N PRO B 16 7.09 9.06 -14.00
CA PRO B 16 5.95 8.93 -14.91
C PRO B 16 5.69 7.48 -15.29
N GLN B 17 6.74 6.67 -15.32
CA GLN B 17 6.64 5.26 -15.68
C GLN B 17 5.85 4.50 -14.61
N ALA B 18 6.02 4.91 -13.36
CA ALA B 18 5.34 4.26 -12.25
C ALA B 18 3.85 4.59 -12.25
N LYS B 19 3.53 5.83 -12.63
CA LYS B 19 2.15 6.28 -12.67
C LYS B 19 1.32 5.41 -13.61
N ALA B 20 1.92 5.01 -14.73
CA ALA B 20 1.23 4.17 -15.70
C ALA B 20 0.90 2.80 -15.11
N ARG B 21 1.85 2.22 -14.40
CA ARG B 21 1.66 0.92 -13.77
C ARG B 21 0.52 0.97 -12.74
N ILE B 22 0.46 2.06 -11.99
CA ILE B 22 -0.57 2.23 -10.98
C ILE B 22 -1.95 2.32 -11.62
N ASN B 23 -2.02 2.97 -12.78
CA ASN B 23 -3.29 3.12 -13.48
C ASN B 23 -3.96 1.77 -13.69
N ASN B 24 -3.19 0.78 -14.13
CA ASN B 24 -3.71 -0.56 -14.37
C ASN B 24 -4.23 -1.17 -13.07
N LEU B 25 -3.51 -0.94 -11.98
CA LEU B 25 -3.91 -1.47 -10.67
C LEU B 25 -5.16 -0.77 -10.15
N ALA B 26 -5.26 0.53 -10.44
CA ALA B 26 -6.41 1.31 -10.01
C ALA B 26 -7.72 0.68 -10.48
N SER B 27 -7.64 -0.08 -11.56
CA SER B 27 -8.83 -0.73 -12.12
C SER B 27 -8.94 -2.17 -11.62
N ALA B 28 -7.81 -2.86 -11.57
CA ALA B 28 -7.77 -4.24 -11.11
C ALA B 28 -8.11 -4.33 -9.62
N LEU B 29 -7.45 -3.50 -8.82
CA LEU B 29 -7.67 -3.50 -7.38
C LEU B 29 -9.13 -3.17 -7.06
N SER B 30 -9.70 -2.22 -7.80
CA SER B 30 -11.09 -1.81 -7.60
C SER B 30 -12.04 -2.97 -7.86
N THR B 31 -11.69 -3.80 -8.85
CA THR B 31 -12.51 -4.94 -9.20
C THR B 31 -12.28 -6.11 -8.25
N ALA B 32 -11.09 -6.15 -7.66
CA ALA B 32 -10.75 -7.21 -6.71
C ALA B 32 -11.41 -6.98 -5.37
N VAL B 33 -11.43 -5.73 -4.92
CA VAL B 33 -12.03 -5.38 -3.64
C VAL B 33 -13.46 -4.88 -3.82
N GLY B 34 -14.35 -5.31 -2.94
CA GLY B 34 -15.74 -4.91 -3.02
C GLY B 34 -16.59 -5.55 -1.94
N ARG B 35 -17.43 -6.51 -2.35
CA ARG B 35 -18.31 -7.20 -1.41
C ARG B 35 -17.69 -8.53 -0.97
N ASN B 36 -16.61 -8.92 -1.62
CA ASN B 36 -15.93 -10.17 -1.31
C ASN B 36 -14.66 -9.91 -0.51
N GLY B 37 -14.47 -8.66 -0.09
CA GLY B 37 -13.29 -8.31 0.68
C GLY B 37 -12.13 -7.89 -0.20
N VAL B 38 -11.66 -8.82 -1.02
CA VAL B 38 -10.54 -8.56 -1.92
C VAL B 38 -10.16 -9.80 -2.72
N ASP B 39 -9.91 -9.60 -4.01
CA ASP B 39 -9.54 -10.70 -4.89
C ASP B 39 -8.02 -10.79 -5.05
N VAL B 40 -7.41 -11.76 -4.39
CA VAL B 40 -5.96 -11.95 -4.45
C VAL B 40 -5.51 -12.17 -5.89
N ASN B 41 -6.34 -12.88 -6.66
CA ASN B 41 -6.01 -13.17 -8.05
C ASN B 41 -5.78 -11.88 -8.84
N ALA B 42 -6.70 -10.93 -8.69
CA ALA B 42 -6.60 -9.64 -9.38
C ALA B 42 -5.59 -8.73 -8.68
N PHE B 43 -5.54 -8.80 -7.37
CA PHE B 43 -4.63 -7.98 -6.59
C PHE B 43 -3.17 -8.34 -6.90
N THR B 44 -2.85 -9.63 -6.76
CA THR B 44 -1.50 -10.10 -7.02
C THR B 44 -1.16 -10.01 -8.50
N SER B 45 -2.18 -10.10 -9.34
CA SER B 45 -1.99 -10.02 -10.79
C SER B 45 -1.36 -8.68 -11.19
N GLY B 46 -1.77 -7.62 -10.49
CA GLY B 46 -1.24 -6.30 -10.79
C GLY B 46 0.18 -6.12 -10.29
N LEU B 47 0.48 -6.71 -9.15
CA LEU B 47 1.82 -6.60 -8.56
C LEU B 47 2.84 -7.35 -9.41
N ARG B 48 2.44 -8.50 -9.95
CA ARG B 48 3.31 -9.30 -10.79
C ARG B 48 3.81 -8.50 -11.99
N ALA B 49 2.93 -7.65 -12.53
CA ALA B 49 3.28 -6.82 -13.67
C ALA B 49 4.21 -5.68 -13.27
N THR B 50 4.01 -5.16 -12.06
CA THR B 50 4.83 -4.07 -11.55
C THR B 50 6.22 -4.56 -11.17
N LEU B 51 6.27 -5.65 -10.42
CA LEU B 51 7.54 -6.23 -9.99
C LEU B 51 8.43 -6.57 -11.18
N SER B 52 7.82 -7.16 -12.21
CA SER B 52 8.55 -7.54 -13.41
C SER B 52 9.05 -6.31 -14.16
N ASN B 53 8.19 -5.30 -14.28
CA ASN B 53 8.55 -4.07 -14.98
C ASN B 53 9.65 -3.33 -14.22
N LEU B 54 9.52 -3.24 -12.91
CA LEU B 54 10.50 -2.56 -12.08
C LEU B 54 11.82 -3.33 -12.05
N GLY B 55 11.71 -4.66 -11.98
CA GLY B 55 12.90 -5.49 -11.95
C GLY B 55 13.77 -5.31 -13.18
N ASP B 56 13.17 -4.79 -14.25
CA ASP B 56 13.90 -4.57 -15.50
C ASP B 56 13.82 -3.11 -15.92
N SER B 57 13.45 -2.25 -14.97
CA SER B 57 13.34 -0.82 -15.25
C SER B 57 14.69 -0.12 -15.08
N GLY B 58 15.57 -0.75 -14.31
CA GLY B 58 16.89 -0.17 -14.09
C GLY B 58 17.32 -0.26 -12.64
N MET B 59 16.37 -0.54 -11.75
CA MET B 59 16.65 -0.65 -10.33
C MET B 59 17.11 -2.06 -9.97
N SER B 60 17.17 -2.35 -8.68
CA SER B 60 17.61 -3.66 -8.21
C SER B 60 16.41 -4.56 -7.94
N PRO B 61 16.67 -5.88 -7.86
CA PRO B 61 15.62 -6.88 -7.61
C PRO B 61 15.08 -6.80 -6.18
N ASN B 62 15.72 -5.97 -5.36
CA ASN B 62 15.31 -5.80 -3.97
C ASN B 62 14.49 -4.53 -3.79
N GLU B 63 14.80 -3.51 -4.59
CA GLU B 63 14.09 -2.24 -4.52
C GLU B 63 12.69 -2.36 -5.13
N ALA B 64 12.59 -3.13 -6.20
CA ALA B 64 11.32 -3.34 -6.87
C ALA B 64 10.30 -4.00 -5.95
N LYS B 65 10.80 -4.82 -5.03
CA LYS B 65 9.93 -5.50 -4.07
C LYS B 65 9.28 -4.52 -3.12
N VAL B 66 10.02 -3.48 -2.74
CA VAL B 66 9.51 -2.46 -1.83
C VAL B 66 8.82 -1.34 -2.60
N GLU B 67 9.31 -1.08 -3.81
CA GLU B 67 8.75 -0.01 -4.64
C GLU B 67 7.33 -0.36 -5.07
N VAL B 68 7.11 -1.63 -5.39
CA VAL B 68 5.79 -2.10 -5.83
C VAL B 68 4.74 -1.82 -4.76
N LEU B 69 5.12 -1.97 -3.50
CA LEU B 69 4.21 -1.73 -2.39
C LEU B 69 3.60 -0.33 -2.46
N LEU B 70 4.42 0.64 -2.84
CA LEU B 70 3.98 2.02 -2.96
C LEU B 70 3.06 2.19 -4.16
N GLU B 71 3.39 1.53 -5.26
CA GLU B 71 2.59 1.60 -6.48
C GLU B 71 1.20 1.04 -6.25
N ALA B 72 1.11 0.03 -5.39
CA ALA B 72 -0.18 -0.59 -5.08
C ALA B 72 -1.04 0.32 -4.23
N LEU B 73 -0.40 1.11 -3.38
CA LEU B 73 -1.11 2.04 -2.50
C LEU B 73 -1.66 3.21 -3.30
N THR B 74 -0.88 3.70 -4.25
CA THR B 74 -1.29 4.83 -5.08
C THR B 74 -2.57 4.52 -5.84
N ALA B 75 -2.71 3.27 -6.28
CA ALA B 75 -3.89 2.84 -7.02
C ALA B 75 -5.14 2.91 -6.13
N ALA B 76 -4.97 2.57 -4.86
CA ALA B 76 -6.08 2.58 -3.91
C ALA B 76 -6.34 4.00 -3.40
N LEU B 77 -5.28 4.69 -3.01
CA LEU B 77 -5.40 6.06 -2.51
C LEU B 77 -6.10 6.95 -3.52
N GLN B 78 -5.72 6.82 -4.78
CA GLN B 78 -6.31 7.61 -5.85
C GLN B 78 -7.77 7.26 -6.05
N LEU B 79 -8.10 5.99 -5.84
CA LEU B 79 -9.46 5.51 -5.99
C LEU B 79 -10.37 6.04 -4.87
N LEU B 80 -9.83 6.06 -3.66
CA LEU B 80 -10.58 6.54 -2.50
C LEU B 80 -11.10 7.95 -2.75
N SER B 81 -10.33 8.76 -3.47
CA SER B 81 -10.72 10.12 -3.77
C SER B 81 -12.02 10.16 -4.58
N SER B 82 -12.31 9.05 -5.25
CA SER B 82 -13.52 8.95 -6.06
C SER B 82 -14.50 7.95 -5.45
N SER B 83 -14.17 7.46 -4.26
CA SER B 83 -15.02 6.50 -3.57
C SER B 83 -15.94 7.19 -2.57
N THR B 84 -16.44 6.43 -1.60
CA THR B 84 -17.32 6.97 -0.59
C THR B 84 -16.69 6.91 0.79
N LEU B 85 -15.89 5.87 1.02
CA LEU B 85 -15.21 5.70 2.30
C LEU B 85 -16.12 6.11 3.46
N GLY B 86 -17.31 5.54 3.49
CA GLY B 86 -18.26 5.85 4.55
C GLY B 86 -18.50 4.68 5.49
N ALA B 87 -17.47 3.88 5.71
CA ALA B 87 -17.57 2.71 6.58
C ALA B 87 -16.24 1.98 6.68
N VAL B 88 -15.98 1.40 7.85
CA VAL B 88 -14.74 0.67 8.07
C VAL B 88 -15.02 -0.74 8.58
N ASP B 89 -15.00 -1.71 7.66
CA ASP B 89 -15.25 -3.09 8.02
C ASP B 89 -14.09 -3.68 8.81
N THR B 90 -13.97 -3.27 10.07
CA THR B 90 -12.89 -3.75 10.92
C THR B 90 -13.01 -5.25 11.18
N THR B 91 -14.19 -5.80 10.88
CA THR B 91 -14.43 -7.23 11.08
C THR B 91 -13.85 -8.05 9.94
N SER B 92 -13.53 -7.39 8.84
CA SER B 92 -12.96 -8.06 7.67
C SER B 92 -11.45 -7.83 7.60
N ILE B 93 -10.92 -7.15 8.60
CA ILE B 93 -9.49 -6.86 8.66
C ILE B 93 -8.67 -8.13 8.44
N GLY B 94 -9.04 -9.18 9.16
CA GLY B 94 -8.33 -10.45 9.04
C GLY B 94 -8.25 -10.94 7.60
N LEU B 95 -9.30 -10.67 6.84
CA LEU B 95 -9.36 -11.09 5.44
C LEU B 95 -8.47 -10.21 4.57
N THR B 96 -8.55 -8.89 4.80
CA THR B 96 -7.76 -7.94 4.03
C THR B 96 -6.27 -8.12 4.31
N SER B 97 -5.91 -8.15 5.59
CA SER B 97 -4.51 -8.31 5.98
C SER B 97 -3.97 -9.66 5.50
N ASN B 98 -4.84 -10.65 5.44
CA ASN B 98 -4.45 -11.98 5.00
C ASN B 98 -4.30 -12.04 3.48
N SER B 99 -5.14 -11.28 2.78
CA SER B 99 -5.12 -11.24 1.33
C SER B 99 -3.86 -10.53 0.83
N VAL B 100 -3.58 -9.36 1.42
CA VAL B 100 -2.42 -8.58 1.04
C VAL B 100 -1.12 -9.36 1.25
N SER B 101 -1.09 -10.14 2.33
CA SER B 101 0.09 -10.95 2.65
C SER B 101 0.30 -12.04 1.62
N LYS B 102 -0.78 -12.73 1.26
CA LYS B 102 -0.72 -13.81 0.28
C LYS B 102 -0.47 -13.24 -1.13
N ALA B 103 -1.11 -12.12 -1.43
CA ALA B 103 -0.96 -11.48 -2.73
C ALA B 103 0.46 -10.96 -2.92
N VAL B 104 0.98 -10.30 -1.90
CA VAL B 104 2.34 -9.75 -1.95
C VAL B 104 3.37 -10.87 -2.10
N ALA B 105 3.19 -11.93 -1.34
CA ALA B 105 4.11 -13.07 -1.38
C ALA B 105 3.84 -13.95 -2.59
N GLN B 106 2.69 -13.72 -3.24
CA GLN B 106 2.32 -14.51 -4.41
C GLN B 106 2.90 -13.89 -5.68
N ALA B 107 3.01 -12.57 -5.69
CA ALA B 107 3.55 -11.85 -6.84
C ALA B 107 5.01 -11.47 -6.62
N LEU B 108 5.34 -11.15 -5.37
CA LEU B 108 6.71 -10.75 -5.03
C LEU B 108 7.48 -11.95 -4.46
N ALA B 109 7.11 -12.37 -3.26
CA ALA B 109 7.76 -13.50 -2.62
C ALA B 109 7.39 -14.81 -3.28
N PRO A 1 15.55 -7.59 3.47
CA PRO A 1 14.39 -8.04 4.25
C PRO A 1 13.42 -8.88 3.44
N SER A 2 13.63 -10.19 3.42
CA SER A 2 12.78 -11.10 2.67
C SER A 2 11.31 -10.83 2.97
N PHE A 3 10.47 -10.97 1.95
CA PHE A 3 9.04 -10.74 2.11
C PHE A 3 8.38 -11.91 2.81
N GLY A 4 9.11 -13.02 2.93
CA GLY A 4 8.57 -14.20 3.59
C GLY A 4 8.63 -14.09 5.09
N LEU A 5 9.76 -13.62 5.61
CA LEU A 5 9.94 -13.48 7.05
C LEU A 5 9.11 -12.31 7.60
N VAL A 6 8.98 -11.26 6.80
CA VAL A 6 8.21 -10.09 7.20
C VAL A 6 6.72 -10.38 7.15
N LEU A 7 6.31 -11.21 6.20
CA LEU A 7 4.90 -11.57 6.05
C LEU A 7 4.50 -12.64 7.06
N ASN A 8 5.50 -13.32 7.63
CA ASN A 8 5.24 -14.36 8.61
C ASN A 8 5.72 -13.94 10.00
N SER A 9 6.36 -12.78 10.07
CA SER A 9 6.86 -12.26 11.33
C SER A 9 5.76 -12.23 12.38
N PRO A 10 6.16 -12.15 13.67
CA PRO A 10 5.22 -12.12 14.79
C PRO A 10 4.44 -10.81 14.85
N ASN A 11 4.88 -9.82 14.08
CA ASN A 11 4.22 -8.52 14.05
C ASN A 11 4.09 -8.01 12.62
N GLY A 12 4.25 -8.92 11.65
CA GLY A 12 4.16 -8.53 10.25
C GLY A 12 2.76 -8.11 9.87
N LEU A 13 2.13 -8.88 9.00
CA LEU A 13 0.77 -8.58 8.53
C LEU A 13 -0.19 -9.70 8.91
N ARG A 14 0.31 -10.93 8.93
CA ARG A 14 -0.50 -12.08 9.28
C ARG A 14 -0.75 -12.14 10.78
N SER A 15 -0.16 -11.20 11.51
CA SER A 15 -0.32 -11.14 12.96
C SER A 15 -1.49 -10.25 13.35
N PRO A 16 -2.04 -10.48 14.55
CA PRO A 16 -3.18 -9.70 15.06
C PRO A 16 -2.78 -8.27 15.42
N GLN A 17 -1.57 -8.10 15.93
CA GLN A 17 -1.08 -6.79 16.31
C GLN A 17 -1.09 -5.85 15.11
N ALA A 18 -0.89 -6.40 13.92
CA ALA A 18 -0.88 -5.60 12.70
C ALA A 18 -2.29 -5.14 12.32
N LYS A 19 -3.26 -6.01 12.57
CA LYS A 19 -4.66 -5.70 12.26
C LYS A 19 -5.14 -4.49 13.07
N ALA A 20 -4.71 -4.42 14.32
CA ALA A 20 -5.10 -3.32 15.20
C ALA A 20 -4.53 -1.99 14.68
N ARG A 21 -3.27 -2.01 14.29
CA ARG A 21 -2.61 -0.80 13.78
C ARG A 21 -3.29 -0.32 12.51
N ILE A 22 -3.68 -1.25 11.64
CA ILE A 22 -4.34 -0.91 10.39
C ILE A 22 -5.69 -0.24 10.64
N ASN A 23 -6.39 -0.71 11.68
CA ASN A 23 -7.69 -0.15 12.03
C ASN A 23 -7.62 1.36 12.18
N ASN A 24 -6.59 1.83 12.88
CA ASN A 24 -6.40 3.26 13.10
C ASN A 24 -6.15 3.99 11.78
N LEU A 25 -5.42 3.33 10.88
CA LEU A 25 -5.10 3.91 9.58
C LEU A 25 -6.34 3.96 8.69
N ALA A 26 -7.20 2.95 8.83
CA ALA A 26 -8.42 2.88 8.03
C ALA A 26 -9.25 4.15 8.20
N SER A 27 -9.09 4.81 9.34
CA SER A 27 -9.83 6.03 9.63
C SER A 27 -9.03 7.26 9.22
N ALA A 28 -7.73 7.23 9.49
CA ALA A 28 -6.84 8.34 9.15
C ALA A 28 -6.71 8.49 7.64
N LEU A 29 -6.42 7.39 6.97
CA LEU A 29 -6.25 7.40 5.52
C LEU A 29 -7.53 7.88 4.83
N SER A 30 -8.67 7.41 5.32
CA SER A 30 -9.96 7.79 4.75
C SER A 30 -10.16 9.30 4.84
N THR A 31 -9.71 9.89 5.93
CA THR A 31 -9.85 11.33 6.14
C THR A 31 -8.82 12.09 5.33
N ALA A 32 -7.70 11.45 5.05
CA ALA A 32 -6.63 12.08 4.27
C ALA A 32 -6.98 12.12 2.78
N VAL A 33 -7.55 11.03 2.29
CA VAL A 33 -7.94 10.95 0.88
C VAL A 33 -9.40 11.36 0.69
N GLY A 34 -9.65 12.14 -0.35
CA GLY A 34 -11.00 12.60 -0.64
C GLY A 34 -11.08 13.47 -1.87
N ARG A 35 -11.27 14.76 -1.67
CA ARG A 35 -11.35 15.71 -2.78
C ARG A 35 -10.01 16.39 -3.04
N ASN A 36 -9.07 16.19 -2.11
CA ASN A 36 -7.75 16.79 -2.23
C ASN A 36 -6.73 15.76 -2.69
N GLY A 37 -7.21 14.57 -3.05
CA GLY A 37 -6.33 13.52 -3.51
C GLY A 37 -5.80 12.67 -2.36
N VAL A 38 -5.16 13.31 -1.40
CA VAL A 38 -4.60 12.62 -0.24
C VAL A 38 -3.87 13.58 0.68
N ASP A 39 -4.06 13.39 1.99
CA ASP A 39 -3.41 14.24 2.97
C ASP A 39 -2.15 13.57 3.53
N VAL A 40 -0.99 14.08 3.12
CA VAL A 40 0.28 13.53 3.57
C VAL A 40 0.39 13.60 5.09
N ASN A 41 -0.21 14.62 5.69
CA ASN A 41 -0.18 14.80 7.13
C ASN A 41 -0.90 13.64 7.84
N ALA A 42 -2.09 13.32 7.36
CA ALA A 42 -2.88 12.24 7.95
C ALA A 42 -2.36 10.88 7.50
N PHE A 43 -1.75 10.85 6.32
CA PHE A 43 -1.21 9.60 5.77
C PHE A 43 0.10 9.24 6.47
N THR A 44 1.04 10.18 6.48
CA THR A 44 2.34 9.95 7.11
C THR A 44 2.20 9.80 8.62
N SER A 45 1.18 10.42 9.18
CA SER A 45 0.94 10.35 10.62
C SER A 45 0.69 8.91 11.06
N GLY A 46 0.04 8.13 10.19
CA GLY A 46 -0.25 6.75 10.50
C GLY A 46 0.98 5.87 10.42
N LEU A 47 1.81 6.11 9.41
CA LEU A 47 3.02 5.33 9.22
C LEU A 47 3.98 5.52 10.39
N ARG A 48 4.05 6.75 10.89
CA ARG A 48 4.93 7.07 12.00
C ARG A 48 4.58 6.23 13.23
N ALA A 49 3.29 6.03 13.45
CA ALA A 49 2.82 5.24 14.59
C ALA A 49 3.06 3.74 14.36
N THR A 50 2.91 3.32 13.11
CA THR A 50 3.12 1.92 12.76
C THR A 50 4.60 1.54 12.82
N LEU A 51 5.43 2.38 12.22
CA LEU A 51 6.88 2.13 12.19
C LEU A 51 7.43 2.04 13.61
N SER A 52 7.00 2.95 14.47
CA SER A 52 7.45 2.98 15.85
C SER A 52 7.00 1.73 16.60
N ASN A 53 5.74 1.36 16.40
CA ASN A 53 5.19 0.17 17.05
C ASN A 53 5.90 -1.09 16.57
N LEU A 54 6.11 -1.19 15.27
CA LEU A 54 6.77 -2.35 14.69
C LEU A 54 8.24 -2.40 15.10
N GLY A 55 8.86 -1.22 15.20
CA GLY A 55 10.26 -1.15 15.59
C GLY A 55 10.51 -1.68 16.99
N ASP A 56 9.43 -1.85 17.75
CA ASP A 56 9.53 -2.36 19.12
C ASP A 56 8.59 -3.54 19.33
N SER A 57 8.11 -4.12 18.23
CA SER A 57 7.19 -5.25 18.30
C SER A 57 7.96 -6.56 18.40
N GLY A 58 9.20 -6.55 17.92
CA GLY A 58 10.03 -7.75 17.96
C GLY A 58 10.82 -7.96 16.69
N MET A 59 10.48 -7.19 15.65
CA MET A 59 11.18 -7.29 14.37
C MET A 59 12.37 -6.34 14.32
N SER A 60 12.91 -6.14 13.13
CA SER A 60 14.06 -5.26 12.95
C SER A 60 13.62 -3.89 12.43
N PRO A 61 14.50 -2.90 12.58
CA PRO A 61 14.24 -1.52 12.14
C PRO A 61 14.22 -1.40 10.62
N ASN A 62 14.61 -2.47 9.94
CA ASN A 62 14.62 -2.48 8.49
C ASN A 62 13.36 -3.13 7.91
N GLU A 63 12.86 -4.14 8.63
CA GLU A 63 11.66 -4.84 8.21
C GLU A 63 10.42 -3.99 8.42
N ALA A 64 10.41 -3.22 9.51
CA ALA A 64 9.28 -2.36 9.82
C ALA A 64 9.06 -1.31 8.73
N LYS A 65 10.14 -0.91 8.07
CA LYS A 65 10.06 0.07 7.01
C LYS A 65 9.30 -0.48 5.80
N VAL A 66 9.47 -1.77 5.54
CA VAL A 66 8.80 -2.42 4.43
C VAL A 66 7.45 -3.01 4.87
N GLU A 67 7.38 -3.43 6.13
CA GLU A 67 6.16 -4.00 6.67
C GLU A 67 5.05 -2.95 6.74
N VAL A 68 5.43 -1.73 7.12
CA VAL A 68 4.46 -0.64 7.23
C VAL A 68 3.75 -0.40 5.91
N LEU A 69 4.48 -0.52 4.81
CA LEU A 69 3.92 -0.32 3.48
C LEU A 69 2.69 -1.21 3.27
N LEU A 70 2.79 -2.45 3.72
CA LEU A 70 1.69 -3.41 3.59
C LEU A 70 0.56 -3.07 4.54
N GLU A 71 0.92 -2.62 5.74
CA GLU A 71 -0.07 -2.26 6.75
C GLU A 71 -0.95 -1.11 6.27
N ALA A 72 -0.36 -0.20 5.51
CA ALA A 72 -1.08 0.95 4.98
C ALA A 72 -2.04 0.53 3.88
N LEU A 73 -1.67 -0.53 3.16
CA LEU A 73 -2.51 -1.03 2.07
C LEU A 73 -3.76 -1.71 2.60
N THR A 74 -3.60 -2.48 3.68
CA THR A 74 -4.72 -3.19 4.28
C THR A 74 -5.81 -2.21 4.74
N ALA A 75 -5.39 -1.07 5.25
CA ALA A 75 -6.33 -0.05 5.71
C ALA A 75 -7.15 0.51 4.55
N ALA A 76 -6.51 0.64 3.40
CA ALA A 76 -7.17 1.17 2.21
C ALA A 76 -8.02 0.08 1.54
N LEU A 77 -7.43 -1.09 1.34
CA LEU A 77 -8.11 -2.20 0.70
C LEU A 77 -9.39 -2.57 1.47
N GLN A 78 -9.27 -2.65 2.79
CA GLN A 78 -10.41 -2.99 3.64
C GLN A 78 -11.48 -1.90 3.56
N LEU A 79 -11.05 -0.65 3.40
CA LEU A 79 -11.97 0.47 3.30
C LEU A 79 -12.73 0.45 1.97
N LEU A 80 -12.03 0.05 0.91
CA LEU A 80 -12.62 -0.02 -0.42
C LEU A 80 -13.87 -0.89 -0.41
N SER A 81 -13.85 -1.94 0.40
CA SER A 81 -14.98 -2.85 0.50
C SER A 81 -16.24 -2.12 0.94
N SER A 82 -16.05 -0.98 1.59
CA SER A 82 -17.17 -0.18 2.07
C SER A 82 -17.29 1.12 1.27
N SER A 83 -16.44 1.27 0.26
CA SER A 83 -16.45 2.46 -0.58
C SER A 83 -17.38 2.28 -1.78
N THR A 84 -17.17 3.10 -2.80
CA THR A 84 -18.00 3.04 -4.00
C THR A 84 -17.16 2.67 -5.22
N LEU A 85 -15.89 3.09 -5.21
CA LEU A 85 -14.99 2.81 -6.32
C LEU A 85 -15.71 2.90 -7.65
N GLY A 86 -16.35 4.04 -7.89
CA GLY A 86 -17.07 4.24 -9.14
C GLY A 86 -16.43 5.28 -10.02
N ALA A 87 -15.11 5.39 -9.94
CA ALA A 87 -14.37 6.36 -10.74
C ALA A 87 -12.87 6.27 -10.46
N VAL A 88 -12.07 6.55 -11.49
CA VAL A 88 -10.62 6.49 -11.36
C VAL A 88 -9.98 7.80 -11.80
N ASP A 89 -9.66 8.66 -10.84
CA ASP A 89 -9.04 9.95 -11.13
C ASP A 89 -7.60 9.76 -11.58
N THR A 90 -7.42 9.28 -12.81
CA THR A 90 -6.08 9.06 -13.35
C THR A 90 -5.36 10.37 -13.57
N THR A 91 -6.10 11.48 -13.49
CA THR A 91 -5.52 12.80 -13.69
C THR A 91 -4.83 13.29 -12.42
N SER A 92 -5.13 12.65 -11.30
CA SER A 92 -4.54 13.02 -10.03
C SER A 92 -3.47 12.01 -9.61
N ILE A 93 -3.15 11.09 -10.50
CA ILE A 93 -2.14 10.07 -10.24
C ILE A 93 -0.85 10.70 -9.74
N GLY A 94 -0.39 11.72 -10.46
CA GLY A 94 0.83 12.40 -10.07
C GLY A 94 0.79 12.94 -8.65
N LEU A 95 -0.40 13.33 -8.21
CA LEU A 95 -0.58 13.87 -6.86
C LEU A 95 -0.54 12.76 -5.83
N THR A 96 -1.22 11.65 -6.13
CA THR A 96 -1.27 10.51 -5.22
C THR A 96 0.09 9.84 -5.12
N SER A 97 0.69 9.54 -6.26
CA SER A 97 1.99 8.89 -6.29
C SER A 97 3.05 9.77 -5.65
N ASN A 98 2.88 11.09 -5.78
CA ASN A 98 3.83 12.04 -5.21
C ASN A 98 3.62 12.17 -3.70
N SER A 99 2.36 12.08 -3.27
CA SER A 99 2.03 12.19 -1.86
C SER A 99 2.54 10.98 -1.07
N VAL A 100 2.29 9.79 -1.61
CA VAL A 100 2.71 8.56 -0.96
C VAL A 100 4.23 8.53 -0.81
N SER A 101 4.94 9.01 -1.81
CA SER A 101 6.40 9.03 -1.78
C SER A 101 6.91 9.94 -0.65
N LYS A 102 6.30 11.12 -0.56
CA LYS A 102 6.69 12.09 0.46
C LYS A 102 6.25 11.62 1.85
N ALA A 103 5.07 11.02 1.92
CA ALA A 103 4.54 10.52 3.17
C ALA A 103 5.37 9.35 3.71
N VAL A 104 5.67 8.40 2.83
CA VAL A 104 6.47 7.24 3.21
C VAL A 104 7.85 7.66 3.68
N ALA A 105 8.47 8.57 2.95
CA ALA A 105 9.80 9.07 3.30
C ALA A 105 9.74 10.04 4.48
N GLN A 106 8.55 10.59 4.72
CA GLN A 106 8.37 11.53 5.82
C GLN A 106 8.29 10.81 7.15
N ALA A 107 7.71 9.61 7.15
CA ALA A 107 7.59 8.82 8.37
C ALA A 107 8.68 7.76 8.45
N LEU A 108 8.93 7.09 7.33
CA LEU A 108 9.96 6.04 7.28
C LEU A 108 11.34 6.66 7.05
N ALA A 109 11.56 7.18 5.85
CA ALA A 109 12.84 7.79 5.51
C ALA A 109 13.14 8.97 6.42
N PRO B 1 17.21 -1.79 1.08
CA PRO B 1 16.81 -0.88 0.03
C PRO B 1 16.36 0.47 0.57
N SER B 2 17.31 1.40 0.72
CA SER B 2 17.02 2.72 1.24
C SER B 2 15.85 3.35 0.48
N PHE B 3 14.86 3.83 1.23
CA PHE B 3 13.69 4.46 0.63
C PHE B 3 14.07 5.74 -0.10
N GLY B 4 15.27 6.22 0.16
CA GLY B 4 15.74 7.45 -0.49
C GLY B 4 16.10 7.23 -1.94
N LEU B 5 16.83 6.16 -2.21
CA LEU B 5 17.26 5.85 -3.57
C LEU B 5 16.08 5.33 -4.39
N VAL B 6 15.20 4.58 -3.76
CA VAL B 6 14.03 4.03 -4.43
C VAL B 6 13.01 5.12 -4.76
N LEU B 7 12.94 6.13 -3.89
CA LEU B 7 12.02 7.24 -4.10
C LEU B 7 12.58 8.25 -5.09
N ASN B 8 13.89 8.17 -5.33
CA ASN B 8 14.56 9.07 -6.26
C ASN B 8 14.98 8.32 -7.52
N SER B 9 14.81 7.02 -7.51
CA SER B 9 15.18 6.19 -8.66
C SER B 9 14.57 6.73 -9.94
N PRO B 10 15.13 6.32 -11.09
CA PRO B 10 14.66 6.74 -12.40
C PRO B 10 13.30 6.15 -12.75
N ASN B 11 12.85 5.18 -11.96
CA ASN B 11 11.57 4.54 -12.18
C ASN B 11 10.85 4.28 -10.86
N GLY B 12 11.07 5.16 -9.89
CA GLY B 12 10.45 5.01 -8.59
C GLY B 12 8.94 5.21 -8.65
N LEU B 13 8.44 6.12 -7.82
CA LEU B 13 7.00 6.39 -7.78
C LEU B 13 6.69 7.70 -8.49
N ARG B 14 7.54 8.71 -8.29
CA ARG B 14 7.35 10.01 -8.91
C ARG B 14 7.61 9.93 -10.41
N SER B 15 8.06 8.78 -10.88
CA SER B 15 8.36 8.57 -12.29
C SER B 15 7.08 8.36 -13.09
N PRO B 16 7.17 8.56 -14.41
CA PRO B 16 6.02 8.38 -15.32
C PRO B 16 5.61 6.93 -15.46
N GLN B 17 6.59 6.04 -15.60
CA GLN B 17 6.32 4.62 -15.73
C GLN B 17 5.56 4.08 -14.53
N ALA B 18 5.79 4.70 -13.37
CA ALA B 18 5.12 4.28 -12.15
C ALA B 18 3.64 4.66 -12.17
N LYS B 19 3.35 5.83 -12.72
CA LYS B 19 1.97 6.30 -12.81
C LYS B 19 1.14 5.40 -13.71
N ALA B 20 1.74 4.95 -14.80
CA ALA B 20 1.05 4.08 -15.74
C ALA B 20 0.72 2.73 -15.11
N ARG B 21 1.69 2.18 -14.38
CA ARG B 21 1.50 0.89 -13.71
C ARG B 21 0.37 0.96 -12.69
N ILE B 22 0.34 2.05 -11.93
CA ILE B 22 -0.70 2.24 -10.92
C ILE B 22 -2.08 2.30 -11.54
N ASN B 23 -2.16 2.92 -12.72
CA ASN B 23 -3.44 3.04 -13.43
C ASN B 23 -4.09 1.68 -13.61
N ASN B 24 -3.30 0.71 -14.05
CA ASN B 24 -3.81 -0.65 -14.27
C ASN B 24 -4.30 -1.26 -12.97
N LEU B 25 -3.57 -1.01 -11.88
CA LEU B 25 -3.94 -1.53 -10.58
C LEU B 25 -5.19 -0.84 -10.04
N ALA B 26 -5.31 0.46 -10.33
CA ALA B 26 -6.46 1.24 -9.89
C ALA B 26 -7.78 0.60 -10.35
N SER B 27 -7.70 -0.15 -11.45
CA SER B 27 -8.88 -0.81 -12.00
C SER B 27 -8.97 -2.26 -11.52
N ALA B 28 -7.83 -2.93 -11.47
CA ALA B 28 -7.79 -4.32 -11.02
C ALA B 28 -8.09 -4.43 -9.53
N LEU B 29 -7.43 -3.60 -8.74
CA LEU B 29 -7.64 -3.61 -7.29
C LEU B 29 -9.09 -3.31 -6.95
N SER B 30 -9.66 -2.31 -7.62
CA SER B 30 -11.05 -1.92 -7.39
C SER B 30 -11.99 -3.10 -7.66
N THR B 31 -11.68 -3.87 -8.70
CA THR B 31 -12.50 -5.02 -9.06
C THR B 31 -12.28 -6.18 -8.10
N ALA B 32 -11.08 -6.24 -7.51
CA ALA B 32 -10.76 -7.30 -6.57
C ALA B 32 -11.39 -7.06 -5.20
N VAL B 33 -11.40 -5.79 -4.79
CA VAL B 33 -11.98 -5.42 -3.50
C VAL B 33 -13.39 -4.88 -3.67
N GLY B 34 -14.30 -5.35 -2.83
CA GLY B 34 -15.69 -4.91 -2.90
C GLY B 34 -16.55 -5.52 -1.82
N ARG B 35 -17.40 -6.47 -2.20
CA ARG B 35 -18.29 -7.13 -1.24
C ARG B 35 -17.71 -8.47 -0.81
N ASN B 36 -16.63 -8.90 -1.47
CA ASN B 36 -15.98 -10.16 -1.15
C ASN B 36 -14.70 -9.92 -0.36
N GLY B 37 -14.49 -8.68 0.05
CA GLY B 37 -13.31 -8.34 0.83
C GLY B 37 -12.13 -7.95 -0.05
N VAL B 38 -11.65 -8.88 -0.86
CA VAL B 38 -10.53 -8.62 -1.76
C VAL B 38 -10.14 -9.86 -2.53
N ASP B 39 -9.90 -9.70 -3.83
CA ASP B 39 -9.52 -10.82 -4.69
C ASP B 39 -8.00 -10.88 -4.86
N VAL B 40 -7.37 -11.82 -4.17
CA VAL B 40 -5.93 -11.99 -4.24
C VAL B 40 -5.48 -12.21 -5.68
N ASN B 41 -6.29 -12.93 -6.45
CA ASN B 41 -5.97 -13.21 -7.85
C ASN B 41 -5.76 -11.92 -8.63
N ALA B 42 -6.69 -10.98 -8.47
CA ALA B 42 -6.60 -9.70 -9.16
C ALA B 42 -5.59 -8.78 -8.48
N PHE B 43 -5.55 -8.83 -7.15
CA PHE B 43 -4.63 -7.99 -6.39
C PHE B 43 -3.18 -8.36 -6.71
N THR B 44 -2.85 -9.64 -6.57
CA THR B 44 -1.49 -10.12 -6.83
C THR B 44 -1.17 -10.02 -8.31
N SER B 45 -2.19 -10.10 -9.15
CA SER B 45 -2.00 -10.03 -10.60
C SER B 45 -1.38 -8.68 -10.99
N GLY B 46 -1.80 -7.62 -10.31
CA GLY B 46 -1.28 -6.30 -10.60
C GLY B 46 0.15 -6.12 -10.14
N LEU B 47 0.47 -6.71 -8.99
CA LEU B 47 1.80 -6.62 -8.43
C LEU B 47 2.82 -7.36 -9.30
N ARG B 48 2.41 -8.50 -9.83
CA ARG B 48 3.27 -9.31 -10.68
C ARG B 48 3.74 -8.52 -11.89
N ALA B 49 2.84 -7.73 -12.45
CA ALA B 49 3.16 -6.91 -13.62
C ALA B 49 4.03 -5.72 -13.23
N THR B 50 3.83 -5.21 -12.03
CA THR B 50 4.61 -4.07 -11.54
C THR B 50 6.02 -4.49 -11.17
N LEU B 51 6.14 -5.64 -10.50
CA LEU B 51 7.44 -6.15 -10.08
C LEU B 51 8.32 -6.45 -11.30
N SER B 52 7.72 -7.04 -12.33
CA SER B 52 8.44 -7.37 -13.55
C SER B 52 8.87 -6.12 -14.29
N ASN B 53 7.97 -5.15 -14.38
CA ASN B 53 8.26 -3.90 -15.07
C ASN B 53 9.36 -3.12 -14.35
N LEU B 54 9.27 -3.05 -13.03
CA LEU B 54 10.26 -2.34 -12.24
C LEU B 54 11.58 -3.09 -12.23
N GLY B 55 11.52 -4.40 -12.36
CA GLY B 55 12.72 -5.22 -12.37
C GLY B 55 13.52 -5.05 -13.65
N ASP B 56 12.96 -4.31 -14.61
CA ASP B 56 13.62 -4.08 -15.88
C ASP B 56 13.60 -2.59 -16.24
N SER B 57 13.14 -1.77 -15.30
CA SER B 57 13.05 -0.33 -15.53
C SER B 57 14.43 0.32 -15.37
N GLY B 58 15.25 -0.24 -14.49
CA GLY B 58 16.58 0.30 -14.26
C GLY B 58 17.03 0.15 -12.82
N MET B 59 16.09 -0.18 -11.94
CA MET B 59 16.39 -0.35 -10.52
C MET B 59 16.88 -1.77 -10.25
N SER B 60 16.91 -2.14 -8.97
CA SER B 60 17.36 -3.47 -8.56
C SER B 60 16.18 -4.37 -8.28
N PRO B 61 16.43 -5.69 -8.27
CA PRO B 61 15.40 -6.70 -8.00
C PRO B 61 14.93 -6.68 -6.56
N ASN B 62 15.61 -5.90 -5.72
CA ASN B 62 15.26 -5.80 -4.31
C ASN B 62 14.44 -4.54 -4.05
N GLU B 63 14.72 -3.49 -4.80
CA GLU B 63 14.00 -2.23 -4.65
C GLU B 63 12.59 -2.33 -5.23
N ALA B 64 12.46 -3.06 -6.32
CA ALA B 64 11.16 -3.24 -6.98
C ALA B 64 10.18 -3.93 -6.04
N LYS B 65 10.69 -4.79 -5.16
CA LYS B 65 9.86 -5.51 -4.21
C LYS B 65 9.22 -4.55 -3.20
N VAL B 66 9.97 -3.53 -2.81
CA VAL B 66 9.47 -2.54 -1.86
C VAL B 66 8.78 -1.39 -2.57
N GLU B 67 9.25 -1.08 -3.78
CA GLU B 67 8.67 0.00 -4.57
C GLU B 67 7.24 -0.33 -5.00
N VAL B 68 7.02 -1.60 -5.34
CA VAL B 68 5.70 -2.05 -5.77
C VAL B 68 4.65 -1.80 -4.69
N LEU B 69 5.05 -1.98 -3.44
CA LEU B 69 4.14 -1.76 -2.31
C LEU B 69 3.53 -0.37 -2.36
N LEU B 70 4.35 0.62 -2.71
CA LEU B 70 3.88 2.00 -2.80
C LEU B 70 2.96 2.19 -4.00
N GLU B 71 3.31 1.56 -5.12
CA GLU B 71 2.52 1.66 -6.33
C GLU B 71 1.12 1.08 -6.12
N ALA B 72 1.04 0.05 -5.29
CA ALA B 72 -0.24 -0.61 -5.00
C ALA B 72 -1.14 0.32 -4.20
N LEU B 73 -0.54 1.10 -3.30
CA LEU B 73 -1.30 2.02 -2.46
C LEU B 73 -1.80 3.21 -3.28
N THR B 74 -0.96 3.69 -4.19
CA THR B 74 -1.33 4.82 -5.04
C THR B 74 -2.59 4.53 -5.84
N ALA B 75 -2.73 3.29 -6.29
CA ALA B 75 -3.89 2.88 -7.06
C ALA B 75 -5.16 2.94 -6.22
N ALA B 76 -5.04 2.61 -4.94
CA ALA B 76 -6.17 2.62 -4.03
C ALA B 76 -6.46 4.05 -3.54
N LEU B 77 -5.42 4.74 -3.10
CA LEU B 77 -5.56 6.10 -2.61
C LEU B 77 -6.21 6.99 -3.66
N GLN B 78 -5.72 6.90 -4.89
CA GLN B 78 -6.26 7.70 -5.99
C GLN B 78 -7.72 7.34 -6.26
N LEU B 79 -8.06 6.07 -6.06
CA LEU B 79 -9.42 5.60 -6.28
C LEU B 79 -10.36 6.11 -5.19
N LEU B 80 -9.86 6.15 -3.97
CA LEU B 80 -10.65 6.62 -2.83
C LEU B 80 -11.20 8.01 -3.09
N SER B 81 -10.42 8.84 -3.78
CA SER B 81 -10.82 10.20 -4.10
C SER B 81 -12.13 10.20 -4.90
N SER B 82 -12.40 9.10 -5.58
CA SER B 82 -13.61 8.97 -6.39
C SER B 82 -14.56 7.95 -5.80
N SER B 83 -14.21 7.45 -4.61
CA SER B 83 -15.03 6.45 -3.93
C SER B 83 -15.96 7.11 -2.92
N THR B 84 -16.41 6.33 -1.94
CA THR B 84 -17.32 6.84 -0.91
C THR B 84 -16.65 6.80 0.46
N LEU B 85 -15.86 5.76 0.69
CA LEU B 85 -15.17 5.59 1.97
C LEU B 85 -16.05 6.05 3.13
N GLY B 86 -17.25 5.48 3.21
CA GLY B 86 -18.16 5.85 4.29
C GLY B 86 -18.43 4.70 5.24
N ALA B 87 -17.41 3.89 5.48
CA ALA B 87 -17.54 2.75 6.38
C ALA B 87 -16.22 1.98 6.50
N VAL B 88 -15.98 1.40 7.66
CA VAL B 88 -14.76 0.64 7.91
C VAL B 88 -15.07 -0.77 8.40
N ASP B 89 -15.03 -1.72 7.48
CA ASP B 89 -15.31 -3.12 7.82
C ASP B 89 -14.18 -3.72 8.64
N THR B 90 -14.10 -3.31 9.91
CA THR B 90 -13.05 -3.81 10.80
C THR B 90 -13.19 -5.31 11.03
N THR B 91 -14.35 -5.85 10.68
CA THR B 91 -14.61 -7.27 10.86
C THR B 91 -13.99 -8.08 9.72
N SER B 92 -13.66 -7.41 8.63
CA SER B 92 -13.06 -8.06 7.48
C SER B 92 -11.55 -7.83 7.44
N ILE B 93 -11.04 -7.18 8.47
CA ILE B 93 -9.61 -6.89 8.56
C ILE B 93 -8.79 -8.16 8.36
N GLY B 94 -9.16 -9.23 9.06
CA GLY B 94 -8.46 -10.48 8.95
C GLY B 94 -8.35 -10.96 7.51
N LEU B 95 -9.37 -10.67 6.71
CA LEU B 95 -9.39 -11.07 5.32
C LEU B 95 -8.46 -10.20 4.49
N THR B 96 -8.52 -8.89 4.72
CA THR B 96 -7.68 -7.95 3.99
C THR B 96 -6.20 -8.14 4.33
N SER B 97 -5.90 -8.18 5.63
CA SER B 97 -4.53 -8.36 6.08
C SER B 97 -3.97 -9.71 5.62
N ASN B 98 -4.85 -10.69 5.50
CA ASN B 98 -4.45 -12.03 5.07
C ASN B 98 -4.28 -12.09 3.55
N SER B 99 -5.12 -11.33 2.84
CA SER B 99 -5.07 -11.30 1.39
C SER B 99 -3.83 -10.55 0.90
N VAL B 100 -3.53 -9.43 1.56
CA VAL B 100 -2.37 -8.62 1.19
C VAL B 100 -1.08 -9.40 1.41
N SER B 101 -1.03 -10.17 2.49
CA SER B 101 0.16 -10.97 2.82
C SER B 101 0.37 -12.06 1.77
N LYS B 102 -0.70 -12.76 1.42
CA LYS B 102 -0.64 -13.83 0.44
C LYS B 102 -0.40 -13.27 -0.96
N ALA B 103 -1.06 -12.16 -1.26
CA ALA B 103 -0.93 -11.52 -2.56
C ALA B 103 0.49 -11.01 -2.78
N VAL B 104 1.03 -10.31 -1.78
CA VAL B 104 2.37 -9.77 -1.86
C VAL B 104 3.41 -10.88 -1.99
N ALA B 105 3.24 -11.95 -1.23
CA ALA B 105 4.15 -13.09 -1.27
C ALA B 105 3.87 -13.97 -2.47
N GLN B 106 2.73 -13.74 -3.12
CA GLN B 106 2.34 -14.53 -4.27
C GLN B 106 2.88 -13.91 -5.57
N ALA B 107 2.97 -12.58 -5.58
CA ALA B 107 3.48 -11.86 -6.75
C ALA B 107 4.93 -11.47 -6.56
N LEU B 108 5.30 -11.12 -5.33
CA LEU B 108 6.67 -10.73 -5.03
C LEU B 108 7.46 -11.91 -4.47
N ALA B 109 7.12 -12.33 -3.25
CA ALA B 109 7.80 -13.45 -2.61
C ALA B 109 7.38 -14.77 -3.24
N PRO A 1 15.39 -7.43 3.25
CA PRO A 1 14.26 -7.90 4.06
C PRO A 1 13.30 -8.76 3.26
N SER A 2 13.59 -10.05 3.18
CA SER A 2 12.74 -10.99 2.44
C SER A 2 11.27 -10.83 2.84
N PHE A 3 10.38 -10.97 1.87
CA PHE A 3 8.95 -10.83 2.12
C PHE A 3 8.40 -12.09 2.80
N GLY A 4 9.26 -13.08 2.98
CA GLY A 4 8.84 -14.32 3.61
C GLY A 4 8.97 -14.26 5.12
N LEU A 5 10.06 -13.69 5.61
CA LEU A 5 10.30 -13.58 7.05
C LEU A 5 9.41 -12.50 7.66
N VAL A 6 9.19 -11.43 6.92
CA VAL A 6 8.35 -10.33 7.39
C VAL A 6 6.88 -10.72 7.41
N LEU A 7 6.47 -11.49 6.40
CA LEU A 7 5.08 -11.95 6.30
C LEU A 7 4.80 -13.05 7.31
N ASN A 8 5.85 -13.69 7.80
CA ASN A 8 5.72 -14.76 8.77
C ASN A 8 6.18 -14.31 10.15
N SER A 9 6.75 -13.11 10.22
CA SER A 9 7.24 -12.55 11.47
C SER A 9 6.17 -12.64 12.56
N PRO A 10 6.60 -12.50 13.83
CA PRO A 10 5.69 -12.56 14.97
C PRO A 10 4.79 -11.33 15.05
N ASN A 11 5.08 -10.32 14.22
CA ASN A 11 4.29 -9.10 14.20
C ASN A 11 4.16 -8.57 12.77
N GLY A 12 4.13 -9.48 11.81
CA GLY A 12 4.01 -9.07 10.42
C GLY A 12 2.66 -8.45 10.11
N LEU A 13 1.97 -8.98 9.10
CA LEU A 13 0.67 -8.47 8.71
C LEU A 13 -0.45 -9.37 9.21
N ARG A 14 -0.23 -10.68 9.14
CA ARG A 14 -1.22 -11.65 9.59
C ARG A 14 -1.32 -11.66 11.11
N SER A 15 -0.44 -10.89 11.76
CA SER A 15 -0.43 -10.81 13.21
C SER A 15 -1.56 -9.91 13.73
N PRO A 16 -1.90 -10.05 15.01
CA PRO A 16 -2.96 -9.26 15.65
C PRO A 16 -2.56 -7.80 15.81
N GLN A 17 -1.33 -7.57 16.24
CA GLN A 17 -0.83 -6.22 16.45
C GLN A 17 -0.89 -5.42 15.15
N ALA A 18 -0.76 -6.10 14.03
CA ALA A 18 -0.80 -5.46 12.72
C ALA A 18 -2.22 -5.02 12.37
N LYS A 19 -3.20 -5.83 12.75
CA LYS A 19 -4.60 -5.52 12.49
C LYS A 19 -5.04 -4.27 13.24
N ALA A 20 -4.57 -4.15 14.47
CA ALA A 20 -4.91 -2.99 15.31
C ALA A 20 -4.36 -1.70 14.71
N ARG A 21 -3.12 -1.75 14.23
CA ARG A 21 -2.48 -0.58 13.63
C ARG A 21 -3.23 -0.13 12.38
N ILE A 22 -3.63 -1.10 11.57
CA ILE A 22 -4.36 -0.80 10.34
C ILE A 22 -5.69 -0.12 10.64
N ASN A 23 -6.33 -0.54 11.73
CA ASN A 23 -7.61 0.03 12.12
C ASN A 23 -7.53 1.55 12.23
N ASN A 24 -6.47 2.03 12.88
CA ASN A 24 -6.27 3.46 13.06
C ASN A 24 -6.06 4.15 11.72
N LEU A 25 -5.33 3.48 10.82
CA LEU A 25 -5.06 4.03 9.50
C LEU A 25 -6.31 4.03 8.64
N ALA A 26 -7.16 3.02 8.82
CA ALA A 26 -8.40 2.92 8.07
C ALA A 26 -9.25 4.17 8.23
N SER A 27 -9.06 4.87 9.36
CA SER A 27 -9.82 6.08 9.64
C SER A 27 -9.04 7.32 9.21
N ALA A 28 -7.74 7.31 9.47
CA ALA A 28 -6.88 8.44 9.11
C ALA A 28 -6.75 8.57 7.59
N LEU A 29 -6.47 7.46 6.93
CA LEU A 29 -6.32 7.45 5.48
C LEU A 29 -7.62 7.89 4.80
N SER A 30 -8.74 7.42 5.32
CA SER A 30 -10.05 7.76 4.76
C SER A 30 -10.29 9.26 4.83
N THR A 31 -9.83 9.88 5.92
CA THR A 31 -9.99 11.32 6.10
C THR A 31 -8.96 12.10 5.29
N ALA A 32 -7.82 11.47 5.04
CA ALA A 32 -6.75 12.11 4.27
C ALA A 32 -7.11 12.15 2.78
N VAL A 33 -7.69 11.07 2.28
CA VAL A 33 -8.08 10.99 0.88
C VAL A 33 -9.54 11.37 0.68
N GLY A 34 -9.79 12.20 -0.32
CA GLY A 34 -11.16 12.64 -0.60
C GLY A 34 -11.24 13.53 -1.82
N ARG A 35 -11.45 14.81 -1.59
CA ARG A 35 -11.56 15.77 -2.69
C ARG A 35 -10.24 16.49 -2.92
N ASN A 36 -9.30 16.29 -2.01
CA ASN A 36 -7.98 16.92 -2.11
C ASN A 36 -6.94 15.92 -2.59
N GLY A 37 -7.40 14.74 -2.98
CA GLY A 37 -6.50 13.71 -3.46
C GLY A 37 -5.96 12.84 -2.34
N VAL A 38 -5.30 13.46 -1.37
CA VAL A 38 -4.74 12.74 -0.24
C VAL A 38 -4.00 13.68 0.71
N ASP A 39 -4.17 13.45 2.01
CA ASP A 39 -3.52 14.27 3.02
C ASP A 39 -2.26 13.59 3.56
N VAL A 40 -1.10 14.06 3.14
CA VAL A 40 0.16 13.49 3.58
C VAL A 40 0.30 13.55 5.10
N ASN A 41 -0.22 14.63 5.69
CA ASN A 41 -0.16 14.81 7.13
C ASN A 41 -0.84 13.65 7.85
N ALA A 42 -2.03 13.30 7.40
CA ALA A 42 -2.79 12.20 8.00
C ALA A 42 -2.24 10.85 7.55
N PHE A 43 -1.82 10.78 6.29
CA PHE A 43 -1.28 9.54 5.74
C PHE A 43 0.02 9.15 6.44
N THR A 44 0.97 10.09 6.44
CA THR A 44 2.27 9.85 7.07
C THR A 44 2.12 9.68 8.58
N SER A 45 1.09 10.32 9.14
CA SER A 45 0.85 10.24 10.58
C SER A 45 0.61 8.80 11.02
N GLY A 46 -0.03 8.02 10.14
CA GLY A 46 -0.32 6.63 10.46
C GLY A 46 0.92 5.75 10.36
N LEU A 47 1.73 6.00 9.35
CA LEU A 47 2.96 5.21 9.15
C LEU A 47 3.91 5.41 10.32
N ARG A 48 3.98 6.64 10.83
CA ARG A 48 4.87 6.95 11.95
C ARG A 48 4.52 6.09 13.16
N ALA A 49 3.23 5.89 13.40
CA ALA A 49 2.78 5.08 14.53
C ALA A 49 3.03 3.59 14.28
N THR A 50 2.85 3.17 13.02
CA THR A 50 3.05 1.78 12.65
C THR A 50 4.53 1.41 12.70
N LEU A 51 5.37 2.25 12.11
CA LEU A 51 6.81 2.00 12.08
C LEU A 51 7.37 1.89 13.49
N SER A 52 6.96 2.81 14.36
CA SER A 52 7.42 2.82 15.74
C SER A 52 6.96 1.57 16.48
N ASN A 53 5.70 1.20 16.27
CA ASN A 53 5.14 0.02 16.92
C ASN A 53 5.83 -1.25 16.42
N LEU A 54 6.03 -1.34 15.11
CA LEU A 54 6.67 -2.50 14.52
C LEU A 54 8.15 -2.55 14.90
N GLY A 55 8.75 -1.38 15.12
CA GLY A 55 10.14 -1.31 15.48
C GLY A 55 10.40 -1.79 16.90
N ASP A 56 9.33 -2.09 17.62
CA ASP A 56 9.43 -2.56 18.99
C ASP A 56 8.58 -3.80 19.21
N SER A 57 8.01 -4.32 18.13
CA SER A 57 7.16 -5.50 18.20
C SER A 57 8.00 -6.77 18.31
N GLY A 58 9.17 -6.75 17.69
CA GLY A 58 10.05 -7.91 17.74
C GLY A 58 10.85 -8.09 16.47
N MET A 59 10.45 -7.36 15.42
CA MET A 59 11.15 -7.44 14.14
C MET A 59 12.33 -6.48 14.09
N SER A 60 12.86 -6.25 12.90
CA SER A 60 14.01 -5.37 12.72
C SER A 60 13.56 -3.99 12.24
N PRO A 61 14.43 -2.99 12.40
CA PRO A 61 14.15 -1.62 11.98
C PRO A 61 14.10 -1.46 10.46
N ASN A 62 14.47 -2.53 9.76
CA ASN A 62 14.47 -2.51 8.29
C ASN A 62 13.21 -3.18 7.76
N GLU A 63 12.71 -4.19 8.47
CA GLU A 63 11.53 -4.91 8.06
C GLU A 63 10.27 -4.07 8.29
N ALA A 64 10.27 -3.31 9.37
CA ALA A 64 9.14 -2.45 9.70
C ALA A 64 8.90 -1.40 8.62
N LYS A 65 9.98 -0.98 7.96
CA LYS A 65 9.90 0.01 6.90
C LYS A 65 9.13 -0.54 5.70
N VAL A 66 9.31 -1.83 5.43
CA VAL A 66 8.64 -2.47 4.31
C VAL A 66 7.30 -3.07 4.73
N GLU A 67 7.22 -3.49 5.99
CA GLU A 67 6.00 -4.08 6.52
C GLU A 67 4.89 -3.03 6.62
N VAL A 68 5.27 -1.81 6.99
CA VAL A 68 4.32 -0.72 7.12
C VAL A 68 3.59 -0.46 5.81
N LEU A 69 4.31 -0.59 4.71
CA LEU A 69 3.73 -0.37 3.38
C LEU A 69 2.50 -1.26 3.18
N LEU A 70 2.60 -2.51 3.61
CA LEU A 70 1.50 -3.46 3.48
C LEU A 70 0.36 -3.11 4.44
N GLU A 71 0.72 -2.71 5.65
CA GLU A 71 -0.27 -2.35 6.66
C GLU A 71 -1.09 -1.15 6.20
N ALA A 72 -0.46 -0.25 5.46
CA ALA A 72 -1.14 0.94 4.97
C ALA A 72 -2.15 0.59 3.88
N LEU A 73 -1.84 -0.44 3.11
CA LEU A 73 -2.73 -0.88 2.03
C LEU A 73 -3.96 -1.58 2.61
N THR A 74 -3.76 -2.34 3.68
CA THR A 74 -4.87 -3.06 4.32
C THR A 74 -5.95 -2.11 4.77
N ALA A 75 -5.55 -0.93 5.25
CA ALA A 75 -6.50 0.08 5.71
C ALA A 75 -7.34 0.61 4.56
N ALA A 76 -6.73 0.73 3.39
CA ALA A 76 -7.43 1.22 2.21
C ALA A 76 -8.26 0.11 1.57
N LEU A 77 -7.65 -1.05 1.39
CA LEU A 77 -8.33 -2.19 0.79
C LEU A 77 -9.62 -2.52 1.54
N GLN A 78 -9.53 -2.58 2.86
CA GLN A 78 -10.68 -2.88 3.71
C GLN A 78 -11.75 -1.80 3.57
N LEU A 79 -11.31 -0.56 3.37
CA LEU A 79 -12.23 0.56 3.21
C LEU A 79 -12.96 0.49 1.88
N LEU A 80 -12.24 0.14 0.83
CA LEU A 80 -12.83 0.03 -0.50
C LEU A 80 -14.04 -0.90 -0.50
N SER A 81 -13.98 -1.93 0.33
CA SER A 81 -15.07 -2.89 0.44
C SER A 81 -16.36 -2.21 0.90
N SER A 82 -16.21 -1.06 1.56
CA SER A 82 -17.36 -0.30 2.04
C SER A 82 -17.48 1.03 1.32
N SER A 83 -16.66 1.22 0.28
CA SER A 83 -16.68 2.45 -0.49
C SER A 83 -17.56 2.30 -1.73
N THR A 84 -17.32 3.17 -2.72
CA THR A 84 -18.09 3.13 -3.95
C THR A 84 -17.21 2.77 -5.14
N LEU A 85 -15.95 3.17 -5.08
CA LEU A 85 -15.00 2.89 -6.14
C LEU A 85 -15.66 3.01 -7.51
N GLY A 86 -16.26 4.17 -7.77
CA GLY A 86 -16.94 4.38 -9.05
C GLY A 86 -16.15 5.30 -9.96
N ALA A 87 -14.83 5.10 -10.00
CA ALA A 87 -13.97 5.91 -10.85
C ALA A 87 -12.52 5.49 -10.72
N VAL A 88 -11.61 6.33 -11.22
CA VAL A 88 -10.18 6.04 -11.15
C VAL A 88 -9.36 7.32 -11.07
N ASP A 89 -9.76 8.32 -11.85
CA ASP A 89 -9.06 9.60 -11.87
C ASP A 89 -7.58 9.41 -12.10
N THR A 90 -7.21 8.96 -13.30
CA THR A 90 -5.81 8.74 -13.64
C THR A 90 -5.06 10.05 -13.79
N THR A 91 -5.79 11.16 -13.77
CA THR A 91 -5.19 12.48 -13.90
C THR A 91 -4.60 12.94 -12.58
N SER A 92 -5.07 12.34 -11.48
CA SER A 92 -4.58 12.70 -10.15
C SER A 92 -3.46 11.76 -9.71
N ILE A 93 -3.13 10.80 -10.57
CA ILE A 93 -2.07 9.85 -10.28
C ILE A 93 -0.81 10.55 -9.80
N GLY A 94 -0.40 11.59 -10.54
CA GLY A 94 0.80 12.33 -10.18
C GLY A 94 0.74 12.85 -8.76
N LEU A 95 -0.44 13.25 -8.31
CA LEU A 95 -0.61 13.78 -6.97
C LEU A 95 -0.58 12.66 -5.94
N THR A 96 -1.28 11.56 -6.24
CA THR A 96 -1.32 10.41 -5.34
C THR A 96 0.06 9.78 -5.18
N SER A 97 0.70 9.50 -6.31
CA SER A 97 2.02 8.88 -6.30
C SER A 97 3.04 9.79 -5.62
N ASN A 98 2.84 11.10 -5.77
CA ASN A 98 3.74 12.08 -5.18
C ASN A 98 3.51 12.19 -3.67
N SER A 99 2.26 12.03 -3.25
CA SER A 99 1.90 12.11 -1.84
C SER A 99 2.45 10.91 -1.08
N VAL A 100 2.23 9.71 -1.62
CA VAL A 100 2.70 8.49 -0.98
C VAL A 100 4.22 8.50 -0.82
N SER A 101 4.92 9.01 -1.84
CA SER A 101 6.37 9.08 -1.81
C SER A 101 6.85 10.00 -0.69
N LYS A 102 6.23 11.17 -0.58
CA LYS A 102 6.59 12.13 0.45
C LYS A 102 6.16 11.64 1.83
N ALA A 103 4.99 11.01 1.89
CA ALA A 103 4.46 10.50 3.15
C ALA A 103 5.31 9.34 3.66
N VAL A 104 5.62 8.39 2.78
CA VAL A 104 6.42 7.24 3.14
C VAL A 104 7.80 7.66 3.63
N ALA A 105 8.41 8.60 2.92
CA ALA A 105 9.73 9.10 3.27
C ALA A 105 9.66 10.06 4.46
N GLN A 106 8.47 10.60 4.70
CA GLN A 106 8.26 11.54 5.80
C GLN A 106 8.17 10.80 7.13
N ALA A 107 7.59 9.61 7.11
CA ALA A 107 7.44 8.80 8.31
C ALA A 107 8.55 7.76 8.41
N LEU A 108 8.82 7.08 7.30
CA LEU A 108 9.85 6.05 7.26
C LEU A 108 11.22 6.67 7.04
N ALA A 109 11.45 7.20 5.84
CA ALA A 109 12.72 7.82 5.50
C ALA A 109 12.92 9.12 6.27
N PRO B 1 18.31 -1.46 0.60
CA PRO B 1 17.55 -0.62 -0.34
C PRO B 1 16.77 0.48 0.37
N SER B 2 17.48 1.52 0.80
CA SER B 2 16.86 2.63 1.50
C SER B 2 15.68 3.18 0.70
N PHE B 3 14.77 3.86 1.40
CA PHE B 3 13.59 4.43 0.74
C PHE B 3 13.95 5.72 0.01
N GLY B 4 15.14 6.25 0.31
CA GLY B 4 15.58 7.48 -0.34
C GLY B 4 15.98 7.26 -1.78
N LEU B 5 16.71 6.18 -2.04
CA LEU B 5 17.16 5.87 -3.39
C LEU B 5 15.99 5.37 -4.25
N VAL B 6 15.12 4.58 -3.64
CA VAL B 6 13.96 4.04 -4.36
C VAL B 6 12.96 5.14 -4.68
N LEU B 7 12.84 6.11 -3.78
CA LEU B 7 11.91 7.22 -3.96
C LEU B 7 12.50 8.27 -4.91
N ASN B 8 13.81 8.19 -5.13
CA ASN B 8 14.49 9.14 -6.00
C ASN B 8 14.91 8.46 -7.30
N SER B 9 14.74 7.14 -7.36
CA SER B 9 15.10 6.38 -8.55
C SER B 9 14.33 6.87 -9.77
N PRO B 10 14.84 6.54 -10.96
CA PRO B 10 14.22 6.93 -12.23
C PRO B 10 12.90 6.21 -12.49
N ASN B 11 12.65 5.16 -11.71
CA ASN B 11 11.42 4.39 -11.84
C ASN B 11 10.73 4.22 -10.50
N GLY B 12 10.99 5.16 -9.59
CA GLY B 12 10.38 5.10 -8.27
C GLY B 12 8.88 5.32 -8.32
N LEU B 13 8.40 6.32 -7.59
CA LEU B 13 6.98 6.63 -7.55
C LEU B 13 6.69 7.96 -8.25
N ARG B 14 7.55 8.94 -8.03
CA ARG B 14 7.39 10.25 -8.63
C ARG B 14 7.69 10.20 -10.13
N SER B 15 8.14 9.05 -10.60
CA SER B 15 8.47 8.87 -12.01
C SER B 15 7.21 8.63 -12.83
N PRO B 16 7.28 8.97 -14.13
CA PRO B 16 6.14 8.81 -15.05
C PRO B 16 5.85 7.35 -15.35
N GLN B 17 6.89 6.52 -15.32
CA GLN B 17 6.74 5.10 -15.59
C GLN B 17 5.94 4.41 -14.48
N ALA B 18 6.07 4.92 -13.27
CA ALA B 18 5.35 4.36 -12.12
C ALA B 18 3.87 4.68 -12.20
N LYS B 19 3.54 5.87 -12.69
CA LYS B 19 2.16 6.30 -12.82
C LYS B 19 1.38 5.37 -13.74
N ALA B 20 2.03 4.93 -14.81
CA ALA B 20 1.41 4.03 -15.77
C ALA B 20 1.11 2.67 -15.14
N ARG B 21 2.04 2.18 -14.34
CA ARG B 21 1.87 0.89 -13.68
C ARG B 21 0.72 0.94 -12.68
N ILE B 22 0.66 2.02 -11.91
CA ILE B 22 -0.40 2.18 -10.92
C ILE B 22 -1.77 2.23 -11.58
N ASN B 23 -1.84 2.84 -12.76
CA ASN B 23 -3.09 2.96 -13.49
C ASN B 23 -3.77 1.59 -13.62
N ASN B 24 -2.98 0.58 -13.98
CA ASN B 24 -3.51 -0.77 -14.14
C ASN B 24 -4.04 -1.32 -12.81
N LEU B 25 -3.37 -0.95 -11.73
CA LEU B 25 -3.77 -1.39 -10.39
C LEU B 25 -5.06 -0.71 -9.95
N ALA B 26 -5.21 0.56 -10.33
CA ALA B 26 -6.40 1.33 -9.99
C ALA B 26 -7.66 0.63 -10.48
N SER B 27 -7.53 -0.17 -11.52
CA SER B 27 -8.66 -0.89 -12.10
C SER B 27 -8.75 -2.30 -11.53
N ALA B 28 -7.59 -2.94 -11.33
CA ALA B 28 -7.53 -4.28 -10.80
C ALA B 28 -7.96 -4.30 -9.33
N LEU B 29 -7.37 -3.41 -8.54
CA LEU B 29 -7.68 -3.33 -7.11
C LEU B 29 -9.17 -3.06 -6.89
N SER B 30 -9.72 -2.15 -7.70
CA SER B 30 -11.13 -1.79 -7.59
C SER B 30 -12.02 -3.00 -7.88
N THR B 31 -11.58 -3.84 -8.82
CA THR B 31 -12.33 -5.02 -9.20
C THR B 31 -12.10 -6.16 -8.21
N ALA B 32 -10.94 -6.14 -7.55
CA ALA B 32 -10.59 -7.16 -6.57
C ALA B 32 -11.30 -6.92 -5.25
N VAL B 33 -11.33 -5.66 -4.82
CA VAL B 33 -11.98 -5.31 -3.56
C VAL B 33 -13.41 -4.85 -3.80
N GLY B 34 -14.33 -5.35 -2.99
CA GLY B 34 -15.73 -4.98 -3.12
C GLY B 34 -16.60 -5.59 -2.03
N ARG B 35 -17.37 -6.60 -2.40
CA ARG B 35 -18.26 -7.26 -1.44
C ARG B 35 -17.62 -8.55 -0.91
N ASN B 36 -16.52 -8.95 -1.52
CA ASN B 36 -15.81 -10.15 -1.10
C ASN B 36 -14.57 -9.80 -0.28
N GLY B 37 -14.41 -8.52 0.02
CA GLY B 37 -13.26 -8.09 0.79
C GLY B 37 -12.08 -7.71 -0.08
N VAL B 38 -11.61 -8.66 -0.88
CA VAL B 38 -10.47 -8.44 -1.77
C VAL B 38 -10.13 -9.70 -2.55
N ASP B 39 -9.81 -9.53 -3.83
CA ASP B 39 -9.45 -10.66 -4.68
C ASP B 39 -7.95 -10.75 -4.84
N VAL B 40 -7.35 -11.73 -4.17
CA VAL B 40 -5.90 -11.93 -4.24
C VAL B 40 -5.45 -12.16 -5.67
N ASN B 41 -6.28 -12.86 -6.45
CA ASN B 41 -5.96 -13.15 -7.84
C ASN B 41 -5.73 -11.86 -8.62
N ALA B 42 -6.63 -10.90 -8.45
CA ALA B 42 -6.51 -9.62 -9.15
C ALA B 42 -5.45 -8.74 -8.49
N PHE B 43 -5.38 -8.80 -7.17
CA PHE B 43 -4.41 -8.00 -6.41
C PHE B 43 -2.98 -8.42 -6.75
N THR B 44 -2.70 -9.70 -6.60
CA THR B 44 -1.37 -10.24 -6.88
C THR B 44 -1.04 -10.14 -8.36
N SER B 45 -2.09 -10.18 -9.19
CA SER B 45 -1.92 -10.11 -10.64
C SER B 45 -1.26 -8.79 -11.04
N GLY B 46 -1.59 -7.73 -10.32
CA GLY B 46 -1.02 -6.42 -10.61
C GLY B 46 0.43 -6.31 -10.18
N LEU B 47 0.75 -6.83 -9.00
CA LEU B 47 2.10 -6.79 -8.48
C LEU B 47 3.06 -7.55 -9.40
N ARG B 48 2.59 -8.66 -9.97
CA ARG B 48 3.40 -9.47 -10.86
C ARG B 48 3.79 -8.67 -12.10
N ALA B 49 2.83 -7.94 -12.65
CA ALA B 49 3.07 -7.13 -13.84
C ALA B 49 3.90 -5.90 -13.51
N THR B 50 3.65 -5.32 -12.35
CA THR B 50 4.37 -4.13 -11.90
C THR B 50 5.82 -4.45 -11.56
N LEU B 51 6.02 -5.52 -10.80
CA LEU B 51 7.36 -5.94 -10.40
C LEU B 51 8.23 -6.23 -11.62
N SER B 52 7.66 -6.95 -12.58
CA SER B 52 8.39 -7.30 -13.80
C SER B 52 8.82 -6.04 -14.55
N ASN B 53 7.93 -5.05 -14.59
CA ASN B 53 8.22 -3.80 -15.27
C ASN B 53 9.35 -3.04 -14.58
N LEU B 54 9.29 -2.99 -13.26
CA LEU B 54 10.30 -2.30 -12.48
C LEU B 54 11.62 -3.06 -12.50
N GLY B 55 11.53 -4.38 -12.65
CA GLY B 55 12.72 -5.21 -12.70
C GLY B 55 13.56 -4.96 -13.93
N ASP B 56 13.03 -4.18 -14.85
CA ASP B 56 13.73 -3.85 -16.09
C ASP B 56 13.67 -2.35 -16.38
N SER B 57 13.30 -1.58 -15.37
CA SER B 57 13.18 -0.13 -15.52
C SER B 57 14.54 0.54 -15.30
N GLY B 58 15.40 -0.12 -14.54
CA GLY B 58 16.72 0.42 -14.27
C GLY B 58 17.13 0.26 -12.82
N MET B 59 16.20 -0.23 -12.00
CA MET B 59 16.48 -0.44 -10.58
C MET B 59 16.92 -1.88 -10.31
N SER B 60 16.95 -2.26 -9.04
CA SER B 60 17.35 -3.61 -8.66
C SER B 60 16.14 -4.49 -8.40
N PRO B 61 16.36 -5.81 -8.41
CA PRO B 61 15.29 -6.79 -8.17
C PRO B 61 14.81 -6.79 -6.73
N ASN B 62 15.50 -6.02 -5.88
CA ASN B 62 15.14 -5.93 -4.47
C ASN B 62 14.35 -4.66 -4.19
N GLU B 63 14.66 -3.61 -4.93
CA GLU B 63 13.97 -2.32 -4.77
C GLU B 63 12.57 -2.38 -5.34
N ALA B 64 12.42 -3.11 -6.46
CA ALA B 64 11.12 -3.24 -7.10
C ALA B 64 10.12 -3.94 -6.20
N LYS B 65 10.62 -4.81 -5.33
CA LYS B 65 9.78 -5.55 -4.40
C LYS B 65 9.15 -4.61 -3.38
N VAL B 66 9.90 -3.59 -2.97
CA VAL B 66 9.42 -2.63 -2.00
C VAL B 66 8.73 -1.45 -2.69
N GLU B 67 9.21 -1.11 -3.89
CA GLU B 67 8.64 0.00 -4.65
C GLU B 67 7.20 -0.31 -5.06
N VAL B 68 6.95 -1.56 -5.44
CA VAL B 68 5.62 -1.98 -5.86
C VAL B 68 4.59 -1.74 -4.75
N LEU B 69 5.01 -1.96 -3.51
CA LEU B 69 4.12 -1.76 -2.36
C LEU B 69 3.54 -0.35 -2.36
N LEU B 70 4.39 0.63 -2.68
CA LEU B 70 3.94 2.02 -2.72
C LEU B 70 2.96 2.26 -3.86
N GLU B 71 3.28 1.69 -5.02
CA GLU B 71 2.40 1.84 -6.19
C GLU B 71 1.04 1.23 -5.93
N ALA B 72 1.02 0.09 -5.26
CA ALA B 72 -0.22 -0.60 -4.94
C ALA B 72 -1.17 0.31 -4.16
N LEU B 73 -0.62 1.10 -3.26
CA LEU B 73 -1.41 2.01 -2.45
C LEU B 73 -1.90 3.19 -3.28
N THR B 74 -1.06 3.65 -4.20
CA THR B 74 -1.41 4.77 -5.07
C THR B 74 -2.68 4.48 -5.85
N ALA B 75 -2.84 3.24 -6.29
CA ALA B 75 -4.01 2.84 -7.04
C ALA B 75 -5.28 2.93 -6.20
N ALA B 76 -5.14 2.60 -4.92
CA ALA B 76 -6.28 2.64 -4.00
C ALA B 76 -6.54 4.07 -3.52
N LEU B 77 -5.48 4.75 -3.12
CA LEU B 77 -5.59 6.12 -2.63
C LEU B 77 -6.27 7.01 -3.67
N GLN B 78 -5.82 6.90 -4.92
CA GLN B 78 -6.39 7.70 -6.01
C GLN B 78 -7.86 7.34 -6.23
N LEU B 79 -8.20 6.08 -6.00
CA LEU B 79 -9.57 5.62 -6.17
C LEU B 79 -10.48 6.17 -5.08
N LEU B 80 -9.98 6.19 -3.85
CA LEU B 80 -10.74 6.69 -2.72
C LEU B 80 -11.24 8.11 -2.99
N SER B 81 -10.44 8.89 -3.70
CA SER B 81 -10.80 10.26 -4.03
C SER B 81 -12.10 10.30 -4.83
N SER B 82 -12.42 9.20 -5.48
CA SER B 82 -13.63 9.10 -6.30
C SER B 82 -14.58 8.07 -5.72
N SER B 83 -14.27 7.57 -4.53
CA SER B 83 -15.10 6.57 -3.87
C SER B 83 -16.06 7.23 -2.88
N THR B 84 -16.56 6.44 -1.93
CA THR B 84 -17.48 6.94 -0.94
C THR B 84 -16.87 6.88 0.46
N LEU B 85 -16.02 5.88 0.68
CA LEU B 85 -15.37 5.71 1.97
C LEU B 85 -16.31 6.06 3.12
N GLY B 86 -17.44 5.36 3.16
CA GLY B 86 -18.42 5.60 4.21
C GLY B 86 -18.48 4.48 5.23
N ALA B 87 -17.31 3.97 5.60
CA ALA B 87 -17.23 2.87 6.57
C ALA B 87 -15.79 2.47 6.82
N VAL B 88 -15.60 1.32 7.47
CA VAL B 88 -14.27 0.82 7.77
C VAL B 88 -14.24 -0.71 7.78
N ASP B 89 -15.29 -1.31 8.34
CA ASP B 89 -15.39 -2.76 8.41
C ASP B 89 -14.14 -3.37 9.04
N THR B 90 -13.95 -3.11 10.34
CA THR B 90 -12.80 -3.61 11.07
C THR B 90 -12.90 -5.13 11.27
N THR B 91 -14.07 -5.68 10.94
CA THR B 91 -14.29 -7.12 11.09
C THR B 91 -13.67 -7.90 9.92
N SER B 92 -13.41 -7.19 8.83
CA SER B 92 -12.83 -7.81 7.65
C SER B 92 -11.32 -7.62 7.62
N ILE B 93 -10.79 -6.94 8.64
CA ILE B 93 -9.36 -6.69 8.75
C ILE B 93 -8.56 -7.96 8.58
N GLY B 94 -8.96 -9.01 9.29
CA GLY B 94 -8.27 -10.29 9.19
C GLY B 94 -8.20 -10.80 7.77
N LEU B 95 -9.27 -10.58 7.01
CA LEU B 95 -9.32 -11.04 5.62
C LEU B 95 -8.45 -10.16 4.73
N THR B 96 -8.55 -8.84 4.93
CA THR B 96 -7.78 -7.89 4.13
C THR B 96 -6.28 -8.05 4.39
N SER B 97 -5.91 -8.05 5.67
CA SER B 97 -4.50 -8.19 6.04
C SER B 97 -3.96 -9.54 5.60
N ASN B 98 -4.82 -10.55 5.58
CA ASN B 98 -4.42 -11.89 5.16
C ASN B 98 -4.28 -11.98 3.65
N SER B 99 -5.13 -11.24 2.94
CA SER B 99 -5.11 -11.23 1.48
C SER B 99 -3.83 -10.59 0.96
N VAL B 100 -3.50 -9.42 1.49
CA VAL B 100 -2.30 -8.69 1.08
C VAL B 100 -1.05 -9.53 1.34
N SER B 101 -1.04 -10.24 2.47
CA SER B 101 0.11 -11.07 2.83
C SER B 101 0.32 -12.18 1.80
N LYS B 102 -0.77 -12.86 1.45
CA LYS B 102 -0.71 -13.94 0.48
C LYS B 102 -0.46 -13.40 -0.94
N ALA B 103 -1.08 -12.28 -1.25
CA ALA B 103 -0.93 -11.65 -2.56
C ALA B 103 0.51 -11.16 -2.77
N VAL B 104 1.03 -10.46 -1.76
CA VAL B 104 2.39 -9.94 -1.83
C VAL B 104 3.41 -11.06 -1.96
N ALA B 105 3.20 -12.12 -1.19
CA ALA B 105 4.10 -13.26 -1.22
C ALA B 105 3.82 -14.16 -2.42
N GLN B 106 2.68 -13.92 -3.07
CA GLN B 106 2.29 -14.71 -4.24
C GLN B 106 2.86 -14.11 -5.51
N ALA B 107 2.98 -12.78 -5.54
CA ALA B 107 3.50 -12.08 -6.70
C ALA B 107 4.97 -11.71 -6.51
N LEU B 108 5.33 -11.36 -5.27
CA LEU B 108 6.69 -10.97 -4.95
C LEU B 108 7.46 -12.15 -4.36
N ALA B 109 7.10 -12.54 -3.14
CA ALA B 109 7.75 -13.66 -2.47
C ALA B 109 7.33 -14.99 -3.08
N PRO A 1 14.77 -7.69 3.07
CA PRO A 1 13.66 -8.13 3.93
C PRO A 1 12.62 -8.91 3.15
N SER A 2 12.87 -10.21 2.97
CA SER A 2 11.95 -11.08 2.25
C SER A 2 10.52 -10.94 2.79
N PHE A 3 9.55 -11.08 1.91
CA PHE A 3 8.15 -10.96 2.30
C PHE A 3 7.67 -12.23 3.02
N GLY A 4 8.55 -13.21 3.11
CA GLY A 4 8.21 -14.45 3.78
C GLY A 4 8.41 -14.38 5.28
N LEU A 5 9.56 -13.85 5.70
CA LEU A 5 9.88 -13.73 7.12
C LEU A 5 9.08 -12.61 7.76
N VAL A 6 8.91 -11.51 7.03
CA VAL A 6 8.15 -10.36 7.52
C VAL A 6 6.68 -10.72 7.70
N LEU A 7 6.15 -11.50 6.78
CA LEU A 7 4.75 -11.91 6.82
C LEU A 7 4.55 -13.03 7.84
N ASN A 8 5.64 -13.71 8.20
CA ASN A 8 5.58 -14.79 9.17
C ASN A 8 5.99 -14.31 10.56
N SER A 9 6.55 -13.11 10.62
CA SER A 9 6.99 -12.53 11.88
C SER A 9 5.82 -12.43 12.86
N PRO A 10 6.14 -12.27 14.15
CA PRO A 10 5.14 -12.15 15.22
C PRO A 10 4.36 -10.84 15.15
N ASN A 11 4.83 -9.93 14.30
CA ASN A 11 4.17 -8.64 14.13
C ASN A 11 4.07 -8.27 12.66
N GLY A 12 4.08 -9.28 11.79
CA GLY A 12 3.99 -9.04 10.37
C GLY A 12 2.67 -8.41 9.97
N LEU A 13 1.84 -9.18 9.27
CA LEU A 13 0.53 -8.69 8.83
C LEU A 13 -0.58 -9.62 9.29
N ARG A 14 -0.28 -10.92 9.36
CA ARG A 14 -1.25 -11.91 9.79
C ARG A 14 -1.41 -11.89 11.31
N SER A 15 -0.56 -11.13 11.98
CA SER A 15 -0.59 -11.03 13.43
C SER A 15 -1.69 -10.06 13.88
N PRO A 16 -2.10 -10.17 15.15
CA PRO A 16 -3.14 -9.32 15.73
C PRO A 16 -2.66 -7.88 15.91
N GLN A 17 -1.39 -7.71 16.23
CA GLN A 17 -0.82 -6.39 16.43
C GLN A 17 -0.88 -5.56 15.15
N ALA A 18 -0.80 -6.25 14.01
CA ALA A 18 -0.84 -5.58 12.71
C ALA A 18 -2.26 -5.11 12.39
N LYS A 19 -3.25 -5.90 12.79
CA LYS A 19 -4.64 -5.56 12.55
C LYS A 19 -5.04 -4.31 13.31
N ALA A 20 -4.54 -4.18 14.54
CA ALA A 20 -4.84 -3.02 15.37
C ALA A 20 -4.25 -1.74 14.76
N ARG A 21 -3.03 -1.84 14.28
CA ARG A 21 -2.35 -0.70 13.67
C ARG A 21 -3.10 -0.22 12.43
N ILE A 22 -3.52 -1.17 11.60
CA ILE A 22 -4.24 -0.85 10.38
C ILE A 22 -5.57 -0.17 10.68
N ASN A 23 -6.21 -0.59 11.78
CA ASN A 23 -7.48 -0.02 12.18
C ASN A 23 -7.40 1.50 12.27
N ASN A 24 -6.33 2.00 12.90
CA ASN A 24 -6.13 3.43 13.06
C ASN A 24 -5.93 4.10 11.70
N LEU A 25 -5.24 3.41 10.80
CA LEU A 25 -4.97 3.93 9.46
C LEU A 25 -6.25 3.95 8.62
N ALA A 26 -7.10 2.95 8.83
CA ALA A 26 -8.35 2.85 8.10
C ALA A 26 -9.20 4.11 8.28
N SER A 27 -8.98 4.80 9.40
CA SER A 27 -9.73 6.01 9.70
C SER A 27 -8.95 7.25 9.27
N ALA A 28 -7.64 7.23 9.50
CA ALA A 28 -6.78 8.35 9.13
C ALA A 28 -6.67 8.47 7.62
N LEU A 29 -6.38 7.36 6.95
CA LEU A 29 -6.25 7.36 5.50
C LEU A 29 -7.54 7.81 4.83
N SER A 30 -8.67 7.31 5.34
CA SER A 30 -9.98 7.67 4.78
C SER A 30 -10.21 9.18 4.88
N THR A 31 -9.75 9.78 5.97
CA THR A 31 -9.91 11.20 6.18
C THR A 31 -8.89 12.01 5.36
N ALA A 32 -7.75 11.38 5.07
CA ALA A 32 -6.70 12.04 4.30
C ALA A 32 -7.07 12.09 2.82
N VAL A 33 -7.65 11.00 2.32
CA VAL A 33 -8.05 10.93 0.91
C VAL A 33 -9.50 11.31 0.74
N GLY A 34 -9.77 12.16 -0.25
CA GLY A 34 -11.13 12.61 -0.50
C GLY A 34 -11.24 13.49 -1.73
N ARG A 35 -11.42 14.78 -1.51
CA ARG A 35 -11.54 15.74 -2.60
C ARG A 35 -10.20 16.43 -2.87
N ASN A 36 -9.25 16.24 -1.96
CA ASN A 36 -7.93 16.84 -2.09
C ASN A 36 -6.91 15.82 -2.58
N GLY A 37 -7.39 14.65 -2.97
CA GLY A 37 -6.50 13.60 -3.45
C GLY A 37 -5.95 12.75 -2.32
N VAL A 38 -5.30 13.40 -1.36
CA VAL A 38 -4.73 12.69 -0.22
C VAL A 38 -4.01 13.65 0.72
N ASP A 39 -4.16 13.42 2.01
CA ASP A 39 -3.53 14.28 3.02
C ASP A 39 -2.26 13.62 3.56
N VAL A 40 -1.10 14.13 3.14
CA VAL A 40 0.17 13.58 3.58
C VAL A 40 0.29 13.64 5.10
N ASN A 41 -0.33 14.64 5.71
CA ASN A 41 -0.29 14.80 7.16
C ASN A 41 -0.99 13.64 7.85
N ALA A 42 -2.19 13.31 7.37
CA ALA A 42 -2.97 12.22 7.95
C ALA A 42 -2.44 10.87 7.48
N PHE A 43 -1.83 10.86 6.30
CA PHE A 43 -1.28 9.63 5.74
C PHE A 43 0.03 9.26 6.42
N THR A 44 0.96 10.20 6.43
CA THR A 44 2.27 9.98 7.05
C THR A 44 2.15 9.80 8.56
N SER A 45 1.12 10.41 9.13
CA SER A 45 0.89 10.32 10.58
C SER A 45 0.66 8.87 10.99
N GLY A 46 0.00 8.11 10.13
CA GLY A 46 -0.27 6.71 10.43
C GLY A 46 0.97 5.84 10.32
N LEU A 47 1.78 6.10 9.30
CA LEU A 47 3.00 5.34 9.08
C LEU A 47 3.98 5.52 10.23
N ARG A 48 4.03 6.74 10.77
CA ARG A 48 4.91 7.05 11.87
C ARG A 48 4.60 6.18 13.09
N ALA A 49 3.31 5.98 13.34
CA ALA A 49 2.87 5.18 14.47
C ALA A 49 3.10 3.69 14.21
N THR A 50 2.87 3.29 12.96
CA THR A 50 3.05 1.89 12.57
C THR A 50 4.52 1.50 12.57
N LEU A 51 5.36 2.34 11.99
CA LEU A 51 6.79 2.09 11.93
C LEU A 51 7.38 2.00 13.33
N SER A 52 7.02 2.95 14.19
CA SER A 52 7.51 2.98 15.55
C SER A 52 7.06 1.75 16.33
N ASN A 53 5.79 1.38 16.17
CA ASN A 53 5.23 0.21 16.84
C ASN A 53 5.92 -1.07 16.38
N LEU A 54 6.11 -1.19 15.08
CA LEU A 54 6.75 -2.37 14.50
C LEU A 54 8.24 -2.40 14.86
N GLY A 55 8.85 -1.22 14.91
CA GLY A 55 10.27 -1.14 15.24
C GLY A 55 10.56 -1.64 16.65
N ASP A 56 9.51 -1.80 17.44
CA ASP A 56 9.67 -2.26 18.82
C ASP A 56 8.70 -3.41 19.11
N SER A 57 8.16 -4.01 18.07
CA SER A 57 7.22 -5.11 18.21
C SER A 57 7.96 -6.44 18.33
N GLY A 58 9.17 -6.49 17.78
CA GLY A 58 9.97 -7.71 17.83
C GLY A 58 10.73 -7.95 16.54
N MET A 59 10.41 -7.19 15.51
CA MET A 59 11.08 -7.33 14.22
C MET A 59 12.29 -6.41 14.12
N SER A 60 12.80 -6.23 12.91
CA SER A 60 13.95 -5.38 12.68
C SER A 60 13.52 -4.00 12.17
N PRO A 61 14.41 -3.01 12.29
CA PRO A 61 14.15 -1.64 11.85
C PRO A 61 14.08 -1.52 10.33
N ASN A 62 14.42 -2.60 9.64
CA ASN A 62 14.39 -2.62 8.19
C ASN A 62 13.12 -3.28 7.67
N GLU A 63 12.63 -4.27 8.42
CA GLU A 63 11.42 -4.98 8.04
C GLU A 63 10.18 -4.11 8.24
N ALA A 64 10.20 -3.30 9.30
CA ALA A 64 9.09 -2.43 9.61
C ALA A 64 8.89 -1.39 8.50
N LYS A 65 9.96 -1.02 7.83
CA LYS A 65 9.91 -0.04 6.75
C LYS A 65 9.15 -0.60 5.56
N VAL A 66 9.29 -1.90 5.32
CA VAL A 66 8.62 -2.56 4.21
C VAL A 66 7.26 -3.10 4.64
N GLU A 67 7.17 -3.51 5.91
CA GLU A 67 5.93 -4.05 6.44
C GLU A 67 4.84 -2.98 6.50
N VAL A 68 5.24 -1.76 6.84
CA VAL A 68 4.30 -0.65 6.93
C VAL A 68 3.60 -0.42 5.60
N LEU A 69 4.33 -0.58 4.50
CA LEU A 69 3.77 -0.39 3.17
C LEU A 69 2.55 -1.27 2.97
N LEU A 70 2.63 -2.52 3.41
CA LEU A 70 1.53 -3.46 3.29
C LEU A 70 0.42 -3.13 4.29
N GLU A 71 0.81 -2.74 5.50
CA GLU A 71 -0.15 -2.40 6.54
C GLU A 71 -1.01 -1.22 6.12
N ALA A 72 -0.42 -0.29 5.37
CA ALA A 72 -1.14 0.89 4.91
C ALA A 72 -2.16 0.53 3.83
N LEU A 73 -1.84 -0.50 3.05
CA LEU A 73 -2.73 -0.95 1.98
C LEU A 73 -3.95 -1.66 2.56
N THR A 74 -3.74 -2.43 3.63
CA THR A 74 -4.83 -3.16 4.27
C THR A 74 -5.93 -2.21 4.74
N ALA A 75 -5.53 -1.05 5.24
CA ALA A 75 -6.47 -0.05 5.71
C ALA A 75 -7.32 0.50 4.57
N ALA A 76 -6.69 0.66 3.41
CA ALA A 76 -7.39 1.17 2.23
C ALA A 76 -8.23 0.09 1.58
N LEU A 77 -7.65 -1.08 1.38
CA LEU A 77 -8.35 -2.21 0.77
C LEU A 77 -9.63 -2.54 1.53
N GLN A 78 -9.52 -2.63 2.86
CA GLN A 78 -10.66 -2.93 3.70
C GLN A 78 -11.73 -1.86 3.58
N LEU A 79 -11.30 -0.61 3.37
CA LEU A 79 -12.22 0.50 3.23
C LEU A 79 -12.97 0.43 1.91
N LEU A 80 -12.25 0.09 0.84
CA LEU A 80 -12.85 -0.01 -0.48
C LEU A 80 -14.06 -0.94 -0.46
N SER A 81 -13.99 -1.99 0.36
CA SER A 81 -15.08 -2.95 0.47
C SER A 81 -16.37 -2.26 0.92
N SER A 82 -16.22 -1.11 1.57
CA SER A 82 -17.37 -0.36 2.07
C SER A 82 -17.48 0.98 1.34
N SER A 83 -16.66 1.17 0.31
CA SER A 83 -16.67 2.41 -0.46
C SER A 83 -17.54 2.26 -1.69
N THR A 84 -17.31 3.12 -2.68
CA THR A 84 -18.07 3.10 -3.92
C THR A 84 -17.19 2.75 -5.10
N LEU A 85 -15.93 3.15 -5.04
CA LEU A 85 -14.97 2.87 -6.11
C LEU A 85 -15.65 2.99 -7.47
N GLY A 86 -16.28 4.13 -7.72
CA GLY A 86 -16.95 4.35 -8.99
C GLY A 86 -16.19 5.29 -9.90
N ALA A 87 -14.87 5.11 -9.95
CA ALA A 87 -14.02 5.96 -10.78
C ALA A 87 -12.55 5.55 -10.66
N VAL A 88 -11.66 6.41 -11.14
CA VAL A 88 -10.23 6.13 -11.09
C VAL A 88 -9.43 7.42 -10.98
N ASP A 89 -9.86 8.44 -11.73
CA ASP A 89 -9.17 9.73 -11.71
C ASP A 89 -7.68 9.56 -11.97
N THR A 90 -7.33 9.17 -13.18
CA THR A 90 -5.94 8.96 -13.56
C THR A 90 -5.20 10.30 -13.67
N THR A 91 -5.96 11.39 -13.60
CA THR A 91 -5.38 12.72 -13.70
C THR A 91 -4.76 13.15 -12.37
N SER A 92 -5.15 12.46 -11.29
CA SER A 92 -4.64 12.77 -9.96
C SER A 92 -3.51 11.83 -9.59
N ILE A 93 -3.18 10.91 -10.49
CA ILE A 93 -2.11 9.95 -10.24
C ILE A 93 -0.84 10.65 -9.79
N GLY A 94 -0.45 11.70 -10.50
CA GLY A 94 0.74 12.44 -10.16
C GLY A 94 0.72 12.95 -8.73
N LEU A 95 -0.46 13.35 -8.27
CA LEU A 95 -0.62 13.86 -6.91
C LEU A 95 -0.57 12.73 -5.90
N THR A 96 -1.27 11.64 -6.19
CA THR A 96 -1.32 10.48 -5.31
C THR A 96 0.06 9.84 -5.18
N SER A 97 0.68 9.56 -6.32
CA SER A 97 2.00 8.94 -6.34
C SER A 97 3.04 9.84 -5.69
N ASN A 98 2.84 11.14 -5.81
CA ASN A 98 3.76 12.12 -5.23
C ASN A 98 3.54 12.24 -3.73
N SER A 99 2.28 12.11 -3.31
CA SER A 99 1.94 12.21 -1.89
C SER A 99 2.48 11.02 -1.11
N VAL A 100 2.26 9.82 -1.65
CA VAL A 100 2.73 8.60 -1.01
C VAL A 100 4.25 8.61 -0.84
N SER A 101 4.94 9.13 -1.85
CA SER A 101 6.40 9.20 -1.81
C SER A 101 6.87 10.11 -0.68
N LYS A 102 6.25 11.28 -0.57
CA LYS A 102 6.60 12.24 0.47
C LYS A 102 6.16 11.75 1.83
N ALA A 103 4.99 11.12 1.90
CA ALA A 103 4.46 10.60 3.14
C ALA A 103 5.30 9.44 3.66
N VAL A 104 5.61 8.50 2.77
CA VAL A 104 6.42 7.33 3.13
C VAL A 104 7.80 7.76 3.63
N ALA A 105 8.41 8.70 2.92
CA ALA A 105 9.73 9.19 3.30
C ALA A 105 9.65 10.14 4.49
N GLN A 106 8.46 10.68 4.73
CA GLN A 106 8.25 11.60 5.84
C GLN A 106 8.14 10.85 7.16
N ALA A 107 7.54 9.67 7.11
CA ALA A 107 7.37 8.85 8.30
C ALA A 107 8.47 7.79 8.40
N LEU A 108 8.75 7.12 7.29
CA LEU A 108 9.78 6.09 7.26
C LEU A 108 11.16 6.70 7.06
N ALA A 109 11.40 7.23 5.86
CA ALA A 109 12.68 7.86 5.56
C ALA A 109 12.87 9.15 6.34
N PRO B 1 18.31 -1.39 0.70
CA PRO B 1 17.55 -0.57 -0.25
C PRO B 1 16.76 0.54 0.45
N SER B 2 17.47 1.57 0.89
CA SER B 2 16.83 2.69 1.58
C SER B 2 15.66 3.23 0.77
N PHE B 3 14.73 3.89 1.45
CA PHE B 3 13.56 4.46 0.80
C PHE B 3 13.91 5.76 0.07
N GLY B 4 15.08 6.29 0.37
CA GLY B 4 15.52 7.52 -0.25
C GLY B 4 15.95 7.32 -1.70
N LEU B 5 16.70 6.26 -1.94
CA LEU B 5 17.17 5.95 -3.29
C LEU B 5 16.04 5.45 -4.16
N VAL B 6 15.15 4.64 -3.57
CA VAL B 6 14.01 4.09 -4.30
C VAL B 6 13.00 5.19 -4.63
N LEU B 7 12.86 6.16 -3.74
CA LEU B 7 11.93 7.26 -3.93
C LEU B 7 12.50 8.29 -4.90
N ASN B 8 13.81 8.25 -5.11
CA ASN B 8 14.48 9.17 -6.02
C ASN B 8 14.93 8.46 -7.29
N SER B 9 14.77 7.14 -7.31
CA SER B 9 15.17 6.34 -8.46
C SER B 9 14.46 6.82 -9.73
N PRO B 10 15.04 6.47 -10.88
CA PRO B 10 14.48 6.86 -12.19
C PRO B 10 13.18 6.13 -12.50
N ASN B 11 12.82 5.16 -11.66
CA ASN B 11 11.60 4.39 -11.84
C ASN B 11 10.88 4.18 -10.51
N GLY B 12 11.15 5.07 -9.55
CA GLY B 12 10.52 4.97 -8.25
C GLY B 12 9.02 5.19 -8.31
N LEU B 13 8.54 6.23 -7.65
CA LEU B 13 7.12 6.54 -7.63
C LEU B 13 6.83 7.86 -8.35
N ARG B 14 7.72 8.83 -8.16
CA ARG B 14 7.56 10.13 -8.80
C ARG B 14 7.83 10.04 -10.30
N SER B 15 8.27 8.86 -10.75
CA SER B 15 8.57 8.65 -12.15
C SER B 15 7.29 8.46 -12.97
N PRO B 16 7.37 8.72 -14.28
CA PRO B 16 6.23 8.59 -15.18
C PRO B 16 5.82 7.14 -15.40
N GLN B 17 6.82 6.25 -15.43
CA GLN B 17 6.56 4.83 -15.63
C GLN B 17 5.77 4.25 -14.47
N ALA B 18 5.96 4.82 -13.28
CA ALA B 18 5.26 4.36 -12.08
C ALA B 18 3.79 4.72 -12.14
N LYS B 19 3.49 5.90 -12.69
CA LYS B 19 2.11 6.36 -12.80
C LYS B 19 1.30 5.46 -13.73
N ALA B 20 1.94 5.01 -14.80
CA ALA B 20 1.28 4.14 -15.78
C ALA B 20 0.94 2.79 -15.15
N ARG B 21 1.88 2.24 -14.39
CA ARG B 21 1.67 0.96 -13.73
C ARG B 21 0.52 1.03 -12.74
N ILE B 22 0.46 2.12 -11.99
CA ILE B 22 -0.59 2.31 -11.00
C ILE B 22 -1.97 2.37 -11.66
N ASN B 23 -2.02 2.98 -12.85
CA ASN B 23 -3.26 3.10 -13.58
C ASN B 23 -3.93 1.75 -13.78
N ASN B 24 -3.14 0.76 -14.18
CA ASN B 24 -3.65 -0.58 -14.40
C ASN B 24 -4.16 -1.20 -13.09
N LEU B 25 -3.44 -0.95 -12.01
CA LEU B 25 -3.82 -1.47 -10.70
C LEU B 25 -5.06 -0.77 -10.18
N ALA B 26 -5.18 0.52 -10.48
CA ALA B 26 -6.33 1.31 -10.05
C ALA B 26 -7.63 0.67 -10.51
N SER B 27 -7.57 -0.11 -11.58
CA SER B 27 -8.75 -0.78 -12.11
C SER B 27 -8.85 -2.21 -11.60
N ALA B 28 -7.70 -2.88 -11.52
CA ALA B 28 -7.65 -4.25 -11.04
C ALA B 28 -7.98 -4.33 -9.55
N LEU B 29 -7.32 -3.49 -8.77
CA LEU B 29 -7.53 -3.46 -7.32
C LEU B 29 -9.00 -3.15 -7.00
N SER B 30 -9.56 -2.20 -7.72
CA SER B 30 -10.96 -1.82 -7.51
C SER B 30 -11.89 -2.98 -7.78
N THR B 31 -11.54 -3.80 -8.77
CA THR B 31 -12.35 -4.96 -9.13
C THR B 31 -12.13 -6.11 -8.16
N ALA B 32 -10.95 -6.15 -7.55
CA ALA B 32 -10.61 -7.20 -6.60
C ALA B 32 -11.30 -6.96 -5.26
N VAL B 33 -11.35 -5.69 -4.84
CA VAL B 33 -11.97 -5.33 -3.57
C VAL B 33 -13.42 -4.89 -3.78
N GLY B 34 -14.32 -5.42 -2.95
CA GLY B 34 -15.72 -5.07 -3.06
C GLY B 34 -16.56 -5.69 -1.96
N ARG B 35 -17.35 -6.69 -2.31
CA ARG B 35 -18.21 -7.36 -1.34
C ARG B 35 -17.55 -8.64 -0.83
N ASN B 36 -16.45 -9.03 -1.47
CA ASN B 36 -15.73 -10.24 -1.07
C ASN B 36 -14.49 -9.89 -0.26
N GLY B 37 -14.32 -8.61 0.03
CA GLY B 37 -13.18 -8.17 0.80
C GLY B 37 -11.99 -7.79 -0.07
N VAL B 38 -11.54 -8.74 -0.89
CA VAL B 38 -10.41 -8.50 -1.78
C VAL B 38 -10.07 -9.75 -2.58
N ASP B 39 -9.76 -9.57 -3.86
CA ASP B 39 -9.42 -10.69 -4.73
C ASP B 39 -7.91 -10.78 -4.90
N VAL B 40 -7.30 -11.75 -4.23
CA VAL B 40 -5.85 -11.95 -4.32
C VAL B 40 -5.42 -12.17 -5.76
N ASN B 41 -6.25 -12.87 -6.53
CA ASN B 41 -5.95 -13.15 -7.92
C ASN B 41 -5.73 -11.86 -8.70
N ALA B 42 -6.64 -10.91 -8.53
CA ALA B 42 -6.55 -9.63 -9.22
C ALA B 42 -5.51 -8.72 -8.56
N PHE B 43 -5.43 -8.79 -7.24
CA PHE B 43 -4.49 -7.98 -6.48
C PHE B 43 -3.05 -8.38 -6.81
N THR B 44 -2.74 -9.66 -6.64
CA THR B 44 -1.41 -10.16 -6.91
C THR B 44 -1.08 -10.06 -8.40
N SER B 45 -2.10 -10.11 -9.24
CA SER B 45 -1.92 -10.03 -10.68
C SER B 45 -1.26 -8.70 -11.07
N GLY B 46 -1.62 -7.64 -10.34
CA GLY B 46 -1.06 -6.34 -10.62
C GLY B 46 0.39 -6.22 -10.19
N LEU B 47 0.70 -6.75 -9.01
CA LEU B 47 2.05 -6.69 -8.47
C LEU B 47 3.02 -7.42 -9.38
N ARG B 48 2.58 -8.53 -9.96
CA ARG B 48 3.40 -9.33 -10.87
C ARG B 48 3.84 -8.50 -12.06
N ALA B 49 2.91 -7.70 -12.60
CA ALA B 49 3.20 -6.87 -13.76
C ALA B 49 4.06 -5.66 -13.36
N THR B 50 3.83 -5.14 -12.16
CA THR B 50 4.58 -4.00 -11.66
C THR B 50 6.01 -4.39 -11.31
N LEU B 51 6.17 -5.56 -10.69
CA LEU B 51 7.49 -6.05 -10.31
C LEU B 51 8.35 -6.32 -11.53
N SER B 52 7.75 -6.93 -12.56
CA SER B 52 8.46 -7.24 -13.78
C SER B 52 8.88 -5.98 -14.51
N ASN B 53 8.00 -4.98 -14.51
CA ASN B 53 8.28 -3.72 -15.17
C ASN B 53 9.42 -2.98 -14.48
N LEU B 54 9.37 -2.94 -13.15
CA LEU B 54 10.39 -2.26 -12.36
C LEU B 54 11.69 -3.06 -12.36
N GLY B 55 11.57 -4.38 -12.47
CA GLY B 55 12.73 -5.24 -12.47
C GLY B 55 13.60 -5.01 -13.69
N ASP B 56 13.10 -4.26 -14.66
CA ASP B 56 13.84 -3.98 -15.88
C ASP B 56 13.75 -2.49 -16.23
N SER B 57 13.37 -1.68 -15.25
CA SER B 57 13.25 -0.24 -15.46
C SER B 57 14.59 0.45 -15.25
N GLY B 58 15.47 -0.18 -14.49
CA GLY B 58 16.78 0.38 -14.23
C GLY B 58 17.20 0.24 -12.78
N MET B 59 16.29 -0.27 -11.95
CA MET B 59 16.58 -0.45 -10.53
C MET B 59 17.01 -1.89 -10.25
N SER B 60 17.05 -2.25 -8.97
CA SER B 60 17.46 -3.59 -8.56
C SER B 60 16.24 -4.48 -8.31
N PRO B 61 16.46 -5.80 -8.32
CA PRO B 61 15.40 -6.78 -8.09
C PRO B 61 14.89 -6.77 -6.65
N ASN B 62 15.59 -6.01 -5.79
CA ASN B 62 15.20 -5.92 -4.39
C ASN B 62 14.41 -4.64 -4.12
N GLU B 63 14.72 -3.59 -4.86
CA GLU B 63 14.04 -2.31 -4.71
C GLU B 63 12.64 -2.38 -5.31
N ALA B 64 12.51 -3.08 -6.43
CA ALA B 64 11.22 -3.23 -7.10
C ALA B 64 10.21 -3.91 -6.20
N LYS B 65 10.69 -4.79 -5.32
CA LYS B 65 9.82 -5.51 -4.40
C LYS B 65 9.18 -4.56 -3.40
N VAL B 66 9.94 -3.57 -2.95
CA VAL B 66 9.43 -2.59 -2.00
C VAL B 66 8.75 -1.43 -2.71
N GLU B 67 9.24 -1.10 -3.90
CA GLU B 67 8.69 -0.01 -4.69
C GLU B 67 7.26 -0.33 -5.13
N VAL B 68 7.04 -1.57 -5.53
CA VAL B 68 5.73 -2.01 -5.98
C VAL B 68 4.68 -1.83 -4.89
N LEU B 69 5.08 -2.05 -3.64
CA LEU B 69 4.18 -1.91 -2.51
C LEU B 69 3.56 -0.52 -2.48
N LEU B 70 4.37 0.49 -2.81
CA LEU B 70 3.90 1.87 -2.82
C LEU B 70 2.97 2.12 -4.00
N GLU B 71 3.31 1.52 -5.14
CA GLU B 71 2.49 1.68 -6.35
C GLU B 71 1.09 1.13 -6.14
N ALA B 72 1.00 0.06 -5.35
CA ALA B 72 -0.30 -0.56 -5.07
C ALA B 72 -1.19 0.36 -4.25
N LEU B 73 -0.57 1.14 -3.38
CA LEU B 73 -1.31 2.08 -2.52
C LEU B 73 -1.82 3.26 -3.33
N THR B 74 -1.00 3.73 -4.26
CA THR B 74 -1.36 4.87 -5.11
C THR B 74 -2.64 4.57 -5.89
N ALA B 75 -2.78 3.33 -6.34
CA ALA B 75 -3.96 2.93 -7.10
C ALA B 75 -5.22 2.99 -6.24
N ALA B 76 -5.06 2.62 -4.97
CA ALA B 76 -6.19 2.64 -4.04
C ALA B 76 -6.48 4.05 -3.54
N LEU B 77 -5.43 4.76 -3.14
CA LEU B 77 -5.55 6.12 -2.63
C LEU B 77 -6.25 7.01 -3.66
N GLN B 78 -5.80 6.93 -4.90
CA GLN B 78 -6.38 7.72 -5.98
C GLN B 78 -7.85 7.36 -6.20
N LEU B 79 -8.18 6.10 -5.98
CA LEU B 79 -9.55 5.62 -6.15
C LEU B 79 -10.45 6.16 -5.04
N LEU B 80 -9.93 6.15 -3.82
CA LEU B 80 -10.69 6.65 -2.67
C LEU B 80 -11.21 8.05 -2.92
N SER B 81 -10.42 8.85 -3.62
CA SER B 81 -10.79 10.22 -3.93
C SER B 81 -12.09 10.28 -4.73
N SER B 82 -12.40 9.17 -5.40
CA SER B 82 -13.62 9.09 -6.20
C SER B 82 -14.58 8.06 -5.63
N SER B 83 -14.25 7.54 -4.44
CA SER B 83 -15.08 6.54 -3.80
C SER B 83 -16.03 7.19 -2.79
N THR B 84 -16.52 6.39 -1.84
CA THR B 84 -17.44 6.89 -0.83
C THR B 84 -16.82 6.80 0.57
N LEU B 85 -15.98 5.79 0.76
CA LEU B 85 -15.32 5.58 2.05
C LEU B 85 -16.27 5.92 3.20
N GLY B 86 -17.41 5.25 3.23
CA GLY B 86 -18.39 5.50 4.29
C GLY B 86 -18.43 4.37 5.30
N ALA B 87 -17.26 3.87 5.68
CA ALA B 87 -17.17 2.78 6.65
C ALA B 87 -15.72 2.39 6.90
N VAL B 88 -15.52 1.24 7.54
CA VAL B 88 -14.19 0.75 7.84
C VAL B 88 -14.14 -0.76 7.87
N ASP B 89 -15.17 -1.37 8.44
CA ASP B 89 -15.26 -2.82 8.52
C ASP B 89 -13.98 -3.41 9.13
N THR B 90 -13.78 -3.15 10.41
CA THR B 90 -12.59 -3.66 11.11
C THR B 90 -12.67 -5.17 11.31
N THR B 91 -13.83 -5.74 10.99
CA THR B 91 -14.02 -7.18 11.14
C THR B 91 -13.42 -7.93 9.96
N SER B 92 -13.19 -7.22 8.86
CA SER B 92 -12.61 -7.83 7.66
C SER B 92 -11.11 -7.64 7.63
N ILE B 93 -10.58 -6.94 8.63
CA ILE B 93 -9.14 -6.69 8.71
C ILE B 93 -8.34 -7.98 8.55
N GLY B 94 -8.78 -9.03 9.25
CA GLY B 94 -8.10 -10.30 9.17
C GLY B 94 -8.07 -10.86 7.76
N LEU B 95 -9.16 -10.66 7.02
CA LEU B 95 -9.24 -11.14 5.64
C LEU B 95 -8.41 -10.27 4.71
N THR B 96 -8.50 -8.96 4.88
CA THR B 96 -7.75 -8.03 4.05
C THR B 96 -6.25 -8.17 4.27
N SER B 97 -5.84 -8.15 5.54
CA SER B 97 -4.43 -8.27 5.89
C SER B 97 -3.88 -9.63 5.46
N ASN B 98 -4.74 -10.65 5.49
CA ASN B 98 -4.34 -12.00 5.10
C ASN B 98 -4.22 -12.11 3.59
N SER B 99 -5.09 -11.39 2.87
CA SER B 99 -5.09 -11.41 1.42
C SER B 99 -3.84 -10.75 0.86
N VAL B 100 -3.53 -9.55 1.36
CA VAL B 100 -2.36 -8.82 0.92
C VAL B 100 -1.08 -9.61 1.16
N SER B 101 -1.00 -10.26 2.31
CA SER B 101 0.16 -11.06 2.67
C SER B 101 0.39 -12.17 1.65
N LYS B 102 -0.69 -12.87 1.29
CA LYS B 102 -0.60 -13.96 0.32
C LYS B 102 -0.35 -13.42 -1.08
N ALA B 103 -0.96 -12.28 -1.38
CA ALA B 103 -0.81 -11.65 -2.70
C ALA B 103 0.63 -11.19 -2.91
N VAL B 104 1.17 -10.48 -1.93
CA VAL B 104 2.54 -9.97 -2.01
C VAL B 104 3.54 -11.12 -2.10
N ALA B 105 3.29 -12.17 -1.32
CA ALA B 105 4.18 -13.33 -1.31
C ALA B 105 3.88 -14.26 -2.48
N GLN B 106 2.78 -13.98 -3.18
CA GLN B 106 2.38 -14.79 -4.33
C GLN B 106 2.93 -14.21 -5.63
N ALA B 107 2.98 -12.88 -5.70
CA ALA B 107 3.49 -12.20 -6.88
C ALA B 107 4.95 -11.81 -6.71
N LEU B 108 5.31 -11.37 -5.50
CA LEU B 108 6.68 -10.97 -5.22
C LEU B 108 7.42 -12.07 -4.46
N ALA B 109 7.00 -12.32 -3.22
CA ALA B 109 7.62 -13.34 -2.39
C ALA B 109 9.10 -13.06 -2.18
N PRO A 1 14.63 -7.44 3.08
CA PRO A 1 13.60 -8.00 3.96
C PRO A 1 12.58 -8.84 3.19
N SER A 2 12.87 -10.12 3.05
CA SER A 2 11.98 -11.03 2.33
C SER A 2 10.55 -10.92 2.86
N PHE A 3 9.58 -11.09 1.96
CA PHE A 3 8.17 -11.00 2.34
C PHE A 3 7.72 -12.28 3.04
N GLY A 4 8.63 -13.26 3.12
CA GLY A 4 8.29 -14.52 3.76
C GLY A 4 8.51 -14.48 5.26
N LEU A 5 9.66 -13.96 5.68
CA LEU A 5 9.99 -13.87 7.10
C LEU A 5 9.18 -12.77 7.77
N VAL A 6 9.10 -11.62 7.11
CA VAL A 6 8.35 -10.48 7.65
C VAL A 6 6.88 -10.84 7.85
N LEU A 7 6.33 -11.61 6.91
CA LEU A 7 4.94 -12.02 6.97
C LEU A 7 4.74 -13.10 8.03
N ASN A 8 5.82 -13.81 8.36
CA ASN A 8 5.77 -14.87 9.35
C ASN A 8 6.12 -14.34 10.74
N SER A 9 6.71 -13.15 10.78
CA SER A 9 7.10 -12.53 12.04
C SER A 9 5.89 -12.40 12.98
N PRO A 10 6.16 -12.20 14.27
CA PRO A 10 5.12 -12.06 15.29
C PRO A 10 4.36 -10.75 15.15
N ASN A 11 4.88 -9.84 14.33
CA ASN A 11 4.24 -8.54 14.11
C ASN A 11 4.14 -8.25 12.62
N GLY A 12 4.09 -9.29 11.81
CA GLY A 12 3.98 -9.12 10.37
C GLY A 12 2.65 -8.51 9.96
N LEU A 13 1.86 -9.28 9.23
CA LEU A 13 0.55 -8.82 8.77
C LEU A 13 -0.56 -9.69 9.33
N ARG A 14 -0.34 -11.00 9.33
CA ARG A 14 -1.32 -11.95 9.84
C ARG A 14 -1.43 -11.86 11.36
N SER A 15 -0.54 -11.09 11.97
CA SER A 15 -0.54 -10.92 13.41
C SER A 15 -1.67 -9.99 13.86
N PRO A 16 -2.07 -10.14 15.13
CA PRO A 16 -3.15 -9.32 15.71
C PRO A 16 -2.73 -7.87 15.91
N GLN A 17 -1.44 -7.65 16.15
CA GLN A 17 -0.91 -6.31 16.36
C GLN A 17 -0.96 -5.50 15.06
N ALA A 18 -0.84 -6.19 13.93
CA ALA A 18 -0.88 -5.54 12.64
C ALA A 18 -2.29 -5.10 12.28
N LYS A 19 -3.27 -5.92 12.65
CA LYS A 19 -4.67 -5.62 12.37
C LYS A 19 -5.13 -4.39 13.12
N ALA A 20 -4.67 -4.25 14.37
CA ALA A 20 -5.02 -3.11 15.20
C ALA A 20 -4.45 -1.82 14.62
N ARG A 21 -3.19 -1.87 14.18
CA ARG A 21 -2.52 -0.71 13.63
C ARG A 21 -3.23 -0.25 12.35
N ILE A 22 -3.61 -1.19 11.50
CA ILE A 22 -4.30 -0.88 10.26
C ILE A 22 -5.64 -0.20 10.52
N ASN A 23 -6.31 -0.64 11.58
CA ASN A 23 -7.61 -0.07 11.95
C ASN A 23 -7.53 1.45 12.07
N ASN A 24 -6.49 1.93 12.75
CA ASN A 24 -6.30 3.36 12.93
C ASN A 24 -6.04 4.05 11.61
N LEU A 25 -5.29 3.37 10.73
CA LEU A 25 -4.96 3.92 9.42
C LEU A 25 -6.19 3.95 8.52
N ALA A 26 -7.04 2.93 8.66
CA ALA A 26 -8.26 2.84 7.86
C ALA A 26 -9.13 4.08 8.03
N SER A 27 -8.98 4.75 9.17
CA SER A 27 -9.76 5.95 9.44
C SER A 27 -8.96 7.20 9.10
N ALA A 28 -7.66 7.17 9.42
CA ALA A 28 -6.79 8.31 9.13
C ALA A 28 -6.58 8.49 7.64
N LEU A 29 -6.25 7.39 6.95
CA LEU A 29 -6.03 7.43 5.51
C LEU A 29 -7.26 7.93 4.78
N SER A 30 -8.42 7.35 5.10
CA SER A 30 -9.67 7.74 4.46
C SER A 30 -9.95 9.23 4.68
N THR A 31 -9.56 9.74 5.86
CA THR A 31 -9.76 11.14 6.18
C THR A 31 -8.79 12.03 5.42
N ALA A 32 -7.63 11.49 5.08
CA ALA A 32 -6.62 12.24 4.35
C ALA A 32 -6.97 12.33 2.87
N VAL A 33 -7.48 11.23 2.32
CA VAL A 33 -7.87 11.20 0.91
C VAL A 33 -9.35 11.47 0.74
N GLY A 34 -9.72 11.99 -0.44
CA GLY A 34 -11.11 12.30 -0.71
C GLY A 34 -11.27 13.33 -1.82
N ARG A 35 -11.62 14.55 -1.43
CA ARG A 35 -11.80 15.62 -2.40
C ARG A 35 -10.50 16.38 -2.64
N ASN A 36 -9.53 16.15 -1.76
CA ASN A 36 -8.23 16.81 -1.88
C ASN A 36 -7.17 15.84 -2.43
N GLY A 37 -7.62 14.64 -2.81
CA GLY A 37 -6.70 13.64 -3.34
C GLY A 37 -6.08 12.80 -2.25
N VAL A 38 -5.30 13.44 -1.37
CA VAL A 38 -4.64 12.73 -0.29
C VAL A 38 -3.85 13.70 0.60
N ASP A 39 -4.09 13.63 1.91
CA ASP A 39 -3.41 14.50 2.85
C ASP A 39 -2.18 13.81 3.43
N VAL A 40 -1.01 14.21 2.97
CA VAL A 40 0.25 13.63 3.44
C VAL A 40 0.35 13.70 4.96
N ASN A 41 -0.23 14.74 5.53
CA ASN A 41 -0.20 14.93 6.98
C ASN A 41 -0.93 13.80 7.69
N ALA A 42 -2.13 13.48 7.21
CA ALA A 42 -2.93 12.41 7.81
C ALA A 42 -2.44 11.05 7.33
N PHE A 43 -1.83 11.01 6.15
CA PHE A 43 -1.33 9.76 5.59
C PHE A 43 -0.03 9.36 6.28
N THR A 44 0.93 10.28 6.32
CA THR A 44 2.22 10.01 6.95
C THR A 44 2.08 9.84 8.45
N SER A 45 1.08 10.51 9.03
CA SER A 45 0.83 10.44 10.46
C SER A 45 0.54 9.00 10.89
N GLY A 46 -0.15 8.25 10.03
CA GLY A 46 -0.47 6.88 10.34
C GLY A 46 0.73 5.96 10.23
N LEU A 47 1.59 6.23 9.26
CA LEU A 47 2.79 5.41 9.05
C LEU A 47 3.78 5.61 10.20
N ARG A 48 3.90 6.84 10.68
CA ARG A 48 4.80 7.15 11.78
C ARG A 48 4.49 6.30 13.01
N ALA A 49 3.20 6.08 13.26
CA ALA A 49 2.77 5.29 14.40
C ALA A 49 3.01 3.81 14.16
N THR A 50 2.89 3.39 12.90
CA THR A 50 3.09 1.99 12.55
C THR A 50 4.57 1.63 12.58
N LEU A 51 5.40 2.47 11.96
CA LEU A 51 6.83 2.24 11.93
C LEU A 51 7.41 2.16 13.33
N SER A 52 6.99 3.07 14.20
CA SER A 52 7.46 3.11 15.58
C SER A 52 7.02 1.86 16.34
N ASN A 53 5.76 1.47 16.14
CA ASN A 53 5.20 0.31 16.81
C ASN A 53 5.91 -0.97 16.35
N LEU A 54 6.11 -1.07 15.04
CA LEU A 54 6.77 -2.25 14.47
C LEU A 54 8.25 -2.26 14.83
N GLY A 55 8.85 -1.08 14.89
CA GLY A 55 10.27 -0.98 15.24
C GLY A 55 10.55 -1.46 16.64
N ASP A 56 9.50 -1.65 17.44
CA ASP A 56 9.65 -2.10 18.81
C ASP A 56 8.69 -3.25 19.11
N SER A 57 8.17 -3.87 18.06
CA SER A 57 7.24 -4.98 18.21
C SER A 57 7.99 -6.30 18.35
N GLY A 58 9.22 -6.34 17.85
CA GLY A 58 10.02 -7.54 17.94
C GLY A 58 10.79 -7.83 16.67
N MET A 59 10.50 -7.06 15.62
CA MET A 59 11.18 -7.22 14.34
C MET A 59 12.39 -6.31 14.23
N SER A 60 12.92 -6.17 13.02
CA SER A 60 14.08 -5.32 12.78
C SER A 60 13.66 -3.95 12.27
N PRO A 61 14.57 -2.97 12.38
CA PRO A 61 14.31 -1.60 11.92
C PRO A 61 14.23 -1.49 10.41
N ASN A 62 14.57 -2.58 9.72
CA ASN A 62 14.53 -2.61 8.26
C ASN A 62 13.25 -3.27 7.76
N GLU A 63 12.78 -4.26 8.52
CA GLU A 63 11.56 -4.98 8.15
C GLU A 63 10.33 -4.10 8.36
N ALA A 64 10.35 -3.30 9.42
CA ALA A 64 9.25 -2.41 9.73
C ALA A 64 9.01 -1.40 8.61
N LYS A 65 10.10 -1.02 7.94
CA LYS A 65 10.01 -0.05 6.85
C LYS A 65 9.24 -0.63 5.67
N VAL A 66 9.42 -1.93 5.42
CA VAL A 66 8.73 -2.60 4.33
C VAL A 66 7.38 -3.17 4.79
N GLU A 67 7.32 -3.57 6.05
CA GLU A 67 6.09 -4.12 6.61
C GLU A 67 4.99 -3.07 6.66
N VAL A 68 5.37 -1.84 6.99
CA VAL A 68 4.41 -0.75 7.09
C VAL A 68 3.69 -0.53 5.76
N LEU A 69 4.43 -0.70 4.67
CA LEU A 69 3.86 -0.53 3.33
C LEU A 69 2.62 -1.41 3.15
N LEU A 70 2.69 -2.64 3.65
CA LEU A 70 1.58 -3.57 3.54
C LEU A 70 0.45 -3.18 4.49
N GLU A 71 0.82 -2.72 5.69
CA GLU A 71 -0.15 -2.31 6.70
C GLU A 71 -0.98 -1.13 6.20
N ALA A 72 -0.34 -0.25 5.43
CA ALA A 72 -1.02 0.93 4.89
C ALA A 72 -1.99 0.53 3.78
N LEU A 73 -1.65 -0.51 3.04
CA LEU A 73 -2.49 -0.98 1.95
C LEU A 73 -3.75 -1.66 2.48
N THR A 74 -3.58 -2.44 3.55
CA THR A 74 -4.70 -3.16 4.15
C THR A 74 -5.77 -2.19 4.63
N ALA A 75 -5.35 -1.03 5.15
CA ALA A 75 -6.28 -0.03 5.63
C ALA A 75 -7.16 0.49 4.49
N ALA A 76 -6.58 0.61 3.31
CA ALA A 76 -7.30 1.09 2.14
C ALA A 76 -8.10 -0.03 1.48
N LEU A 77 -7.45 -1.17 1.26
CA LEU A 77 -8.09 -2.32 0.64
C LEU A 77 -9.33 -2.72 1.42
N GLN A 78 -9.24 -2.67 2.74
CA GLN A 78 -10.37 -3.04 3.60
C GLN A 78 -11.46 -1.99 3.54
N LEU A 79 -11.05 -0.73 3.40
CA LEU A 79 -12.00 0.37 3.33
C LEU A 79 -12.75 0.38 2.01
N LEU A 80 -12.06 0.02 0.94
CA LEU A 80 -12.65 -0.04 -0.39
C LEU A 80 -13.90 -0.93 -0.39
N SER A 81 -13.86 -1.99 0.41
CA SER A 81 -14.98 -2.92 0.49
C SER A 81 -16.25 -2.20 0.94
N SER A 82 -16.08 -1.07 1.61
CA SER A 82 -17.21 -0.29 2.09
C SER A 82 -17.34 1.02 1.31
N SER A 83 -16.47 1.20 0.33
CA SER A 83 -16.47 2.41 -0.50
C SER A 83 -17.37 2.22 -1.73
N THR A 84 -17.14 3.05 -2.75
CA THR A 84 -17.91 2.97 -3.97
C THR A 84 -17.04 2.57 -5.15
N LEU A 85 -15.78 3.01 -5.13
CA LEU A 85 -14.84 2.70 -6.20
C LEU A 85 -15.53 2.74 -7.56
N GLY A 86 -16.22 3.84 -7.84
CA GLY A 86 -16.92 3.97 -9.11
C GLY A 86 -16.30 5.04 -9.99
N ALA A 87 -14.98 5.19 -9.90
CA ALA A 87 -14.27 6.20 -10.70
C ALA A 87 -12.78 6.16 -10.42
N VAL A 88 -11.98 6.45 -11.44
CA VAL A 88 -10.53 6.45 -11.30
C VAL A 88 -9.94 7.78 -11.76
N ASP A 89 -9.65 8.66 -10.80
CA ASP A 89 -9.08 9.97 -11.10
C ASP A 89 -7.63 9.83 -11.57
N THR A 90 -7.45 9.36 -12.79
CA THR A 90 -6.12 9.17 -13.35
C THR A 90 -5.40 10.51 -13.52
N THR A 91 -6.17 11.60 -13.43
CA THR A 91 -5.60 12.93 -13.58
C THR A 91 -4.96 13.39 -12.28
N SER A 92 -5.29 12.71 -11.18
CA SER A 92 -4.73 13.06 -9.87
C SER A 92 -3.61 12.10 -9.49
N ILE A 93 -3.28 11.18 -10.40
CA ILE A 93 -2.23 10.22 -10.16
C ILE A 93 -0.95 10.90 -9.70
N GLY A 94 -0.55 11.96 -10.41
CA GLY A 94 0.65 12.68 -10.06
C GLY A 94 0.64 13.16 -8.62
N LEU A 95 -0.54 13.51 -8.13
CA LEU A 95 -0.69 13.99 -6.76
C LEU A 95 -0.59 12.84 -5.76
N THR A 96 -1.27 11.75 -6.07
CA THR A 96 -1.26 10.57 -5.20
C THR A 96 0.13 9.94 -5.14
N SER A 97 0.70 9.69 -6.31
CA SER A 97 2.03 9.09 -6.41
C SER A 97 3.08 9.98 -5.76
N ASN A 98 2.86 11.29 -5.82
CA ASN A 98 3.78 12.26 -5.25
C ASN A 98 3.59 12.35 -3.74
N SER A 99 2.34 12.23 -3.29
CA SER A 99 2.03 12.31 -1.87
C SER A 99 2.52 11.06 -1.13
N VAL A 100 2.27 9.90 -1.72
CA VAL A 100 2.69 8.64 -1.12
C VAL A 100 4.20 8.59 -0.95
N SER A 101 4.91 9.13 -1.94
CA SER A 101 6.37 9.15 -1.90
C SER A 101 6.88 10.02 -0.76
N LYS A 102 6.30 11.21 -0.64
CA LYS A 102 6.69 12.15 0.41
C LYS A 102 6.23 11.66 1.78
N ALA A 103 5.05 11.05 1.81
CA ALA A 103 4.50 10.53 3.06
C ALA A 103 5.33 9.38 3.59
N VAL A 104 5.65 8.43 2.72
CA VAL A 104 6.45 7.28 3.11
C VAL A 104 7.83 7.70 3.60
N ALA A 105 8.45 8.63 2.90
CA ALA A 105 9.78 9.11 3.27
C ALA A 105 9.69 10.09 4.45
N GLN A 106 8.49 10.63 4.68
CA GLN A 106 8.28 11.57 5.77
C GLN A 106 8.16 10.84 7.10
N ALA A 107 7.57 9.64 7.06
CA ALA A 107 7.38 8.84 8.27
C ALA A 107 8.48 7.78 8.38
N LEU A 108 8.76 7.11 7.28
CA LEU A 108 9.79 6.07 7.26
C LEU A 108 11.18 6.68 7.06
N ALA A 109 11.42 7.20 5.86
CA ALA A 109 12.71 7.80 5.55
C ALA A 109 12.90 9.11 6.31
N PRO B 1 18.37 -1.49 0.64
CA PRO B 1 17.58 -0.67 -0.28
C PRO B 1 16.81 0.43 0.42
N SER B 2 17.52 1.47 0.85
CA SER B 2 16.90 2.60 1.54
C SER B 2 15.70 3.13 0.76
N PHE B 3 14.79 3.80 1.46
CA PHE B 3 13.60 4.36 0.84
C PHE B 3 13.93 5.64 0.09
N GLY B 4 15.11 6.21 0.38
CA GLY B 4 15.52 7.44 -0.27
C GLY B 4 15.92 7.22 -1.71
N LEU B 5 16.69 6.16 -1.97
CA LEU B 5 17.14 5.84 -3.32
C LEU B 5 16.00 5.32 -4.17
N VAL B 6 15.13 4.51 -3.57
CA VAL B 6 13.98 3.95 -4.27
C VAL B 6 12.95 5.02 -4.59
N LEU B 7 12.80 5.98 -3.70
CA LEU B 7 11.85 7.08 -3.89
C LEU B 7 12.40 8.11 -4.87
N ASN B 8 13.70 8.09 -5.07
CA ASN B 8 14.36 9.03 -5.99
C ASN B 8 14.78 8.32 -7.27
N SER B 9 14.66 6.99 -7.28
CA SER B 9 15.04 6.20 -8.44
C SER B 9 14.29 6.68 -9.69
N PRO B 10 14.83 6.33 -10.87
CA PRO B 10 14.24 6.71 -12.15
C PRO B 10 12.93 5.98 -12.42
N ASN B 11 12.62 4.99 -11.59
CA ASN B 11 11.40 4.21 -11.74
C ASN B 11 10.70 4.02 -10.40
N GLY B 12 10.98 4.93 -9.47
CA GLY B 12 10.37 4.84 -8.15
C GLY B 12 8.86 5.04 -8.19
N LEU B 13 8.38 6.03 -7.45
CA LEU B 13 6.95 6.32 -7.39
C LEU B 13 6.65 7.67 -8.04
N ARG B 14 7.54 8.64 -7.83
CA ARG B 14 7.37 9.97 -8.39
C ARG B 14 7.65 9.97 -9.88
N SER B 15 8.11 8.83 -10.40
CA SER B 15 8.43 8.71 -11.82
C SER B 15 7.16 8.52 -12.64
N PRO B 16 7.24 8.87 -13.94
CA PRO B 16 6.10 8.76 -14.86
C PRO B 16 5.76 7.30 -15.17
N GLN B 17 6.77 6.44 -15.15
CA GLN B 17 6.58 5.03 -15.44
C GLN B 17 5.77 4.36 -14.33
N ALA B 18 5.91 4.86 -13.11
CA ALA B 18 5.18 4.32 -11.97
C ALA B 18 3.71 4.69 -12.02
N LYS B 19 3.43 5.91 -12.48
CA LYS B 19 2.06 6.39 -12.59
C LYS B 19 1.25 5.54 -13.55
N ALA B 20 1.88 5.12 -14.65
CA ALA B 20 1.21 4.30 -15.65
C ALA B 20 0.85 2.93 -15.07
N ARG B 21 1.79 2.34 -14.33
CA ARG B 21 1.58 1.03 -13.73
C ARG B 21 0.43 1.08 -12.72
N ILE B 22 0.39 2.14 -11.94
CA ILE B 22 -0.65 2.31 -10.93
C ILE B 22 -2.02 2.42 -11.58
N ASN B 23 -2.08 3.07 -12.73
CA ASN B 23 -3.34 3.24 -13.45
C ASN B 23 -4.03 1.89 -13.66
N ASN B 24 -3.26 0.90 -14.09
CA ASN B 24 -3.79 -0.43 -14.33
C ASN B 24 -4.25 -1.07 -13.04
N LEU B 25 -3.52 -0.82 -11.95
CA LEU B 25 -3.85 -1.38 -10.65
C LEU B 25 -5.11 -0.72 -10.09
N ALA B 26 -5.27 0.56 -10.36
CA ALA B 26 -6.43 1.31 -9.88
C ALA B 26 -7.73 0.65 -10.34
N SER B 27 -7.66 -0.09 -11.44
CA SER B 27 -8.84 -0.76 -11.98
C SER B 27 -8.89 -2.22 -11.53
N ALA B 28 -7.71 -2.85 -11.49
CA ALA B 28 -7.62 -4.25 -11.07
C ALA B 28 -7.90 -4.40 -9.58
N LEU B 29 -7.26 -3.56 -8.77
CA LEU B 29 -7.44 -3.60 -7.33
C LEU B 29 -8.90 -3.38 -6.96
N SER B 30 -9.50 -2.34 -7.53
CA SER B 30 -10.91 -2.01 -7.26
C SER B 30 -11.81 -3.17 -7.63
N THR B 31 -11.44 -3.89 -8.70
CA THR B 31 -12.21 -5.03 -9.16
C THR B 31 -12.05 -6.23 -8.24
N ALA B 32 -10.89 -6.31 -7.59
CA ALA B 32 -10.60 -7.40 -6.68
C ALA B 32 -11.30 -7.21 -5.33
N VAL B 33 -11.31 -5.96 -4.86
CA VAL B 33 -11.95 -5.63 -3.59
C VAL B 33 -13.38 -5.13 -3.80
N GLY B 34 -14.21 -5.30 -2.79
CA GLY B 34 -15.60 -4.86 -2.88
C GLY B 34 -16.49 -5.56 -1.88
N ARG B 35 -17.30 -6.50 -2.37
CA ARG B 35 -18.21 -7.24 -1.51
C ARG B 35 -17.56 -8.52 -1.00
N ASN B 36 -16.44 -8.90 -1.61
CA ASN B 36 -15.71 -10.10 -1.20
C ASN B 36 -14.48 -9.74 -0.38
N GLY B 37 -14.34 -8.45 -0.06
CA GLY B 37 -13.20 -8.00 0.71
C GLY B 37 -11.99 -7.67 -0.15
N VAL B 38 -11.47 -8.67 -0.85
CA VAL B 38 -10.31 -8.48 -1.71
C VAL B 38 -9.95 -9.77 -2.43
N ASP B 39 -9.80 -9.68 -3.75
CA ASP B 39 -9.45 -10.85 -4.56
C ASP B 39 -7.95 -10.92 -4.77
N VAL B 40 -7.28 -11.83 -4.06
CA VAL B 40 -5.84 -11.99 -4.17
C VAL B 40 -5.43 -12.24 -5.62
N ASN B 41 -6.30 -12.89 -6.38
CA ASN B 41 -6.03 -13.18 -7.79
C ASN B 41 -5.90 -11.89 -8.59
N ALA B 42 -6.85 -10.99 -8.41
CA ALA B 42 -6.84 -9.71 -9.12
C ALA B 42 -5.86 -8.73 -8.48
N PHE B 43 -5.61 -8.92 -7.18
CA PHE B 43 -4.69 -8.06 -6.46
C PHE B 43 -3.24 -8.40 -6.78
N THR B 44 -2.90 -9.68 -6.63
CA THR B 44 -1.54 -10.14 -6.91
C THR B 44 -1.22 -10.05 -8.40
N SER B 45 -2.26 -10.16 -9.23
CA SER B 45 -2.09 -10.09 -10.67
C SER B 45 -1.51 -8.74 -11.10
N GLY B 46 -1.92 -7.69 -10.39
CA GLY B 46 -1.43 -6.35 -10.71
C GLY B 46 0.00 -6.15 -10.27
N LEU B 47 0.36 -6.73 -9.12
CA LEU B 47 1.71 -6.59 -8.58
C LEU B 47 2.72 -7.31 -9.47
N ARG B 48 2.32 -8.47 -10.00
CA ARG B 48 3.19 -9.25 -10.86
C ARG B 48 3.62 -8.45 -12.08
N ALA B 49 2.70 -7.66 -12.61
CA ALA B 49 2.99 -6.82 -13.78
C ALA B 49 3.86 -5.64 -13.41
N THR B 50 3.68 -5.13 -12.20
CA THR B 50 4.45 -3.99 -11.71
C THR B 50 5.87 -4.40 -11.36
N LEU B 51 6.01 -5.57 -10.73
CA LEU B 51 7.32 -6.08 -10.33
C LEU B 51 8.18 -6.36 -11.56
N SER B 52 7.57 -6.92 -12.59
CA SER B 52 8.28 -7.26 -13.83
C SER B 52 8.76 -5.99 -14.53
N ASN B 53 7.90 -4.98 -14.59
CA ASN B 53 8.24 -3.72 -15.24
C ASN B 53 9.36 -3.01 -14.49
N LEU B 54 9.26 -3.02 -13.15
CA LEU B 54 10.28 -2.37 -12.31
C LEU B 54 11.57 -3.18 -12.31
N GLY B 55 11.44 -4.50 -12.40
CA GLY B 55 12.61 -5.36 -12.40
C GLY B 55 13.48 -5.15 -13.63
N ASP B 56 12.95 -4.42 -14.60
CA ASP B 56 13.69 -4.15 -15.84
C ASP B 56 13.60 -2.68 -16.21
N SER B 57 13.23 -1.85 -15.24
CA SER B 57 13.10 -0.41 -15.47
C SER B 57 14.45 0.29 -15.27
N GLY B 58 15.33 -0.35 -14.52
CA GLY B 58 16.64 0.23 -14.27
C GLY B 58 17.08 0.07 -12.82
N MET B 59 16.16 -0.42 -11.98
CA MET B 59 16.46 -0.61 -10.57
C MET B 59 16.91 -2.05 -10.30
N SER B 60 16.95 -2.42 -9.02
CA SER B 60 17.36 -3.76 -8.63
C SER B 60 16.15 -4.65 -8.36
N PRO B 61 16.38 -5.97 -8.36
CA PRO B 61 15.31 -6.95 -8.12
C PRO B 61 14.82 -6.94 -6.67
N ASN B 62 15.53 -6.19 -5.83
CA ASN B 62 15.17 -6.09 -4.42
C ASN B 62 14.37 -4.83 -4.15
N GLU B 63 14.70 -3.77 -4.89
CA GLU B 63 14.01 -2.49 -4.72
C GLU B 63 12.61 -2.54 -5.31
N ALA B 64 12.48 -3.26 -6.43
CA ALA B 64 11.18 -3.39 -7.10
C ALA B 64 10.16 -4.06 -6.18
N LYS B 65 10.64 -4.92 -5.29
CA LYS B 65 9.78 -5.62 -4.36
C LYS B 65 9.15 -4.66 -3.36
N VAL B 66 9.93 -3.69 -2.90
CA VAL B 66 9.45 -2.70 -1.95
C VAL B 66 8.77 -1.53 -2.67
N GLU B 67 9.26 -1.22 -3.87
CA GLU B 67 8.70 -0.11 -4.64
C GLU B 67 7.26 -0.41 -5.05
N VAL B 68 7.01 -1.65 -5.48
CA VAL B 68 5.68 -2.06 -5.90
C VAL B 68 4.67 -1.87 -4.77
N LEU B 69 5.09 -2.15 -3.54
CA LEU B 69 4.23 -2.00 -2.38
C LEU B 69 3.62 -0.60 -2.32
N LEU B 70 4.43 0.40 -2.66
CA LEU B 70 3.98 1.79 -2.65
C LEU B 70 3.08 2.08 -3.85
N GLU B 71 3.42 1.49 -4.99
CA GLU B 71 2.65 1.69 -6.21
C GLU B 71 1.23 1.16 -6.05
N ALA B 72 1.09 0.07 -5.28
CA ALA B 72 -0.22 -0.54 -5.05
C ALA B 72 -1.10 0.39 -4.21
N LEU B 73 -0.48 1.14 -3.31
CA LEU B 73 -1.21 2.07 -2.45
C LEU B 73 -1.72 3.27 -3.25
N THR B 74 -0.91 3.74 -4.19
CA THR B 74 -1.27 4.88 -5.01
C THR B 74 -2.55 4.60 -5.80
N ALA B 75 -2.70 3.35 -6.25
CA ALA B 75 -3.87 2.95 -7.02
C ALA B 75 -5.14 3.03 -6.17
N ALA B 76 -5.01 2.71 -4.88
CA ALA B 76 -6.13 2.76 -3.98
C ALA B 76 -6.38 4.17 -3.46
N LEU B 77 -5.32 4.83 -3.02
CA LEU B 77 -5.42 6.20 -2.52
C LEU B 77 -6.05 7.12 -3.55
N GLN B 78 -5.67 6.93 -4.81
CA GLN B 78 -6.19 7.76 -5.90
C GLN B 78 -7.65 7.40 -6.19
N LEU B 79 -7.98 6.12 -6.02
CA LEU B 79 -9.34 5.65 -6.27
C LEU B 79 -10.30 6.13 -5.18
N LEU B 80 -9.80 6.18 -3.95
CA LEU B 80 -10.61 6.63 -2.82
C LEU B 80 -11.18 8.02 -3.08
N SER B 81 -10.42 8.85 -3.77
CA SER B 81 -10.86 10.20 -4.09
C SER B 81 -12.16 10.18 -4.90
N SER B 82 -12.41 9.06 -5.56
CA SER B 82 -13.62 8.91 -6.37
C SER B 82 -14.56 7.89 -5.75
N SER B 83 -14.19 7.39 -4.58
CA SER B 83 -15.00 6.40 -3.88
C SER B 83 -15.92 7.07 -2.87
N THR B 84 -16.37 6.29 -1.89
CA THR B 84 -17.26 6.82 -0.85
C THR B 84 -16.59 6.81 0.51
N LEU B 85 -15.76 5.80 0.75
CA LEU B 85 -15.04 5.68 2.02
C LEU B 85 -15.93 6.10 3.18
N GLY B 86 -17.13 5.54 3.24
CA GLY B 86 -18.06 5.86 4.31
C GLY B 86 -18.31 4.69 5.23
N ALA B 87 -17.29 3.88 5.46
CA ALA B 87 -17.41 2.72 6.33
C ALA B 87 -16.08 1.97 6.44
N VAL B 88 -15.84 1.38 7.60
CA VAL B 88 -14.60 0.63 7.83
C VAL B 88 -14.91 -0.78 8.33
N ASP B 89 -14.86 -1.74 7.41
CA ASP B 89 -15.12 -3.13 7.75
C ASP B 89 -13.97 -3.72 8.57
N THR B 90 -13.89 -3.32 9.83
CA THR B 90 -12.85 -3.80 10.72
C THR B 90 -12.97 -5.30 10.96
N THR B 91 -14.13 -5.86 10.60
CA THR B 91 -14.37 -7.29 10.77
C THR B 91 -13.73 -8.09 9.65
N SER B 92 -13.37 -7.41 8.56
CA SER B 92 -12.76 -8.06 7.42
C SER B 92 -11.25 -7.83 7.40
N ILE B 93 -10.76 -7.16 8.44
CA ILE B 93 -9.33 -6.87 8.54
C ILE B 93 -8.50 -8.13 8.37
N GLY B 94 -8.88 -9.19 9.07
CA GLY B 94 -8.16 -10.45 8.97
C GLY B 94 -8.06 -10.95 7.54
N LEU B 95 -9.11 -10.71 6.76
CA LEU B 95 -9.15 -11.14 5.37
C LEU B 95 -8.26 -10.26 4.51
N THR B 96 -8.34 -8.95 4.72
CA THR B 96 -7.55 -7.99 3.95
C THR B 96 -6.05 -8.16 4.25
N SER B 97 -5.72 -8.17 5.54
CA SER B 97 -4.34 -8.32 5.96
C SER B 97 -3.76 -9.66 5.51
N ASN B 98 -4.63 -10.67 5.44
CA ASN B 98 -4.22 -12.01 5.03
C ASN B 98 -4.06 -12.08 3.52
N SER B 99 -4.91 -11.35 2.81
CA SER B 99 -4.88 -11.34 1.35
C SER B 99 -3.65 -10.60 0.84
N VAL B 100 -3.37 -9.45 1.46
CA VAL B 100 -2.22 -8.63 1.07
C VAL B 100 -0.92 -9.39 1.28
N SER B 101 -0.84 -10.15 2.37
CA SER B 101 0.35 -10.93 2.69
C SER B 101 0.57 -12.03 1.64
N LYS B 102 -0.49 -12.76 1.33
CA LYS B 102 -0.41 -13.84 0.35
C LYS B 102 -0.21 -13.29 -1.06
N ALA B 103 -0.88 -12.17 -1.35
CA ALA B 103 -0.76 -11.53 -2.66
C ALA B 103 0.66 -11.05 -2.92
N VAL B 104 1.23 -10.36 -1.94
CA VAL B 104 2.58 -9.84 -2.06
C VAL B 104 3.60 -10.98 -2.18
N ALA B 105 3.41 -12.01 -1.37
CA ALA B 105 4.30 -13.16 -1.38
C ALA B 105 3.99 -14.09 -2.56
N GLN B 106 2.89 -13.82 -3.24
CA GLN B 106 2.48 -14.63 -4.38
C GLN B 106 2.95 -14.01 -5.69
N ALA B 107 2.98 -12.68 -5.74
CA ALA B 107 3.41 -11.97 -6.93
C ALA B 107 4.87 -11.58 -6.84
N LEU B 108 5.32 -11.26 -5.63
CA LEU B 108 6.71 -10.87 -5.39
C LEU B 108 7.46 -11.96 -4.62
N ALA B 109 7.09 -12.15 -3.36
CA ALA B 109 7.72 -13.15 -2.52
C ALA B 109 9.21 -12.87 -2.36
N PRO A 1 14.87 -7.82 2.95
CA PRO A 1 13.78 -8.24 3.85
C PRO A 1 12.71 -9.06 3.11
N SER A 2 12.96 -10.34 2.96
CA SER A 2 12.02 -11.22 2.27
C SER A 2 10.62 -11.06 2.84
N PHE A 3 9.62 -11.13 1.96
CA PHE A 3 8.22 -10.98 2.37
C PHE A 3 7.75 -12.22 3.12
N GLY A 4 8.59 -13.25 3.14
CA GLY A 4 8.24 -14.48 3.83
C GLY A 4 8.47 -14.40 5.32
N LEU A 5 9.62 -13.87 5.72
CA LEU A 5 9.95 -13.73 7.13
C LEU A 5 9.15 -12.60 7.78
N VAL A 6 8.95 -11.53 7.02
CA VAL A 6 8.20 -10.38 7.52
C VAL A 6 6.72 -10.73 7.72
N LEU A 7 6.20 -11.58 6.83
CA LEU A 7 4.80 -11.99 6.89
C LEU A 7 4.62 -13.12 7.91
N ASN A 8 5.72 -13.78 8.25
CA ASN A 8 5.68 -14.88 9.21
C ASN A 8 6.14 -14.41 10.60
N SER A 9 6.70 -13.20 10.64
CA SER A 9 7.18 -12.64 11.89
C SER A 9 6.09 -12.65 12.95
N PRO A 10 6.48 -12.49 14.22
CA PRO A 10 5.56 -12.48 15.35
C PRO A 10 4.68 -11.23 15.38
N ASN A 11 5.01 -10.27 14.51
CA ASN A 11 4.25 -9.03 14.42
C ASN A 11 4.11 -8.57 12.97
N GLY A 12 4.04 -9.54 12.06
CA GLY A 12 3.90 -9.22 10.65
C GLY A 12 2.56 -8.58 10.33
N LEU A 13 1.89 -9.12 9.31
CA LEU A 13 0.59 -8.60 8.90
C LEU A 13 -0.54 -9.47 9.44
N ARG A 14 -0.33 -10.78 9.41
CA ARG A 14 -1.34 -11.73 9.90
C ARG A 14 -1.43 -11.68 11.43
N SER A 15 -0.53 -10.92 12.04
CA SER A 15 -0.50 -10.79 13.50
C SER A 15 -1.63 -9.88 13.98
N PRO A 16 -1.95 -9.97 15.28
CA PRO A 16 -3.00 -9.17 15.89
C PRO A 16 -2.63 -7.68 15.98
N GLN A 17 -1.39 -7.42 16.38
CA GLN A 17 -0.92 -6.04 16.50
C GLN A 17 -1.00 -5.32 15.16
N ALA A 18 -0.86 -6.07 14.07
CA ALA A 18 -0.92 -5.50 12.73
C ALA A 18 -2.34 -5.05 12.39
N LYS A 19 -3.33 -5.84 12.81
CA LYS A 19 -4.73 -5.54 12.56
C LYS A 19 -5.15 -4.26 13.28
N ALA A 20 -4.65 -4.09 14.50
CA ALA A 20 -4.97 -2.91 15.30
C ALA A 20 -4.35 -1.65 14.69
N ARG A 21 -3.11 -1.78 14.24
CA ARG A 21 -2.39 -0.65 13.65
C ARG A 21 -3.09 -0.19 12.37
N ILE A 22 -3.59 -1.14 11.60
CA ILE A 22 -4.28 -0.84 10.35
C ILE A 22 -5.59 -0.12 10.61
N ASN A 23 -6.28 -0.50 11.68
CA ASN A 23 -7.55 0.11 12.04
C ASN A 23 -7.43 1.63 12.09
N ASN A 24 -6.36 2.12 12.70
CA ASN A 24 -6.13 3.55 12.81
C ASN A 24 -5.94 4.18 11.43
N LEU A 25 -5.31 3.43 10.54
CA LEU A 25 -5.06 3.91 9.18
C LEU A 25 -6.35 3.99 8.38
N ALA A 26 -7.25 3.03 8.62
CA ALA A 26 -8.53 2.99 7.93
C ALA A 26 -9.30 4.28 8.12
N SER A 27 -9.02 4.97 9.22
CA SER A 27 -9.69 6.23 9.53
C SER A 27 -8.87 7.42 9.06
N ALA A 28 -7.56 7.35 9.30
CA ALA A 28 -6.65 8.42 8.89
C ALA A 28 -6.58 8.54 7.37
N LEU A 29 -6.45 7.40 6.70
CA LEU A 29 -6.36 7.38 5.24
C LEU A 29 -7.68 7.84 4.62
N SER A 30 -8.80 7.39 5.19
CA SER A 30 -10.11 7.76 4.70
C SER A 30 -10.33 9.27 4.78
N THR A 31 -9.86 9.86 5.88
CA THR A 31 -10.01 11.30 6.08
C THR A 31 -8.95 12.07 5.31
N ALA A 32 -7.82 11.43 5.05
CA ALA A 32 -6.73 12.05 4.31
C ALA A 32 -7.05 12.13 2.81
N VAL A 33 -7.57 11.03 2.28
CA VAL A 33 -7.92 10.97 0.86
C VAL A 33 -9.41 11.24 0.65
N GLY A 34 -9.71 12.13 -0.30
CA GLY A 34 -11.09 12.46 -0.58
C GLY A 34 -11.23 13.39 -1.78
N ARG A 35 -11.54 14.66 -1.51
CA ARG A 35 -11.70 15.65 -2.57
C ARG A 35 -10.42 16.47 -2.74
N ASN A 36 -9.50 16.31 -1.80
CA ASN A 36 -8.24 17.05 -1.85
C ASN A 36 -7.10 16.16 -2.36
N GLY A 37 -7.45 14.94 -2.76
CA GLY A 37 -6.45 14.01 -3.25
C GLY A 37 -5.92 13.10 -2.16
N VAL A 38 -5.25 13.69 -1.18
CA VAL A 38 -4.68 12.92 -0.07
C VAL A 38 -3.93 13.83 0.90
N ASP A 39 -4.15 13.61 2.19
CA ASP A 39 -3.49 14.41 3.21
C ASP A 39 -2.23 13.70 3.73
N VAL A 40 -1.07 14.18 3.30
CA VAL A 40 0.20 13.60 3.72
C VAL A 40 0.36 13.64 5.23
N ASN A 41 -0.15 14.70 5.84
CA ASN A 41 -0.07 14.85 7.29
C ASN A 41 -0.73 13.68 8.00
N ALA A 42 -1.95 13.35 7.57
CA ALA A 42 -2.69 12.24 8.16
C ALA A 42 -2.18 10.90 7.66
N PHE A 43 -1.77 10.87 6.39
CA PHE A 43 -1.27 9.64 5.78
C PHE A 43 0.04 9.20 6.45
N THR A 44 1.00 10.12 6.50
CA THR A 44 2.30 9.83 7.10
C THR A 44 2.16 9.64 8.61
N SER A 45 1.17 10.30 9.20
CA SER A 45 0.95 10.21 10.64
C SER A 45 0.63 8.77 11.05
N GLY A 46 -0.08 8.06 10.18
CA GLY A 46 -0.44 6.68 10.48
C GLY A 46 0.75 5.74 10.34
N LEU A 47 1.60 6.00 9.36
CA LEU A 47 2.77 5.17 9.13
C LEU A 47 3.78 5.31 10.27
N ARG A 48 3.92 6.52 10.78
CA ARG A 48 4.84 6.80 11.88
C ARG A 48 4.49 5.96 13.10
N ALA A 49 3.19 5.78 13.33
CA ALA A 49 2.73 4.99 14.47
C ALA A 49 2.94 3.50 14.24
N THR A 50 2.81 3.08 12.98
CA THR A 50 2.99 1.67 12.64
C THR A 50 4.47 1.29 12.65
N LEU A 51 5.31 2.17 12.11
CA LEU A 51 6.74 1.93 12.06
C LEU A 51 7.33 1.85 13.47
N SER A 52 6.90 2.77 14.33
CA SER A 52 7.39 2.81 15.70
C SER A 52 7.02 1.53 16.45
N ASN A 53 5.76 1.10 16.30
CA ASN A 53 5.27 -0.10 16.96
C ASN A 53 5.98 -1.33 16.43
N LEU A 54 6.14 -1.40 15.10
CA LEU A 54 6.81 -2.53 14.47
C LEU A 54 8.28 -2.57 14.84
N GLY A 55 8.90 -1.40 14.96
CA GLY A 55 10.31 -1.32 15.30
C GLY A 55 10.57 -1.78 16.73
N ASP A 56 9.49 -1.96 17.50
CA ASP A 56 9.62 -2.39 18.89
C ASP A 56 8.72 -3.59 19.16
N SER A 57 8.20 -4.18 18.09
CA SER A 57 7.32 -5.34 18.22
C SER A 57 8.13 -6.63 18.38
N GLY A 58 9.29 -6.67 17.72
CA GLY A 58 10.14 -7.84 17.81
C GLY A 58 10.90 -8.08 16.52
N MET A 59 10.52 -7.38 15.46
CA MET A 59 11.18 -7.52 14.16
C MET A 59 12.39 -6.60 14.06
N SER A 60 12.89 -6.43 12.84
CA SER A 60 14.06 -5.58 12.61
C SER A 60 13.63 -4.20 12.12
N PRO A 61 14.53 -3.22 12.24
CA PRO A 61 14.27 -1.84 11.82
C PRO A 61 14.18 -1.70 10.30
N ASN A 62 14.49 -2.79 9.60
CA ASN A 62 14.44 -2.80 8.14
C ASN A 62 13.16 -3.44 7.64
N GLU A 63 12.68 -4.44 8.37
CA GLU A 63 11.47 -5.15 8.00
C GLU A 63 10.23 -4.28 8.26
N ALA A 64 10.28 -3.52 9.34
CA ALA A 64 9.16 -2.64 9.70
C ALA A 64 8.92 -1.59 8.63
N LYS A 65 9.98 -1.21 7.94
CA LYS A 65 9.89 -0.21 6.88
C LYS A 65 9.09 -0.73 5.70
N VAL A 66 9.28 -2.02 5.39
CA VAL A 66 8.57 -2.64 4.28
C VAL A 66 7.22 -3.20 4.73
N GLU A 67 7.16 -3.62 5.99
CA GLU A 67 5.93 -4.18 6.55
C GLU A 67 4.84 -3.11 6.61
N VAL A 68 5.22 -1.90 7.03
CA VAL A 68 4.27 -0.79 7.14
C VAL A 68 3.58 -0.53 5.80
N LEU A 69 4.34 -0.64 4.72
CA LEU A 69 3.80 -0.41 3.38
C LEU A 69 2.57 -1.27 3.14
N LEU A 70 2.62 -2.52 3.61
CA LEU A 70 1.51 -3.45 3.44
C LEU A 70 0.38 -3.11 4.40
N GLU A 71 0.73 -2.71 5.61
CA GLU A 71 -0.26 -2.36 6.62
C GLU A 71 -1.10 -1.16 6.18
N ALA A 72 -0.47 -0.24 5.47
CA ALA A 72 -1.16 0.95 4.97
C ALA A 72 -2.18 0.58 3.90
N LEU A 73 -1.86 -0.44 3.11
CA LEU A 73 -2.75 -0.89 2.04
C LEU A 73 -3.97 -1.60 2.61
N THR A 74 -3.76 -2.36 3.69
CA THR A 74 -4.84 -3.09 4.32
C THR A 74 -5.95 -2.15 4.79
N ALA A 75 -5.56 -0.98 5.26
CA ALA A 75 -6.52 0.01 5.73
C ALA A 75 -7.36 0.55 4.58
N ALA A 76 -6.74 0.70 3.41
CA ALA A 76 -7.43 1.19 2.23
C ALA A 76 -8.26 0.09 1.58
N LEU A 77 -7.65 -1.08 1.40
CA LEU A 77 -8.33 -2.21 0.79
C LEU A 77 -9.63 -2.54 1.54
N GLN A 78 -9.54 -2.61 2.86
CA GLN A 78 -10.69 -2.91 3.69
C GLN A 78 -11.77 -1.84 3.54
N LEU A 79 -11.32 -0.60 3.34
CA LEU A 79 -12.26 0.53 3.18
C LEU A 79 -12.98 0.45 1.85
N LEU A 80 -12.26 0.06 0.80
CA LEU A 80 -12.82 -0.05 -0.54
C LEU A 80 -14.03 -0.98 -0.53
N SER A 81 -13.98 -2.01 0.30
CA SER A 81 -15.07 -2.97 0.40
C SER A 81 -16.36 -2.29 0.81
N SER A 82 -16.23 -1.14 1.47
CA SER A 82 -17.39 -0.38 1.92
C SER A 82 -17.47 0.97 1.22
N SER A 83 -16.63 1.15 0.20
CA SER A 83 -16.60 2.40 -0.55
C SER A 83 -17.48 2.30 -1.79
N THR A 84 -17.24 3.18 -2.75
CA THR A 84 -18.01 3.19 -3.99
C THR A 84 -17.13 2.86 -5.19
N LEU A 85 -15.87 3.26 -5.12
CA LEU A 85 -14.93 3.00 -6.20
C LEU A 85 -15.59 3.18 -7.56
N GLY A 86 -16.27 4.31 -7.74
CA GLY A 86 -16.95 4.57 -8.99
C GLY A 86 -16.16 5.49 -9.89
N ALA A 87 -14.84 5.29 -9.93
CA ALA A 87 -13.97 6.10 -10.76
C ALA A 87 -12.52 5.66 -10.62
N VAL A 88 -11.59 6.49 -11.11
CA VAL A 88 -10.18 6.19 -11.05
C VAL A 88 -9.34 7.46 -10.95
N ASP A 89 -9.74 8.48 -11.71
CA ASP A 89 -9.03 9.76 -11.72
C ASP A 89 -7.54 9.55 -11.98
N THR A 90 -7.22 9.13 -13.21
CA THR A 90 -5.83 8.89 -13.59
C THR A 90 -5.07 10.20 -13.72
N THR A 91 -5.79 11.31 -13.67
CA THR A 91 -5.18 12.63 -13.79
C THR A 91 -4.56 13.07 -12.47
N SER A 92 -5.04 12.48 -11.37
CA SER A 92 -4.52 12.81 -10.04
C SER A 92 -3.40 11.86 -9.64
N ILE A 93 -3.09 10.92 -10.52
CA ILE A 93 -2.04 9.95 -10.26
C ILE A 93 -0.75 10.64 -9.80
N GLY A 94 -0.38 11.71 -10.50
CA GLY A 94 0.83 12.43 -10.13
C GLY A 94 0.81 12.91 -8.70
N LEU A 95 -0.36 13.32 -8.22
CA LEU A 95 -0.51 13.80 -6.85
C LEU A 95 -0.48 12.64 -5.86
N THR A 96 -1.19 11.57 -6.19
CA THR A 96 -1.25 10.39 -5.33
C THR A 96 0.12 9.74 -5.21
N SER A 97 0.76 9.49 -6.35
CA SER A 97 2.07 8.86 -6.37
C SER A 97 3.11 9.75 -5.67
N ASN A 98 2.89 11.05 -5.74
CA ASN A 98 3.80 12.01 -5.12
C ASN A 98 3.57 12.08 -3.61
N SER A 99 2.31 11.94 -3.21
CA SER A 99 1.96 11.99 -1.79
C SER A 99 2.50 10.78 -1.04
N VAL A 100 2.34 9.60 -1.64
CA VAL A 100 2.82 8.36 -1.04
C VAL A 100 4.33 8.40 -0.83
N SER A 101 5.03 8.96 -1.82
CA SER A 101 6.49 9.05 -1.75
C SER A 101 6.93 9.98 -0.63
N LYS A 102 6.28 11.14 -0.53
CA LYS A 102 6.61 12.11 0.50
C LYS A 102 6.16 11.62 1.87
N ALA A 103 5.00 10.98 1.93
CA ALA A 103 4.47 10.44 3.18
C ALA A 103 5.30 9.28 3.67
N VAL A 104 5.59 8.34 2.78
CA VAL A 104 6.38 7.16 3.12
C VAL A 104 7.78 7.56 3.58
N ALA A 105 8.37 8.52 2.88
CA ALA A 105 9.71 9.00 3.20
C ALA A 105 9.68 9.96 4.37
N GLN A 106 8.50 10.51 4.65
CA GLN A 106 8.34 11.45 5.75
C GLN A 106 8.22 10.72 7.08
N ALA A 107 7.58 9.56 7.06
CA ALA A 107 7.40 8.76 8.27
C ALA A 107 8.47 7.68 8.37
N LEU A 108 8.73 7.00 7.26
CA LEU A 108 9.73 5.94 7.22
C LEU A 108 11.08 6.48 6.77
N ALA A 109 11.16 6.89 5.50
CA ALA A 109 12.40 7.43 4.95
C ALA A 109 13.47 6.35 4.87
N PRO B 1 16.83 -1.43 1.25
CA PRO B 1 16.41 -0.55 0.15
C PRO B 1 15.77 0.74 0.65
N SER B 2 16.62 1.72 0.96
CA SER B 2 16.13 3.00 1.46
C SER B 2 15.04 3.57 0.55
N PHE B 3 14.09 4.27 1.15
CA PHE B 3 12.99 4.87 0.39
C PHE B 3 13.45 6.13 -0.33
N GLY B 4 14.62 6.63 0.04
CA GLY B 4 15.15 7.82 -0.59
C GLY B 4 15.63 7.58 -2.00
N LEU B 5 16.38 6.49 -2.18
CA LEU B 5 16.90 6.13 -3.50
C LEU B 5 15.79 5.61 -4.41
N VAL B 6 14.92 4.78 -3.85
CA VAL B 6 13.81 4.22 -4.61
C VAL B 6 12.85 5.31 -5.08
N LEU B 7 12.65 6.31 -4.23
CA LEU B 7 11.76 7.41 -4.56
C LEU B 7 12.45 8.42 -5.47
N ASN B 8 13.78 8.36 -5.52
CA ASN B 8 14.55 9.26 -6.36
C ASN B 8 14.97 8.59 -7.67
N SER B 9 14.76 7.27 -7.74
CA SER B 9 15.11 6.51 -8.93
C SER B 9 14.28 6.95 -10.12
N PRO B 10 14.74 6.60 -11.33
CA PRO B 10 14.05 6.95 -12.58
C PRO B 10 12.74 6.20 -12.75
N ASN B 11 12.52 5.19 -11.90
CA ASN B 11 11.31 4.39 -11.95
C ASN B 11 10.68 4.26 -10.57
N GLY B 12 10.92 5.25 -9.72
CA GLY B 12 10.36 5.23 -8.38
C GLY B 12 8.85 5.31 -8.38
N LEU B 13 8.31 6.42 -7.87
CA LEU B 13 6.87 6.61 -7.79
C LEU B 13 6.47 7.89 -8.53
N ARG B 14 7.28 8.93 -8.39
CA ARG B 14 7.01 10.22 -9.04
C ARG B 14 7.28 10.14 -10.54
N SER B 15 7.99 9.09 -10.94
CA SER B 15 8.33 8.89 -12.35
C SER B 15 7.07 8.61 -13.17
N PRO B 16 7.16 8.85 -14.49
CA PRO B 16 6.05 8.63 -15.42
C PRO B 16 5.74 7.15 -15.61
N GLN B 17 6.77 6.32 -15.51
CA GLN B 17 6.62 4.88 -15.67
C GLN B 17 5.83 4.28 -14.51
N ALA B 18 5.98 4.88 -13.34
CA ALA B 18 5.29 4.41 -12.14
C ALA B 18 3.80 4.75 -12.20
N LYS B 19 3.50 5.92 -12.75
CA LYS B 19 2.11 6.36 -12.86
C LYS B 19 1.31 5.44 -13.77
N ALA B 20 1.94 4.98 -14.85
CA ALA B 20 1.29 4.08 -15.80
C ALA B 20 1.01 2.73 -15.16
N ARG B 21 1.97 2.21 -14.41
CA ARG B 21 1.81 0.93 -13.75
C ARG B 21 0.69 0.98 -12.71
N ILE B 22 0.58 2.11 -12.02
CA ILE B 22 -0.46 2.28 -11.01
C ILE B 22 -1.84 2.34 -11.64
N ASN B 23 -1.92 2.94 -12.82
CA ASN B 23 -3.19 3.06 -13.54
C ASN B 23 -3.87 1.70 -13.67
N ASN B 24 -3.10 0.68 -14.04
CA ASN B 24 -3.62 -0.66 -14.20
C ASN B 24 -4.12 -1.21 -12.87
N LEU B 25 -3.44 -0.85 -11.80
CA LEU B 25 -3.81 -1.30 -10.46
C LEU B 25 -5.11 -0.64 -10.00
N ALA B 26 -5.28 0.62 -10.37
CA ALA B 26 -6.48 1.37 -10.00
C ALA B 26 -7.75 0.66 -10.49
N SER B 27 -7.60 -0.14 -11.55
CA SER B 27 -8.72 -0.86 -12.11
C SER B 27 -8.79 -2.29 -11.55
N ALA B 28 -7.62 -2.90 -11.38
CA ALA B 28 -7.55 -4.25 -10.85
C ALA B 28 -7.94 -4.29 -9.38
N LEU B 29 -7.36 -3.39 -8.59
CA LEU B 29 -7.64 -3.32 -7.17
C LEU B 29 -9.12 -3.04 -6.92
N SER B 30 -9.68 -2.11 -7.69
CA SER B 30 -11.08 -1.74 -7.55
C SER B 30 -11.99 -2.94 -7.84
N THR B 31 -11.57 -3.78 -8.79
CA THR B 31 -12.34 -4.96 -9.15
C THR B 31 -12.09 -6.11 -8.18
N ALA B 32 -10.91 -6.10 -7.57
CA ALA B 32 -10.55 -7.13 -6.61
C ALA B 32 -11.26 -6.92 -5.27
N VAL B 33 -11.30 -5.67 -4.82
CA VAL B 33 -11.95 -5.34 -3.57
C VAL B 33 -13.40 -4.89 -3.79
N GLY B 34 -14.31 -5.42 -2.97
CA GLY B 34 -15.70 -5.08 -3.10
C GLY B 34 -16.56 -5.70 -2.01
N ARG B 35 -17.32 -6.72 -2.38
CA ARG B 35 -18.19 -7.41 -1.42
C ARG B 35 -17.53 -8.69 -0.90
N ASN B 36 -16.42 -9.06 -1.52
CA ASN B 36 -15.69 -10.27 -1.13
C ASN B 36 -14.44 -9.91 -0.32
N GLY B 37 -14.31 -8.63 0.02
CA GLY B 37 -13.17 -8.18 0.79
C GLY B 37 -12.00 -7.79 -0.10
N VAL B 38 -11.53 -8.72 -0.91
CA VAL B 38 -10.40 -8.47 -1.80
C VAL B 38 -10.05 -9.72 -2.61
N ASP B 39 -9.73 -9.53 -3.88
CA ASP B 39 -9.38 -10.63 -4.76
C ASP B 39 -7.87 -10.73 -4.92
N VAL B 40 -7.27 -11.71 -4.26
CA VAL B 40 -5.83 -11.91 -4.32
C VAL B 40 -5.37 -12.13 -5.76
N ASN B 41 -6.19 -12.81 -6.54
CA ASN B 41 -5.88 -13.08 -7.94
C ASN B 41 -5.64 -11.78 -8.70
N ALA B 42 -6.54 -10.82 -8.54
CA ALA B 42 -6.44 -9.54 -9.21
C ALA B 42 -5.40 -8.66 -8.53
N PHE B 43 -5.33 -8.74 -7.21
CA PHE B 43 -4.38 -7.94 -6.44
C PHE B 43 -2.94 -8.34 -6.77
N THR B 44 -2.64 -9.63 -6.63
CA THR B 44 -1.31 -10.13 -6.91
C THR B 44 -0.98 -10.03 -8.39
N SER B 45 -2.01 -10.06 -9.23
CA SER B 45 -1.83 -9.97 -10.67
C SER B 45 -1.17 -8.65 -11.05
N GLY B 46 -1.51 -7.59 -10.32
CA GLY B 46 -0.95 -6.28 -10.59
C GLY B 46 0.50 -6.17 -10.16
N LEU B 47 0.81 -6.70 -8.97
CA LEU B 47 2.16 -6.65 -8.44
C LEU B 47 3.13 -7.40 -9.36
N ARG B 48 2.66 -8.50 -9.93
CA ARG B 48 3.49 -9.31 -10.83
C ARG B 48 3.92 -8.49 -12.04
N ALA B 49 3.01 -7.66 -12.54
CA ALA B 49 3.31 -6.81 -13.70
C ALA B 49 4.22 -5.66 -13.33
N THR B 50 3.97 -5.07 -12.16
CA THR B 50 4.78 -3.95 -11.68
C THR B 50 6.20 -4.40 -11.34
N LEU B 51 6.30 -5.51 -10.62
CA LEU B 51 7.60 -6.05 -10.21
C LEU B 51 8.47 -6.34 -11.43
N SER B 52 7.86 -6.98 -12.44
CA SER B 52 8.57 -7.32 -13.66
C SER B 52 9.06 -6.06 -14.38
N ASN B 53 8.19 -5.07 -14.48
CA ASN B 53 8.52 -3.82 -15.15
C ASN B 53 9.62 -3.09 -14.39
N LEU B 54 9.49 -3.02 -13.06
CA LEU B 54 10.47 -2.35 -12.22
C LEU B 54 11.80 -3.09 -12.24
N GLY B 55 11.74 -4.42 -12.24
CA GLY B 55 12.94 -5.22 -12.26
C GLY B 55 13.76 -5.01 -13.52
N ASP B 56 13.14 -4.40 -14.53
CA ASP B 56 13.82 -4.14 -15.80
C ASP B 56 13.70 -2.67 -16.18
N SER B 57 13.33 -1.84 -15.22
CA SER B 57 13.18 -0.40 -15.45
C SER B 57 14.51 0.32 -15.27
N GLY B 58 15.42 -0.30 -14.52
CA GLY B 58 16.72 0.30 -14.27
C GLY B 58 17.16 0.17 -12.84
N MET B 59 16.23 -0.18 -11.96
CA MET B 59 16.52 -0.34 -10.54
C MET B 59 17.01 -1.75 -10.24
N SER B 60 17.05 -2.10 -8.96
CA SER B 60 17.50 -3.43 -8.54
C SER B 60 16.30 -4.34 -8.27
N PRO B 61 16.56 -5.65 -8.26
CA PRO B 61 15.53 -6.67 -8.02
C PRO B 61 15.02 -6.64 -6.57
N ASN B 62 15.70 -5.89 -5.72
CA ASN B 62 15.33 -5.77 -4.33
C ASN B 62 14.48 -4.53 -4.08
N GLU B 63 14.78 -3.47 -4.81
CA GLU B 63 14.04 -2.21 -4.67
C GLU B 63 12.64 -2.34 -5.28
N ALA B 64 12.55 -3.07 -6.38
CA ALA B 64 11.27 -3.27 -7.06
C ALA B 64 10.26 -3.96 -6.15
N LYS B 65 10.77 -4.80 -5.25
CA LYS B 65 9.92 -5.53 -4.33
C LYS B 65 9.25 -4.58 -3.34
N VAL B 66 9.99 -3.57 -2.91
CA VAL B 66 9.47 -2.59 -1.96
C VAL B 66 8.77 -1.45 -2.69
N GLU B 67 9.23 -1.14 -3.89
CA GLU B 67 8.64 -0.08 -4.70
C GLU B 67 7.21 -0.43 -5.11
N VAL B 68 7.00 -1.69 -5.47
CA VAL B 68 5.68 -2.15 -5.89
C VAL B 68 4.65 -1.92 -4.79
N LEU B 69 5.05 -2.13 -3.55
CA LEU B 69 4.16 -1.95 -2.41
C LEU B 69 3.56 -0.55 -2.41
N LEU B 70 4.38 0.44 -2.77
CA LEU B 70 3.93 1.82 -2.81
C LEU B 70 3.07 2.07 -4.05
N GLU B 71 3.44 1.45 -5.16
CA GLU B 71 2.69 1.60 -6.40
C GLU B 71 1.27 1.09 -6.26
N ALA B 72 1.11 0.04 -5.46
CA ALA B 72 -0.21 -0.56 -5.23
C ALA B 72 -1.08 0.37 -4.38
N LEU B 73 -0.45 1.11 -3.49
CA LEU B 73 -1.17 2.04 -2.62
C LEU B 73 -1.69 3.23 -3.39
N THR B 74 -0.88 3.72 -4.33
CA THR B 74 -1.26 4.87 -5.15
C THR B 74 -2.55 4.59 -5.93
N ALA B 75 -2.69 3.36 -6.40
CA ALA B 75 -3.87 2.96 -7.16
C ALA B 75 -5.12 3.00 -6.28
N ALA B 76 -4.96 2.61 -5.01
CA ALA B 76 -6.06 2.60 -4.07
C ALA B 76 -6.36 4.00 -3.54
N LEU B 77 -5.31 4.69 -3.13
CA LEU B 77 -5.45 6.05 -2.60
C LEU B 77 -6.15 6.96 -3.62
N GLN B 78 -5.71 6.90 -4.87
CA GLN B 78 -6.29 7.71 -5.92
C GLN B 78 -7.76 7.35 -6.13
N LEU B 79 -8.09 6.08 -5.94
CA LEU B 79 -9.46 5.61 -6.11
C LEU B 79 -10.35 6.13 -4.98
N LEU B 80 -9.83 6.11 -3.76
CA LEU B 80 -10.58 6.58 -2.60
C LEU B 80 -11.10 8.00 -2.82
N SER B 81 -10.32 8.81 -3.52
CA SER B 81 -10.69 10.19 -3.80
C SER B 81 -11.99 10.25 -4.62
N SER B 82 -12.29 9.14 -5.30
CA SER B 82 -13.49 9.07 -6.12
C SER B 82 -14.47 8.04 -5.57
N SER B 83 -14.16 7.53 -4.38
CA SER B 83 -15.00 6.53 -3.74
C SER B 83 -15.98 7.19 -2.76
N THR B 84 -16.49 6.39 -1.82
CA THR B 84 -17.42 6.90 -0.82
C THR B 84 -16.85 6.79 0.58
N LEU B 85 -16.00 5.78 0.79
CA LEU B 85 -15.38 5.57 2.10
C LEU B 85 -16.36 5.86 3.23
N GLY B 86 -17.54 5.25 3.15
CA GLY B 86 -18.55 5.45 4.17
C GLY B 86 -18.59 4.32 5.18
N ALA B 87 -17.40 3.83 5.56
CA ALA B 87 -17.31 2.74 6.52
C ALA B 87 -15.85 2.38 6.80
N VAL B 88 -15.64 1.23 7.42
CA VAL B 88 -14.29 0.77 7.74
C VAL B 88 -14.22 -0.76 7.77
N ASP B 89 -15.25 -1.38 8.33
CA ASP B 89 -15.32 -2.83 8.41
C ASP B 89 -14.05 -3.39 9.06
N THR B 90 -13.87 -3.12 10.35
CA THR B 90 -12.70 -3.59 11.07
C THR B 90 -12.76 -5.10 11.31
N THR B 91 -13.92 -5.69 10.99
CA THR B 91 -14.10 -7.12 11.16
C THR B 91 -13.48 -7.90 10.02
N SER B 92 -13.26 -7.22 8.90
CA SER B 92 -12.68 -7.85 7.72
C SER B 92 -11.17 -7.63 7.68
N ILE B 93 -10.65 -6.92 8.68
CA ILE B 93 -9.23 -6.64 8.76
C ILE B 93 -8.40 -7.91 8.60
N GLY B 94 -8.78 -8.95 9.33
CA GLY B 94 -8.07 -10.21 9.25
C GLY B 94 -8.01 -10.77 7.84
N LEU B 95 -9.10 -10.57 7.09
CA LEU B 95 -9.18 -11.06 5.71
C LEU B 95 -8.34 -10.18 4.79
N THR B 96 -8.45 -8.86 4.96
CA THR B 96 -7.71 -7.92 4.14
C THR B 96 -6.20 -8.06 4.37
N SER B 97 -5.79 -8.05 5.63
CA SER B 97 -4.39 -8.15 5.98
C SER B 97 -3.83 -9.51 5.54
N ASN B 98 -4.69 -10.53 5.54
CA ASN B 98 -4.28 -11.87 5.14
C ASN B 98 -4.16 -11.96 3.63
N SER B 99 -5.02 -11.24 2.92
CA SER B 99 -5.00 -11.25 1.46
C SER B 99 -3.74 -10.60 0.92
N VAL B 100 -3.43 -9.41 1.44
CA VAL B 100 -2.24 -8.68 1.01
C VAL B 100 -0.97 -9.50 1.25
N SER B 101 -0.94 -10.22 2.37
CA SER B 101 0.21 -11.04 2.71
C SER B 101 0.41 -12.14 1.68
N LYS B 102 -0.67 -12.83 1.33
CA LYS B 102 -0.61 -13.91 0.35
C LYS B 102 -0.36 -13.37 -1.05
N ALA B 103 -0.97 -12.23 -1.36
CA ALA B 103 -0.81 -11.60 -2.67
C ALA B 103 0.61 -11.11 -2.86
N VAL B 104 1.13 -10.40 -1.87
CA VAL B 104 2.49 -9.86 -1.94
C VAL B 104 3.51 -11.00 -2.05
N ALA B 105 3.31 -12.04 -1.26
CA ALA B 105 4.21 -13.19 -1.26
C ALA B 105 3.93 -14.10 -2.44
N GLN B 106 2.82 -13.86 -3.13
CA GLN B 106 2.44 -14.66 -4.28
C GLN B 106 2.99 -14.07 -5.57
N ALA B 107 3.05 -12.75 -5.62
CA ALA B 107 3.56 -12.04 -6.80
C ALA B 107 5.03 -11.68 -6.62
N LEU B 108 5.39 -11.27 -5.40
CA LEU B 108 6.77 -10.88 -5.10
C LEU B 108 7.49 -12.00 -4.35
N ALA B 109 7.07 -12.24 -3.12
CA ALA B 109 7.67 -13.29 -2.29
C ALA B 109 9.13 -12.98 -2.00
N PRO A 1 14.42 -6.96 2.99
CA PRO A 1 13.51 -7.68 3.89
C PRO A 1 12.55 -8.60 3.13
N SER A 2 12.91 -9.88 3.06
CA SER A 2 12.08 -10.87 2.37
C SER A 2 10.63 -10.79 2.83
N PHE A 3 9.71 -11.01 1.91
CA PHE A 3 8.29 -10.96 2.23
C PHE A 3 7.84 -12.24 2.93
N GLY A 4 8.79 -13.17 3.11
CA GLY A 4 8.48 -14.43 3.76
C GLY A 4 8.71 -14.37 5.26
N LEU A 5 9.83 -13.79 5.66
CA LEU A 5 10.17 -13.68 7.07
C LEU A 5 9.32 -12.61 7.75
N VAL A 6 9.16 -11.47 7.07
CA VAL A 6 8.36 -10.38 7.61
C VAL A 6 6.90 -10.77 7.77
N LEU A 7 6.38 -11.48 6.78
CA LEU A 7 4.98 -11.93 6.80
C LEU A 7 4.81 -13.08 7.79
N ASN A 8 5.90 -13.78 8.06
CA ASN A 8 5.86 -14.91 8.99
C ASN A 8 6.18 -14.45 10.42
N SER A 9 6.75 -13.26 10.53
CA SER A 9 7.10 -12.72 11.84
C SER A 9 5.88 -12.64 12.75
N PRO A 10 6.13 -12.50 14.07
CA PRO A 10 5.07 -12.41 15.06
C PRO A 10 4.30 -11.10 14.98
N ASN A 11 4.86 -10.14 14.24
CA ASN A 11 4.23 -8.83 14.08
C ASN A 11 4.08 -8.48 12.61
N GLY A 12 4.00 -9.51 11.76
CA GLY A 12 3.86 -9.28 10.34
C GLY A 12 2.53 -8.66 9.98
N LEU A 13 1.81 -9.30 9.06
CA LEU A 13 0.51 -8.80 8.62
C LEU A 13 -0.62 -9.70 9.14
N ARG A 14 -0.39 -11.01 9.09
CA ARG A 14 -1.38 -11.97 9.56
C ARG A 14 -1.49 -11.97 11.07
N SER A 15 -0.59 -11.20 11.72
CA SER A 15 -0.59 -11.11 13.17
C SER A 15 -1.70 -10.19 13.67
N PRO A 16 -2.13 -10.41 14.92
CA PRO A 16 -3.20 -9.61 15.54
C PRO A 16 -2.76 -8.19 15.84
N GLN A 17 -1.46 -8.02 16.11
CA GLN A 17 -0.92 -6.70 16.41
C GLN A 17 -0.95 -5.80 15.17
N ALA A 18 -0.80 -6.41 14.00
CA ALA A 18 -0.82 -5.66 12.75
C ALA A 18 -2.22 -5.16 12.43
N LYS A 19 -3.21 -5.97 12.76
CA LYS A 19 -4.61 -5.61 12.51
C LYS A 19 -4.99 -4.33 13.26
N ALA A 20 -4.47 -4.20 14.48
CA ALA A 20 -4.76 -3.02 15.30
C ALA A 20 -4.15 -1.77 14.69
N ARG A 21 -2.93 -1.90 14.18
CA ARG A 21 -2.24 -0.77 13.56
C ARG A 21 -2.97 -0.30 12.30
N ILE A 22 -3.41 -1.25 11.49
CA ILE A 22 -4.13 -0.94 10.26
C ILE A 22 -5.43 -0.21 10.57
N ASN A 23 -6.08 -0.61 11.66
CA ASN A 23 -7.34 0.01 12.05
C ASN A 23 -7.23 1.53 12.09
N ASN A 24 -6.14 2.01 12.69
CA ASN A 24 -5.91 3.45 12.80
C ASN A 24 -5.76 4.08 11.41
N LEU A 25 -5.13 3.34 10.50
CA LEU A 25 -4.92 3.83 9.15
C LEU A 25 -6.23 3.87 8.37
N ALA A 26 -7.09 2.89 8.61
CA ALA A 26 -8.39 2.81 7.95
C ALA A 26 -9.20 4.08 8.19
N SER A 27 -8.92 4.76 9.30
CA SER A 27 -9.64 5.99 9.63
C SER A 27 -8.84 7.21 9.18
N ALA A 28 -7.53 7.15 9.33
CA ALA A 28 -6.67 8.25 8.93
C ALA A 28 -6.63 8.41 7.41
N LEU A 29 -6.41 7.29 6.72
CA LEU A 29 -6.35 7.31 5.27
C LEU A 29 -7.66 7.81 4.66
N SER A 30 -8.78 7.35 5.23
CA SER A 30 -10.09 7.74 4.76
C SER A 30 -10.30 9.25 4.92
N THR A 31 -9.75 9.81 6.00
CA THR A 31 -9.87 11.23 6.26
C THR A 31 -8.84 12.04 5.46
N ALA A 32 -7.73 11.39 5.14
CA ALA A 32 -6.68 12.04 4.37
C ALA A 32 -7.02 12.09 2.89
N VAL A 33 -7.58 11.01 2.37
CA VAL A 33 -7.97 10.93 0.97
C VAL A 33 -9.45 11.23 0.79
N GLY A 34 -9.77 12.14 -0.13
CA GLY A 34 -11.15 12.49 -0.38
C GLY A 34 -11.31 13.38 -1.61
N ARG A 35 -11.56 14.66 -1.37
CA ARG A 35 -11.73 15.62 -2.45
C ARG A 35 -10.44 16.39 -2.71
N ASN A 36 -9.48 16.25 -1.80
CA ASN A 36 -8.21 16.93 -1.93
C ASN A 36 -7.11 15.98 -2.42
N GLY A 37 -7.53 14.77 -2.80
CA GLY A 37 -6.58 13.79 -3.29
C GLY A 37 -6.01 12.93 -2.18
N VAL A 38 -5.33 13.57 -1.23
CA VAL A 38 -4.72 12.85 -0.12
C VAL A 38 -3.96 13.81 0.80
N ASP A 39 -4.11 13.61 2.10
CA ASP A 39 -3.44 14.46 3.09
C ASP A 39 -2.18 13.77 3.62
N VAL A 40 -1.03 14.24 3.16
CA VAL A 40 0.25 13.67 3.60
C VAL A 40 0.40 13.74 5.11
N ASN A 41 -0.12 14.81 5.70
CA ASN A 41 -0.05 15.00 7.14
C ASN A 41 -0.71 13.83 7.88
N ALA A 42 -1.92 13.48 7.45
CA ALA A 42 -2.66 12.38 8.05
C ALA A 42 -2.12 11.02 7.58
N PHE A 43 -1.70 10.97 6.33
CA PHE A 43 -1.17 9.74 5.75
C PHE A 43 0.14 9.34 6.44
N THR A 44 1.08 10.26 6.48
CA THR A 44 2.37 10.01 7.12
C THR A 44 2.23 9.86 8.63
N SER A 45 1.22 10.52 9.19
CA SER A 45 0.97 10.47 10.63
C SER A 45 0.70 9.04 11.07
N GLY A 46 -0.02 8.30 10.24
CA GLY A 46 -0.35 6.92 10.57
C GLY A 46 0.84 6.00 10.44
N LEU A 47 1.69 6.25 9.45
CA LEU A 47 2.87 5.43 9.22
C LEU A 47 3.88 5.60 10.36
N ARG A 48 3.99 6.82 10.86
CA ARG A 48 4.91 7.12 11.95
C ARG A 48 4.57 6.29 13.19
N ALA A 49 3.28 6.16 13.47
CA ALA A 49 2.83 5.40 14.62
C ALA A 49 2.98 3.90 14.39
N THR A 50 2.73 3.47 13.15
CA THR A 50 2.84 2.06 12.79
C THR A 50 4.30 1.60 12.81
N LEU A 51 5.16 2.39 12.20
CA LEU A 51 6.59 2.07 12.14
C LEU A 51 7.17 1.92 13.54
N SER A 52 6.85 2.88 14.40
CA SER A 52 7.35 2.87 15.78
C SER A 52 6.83 1.64 16.52
N ASN A 53 5.58 1.28 16.27
CA ASN A 53 4.97 0.13 16.92
C ASN A 53 5.67 -1.17 16.51
N LEU A 54 5.94 -1.30 15.21
CA LEU A 54 6.61 -2.49 14.69
C LEU A 54 8.09 -2.49 15.08
N GLY A 55 8.64 -1.30 15.30
CA GLY A 55 10.04 -1.19 15.67
C GLY A 55 10.31 -1.72 17.08
N ASP A 56 9.24 -2.08 17.79
CA ASP A 56 9.37 -2.59 19.14
C ASP A 56 8.48 -3.82 19.34
N SER A 57 8.00 -4.38 18.23
CA SER A 57 7.14 -5.56 18.28
C SER A 57 7.98 -6.84 18.38
N GLY A 58 9.20 -6.77 17.87
CA GLY A 58 10.08 -7.93 17.92
C GLY A 58 10.84 -8.13 16.62
N MET A 59 10.51 -7.32 15.61
CA MET A 59 11.17 -7.42 14.31
C MET A 59 12.35 -6.44 14.23
N SER A 60 12.85 -6.24 13.02
CA SER A 60 13.98 -5.35 12.80
C SER A 60 13.50 -3.98 12.33
N PRO A 61 14.38 -2.96 12.48
CA PRO A 61 14.07 -1.60 12.06
C PRO A 61 13.99 -1.44 10.55
N ASN A 62 14.36 -2.49 9.84
CA ASN A 62 14.33 -2.48 8.38
C ASN A 62 13.08 -3.17 7.85
N GLU A 63 12.63 -4.20 8.56
CA GLU A 63 11.43 -4.94 8.16
C GLU A 63 10.17 -4.11 8.40
N ALA A 64 10.17 -3.34 9.48
CA ALA A 64 9.04 -2.50 9.82
C ALA A 64 8.79 -1.45 8.74
N LYS A 65 9.85 -1.03 8.07
CA LYS A 65 9.74 -0.03 7.01
C LYS A 65 8.99 -0.59 5.81
N VAL A 66 9.23 -1.86 5.51
CA VAL A 66 8.57 -2.52 4.39
C VAL A 66 7.24 -3.11 4.80
N GLU A 67 7.15 -3.54 6.06
CA GLU A 67 5.92 -4.13 6.58
C GLU A 67 4.80 -3.10 6.63
N VAL A 68 5.13 -1.89 7.06
CA VAL A 68 4.17 -0.81 7.15
C VAL A 68 3.51 -0.54 5.80
N LEU A 69 4.29 -0.64 4.74
CA LEU A 69 3.79 -0.40 3.39
C LEU A 69 2.60 -1.31 3.09
N LEU A 70 2.67 -2.55 3.56
CA LEU A 70 1.60 -3.52 3.35
C LEU A 70 0.37 -3.16 4.19
N GLU A 71 0.61 -2.78 5.45
CA GLU A 71 -0.48 -2.42 6.34
C GLU A 71 -1.24 -1.20 5.82
N ALA A 72 -0.50 -0.25 5.24
CA ALA A 72 -1.10 0.96 4.70
C ALA A 72 -2.17 0.63 3.67
N LEU A 73 -1.90 -0.39 2.85
CA LEU A 73 -2.84 -0.80 1.81
C LEU A 73 -4.04 -1.53 2.44
N THR A 74 -3.79 -2.28 3.50
CA THR A 74 -4.84 -3.03 4.18
C THR A 74 -5.94 -2.08 4.66
N ALA A 75 -5.55 -0.90 5.13
CA ALA A 75 -6.50 0.08 5.62
C ALA A 75 -7.39 0.59 4.48
N ALA A 76 -6.81 0.73 3.30
CA ALA A 76 -7.56 1.21 2.14
C ALA A 76 -8.37 0.09 1.51
N LEU A 77 -7.75 -1.07 1.33
CA LEU A 77 -8.43 -2.22 0.74
C LEU A 77 -9.71 -2.56 1.50
N GLN A 78 -9.59 -2.59 2.83
CA GLN A 78 -10.74 -2.91 3.67
C GLN A 78 -11.82 -1.83 3.56
N LEU A 79 -11.38 -0.59 3.34
CA LEU A 79 -12.30 0.54 3.22
C LEU A 79 -13.06 0.46 1.89
N LEU A 80 -12.35 0.09 0.83
CA LEU A 80 -12.96 -0.02 -0.49
C LEU A 80 -14.16 -0.94 -0.46
N SER A 81 -14.11 -1.98 0.37
CA SER A 81 -15.20 -2.93 0.49
C SER A 81 -16.48 -2.23 0.92
N SER A 82 -16.34 -1.08 1.57
CA SER A 82 -17.48 -0.32 2.04
C SER A 82 -17.57 1.02 1.33
N SER A 83 -16.73 1.20 0.31
CA SER A 83 -16.72 2.44 -0.46
C SER A 83 -17.59 2.32 -1.71
N THR A 84 -17.34 3.18 -2.68
CA THR A 84 -18.11 3.17 -3.93
C THR A 84 -17.22 2.83 -5.12
N LEU A 85 -15.95 3.22 -5.03
CA LEU A 85 -15.00 2.96 -6.10
C LEU A 85 -15.66 3.11 -7.47
N GLY A 86 -16.32 4.24 -7.68
CA GLY A 86 -16.98 4.50 -8.94
C GLY A 86 -16.20 5.45 -9.82
N ALA A 87 -14.88 5.27 -9.86
CA ALA A 87 -14.02 6.11 -10.67
C ALA A 87 -12.55 5.68 -10.56
N VAL A 88 -11.65 6.54 -11.02
CA VAL A 88 -10.22 6.25 -10.96
C VAL A 88 -9.41 7.53 -10.84
N ASP A 89 -9.82 8.57 -11.58
CA ASP A 89 -9.12 9.84 -11.56
C ASP A 89 -7.64 9.66 -11.84
N THR A 90 -7.33 9.28 -13.08
CA THR A 90 -5.94 9.07 -13.48
C THR A 90 -5.19 10.39 -13.57
N THR A 91 -5.92 11.49 -13.47
CA THR A 91 -5.32 12.82 -13.54
C THR A 91 -4.68 13.20 -12.21
N SER A 92 -5.11 12.55 -11.13
CA SER A 92 -4.58 12.82 -9.81
C SER A 92 -3.43 11.86 -9.47
N ILE A 93 -3.14 10.96 -10.40
CA ILE A 93 -2.06 9.99 -10.20
C ILE A 93 -0.77 10.69 -9.75
N GLY A 94 -0.42 11.77 -10.45
CA GLY A 94 0.78 12.51 -10.10
C GLY A 94 0.80 12.95 -8.66
N LEU A 95 -0.36 13.37 -8.15
CA LEU A 95 -0.47 13.82 -6.77
C LEU A 95 -0.43 12.64 -5.81
N THR A 96 -1.17 11.59 -6.14
CA THR A 96 -1.23 10.40 -5.30
C THR A 96 0.15 9.75 -5.18
N SER A 97 0.80 9.53 -6.32
CA SER A 97 2.12 8.91 -6.34
C SER A 97 3.14 9.80 -5.62
N ASN A 98 2.92 11.11 -5.67
CA ASN A 98 3.82 12.05 -5.03
C ASN A 98 3.57 12.11 -3.52
N SER A 99 2.31 11.94 -3.13
CA SER A 99 1.94 11.98 -1.73
C SER A 99 2.48 10.75 -0.98
N VAL A 100 2.35 9.59 -1.62
CA VAL A 100 2.82 8.34 -1.03
C VAL A 100 4.34 8.36 -0.84
N SER A 101 5.04 8.92 -1.82
CA SER A 101 6.50 9.01 -1.76
C SER A 101 6.94 9.95 -0.65
N LYS A 102 6.30 11.12 -0.58
CA LYS A 102 6.63 12.11 0.44
C LYS A 102 6.19 11.64 1.81
N ALA A 103 5.02 11.02 1.88
CA ALA A 103 4.48 10.51 3.14
C ALA A 103 5.30 9.34 3.66
N VAL A 104 5.56 8.38 2.78
CA VAL A 104 6.34 7.20 3.15
C VAL A 104 7.75 7.59 3.60
N ALA A 105 8.33 8.56 2.90
CA ALA A 105 9.68 9.03 3.22
C ALA A 105 9.65 10.02 4.38
N GLN A 106 8.48 10.58 4.65
CA GLN A 106 8.32 11.55 5.72
C GLN A 106 8.20 10.85 7.07
N ALA A 107 7.54 9.70 7.07
CA ALA A 107 7.34 8.92 8.29
C ALA A 107 8.39 7.82 8.41
N LEU A 108 8.66 7.15 7.30
CA LEU A 108 9.64 6.06 7.28
C LEU A 108 11.00 6.57 6.81
N ALA A 109 11.08 6.94 5.54
CA ALA A 109 12.31 7.44 4.97
C ALA A 109 13.39 6.35 4.92
N PRO B 1 16.78 -1.40 1.38
CA PRO B 1 16.36 -0.54 0.27
C PRO B 1 15.73 0.76 0.74
N SER B 2 16.56 1.76 1.02
CA SER B 2 16.08 3.05 1.49
C SER B 2 14.99 3.59 0.57
N PHE B 3 14.03 4.31 1.15
CA PHE B 3 12.93 4.88 0.39
C PHE B 3 13.38 6.12 -0.36
N GLY B 4 14.54 6.64 0.01
CA GLY B 4 15.07 7.83 -0.65
C GLY B 4 15.60 7.54 -2.03
N LEU B 5 16.35 6.46 -2.16
CA LEU B 5 16.93 6.07 -3.44
C LEU B 5 15.86 5.49 -4.36
N VAL B 6 14.96 4.69 -3.80
CA VAL B 6 13.89 4.09 -4.56
C VAL B 6 12.92 5.15 -5.10
N LEU B 7 12.70 6.19 -4.30
CA LEU B 7 11.80 7.27 -4.70
C LEU B 7 12.49 8.24 -5.65
N ASN B 8 13.83 8.20 -5.65
CA ASN B 8 14.61 9.08 -6.51
C ASN B 8 15.09 8.33 -7.76
N SER B 9 14.93 7.01 -7.75
CA SER B 9 15.35 6.19 -8.87
C SER B 9 14.70 6.66 -10.17
N PRO B 10 15.27 6.23 -11.31
CA PRO B 10 14.77 6.60 -12.63
C PRO B 10 13.43 5.95 -12.94
N ASN B 11 13.01 5.03 -12.08
CA ASN B 11 11.73 4.33 -12.27
C ASN B 11 11.02 4.14 -10.93
N GLY B 12 11.24 5.08 -10.01
CA GLY B 12 10.60 5.00 -8.71
C GLY B 12 9.10 5.19 -8.79
N LEU B 13 8.57 6.06 -7.93
CA LEU B 13 7.14 6.32 -7.90
C LEU B 13 6.81 7.61 -8.64
N ARG B 14 7.65 8.62 -8.47
CA ARG B 14 7.46 9.91 -9.12
C ARG B 14 7.72 9.80 -10.63
N SER B 15 8.20 8.64 -11.06
CA SER B 15 8.50 8.42 -12.46
C SER B 15 7.21 8.21 -13.26
N PRO B 16 7.32 8.35 -14.59
CA PRO B 16 6.18 8.19 -15.50
C PRO B 16 5.72 6.74 -15.59
N GLN B 17 6.68 5.83 -15.71
CA GLN B 17 6.38 4.40 -15.81
C GLN B 17 5.61 3.92 -14.58
N ALA B 18 5.85 4.57 -13.44
CA ALA B 18 5.18 4.21 -12.21
C ALA B 18 3.71 4.63 -12.23
N LYS B 19 3.45 5.81 -12.78
CA LYS B 19 2.09 6.33 -12.87
C LYS B 19 1.24 5.47 -13.80
N ALA B 20 1.85 5.04 -14.90
CA ALA B 20 1.16 4.22 -15.89
C ALA B 20 0.82 2.84 -15.30
N ARG B 21 1.77 2.26 -14.58
CA ARG B 21 1.58 0.95 -13.98
C ARG B 21 0.46 0.98 -12.95
N ILE B 22 0.38 2.08 -12.20
CA ILE B 22 -0.64 2.24 -11.18
C ILE B 22 -2.03 2.36 -11.81
N ASN B 23 -2.10 3.02 -12.96
CA ASN B 23 -3.36 3.21 -13.66
C ASN B 23 -4.08 1.87 -13.86
N ASN B 24 -3.33 0.86 -14.28
CA ASN B 24 -3.89 -0.47 -14.51
C ASN B 24 -4.33 -1.10 -13.19
N LEU B 25 -3.57 -0.84 -12.13
CA LEU B 25 -3.89 -1.38 -10.82
C LEU B 25 -5.13 -0.71 -10.24
N ALA B 26 -5.29 0.58 -10.52
CA ALA B 26 -6.43 1.34 -10.02
C ALA B 26 -7.74 0.69 -10.45
N SER B 27 -7.70 -0.06 -11.55
CA SER B 27 -8.89 -0.73 -12.07
C SER B 27 -8.94 -2.18 -11.61
N ALA B 28 -7.77 -2.81 -11.57
CA ALA B 28 -7.68 -4.21 -11.15
C ALA B 28 -7.95 -4.35 -9.65
N LEU B 29 -7.29 -3.52 -8.86
CA LEU B 29 -7.45 -3.54 -7.41
C LEU B 29 -8.91 -3.32 -7.02
N SER B 30 -9.51 -2.27 -7.59
CA SER B 30 -10.90 -1.95 -7.30
C SER B 30 -11.82 -3.11 -7.66
N THR B 31 -11.46 -3.82 -8.73
CA THR B 31 -12.26 -4.96 -9.18
C THR B 31 -12.07 -6.16 -8.26
N ALA B 32 -10.89 -6.24 -7.63
CA ALA B 32 -10.59 -7.34 -6.72
C ALA B 32 -11.27 -7.14 -5.37
N VAL B 33 -11.31 -5.89 -4.91
CA VAL B 33 -11.92 -5.57 -3.62
C VAL B 33 -13.36 -5.10 -3.82
N GLY B 34 -14.20 -5.32 -2.81
CA GLY B 34 -15.58 -4.91 -2.88
C GLY B 34 -16.47 -5.66 -1.91
N ARG B 35 -17.25 -6.61 -2.41
CA ARG B 35 -18.14 -7.39 -1.59
C ARG B 35 -17.43 -8.64 -1.06
N ASN B 36 -16.30 -8.97 -1.66
CA ASN B 36 -15.53 -10.15 -1.26
C ASN B 36 -14.31 -9.73 -0.44
N GLY B 37 -14.21 -8.44 -0.13
CA GLY B 37 -13.09 -7.95 0.63
C GLY B 37 -11.90 -7.60 -0.23
N VAL B 38 -11.37 -8.60 -0.93
CA VAL B 38 -10.22 -8.40 -1.81
C VAL B 38 -9.83 -9.70 -2.50
N ASP B 39 -9.72 -9.63 -3.83
CA ASP B 39 -9.34 -10.80 -4.62
C ASP B 39 -7.83 -10.85 -4.85
N VAL B 40 -7.17 -11.76 -4.13
CA VAL B 40 -5.72 -11.90 -4.25
C VAL B 40 -5.31 -12.13 -5.71
N ASN B 41 -6.14 -12.85 -6.45
CA ASN B 41 -5.86 -13.14 -7.85
C ASN B 41 -5.69 -11.85 -8.65
N ALA B 42 -6.61 -10.92 -8.46
CA ALA B 42 -6.57 -9.64 -9.15
C ALA B 42 -5.55 -8.70 -8.52
N PHE B 43 -5.45 -8.76 -7.18
CA PHE B 43 -4.52 -7.92 -6.45
C PHE B 43 -3.07 -8.28 -6.80
N THR B 44 -2.72 -9.55 -6.62
CA THR B 44 -1.37 -10.01 -6.91
C THR B 44 -1.08 -9.93 -8.40
N SER B 45 -2.12 -10.00 -9.22
CA SER B 45 -1.96 -9.93 -10.66
C SER B 45 -1.33 -8.60 -11.08
N GLY B 46 -1.70 -7.54 -10.37
CA GLY B 46 -1.15 -6.23 -10.67
C GLY B 46 0.29 -6.07 -10.25
N LEU B 47 0.62 -6.55 -9.05
CA LEU B 47 1.97 -6.46 -8.52
C LEU B 47 2.95 -7.20 -9.44
N ARG B 48 2.52 -8.32 -10.00
CA ARG B 48 3.36 -9.11 -10.89
C ARG B 48 3.78 -8.29 -12.10
N ALA B 49 2.89 -7.41 -12.57
CA ALA B 49 3.16 -6.56 -13.72
C ALA B 49 4.14 -5.44 -13.35
N THR B 50 3.91 -4.81 -12.20
CA THR B 50 4.76 -3.73 -11.74
C THR B 50 6.15 -4.24 -11.37
N LEU B 51 6.19 -5.32 -10.60
CA LEU B 51 7.45 -5.91 -10.18
C LEU B 51 8.30 -6.30 -11.38
N SER B 52 7.68 -6.96 -12.36
CA SER B 52 8.37 -7.39 -13.56
C SER B 52 8.94 -6.20 -14.32
N ASN B 53 8.13 -5.15 -14.46
CA ASN B 53 8.56 -3.95 -15.17
C ASN B 53 9.68 -3.24 -14.40
N LEU B 54 9.52 -3.15 -13.09
CA LEU B 54 10.51 -2.49 -12.24
C LEU B 54 11.82 -3.28 -12.23
N GLY B 55 11.71 -4.60 -12.20
CA GLY B 55 12.89 -5.45 -12.18
C GLY B 55 13.73 -5.29 -13.43
N ASP B 56 13.14 -4.68 -14.47
CA ASP B 56 13.84 -4.47 -15.73
C ASP B 56 13.82 -2.99 -16.12
N SER B 57 13.45 -2.14 -15.17
CA SER B 57 13.38 -0.71 -15.42
C SER B 57 14.75 -0.05 -15.25
N GLY B 58 15.55 -0.60 -14.33
CA GLY B 58 16.87 -0.06 -14.10
C GLY B 58 17.29 -0.18 -12.65
N MET B 59 16.33 -0.50 -11.78
CA MET B 59 16.60 -0.64 -10.35
C MET B 59 17.05 -2.07 -10.03
N SER B 60 17.07 -2.40 -8.75
CA SER B 60 17.47 -3.73 -8.30
C SER B 60 16.25 -4.61 -8.05
N PRO B 61 16.49 -5.93 -7.99
CA PRO B 61 15.42 -6.91 -7.76
C PRO B 61 14.88 -6.85 -6.34
N ASN B 62 15.54 -6.08 -5.49
CA ASN B 62 15.12 -5.93 -4.10
C ASN B 62 14.31 -4.65 -3.91
N GLU B 63 14.67 -3.61 -4.66
CA GLU B 63 13.97 -2.33 -4.57
C GLU B 63 12.59 -2.42 -5.21
N ALA B 64 12.49 -3.18 -6.30
CA ALA B 64 11.22 -3.35 -7.00
C ALA B 64 10.17 -3.98 -6.10
N LYS B 65 10.63 -4.84 -5.19
CA LYS B 65 9.73 -5.52 -4.26
C LYS B 65 9.10 -4.53 -3.29
N VAL B 66 9.88 -3.56 -2.85
CA VAL B 66 9.39 -2.55 -1.91
C VAL B 66 8.73 -1.39 -2.65
N GLU B 67 9.23 -1.11 -3.85
CA GLU B 67 8.69 -0.01 -4.65
C GLU B 67 7.25 -0.31 -5.07
N VAL B 68 7.01 -1.56 -5.48
CA VAL B 68 5.67 -1.98 -5.91
C VAL B 68 4.65 -1.74 -4.81
N LEU B 69 5.05 -1.97 -3.56
CA LEU B 69 4.18 -1.79 -2.42
C LEU B 69 3.57 -0.39 -2.42
N LEU B 70 4.38 0.60 -2.77
CA LEU B 70 3.92 1.99 -2.82
C LEU B 70 3.05 2.24 -4.04
N GLU B 71 3.40 1.59 -5.15
CA GLU B 71 2.64 1.74 -6.38
C GLU B 71 1.22 1.22 -6.22
N ALA B 72 1.08 0.09 -5.55
CA ALA B 72 -0.22 -0.52 -5.31
C ALA B 72 -1.10 0.39 -4.45
N LEU B 73 -0.47 1.14 -3.55
CA LEU B 73 -1.19 2.04 -2.66
C LEU B 73 -1.71 3.25 -3.43
N THR B 74 -0.91 3.73 -4.37
CA THR B 74 -1.30 4.89 -5.18
C THR B 74 -2.59 4.62 -5.94
N ALA B 75 -2.73 3.40 -6.43
CA ALA B 75 -3.93 3.02 -7.17
C ALA B 75 -5.16 3.04 -6.28
N ALA B 76 -4.99 2.64 -5.03
CA ALA B 76 -6.10 2.61 -4.07
C ALA B 76 -6.38 4.01 -3.52
N LEU B 77 -5.32 4.71 -3.13
CA LEU B 77 -5.46 6.06 -2.59
C LEU B 77 -6.18 6.97 -3.57
N GLN B 78 -5.75 6.92 -4.83
CA GLN B 78 -6.36 7.74 -5.87
C GLN B 78 -7.83 7.38 -6.07
N LEU B 79 -8.14 6.10 -5.89
CA LEU B 79 -9.51 5.62 -6.05
C LEU B 79 -10.40 6.10 -4.91
N LEU B 80 -9.85 6.10 -3.70
CA LEU B 80 -10.59 6.54 -2.53
C LEU B 80 -11.13 7.96 -2.72
N SER B 81 -10.37 8.78 -3.42
CA SER B 81 -10.77 10.16 -3.68
C SER B 81 -12.08 10.20 -4.47
N SER B 82 -12.38 9.11 -5.17
CA SER B 82 -13.60 9.03 -5.96
C SER B 82 -14.56 7.99 -5.38
N SER B 83 -14.21 7.48 -4.21
CA SER B 83 -15.03 6.46 -3.54
C SER B 83 -16.01 7.12 -2.57
N THR B 84 -16.52 6.33 -1.64
CA THR B 84 -17.47 6.82 -0.64
C THR B 84 -16.88 6.76 0.76
N LEU B 85 -16.00 5.79 0.98
CA LEU B 85 -15.36 5.62 2.29
C LEU B 85 -16.35 5.89 3.41
N GLY B 86 -17.51 5.25 3.35
CA GLY B 86 -18.52 5.43 4.37
C GLY B 86 -18.53 4.30 5.39
N ALA B 87 -17.35 3.82 5.73
CA ALA B 87 -17.23 2.74 6.70
C ALA B 87 -15.76 2.37 6.93
N VAL B 88 -15.54 1.21 7.55
CA VAL B 88 -14.19 0.74 7.83
C VAL B 88 -14.13 -0.77 7.86
N ASP B 89 -15.14 -1.39 8.45
CA ASP B 89 -15.20 -2.85 8.54
C ASP B 89 -13.92 -3.41 9.15
N THR B 90 -13.70 -3.14 10.43
CA THR B 90 -12.51 -3.61 11.12
C THR B 90 -12.56 -5.12 11.34
N THR B 91 -13.72 -5.71 11.06
CA THR B 91 -13.91 -7.15 11.24
C THR B 91 -13.31 -7.92 10.06
N SER B 92 -13.12 -7.23 8.94
CA SER B 92 -12.57 -7.86 7.74
C SER B 92 -11.06 -7.65 7.67
N ILE B 93 -10.52 -6.92 8.65
CA ILE B 93 -9.10 -6.65 8.70
C ILE B 93 -8.28 -7.92 8.55
N GLY B 94 -8.68 -8.97 9.26
CA GLY B 94 -7.98 -10.25 9.18
C GLY B 94 -7.96 -10.80 7.77
N LEU B 95 -9.04 -10.60 7.02
CA LEU B 95 -9.14 -11.08 5.65
C LEU B 95 -8.30 -10.23 4.72
N THR B 96 -8.39 -8.91 4.89
CA THR B 96 -7.64 -7.98 4.05
C THR B 96 -6.14 -8.11 4.28
N SER B 97 -5.74 -8.08 5.55
CA SER B 97 -4.33 -8.20 5.91
C SER B 97 -3.77 -9.55 5.48
N ASN B 98 -4.62 -10.57 5.52
CA ASN B 98 -4.21 -11.92 5.14
C ASN B 98 -4.08 -12.04 3.61
N SER B 99 -4.95 -11.33 2.90
CA SER B 99 -4.94 -11.36 1.44
C SER B 99 -3.71 -10.65 0.90
N VAL B 100 -3.44 -9.45 1.40
CA VAL B 100 -2.29 -8.66 0.97
C VAL B 100 -0.99 -9.42 1.21
N SER B 101 -0.92 -10.12 2.34
CA SER B 101 0.28 -10.88 2.69
C SER B 101 0.54 -11.98 1.67
N LYS B 102 -0.51 -12.71 1.31
CA LYS B 102 -0.39 -13.79 0.34
C LYS B 102 -0.15 -13.23 -1.06
N ALA B 103 -0.80 -12.11 -1.37
CA ALA B 103 -0.66 -11.48 -2.68
C ALA B 103 0.75 -10.95 -2.88
N VAL B 104 1.27 -10.25 -1.87
CA VAL B 104 2.62 -9.68 -1.95
C VAL B 104 3.67 -10.79 -2.06
N ALA B 105 3.47 -11.86 -1.31
CA ALA B 105 4.40 -12.98 -1.32
C ALA B 105 4.12 -13.90 -2.51
N GLN B 106 3.00 -13.66 -3.19
CA GLN B 106 2.63 -14.47 -4.35
C GLN B 106 3.14 -13.84 -5.64
N ALA B 107 3.14 -12.51 -5.69
CA ALA B 107 3.61 -11.79 -6.87
C ALA B 107 5.06 -11.36 -6.71
N LEU B 108 5.42 -10.94 -5.49
CA LEU B 108 6.78 -10.50 -5.21
C LEU B 108 7.56 -11.58 -4.47
N ALA B 109 7.17 -11.83 -3.23
CA ALA B 109 7.83 -12.84 -2.41
C ALA B 109 9.30 -12.51 -2.20
N PRO A 1 15.89 -8.42 3.96
CA PRO A 1 14.60 -8.64 4.62
C PRO A 1 13.57 -9.29 3.68
N SER A 2 13.72 -10.59 3.46
CA SER A 2 12.82 -11.33 2.58
C SER A 2 11.36 -11.04 2.95
N PHE A 3 10.49 -11.13 1.94
CA PHE A 3 9.07 -10.87 2.15
C PHE A 3 8.40 -12.07 2.82
N GLY A 4 9.16 -13.15 2.99
CA GLY A 4 8.62 -14.34 3.63
C GLY A 4 8.71 -14.28 5.14
N LEU A 5 9.84 -13.81 5.64
CA LEU A 5 10.05 -13.69 7.09
C LEU A 5 9.23 -12.55 7.68
N VAL A 6 9.11 -11.47 6.91
CA VAL A 6 8.36 -10.30 7.35
C VAL A 6 6.86 -10.57 7.31
N LEU A 7 6.43 -11.37 6.35
CA LEU A 7 5.02 -11.72 6.21
C LEU A 7 4.62 -12.81 7.20
N ASN A 8 5.61 -13.51 7.74
CA ASN A 8 5.37 -14.58 8.70
C ASN A 8 5.85 -14.18 10.09
N SER A 9 6.51 -13.02 10.18
CA SER A 9 7.02 -12.54 11.45
C SER A 9 5.91 -12.47 12.50
N PRO A 10 6.31 -12.38 13.78
CA PRO A 10 5.36 -12.31 14.90
C PRO A 10 4.63 -10.98 14.94
N ASN A 11 5.03 -10.05 14.08
CA ASN A 11 4.41 -8.73 14.03
C ASN A 11 4.29 -8.25 12.58
N GLY A 12 4.35 -9.19 11.64
CA GLY A 12 4.25 -8.85 10.24
C GLY A 12 2.87 -8.31 9.88
N LEU A 13 2.15 -9.06 9.06
CA LEU A 13 0.82 -8.65 8.63
C LEU A 13 -0.24 -9.65 9.10
N ARG A 14 0.13 -10.92 9.11
CA ARG A 14 -0.78 -11.98 9.54
C ARG A 14 -0.96 -11.95 11.05
N SER A 15 -0.22 -11.08 11.72
CA SER A 15 -0.31 -10.96 13.18
C SER A 15 -1.49 -10.08 13.57
N PRO A 16 -1.95 -10.24 14.83
CA PRO A 16 -3.07 -9.47 15.37
C PRO A 16 -2.72 -8.00 15.58
N GLN A 17 -1.50 -7.75 16.04
CA GLN A 17 -1.04 -6.39 16.29
C GLN A 17 -1.09 -5.55 15.02
N ALA A 18 -0.91 -6.22 13.88
CA ALA A 18 -0.93 -5.54 12.59
C ALA A 18 -2.34 -5.10 12.22
N LYS A 19 -3.33 -5.92 12.58
CA LYS A 19 -4.72 -5.62 12.28
C LYS A 19 -5.18 -4.38 13.05
N ALA A 20 -4.72 -4.24 14.29
CA ALA A 20 -5.08 -3.10 15.12
C ALA A 20 -4.52 -1.81 14.54
N ARG A 21 -3.25 -1.85 14.12
CA ARG A 21 -2.60 -0.68 13.56
C ARG A 21 -3.32 -0.22 12.29
N ILE A 22 -3.73 -1.18 11.47
CA ILE A 22 -4.43 -0.88 10.23
C ILE A 22 -5.76 -0.18 10.50
N ASN A 23 -6.44 -0.61 11.56
CA ASN A 23 -7.72 -0.03 11.94
C ASN A 23 -7.62 1.49 12.08
N ASN A 24 -6.58 1.94 12.76
CA ASN A 24 -6.35 3.37 12.97
C ASN A 24 -6.12 4.09 11.64
N LEU A 25 -5.38 3.44 10.75
CA LEU A 25 -5.09 4.01 9.44
C LEU A 25 -6.33 4.03 8.57
N ALA A 26 -7.19 3.01 8.72
CA ALA A 26 -8.41 2.92 7.95
C ALA A 26 -9.27 4.16 8.11
N SER A 27 -9.09 4.85 9.25
CA SER A 27 -9.85 6.06 9.53
C SER A 27 -9.06 7.30 9.15
N ALA A 28 -7.76 7.28 9.42
CA ALA A 28 -6.89 8.40 9.10
C ALA A 28 -6.72 8.56 7.60
N LEU A 29 -6.42 7.46 6.92
CA LEU A 29 -6.22 7.47 5.47
C LEU A 29 -7.48 7.97 4.76
N SER A 30 -8.64 7.48 5.20
CA SER A 30 -9.91 7.88 4.61
C SER A 30 -10.13 9.38 4.75
N THR A 31 -9.70 9.92 5.88
CA THR A 31 -9.86 11.35 6.15
C THR A 31 -8.85 12.17 5.35
N ALA A 32 -7.70 11.55 5.04
CA ALA A 32 -6.67 12.23 4.27
C ALA A 32 -6.99 12.23 2.79
N VAL A 33 -7.56 11.13 2.30
CA VAL A 33 -7.92 11.01 0.89
C VAL A 33 -9.40 11.29 0.68
N GLY A 34 -9.71 12.17 -0.27
CA GLY A 34 -11.09 12.51 -0.54
C GLY A 34 -11.24 13.41 -1.76
N ARG A 35 -11.50 14.68 -1.52
CA ARG A 35 -11.67 15.64 -2.60
C ARG A 35 -10.39 16.45 -2.82
N ASN A 36 -9.44 16.30 -1.89
CA ASN A 36 -8.17 17.01 -1.98
C ASN A 36 -7.06 16.06 -2.47
N GLY A 37 -7.45 14.88 -2.92
CA GLY A 37 -6.49 13.91 -3.41
C GLY A 37 -5.94 13.03 -2.29
N VAL A 38 -5.26 13.65 -1.34
CA VAL A 38 -4.67 12.93 -0.22
C VAL A 38 -3.91 13.86 0.71
N ASP A 39 -4.07 13.66 2.01
CA ASP A 39 -3.40 14.48 3.01
C ASP A 39 -2.16 13.78 3.55
N VAL A 40 -0.99 14.22 3.11
CA VAL A 40 0.27 13.63 3.55
C VAL A 40 0.39 13.68 5.08
N ASN A 41 -0.10 14.76 5.67
CA ASN A 41 -0.05 14.93 7.11
C ASN A 41 -0.73 13.76 7.83
N ALA A 42 -1.93 13.43 7.37
CA ALA A 42 -2.70 12.33 7.97
C ALA A 42 -2.18 10.99 7.49
N PHE A 43 -1.77 10.93 6.23
CA PHE A 43 -1.25 9.69 5.64
C PHE A 43 0.04 9.26 6.34
N THR A 44 1.01 10.18 6.41
CA THR A 44 2.29 9.89 7.04
C THR A 44 2.13 9.73 8.54
N SER A 45 1.13 10.41 9.11
CA SER A 45 0.86 10.34 10.55
C SER A 45 0.55 8.91 10.97
N GLY A 46 -0.17 8.18 10.11
CA GLY A 46 -0.52 6.81 10.42
C GLY A 46 0.66 5.87 10.31
N LEU A 47 1.53 6.12 9.33
CA LEU A 47 2.70 5.28 9.12
C LEU A 47 3.70 5.43 10.27
N ARG A 48 3.84 6.66 10.77
CA ARG A 48 4.75 6.94 11.86
C ARG A 48 4.39 6.12 13.10
N ALA A 49 3.08 5.97 13.34
CA ALA A 49 2.61 5.21 14.48
C ALA A 49 2.80 3.71 14.26
N THR A 50 2.71 3.29 13.01
CA THR A 50 2.87 1.88 12.66
C THR A 50 4.33 1.47 12.68
N LEU A 51 5.20 2.36 12.20
CA LEU A 51 6.63 2.08 12.16
C LEU A 51 7.20 1.98 13.57
N SER A 52 6.73 2.84 14.46
CA SER A 52 7.19 2.84 15.84
C SER A 52 6.79 1.56 16.55
N ASN A 53 5.54 1.14 16.35
CA ASN A 53 5.04 -0.08 16.97
C ASN A 53 5.79 -1.31 16.47
N LEU A 54 6.02 -1.36 15.16
CA LEU A 54 6.73 -2.47 14.55
C LEU A 54 8.22 -2.44 14.92
N GLY A 55 8.77 -1.24 15.02
CA GLY A 55 10.17 -1.09 15.37
C GLY A 55 10.48 -1.59 16.77
N ASP A 56 9.43 -1.85 17.54
CA ASP A 56 9.60 -2.34 18.90
C ASP A 56 8.69 -3.53 19.17
N SER A 57 8.22 -4.16 18.09
CA SER A 57 7.34 -5.32 18.21
C SER A 57 8.14 -6.61 18.30
N GLY A 58 9.37 -6.58 17.78
CA GLY A 58 10.21 -7.76 17.82
C GLY A 58 10.98 -7.96 16.53
N MET A 59 10.66 -7.16 15.52
CA MET A 59 11.32 -7.26 14.22
C MET A 59 12.48 -6.27 14.13
N SER A 60 12.99 -6.08 12.92
CA SER A 60 14.11 -5.17 12.69
C SER A 60 13.61 -3.81 12.22
N PRO A 61 14.47 -2.79 12.36
CA PRO A 61 14.15 -1.42 11.95
C PRO A 61 14.05 -1.27 10.43
N ASN A 62 14.46 -2.31 9.72
CA ASN A 62 14.43 -2.30 8.26
C ASN A 62 13.18 -3.02 7.74
N GLU A 63 12.75 -4.04 8.47
CA GLU A 63 11.57 -4.81 8.09
C GLU A 63 10.30 -4.00 8.31
N ALA A 64 10.27 -3.23 9.39
CA ALA A 64 9.12 -2.41 9.72
C ALA A 64 8.85 -1.38 8.63
N LYS A 65 9.90 -0.95 7.95
CA LYS A 65 9.79 0.05 6.88
C LYS A 65 9.02 -0.53 5.70
N VAL A 66 9.22 -1.81 5.43
CA VAL A 66 8.55 -2.48 4.32
C VAL A 66 7.23 -3.09 4.77
N GLU A 67 7.17 -3.50 6.03
CA GLU A 67 5.97 -4.11 6.59
C GLU A 67 4.84 -3.08 6.68
N VAL A 68 5.20 -1.85 7.07
CA VAL A 68 4.22 -0.78 7.19
C VAL A 68 3.49 -0.54 5.88
N LEU A 69 4.22 -0.66 4.77
CA LEU A 69 3.66 -0.45 3.45
C LEU A 69 2.43 -1.34 3.24
N LEU A 70 2.52 -2.58 3.72
CA LEU A 70 1.41 -3.53 3.58
C LEU A 70 0.24 -3.13 4.48
N GLU A 71 0.55 -2.71 5.69
CA GLU A 71 -0.48 -2.30 6.65
C GLU A 71 -1.25 -1.09 6.12
N ALA A 72 -0.56 -0.21 5.40
CA ALA A 72 -1.17 0.98 4.85
C ALA A 72 -2.21 0.62 3.78
N LEU A 73 -1.90 -0.41 3.00
CA LEU A 73 -2.80 -0.86 1.93
C LEU A 73 -4.01 -1.57 2.52
N THR A 74 -3.79 -2.34 3.58
CA THR A 74 -4.87 -3.07 4.23
C THR A 74 -5.96 -2.12 4.71
N ALA A 75 -5.55 -0.95 5.19
CA ALA A 75 -6.50 0.04 5.68
C ALA A 75 -7.38 0.57 4.55
N ALA A 76 -6.80 0.71 3.37
CA ALA A 76 -7.52 1.20 2.21
C ALA A 76 -8.36 0.10 1.58
N LEU A 77 -7.75 -1.06 1.36
CA LEU A 77 -8.44 -2.19 0.76
C LEU A 77 -9.68 -2.56 1.57
N GLN A 78 -9.52 -2.63 2.89
CA GLN A 78 -10.64 -2.97 3.77
C GLN A 78 -11.72 -1.90 3.72
N LEU A 79 -11.30 -0.66 3.53
CA LEU A 79 -12.25 0.46 3.46
C LEU A 79 -13.02 0.43 2.15
N LEU A 80 -12.34 0.07 1.07
CA LEU A 80 -12.99 0.00 -0.24
C LEU A 80 -14.20 -0.90 -0.21
N SER A 81 -14.13 -1.96 0.59
CA SER A 81 -15.23 -2.91 0.72
C SER A 81 -16.50 -2.20 1.18
N SER A 82 -16.33 -1.05 1.82
CA SER A 82 -17.47 -0.28 2.32
C SER A 82 -17.58 1.06 1.60
N SER A 83 -16.74 1.24 0.58
CA SER A 83 -16.74 2.48 -0.19
C SER A 83 -17.60 2.34 -1.44
N THR A 84 -17.35 3.21 -2.42
CA THR A 84 -18.11 3.20 -3.66
C THR A 84 -17.22 2.83 -4.85
N LEU A 85 -15.96 3.24 -4.78
CA LEU A 85 -15.00 2.96 -5.85
C LEU A 85 -15.68 3.04 -7.21
N GLY A 86 -16.27 4.19 -7.50
CA GLY A 86 -16.93 4.38 -8.78
C GLY A 86 -16.18 5.31 -9.70
N ALA A 87 -14.86 5.15 -9.77
CA ALA A 87 -14.02 5.98 -10.61
C ALA A 87 -12.55 5.57 -10.51
N VAL A 88 -11.67 6.42 -11.01
CA VAL A 88 -10.24 6.15 -10.98
C VAL A 88 -9.43 7.44 -10.91
N ASP A 89 -9.87 8.44 -11.68
CA ASP A 89 -9.19 9.73 -11.70
C ASP A 89 -7.69 9.56 -11.97
N THR A 90 -7.35 9.13 -13.18
CA THR A 90 -5.95 8.92 -13.55
C THR A 90 -5.21 10.25 -13.66
N THR A 91 -5.96 11.34 -13.61
CA THR A 91 -5.37 12.67 -13.71
C THR A 91 -4.75 13.10 -12.39
N SER A 92 -5.15 12.45 -11.31
CA SER A 92 -4.63 12.77 -9.98
C SER A 92 -3.49 11.83 -9.61
N ILE A 93 -3.18 10.90 -10.50
CA ILE A 93 -2.11 9.94 -10.26
C ILE A 93 -0.83 10.65 -9.83
N GLY A 94 -0.47 11.71 -10.53
CA GLY A 94 0.73 12.46 -10.19
C GLY A 94 0.74 12.93 -8.75
N LEU A 95 -0.43 13.32 -8.25
CA LEU A 95 -0.56 13.79 -6.88
C LEU A 95 -0.50 12.63 -5.90
N THR A 96 -1.21 11.55 -6.21
CA THR A 96 -1.22 10.37 -5.36
C THR A 96 0.16 9.75 -5.24
N SER A 97 0.80 9.52 -6.39
CA SER A 97 2.13 8.93 -6.42
C SER A 97 3.14 9.84 -5.72
N ASN A 98 2.91 11.14 -5.79
CA ASN A 98 3.80 12.11 -5.16
C ASN A 98 3.57 12.17 -3.66
N SER A 99 2.32 11.99 -3.24
CA SER A 99 1.96 12.03 -1.83
C SER A 99 2.51 10.80 -1.10
N VAL A 100 2.37 9.63 -1.72
CA VAL A 100 2.85 8.39 -1.13
C VAL A 100 4.36 8.42 -0.97
N SER A 101 5.05 8.99 -1.95
CA SER A 101 6.51 9.07 -1.90
C SER A 101 6.97 9.98 -0.76
N LYS A 102 6.34 11.14 -0.64
CA LYS A 102 6.68 12.10 0.40
C LYS A 102 6.23 11.60 1.77
N ALA A 103 5.05 10.97 1.81
CA ALA A 103 4.52 10.44 3.05
C ALA A 103 5.35 9.26 3.55
N VAL A 104 5.66 8.35 2.65
CA VAL A 104 6.45 7.17 3.00
C VAL A 104 7.83 7.57 3.50
N ALA A 105 8.47 8.51 2.81
CA ALA A 105 9.79 8.99 3.19
C ALA A 105 9.71 9.93 4.39
N GLN A 106 8.52 10.47 4.64
CA GLN A 106 8.32 11.39 5.75
C GLN A 106 8.21 10.63 7.06
N ALA A 107 7.61 9.44 7.01
CA ALA A 107 7.45 8.61 8.20
C ALA A 107 8.55 7.55 8.29
N LEU A 108 8.83 6.91 7.17
CA LEU A 108 9.86 5.87 7.11
C LEU A 108 11.24 6.48 6.93
N ALA A 109 11.49 7.03 5.74
CA ALA A 109 12.76 7.66 5.44
C ALA A 109 13.03 8.85 6.36
N PRO B 1 17.14 -1.86 1.18
CA PRO B 1 16.77 -0.94 0.09
C PRO B 1 16.30 0.41 0.61
N SER B 2 17.24 1.34 0.76
CA SER B 2 16.93 2.68 1.24
C SER B 2 15.77 3.28 0.47
N PHE B 3 14.78 3.79 1.19
CA PHE B 3 13.61 4.40 0.56
C PHE B 3 13.97 5.69 -0.15
N GLY B 4 15.18 6.19 0.12
CA GLY B 4 15.64 7.41 -0.50
C GLY B 4 16.02 7.21 -1.97
N LEU B 5 16.75 6.14 -2.25
CA LEU B 5 17.16 5.83 -3.61
C LEU B 5 15.99 5.33 -4.45
N VAL B 6 15.10 4.57 -3.81
CA VAL B 6 13.93 4.03 -4.49
C VAL B 6 12.92 5.13 -4.81
N LEU B 7 12.81 6.11 -3.91
CA LEU B 7 11.88 7.22 -4.09
C LEU B 7 12.47 8.27 -5.02
N ASN B 8 13.78 8.20 -5.24
CA ASN B 8 14.46 9.15 -6.10
C ASN B 8 14.90 8.48 -7.41
N SER B 9 14.74 7.17 -7.47
CA SER B 9 15.12 6.41 -8.66
C SER B 9 14.27 6.83 -9.86
N PRO B 10 14.76 6.53 -11.07
CA PRO B 10 14.08 6.86 -12.31
C PRO B 10 12.81 6.03 -12.52
N ASN B 11 12.65 4.99 -11.71
CA ASN B 11 11.49 4.13 -11.80
C ASN B 11 10.74 4.06 -10.46
N GLY B 12 10.96 5.07 -9.62
CA GLY B 12 10.31 5.11 -8.33
C GLY B 12 8.81 5.30 -8.44
N LEU B 13 8.29 6.29 -7.72
CA LEU B 13 6.86 6.59 -7.74
C LEU B 13 6.58 7.88 -8.50
N ARG B 14 7.44 8.87 -8.30
CA ARG B 14 7.28 10.17 -8.97
C ARG B 14 7.58 10.04 -10.46
N SER B 15 8.06 8.87 -10.88
CA SER B 15 8.39 8.63 -12.27
C SER B 15 7.12 8.43 -13.11
N PRO B 16 7.22 8.72 -14.41
CA PRO B 16 6.10 8.59 -15.34
C PRO B 16 5.73 7.12 -15.59
N GLN B 17 6.73 6.25 -15.55
CA GLN B 17 6.52 4.83 -15.78
C GLN B 17 5.73 4.21 -14.63
N ALA B 18 5.94 4.73 -13.42
CA ALA B 18 5.25 4.24 -12.24
C ALA B 18 3.77 4.61 -12.28
N LYS B 19 3.47 5.79 -12.79
CA LYS B 19 2.09 6.28 -12.87
C LYS B 19 1.27 5.38 -13.80
N ALA B 20 1.88 4.95 -14.89
CA ALA B 20 1.20 4.09 -15.85
C ALA B 20 0.88 2.73 -15.25
N ARG B 21 1.83 2.18 -14.50
CA ARG B 21 1.65 0.87 -13.87
C ARG B 21 0.54 0.93 -12.83
N ILE B 22 0.45 2.05 -12.12
CA ILE B 22 -0.57 2.22 -11.09
C ILE B 22 -1.96 2.32 -11.71
N ASN B 23 -2.04 2.95 -12.89
CA ASN B 23 -3.31 3.10 -13.59
C ASN B 23 -4.02 1.75 -13.73
N ASN B 24 -3.26 0.73 -14.11
CA ASN B 24 -3.82 -0.61 -14.28
C ASN B 24 -4.30 -1.17 -12.95
N LEU B 25 -3.59 -0.84 -11.88
CA LEU B 25 -3.93 -1.31 -10.55
C LEU B 25 -5.21 -0.64 -10.05
N ALA B 26 -5.38 0.63 -10.40
CA ALA B 26 -6.56 1.38 -9.98
C ALA B 26 -7.84 0.70 -10.45
N SER B 27 -7.74 -0.08 -11.52
CA SER B 27 -8.88 -0.79 -12.07
C SER B 27 -8.95 -2.21 -11.53
N ALA B 28 -7.79 -2.85 -11.40
CA ALA B 28 -7.72 -4.21 -10.88
C ALA B 28 -8.08 -4.27 -9.40
N LEU B 29 -7.47 -3.39 -8.62
CA LEU B 29 -7.73 -3.34 -7.19
C LEU B 29 -9.21 -3.05 -6.91
N SER B 30 -9.77 -2.10 -7.66
CA SER B 30 -11.18 -1.74 -7.49
C SER B 30 -12.08 -2.94 -7.76
N THR B 31 -11.69 -3.77 -8.73
CA THR B 31 -12.47 -4.94 -9.09
C THR B 31 -12.21 -6.08 -8.12
N ALA B 32 -11.02 -6.09 -7.52
CA ALA B 32 -10.64 -7.13 -6.57
C ALA B 32 -11.32 -6.92 -5.23
N VAL B 33 -11.38 -5.67 -4.79
CA VAL B 33 -12.02 -5.34 -3.52
C VAL B 33 -13.47 -4.94 -3.71
N GLY B 34 -14.33 -5.39 -2.81
CA GLY B 34 -15.75 -5.07 -2.90
C GLY B 34 -16.56 -5.71 -1.79
N ARG B 35 -17.33 -6.74 -2.13
CA ARG B 35 -18.17 -7.43 -1.16
C ARG B 35 -17.47 -8.70 -0.67
N ASN B 36 -16.37 -9.06 -1.32
CA ASN B 36 -15.62 -10.26 -0.95
C ASN B 36 -14.36 -9.89 -0.17
N GLY B 37 -14.23 -8.61 0.17
CA GLY B 37 -13.07 -8.14 0.90
C GLY B 37 -11.93 -7.74 0.00
N VAL B 38 -11.47 -8.67 -0.82
CA VAL B 38 -10.37 -8.40 -1.74
C VAL B 38 -9.98 -9.64 -2.53
N ASP B 39 -9.75 -9.48 -3.83
CA ASP B 39 -9.38 -10.60 -4.69
C ASP B 39 -7.87 -10.67 -4.86
N VAL B 40 -7.24 -11.63 -4.19
CA VAL B 40 -5.79 -11.80 -4.27
C VAL B 40 -5.34 -12.03 -5.71
N ASN B 41 -6.17 -12.75 -6.46
CA ASN B 41 -5.85 -13.05 -7.86
C ASN B 41 -5.64 -11.75 -8.65
N ALA B 42 -6.56 -10.81 -8.49
CA ALA B 42 -6.47 -9.54 -9.19
C ALA B 42 -5.45 -8.62 -8.54
N PHE B 43 -5.38 -8.67 -7.21
CA PHE B 43 -4.45 -7.84 -6.46
C PHE B 43 -3.00 -8.22 -6.79
N THR B 44 -2.68 -9.50 -6.62
CA THR B 44 -1.33 -9.98 -6.90
C THR B 44 -1.01 -9.89 -8.38
N SER B 45 -2.04 -9.98 -9.21
CA SER B 45 -1.87 -9.90 -10.66
C SER B 45 -1.24 -8.57 -11.06
N GLY B 46 -1.60 -7.52 -10.34
CA GLY B 46 -1.08 -6.20 -10.64
C GLY B 46 0.37 -6.04 -10.22
N LEU B 47 0.70 -6.56 -9.04
CA LEU B 47 2.07 -6.48 -8.52
C LEU B 47 3.04 -7.23 -9.43
N ARG B 48 2.59 -8.36 -9.96
CA ARG B 48 3.43 -9.17 -10.85
C ARG B 48 3.85 -8.38 -12.07
N ALA B 49 2.95 -7.53 -12.57
CA ALA B 49 3.24 -6.70 -13.73
C ALA B 49 4.18 -5.56 -13.38
N THR B 50 4.02 -5.01 -12.18
CA THR B 50 4.86 -3.91 -11.72
C THR B 50 6.27 -4.39 -11.39
N LEU B 51 6.35 -5.49 -10.65
CA LEU B 51 7.65 -6.05 -10.25
C LEU B 51 8.48 -6.41 -11.49
N SER B 52 7.84 -7.04 -12.47
CA SER B 52 8.52 -7.42 -13.70
C SER B 52 9.07 -6.20 -14.42
N ASN B 53 8.25 -5.16 -14.51
CA ASN B 53 8.66 -3.93 -15.19
C ASN B 53 9.77 -3.23 -14.42
N LEU B 54 9.61 -3.14 -13.10
CA LEU B 54 10.60 -2.50 -12.24
C LEU B 54 11.92 -3.27 -12.27
N GLY B 55 11.82 -4.59 -12.28
CA GLY B 55 13.01 -5.42 -12.30
C GLY B 55 13.88 -5.16 -13.51
N ASP B 56 13.29 -4.53 -14.53
CA ASP B 56 14.03 -4.23 -15.76
C ASP B 56 13.85 -2.76 -16.13
N SER B 57 13.49 -1.95 -15.15
CA SER B 57 13.29 -0.52 -15.38
C SER B 57 14.60 0.26 -15.17
N GLY B 58 15.51 -0.33 -14.40
CA GLY B 58 16.78 0.31 -14.14
C GLY B 58 17.21 0.18 -12.68
N MET B 59 16.32 -0.36 -11.85
CA MET B 59 16.61 -0.53 -10.44
C MET B 59 17.07 -1.96 -10.15
N SER B 60 17.11 -2.31 -8.86
CA SER B 60 17.53 -3.64 -8.45
C SER B 60 16.33 -4.53 -8.18
N PRO B 61 16.56 -5.86 -8.16
CA PRO B 61 15.51 -6.84 -7.91
C PRO B 61 15.00 -6.81 -6.47
N ASN B 62 15.69 -6.04 -5.63
CA ASN B 62 15.30 -5.91 -4.23
C ASN B 62 14.49 -4.65 -3.99
N GLU B 63 14.80 -3.60 -4.75
CA GLU B 63 14.09 -2.33 -4.62
C GLU B 63 12.69 -2.42 -5.21
N ALA B 64 12.56 -3.17 -6.30
CA ALA B 64 11.27 -3.34 -6.96
C ALA B 64 10.28 -4.02 -6.04
N LYS B 65 10.78 -4.86 -5.14
CA LYS B 65 9.94 -5.58 -4.20
C LYS B 65 9.27 -4.62 -3.22
N VAL B 66 10.00 -3.57 -2.83
CA VAL B 66 9.48 -2.58 -1.90
C VAL B 66 8.80 -1.45 -2.64
N GLU B 67 9.28 -1.15 -3.84
CA GLU B 67 8.71 -0.09 -4.66
C GLU B 67 7.29 -0.43 -5.10
N VAL B 68 7.08 -1.70 -5.45
CA VAL B 68 5.77 -2.16 -5.90
C VAL B 68 4.71 -1.91 -4.84
N LEU B 69 5.09 -2.08 -3.57
CA LEU B 69 4.17 -1.86 -2.46
C LEU B 69 3.55 -0.47 -2.53
N LEU B 70 4.37 0.52 -2.87
CA LEU B 70 3.90 1.90 -2.98
C LEU B 70 3.03 2.08 -4.22
N GLU B 71 3.39 1.40 -5.30
CA GLU B 71 2.65 1.49 -6.55
C GLU B 71 1.22 0.99 -6.36
N ALA B 72 1.06 -0.03 -5.52
CA ALA B 72 -0.25 -0.60 -5.26
C ALA B 72 -1.09 0.32 -4.39
N LEU B 73 -0.43 1.10 -3.54
CA LEU B 73 -1.12 2.02 -2.65
C LEU B 73 -1.66 3.22 -3.42
N THR B 74 -0.88 3.70 -4.39
CA THR B 74 -1.29 4.84 -5.20
C THR B 74 -2.59 4.54 -5.94
N ALA B 75 -2.73 3.31 -6.42
CA ALA B 75 -3.92 2.90 -7.14
C ALA B 75 -5.15 2.94 -6.24
N ALA B 76 -4.96 2.57 -4.97
CA ALA B 76 -6.05 2.56 -4.01
C ALA B 76 -6.34 3.97 -3.49
N LEU B 77 -5.27 4.67 -3.11
CA LEU B 77 -5.41 6.03 -2.58
C LEU B 77 -6.11 6.94 -3.58
N GLN B 78 -5.69 6.85 -4.84
CA GLN B 78 -6.29 7.66 -5.90
C GLN B 78 -7.76 7.31 -6.09
N LEU B 79 -8.09 6.04 -5.88
CA LEU B 79 -9.46 5.58 -6.04
C LEU B 79 -10.35 6.10 -4.91
N LEU B 80 -9.81 6.10 -3.69
CA LEU B 80 -10.53 6.58 -2.53
C LEU B 80 -11.06 8.00 -2.75
N SER B 81 -10.28 8.80 -3.48
CA SER B 81 -10.66 10.18 -3.76
C SER B 81 -11.97 10.23 -4.55
N SER B 82 -12.27 9.12 -5.23
CA SER B 82 -13.49 9.05 -6.04
C SER B 82 -14.46 8.03 -5.44
N SER B 83 -14.14 7.54 -4.26
CA SER B 83 -14.98 6.55 -3.59
C SER B 83 -15.93 7.23 -2.60
N THR B 84 -16.43 6.46 -1.65
CA THR B 84 -17.35 6.99 -0.64
C THR B 84 -16.73 6.92 0.75
N LEU B 85 -15.93 5.89 0.99
CA LEU B 85 -15.29 5.71 2.29
C LEU B 85 -16.22 6.11 3.43
N GLY B 86 -17.42 5.54 3.43
CA GLY B 86 -18.39 5.85 4.47
C GLY B 86 -18.63 4.68 5.40
N ALA B 87 -17.60 3.87 5.62
CA ALA B 87 -17.71 2.71 6.50
C ALA B 87 -16.39 1.96 6.59
N VAL B 88 -16.12 1.38 7.75
CA VAL B 88 -14.88 0.63 7.98
C VAL B 88 -15.18 -0.76 8.52
N ASP B 89 -15.22 -1.74 7.61
CA ASP B 89 -15.47 -3.12 7.99
C ASP B 89 -14.29 -3.71 8.74
N THR B 90 -14.14 -3.32 10.01
CA THR B 90 -13.05 -3.81 10.83
C THR B 90 -13.19 -5.30 11.10
N THR B 91 -14.36 -5.85 10.78
CA THR B 91 -14.61 -7.27 10.98
C THR B 91 -14.00 -8.11 9.88
N SER B 92 -13.65 -7.45 8.77
CA SER B 92 -13.05 -8.14 7.64
C SER B 92 -11.54 -7.86 7.56
N ILE B 93 -11.01 -7.23 8.60
CA ILE B 93 -9.60 -6.90 8.65
C ILE B 93 -8.74 -8.15 8.43
N GLY B 94 -9.05 -9.21 9.17
CA GLY B 94 -8.30 -10.44 9.05
C GLY B 94 -8.23 -10.94 7.61
N LEU B 95 -9.29 -10.69 6.85
CA LEU B 95 -9.35 -11.12 5.46
C LEU B 95 -8.47 -10.23 4.58
N THR B 96 -8.53 -8.92 4.81
CA THR B 96 -7.74 -7.97 4.04
C THR B 96 -6.26 -8.13 4.33
N SER B 97 -5.91 -8.16 5.61
CA SER B 97 -4.52 -8.29 6.02
C SER B 97 -3.95 -9.63 5.56
N ASN B 98 -4.81 -10.65 5.52
CA ASN B 98 -4.40 -11.99 5.10
C ASN B 98 -4.25 -12.05 3.59
N SER B 99 -5.11 -11.33 2.88
CA SER B 99 -5.08 -11.31 1.43
C SER B 99 -3.83 -10.58 0.92
N VAL B 100 -3.59 -9.39 1.48
CA VAL B 100 -2.43 -8.59 1.08
C VAL B 100 -1.13 -9.35 1.31
N SER B 101 -1.06 -10.07 2.42
CA SER B 101 0.13 -10.84 2.76
C SER B 101 0.37 -11.94 1.74
N LYS B 102 -0.69 -12.67 1.39
CA LYS B 102 -0.60 -13.75 0.42
C LYS B 102 -0.35 -13.21 -0.99
N ALA B 103 -0.99 -12.09 -1.29
CA ALA B 103 -0.84 -11.46 -2.61
C ALA B 103 0.58 -10.95 -2.81
N VAL B 104 1.09 -10.24 -1.82
CA VAL B 104 2.45 -9.69 -1.89
C VAL B 104 3.48 -10.80 -2.01
N ALA B 105 3.30 -11.85 -1.23
CA ALA B 105 4.22 -12.98 -1.26
C ALA B 105 3.95 -13.89 -2.46
N GLN B 106 2.81 -13.68 -3.10
CA GLN B 106 2.43 -14.48 -4.27
C GLN B 106 3.00 -13.87 -5.54
N ALA B 107 3.10 -12.54 -5.58
CA ALA B 107 3.63 -11.84 -6.74
C ALA B 107 5.09 -11.48 -6.53
N LEU B 108 5.44 -11.10 -5.31
CA LEU B 108 6.81 -10.72 -4.98
C LEU B 108 7.58 -11.91 -4.42
N ALA B 109 7.22 -12.33 -3.21
CA ALA B 109 7.89 -13.46 -2.57
C ALA B 109 7.51 -14.77 -3.24
N PRO A 1 15.27 -7.19 3.14
CA PRO A 1 14.20 -7.73 3.98
C PRO A 1 13.24 -8.63 3.20
N SER A 2 13.56 -9.91 3.16
CA SER A 2 12.72 -10.88 2.44
C SER A 2 11.26 -10.74 2.85
N PHE A 3 10.37 -10.88 1.88
CA PHE A 3 8.93 -10.78 2.14
C PHE A 3 8.40 -12.04 2.81
N GLY A 4 9.27 -13.05 2.95
CA GLY A 4 8.87 -14.29 3.56
C GLY A 4 8.97 -14.24 5.08
N LEU A 5 10.05 -13.68 5.58
CA LEU A 5 10.26 -13.56 7.02
C LEU A 5 9.35 -12.50 7.62
N VAL A 6 9.17 -11.40 6.89
CA VAL A 6 8.32 -10.31 7.35
C VAL A 6 6.85 -10.72 7.36
N LEU A 7 6.47 -11.53 6.38
CA LEU A 7 5.08 -12.00 6.27
C LEU A 7 4.83 -13.17 7.22
N ASN A 8 5.91 -13.76 7.73
CA ASN A 8 5.80 -14.88 8.66
C ASN A 8 6.19 -14.45 10.07
N SER A 9 6.68 -13.24 10.20
CA SER A 9 7.08 -12.70 11.51
C SER A 9 5.87 -12.55 12.43
N PRO A 10 6.12 -12.48 13.74
CA PRO A 10 5.07 -12.33 14.75
C PRO A 10 4.42 -10.95 14.70
N ASN A 11 5.00 -10.06 13.90
CA ASN A 11 4.48 -8.70 13.78
C ASN A 11 4.17 -8.37 12.32
N GLY A 12 4.03 -9.41 11.50
CA GLY A 12 3.74 -9.21 10.09
C GLY A 12 2.36 -8.61 9.86
N LEU A 13 1.64 -9.17 8.89
CA LEU A 13 0.31 -8.68 8.56
C LEU A 13 -0.76 -9.60 9.16
N ARG A 14 -0.49 -10.90 9.14
CA ARG A 14 -1.43 -11.89 9.68
C ARG A 14 -1.46 -11.83 11.19
N SER A 15 -0.58 -11.02 11.77
CA SER A 15 -0.50 -10.88 13.22
C SER A 15 -1.64 -10.01 13.73
N PRO A 16 -2.01 -10.20 15.01
CA PRO A 16 -3.08 -9.45 15.65
C PRO A 16 -2.71 -7.99 15.89
N GLN A 17 -1.42 -7.75 16.12
CA GLN A 17 -0.93 -6.40 16.36
C GLN A 17 -1.02 -5.55 15.09
N ALA A 18 -0.88 -6.20 13.94
CA ALA A 18 -0.95 -5.52 12.65
C ALA A 18 -2.37 -5.07 12.34
N LYS A 19 -3.34 -5.90 12.73
CA LYS A 19 -4.75 -5.59 12.49
C LYS A 19 -5.17 -4.35 13.27
N ALA A 20 -4.67 -4.21 14.49
CA ALA A 20 -4.99 -3.06 15.32
C ALA A 20 -4.42 -1.78 14.74
N ARG A 21 -3.18 -1.84 14.25
CA ARG A 21 -2.53 -0.68 13.66
C ARG A 21 -3.28 -0.21 12.42
N ILE A 22 -3.70 -1.16 11.59
CA ILE A 22 -4.42 -0.84 10.36
C ILE A 22 -5.74 -0.15 10.68
N ASN A 23 -6.38 -0.57 11.76
CA ASN A 23 -7.66 0.01 12.17
C ASN A 23 -7.56 1.52 12.28
N ASN A 24 -6.50 1.99 12.93
CA ASN A 24 -6.29 3.42 13.11
C ASN A 24 -6.09 4.11 11.76
N LEU A 25 -5.35 3.45 10.87
CA LEU A 25 -5.09 4.00 9.54
C LEU A 25 -6.35 4.00 8.69
N ALA A 26 -7.19 2.98 8.87
CA ALA A 26 -8.43 2.87 8.12
C ALA A 26 -9.29 4.11 8.28
N SER A 27 -9.09 4.82 9.39
CA SER A 27 -9.85 6.04 9.68
C SER A 27 -9.08 7.27 9.25
N ALA A 28 -7.77 7.26 9.50
CA ALA A 28 -6.91 8.38 9.14
C ALA A 28 -6.78 8.51 7.62
N LEU A 29 -6.47 7.39 6.97
CA LEU A 29 -6.30 7.37 5.52
C LEU A 29 -7.58 7.83 4.83
N SER A 30 -8.72 7.36 5.30
CA SER A 30 -10.01 7.73 4.73
C SER A 30 -10.24 9.23 4.84
N THR A 31 -9.79 9.81 5.95
CA THR A 31 -9.96 11.24 6.17
C THR A 31 -8.94 12.05 5.38
N ALA A 32 -7.79 11.43 5.09
CA ALA A 32 -6.74 12.09 4.33
C ALA A 32 -7.06 12.12 2.84
N VAL A 33 -7.62 11.01 2.35
CA VAL A 33 -7.98 10.91 0.93
C VAL A 33 -9.46 11.21 0.72
N GLY A 34 -9.75 12.07 -0.24
CA GLY A 34 -11.13 12.43 -0.53
C GLY A 34 -11.26 13.33 -1.75
N ARG A 35 -11.51 14.60 -1.50
CA ARG A 35 -11.66 15.57 -2.59
C ARG A 35 -10.37 16.34 -2.81
N ASN A 36 -9.42 16.18 -1.89
CA ASN A 36 -8.14 16.87 -1.97
C ASN A 36 -7.05 15.92 -2.46
N GLY A 37 -7.46 14.73 -2.88
CA GLY A 37 -6.50 13.75 -3.36
C GLY A 37 -5.95 12.87 -2.25
N VAL A 38 -5.30 13.51 -1.29
CA VAL A 38 -4.71 12.79 -0.16
C VAL A 38 -3.98 13.73 0.78
N ASP A 39 -4.15 13.53 2.07
CA ASP A 39 -3.50 14.37 3.08
C ASP A 39 -2.25 13.69 3.63
N VAL A 40 -1.08 14.17 3.19
CA VAL A 40 0.19 13.61 3.63
C VAL A 40 0.32 13.65 5.15
N ASN A 41 -0.21 14.72 5.75
CA ASN A 41 -0.16 14.88 7.20
C ASN A 41 -0.83 13.69 7.90
N ALA A 42 -2.02 13.32 7.45
CA ALA A 42 -2.75 12.20 8.03
C ALA A 42 -2.19 10.87 7.54
N PHE A 43 -1.77 10.84 6.28
CA PHE A 43 -1.22 9.63 5.69
C PHE A 43 0.08 9.22 6.39
N THR A 44 1.02 10.16 6.46
CA THR A 44 2.30 9.90 7.10
C THR A 44 2.14 9.73 8.60
N SER A 45 1.13 10.38 9.17
CA SER A 45 0.86 10.30 10.60
C SER A 45 0.58 8.86 11.02
N GLY A 46 -0.11 8.12 10.16
CA GLY A 46 -0.43 6.74 10.47
C GLY A 46 0.77 5.83 10.36
N LEU A 47 1.62 6.09 9.36
CA LEU A 47 2.82 5.28 9.15
C LEU A 47 3.81 5.44 10.30
N ARG A 48 3.91 6.67 10.80
CA ARG A 48 4.82 6.96 11.91
C ARG A 48 4.47 6.12 13.14
N ALA A 49 3.18 5.94 13.37
CA ALA A 49 2.72 5.16 14.51
C ALA A 49 2.95 3.67 14.28
N THR A 50 2.81 3.24 13.02
CA THR A 50 3.01 1.83 12.67
C THR A 50 4.48 1.45 12.69
N LEU A 51 5.33 2.34 12.19
CA LEU A 51 6.76 2.10 12.15
C LEU A 51 7.33 1.99 13.56
N SER A 52 6.86 2.87 14.45
CA SER A 52 7.32 2.87 15.84
C SER A 52 6.84 1.62 16.57
N ASN A 53 5.62 1.20 16.28
CA ASN A 53 5.05 0.01 16.91
C ASN A 53 5.78 -1.25 16.47
N LEU A 54 6.05 -1.36 15.17
CA LEU A 54 6.75 -2.51 14.63
C LEU A 54 8.22 -2.49 15.01
N GLY A 55 8.76 -1.29 15.18
CA GLY A 55 10.16 -1.15 15.55
C GLY A 55 10.46 -1.73 16.92
N ASP A 56 9.41 -2.04 17.67
CA ASP A 56 9.56 -2.61 19.01
C ASP A 56 8.67 -3.84 19.18
N SER A 57 8.24 -4.41 18.07
CA SER A 57 7.38 -5.59 18.10
C SER A 57 8.21 -6.86 18.18
N GLY A 58 9.44 -6.78 17.71
CA GLY A 58 10.33 -7.93 17.74
C GLY A 58 11.10 -8.12 16.45
N MET A 59 10.79 -7.28 15.46
CA MET A 59 11.45 -7.36 14.16
C MET A 59 12.62 -6.38 14.08
N SER A 60 13.14 -6.18 12.88
CA SER A 60 14.25 -5.27 12.67
C SER A 60 13.76 -3.90 12.21
N PRO A 61 14.63 -2.88 12.34
CA PRO A 61 14.30 -1.51 11.94
C PRO A 61 14.20 -1.36 10.43
N ASN A 62 14.56 -2.41 9.70
CA ASN A 62 14.51 -2.39 8.24
C ASN A 62 13.25 -3.08 7.74
N GLU A 63 12.81 -4.11 8.47
CA GLU A 63 11.62 -4.86 8.09
C GLU A 63 10.36 -4.04 8.36
N ALA A 64 10.36 -3.28 9.44
CA ALA A 64 9.22 -2.45 9.80
C ALA A 64 8.94 -1.40 8.72
N LYS A 65 9.99 -0.96 8.04
CA LYS A 65 9.86 0.03 6.99
C LYS A 65 9.08 -0.53 5.80
N VAL A 66 9.29 -1.81 5.51
CA VAL A 66 8.60 -2.46 4.41
C VAL A 66 7.29 -3.07 4.87
N GLU A 67 7.25 -3.52 6.13
CA GLU A 67 6.04 -4.12 6.68
C GLU A 67 4.92 -3.10 6.80
N VAL A 68 5.28 -1.87 7.18
CA VAL A 68 4.30 -0.81 7.33
C VAL A 68 3.57 -0.54 6.02
N LEU A 69 4.29 -0.66 4.91
CA LEU A 69 3.71 -0.43 3.59
C LEU A 69 2.49 -1.32 3.38
N LEU A 70 2.57 -2.56 3.84
CA LEU A 70 1.48 -3.51 3.69
C LEU A 70 0.31 -3.13 4.60
N GLU A 71 0.62 -2.70 5.81
CA GLU A 71 -0.40 -2.29 6.77
C GLU A 71 -1.19 -1.10 6.25
N ALA A 72 -0.52 -0.22 5.51
CA ALA A 72 -1.15 0.97 4.96
C ALA A 72 -2.17 0.59 3.88
N LEU A 73 -1.85 -0.45 3.10
CA LEU A 73 -2.72 -0.91 2.04
C LEU A 73 -3.94 -1.62 2.61
N THR A 74 -3.74 -2.36 3.70
CA THR A 74 -4.82 -3.10 4.34
C THR A 74 -5.93 -2.16 4.78
N ALA A 75 -5.54 -0.97 5.25
CA ALA A 75 -6.51 0.03 5.70
C ALA A 75 -7.37 0.52 4.55
N ALA A 76 -6.76 0.64 3.37
CA ALA A 76 -7.48 1.11 2.19
C ALA A 76 -8.27 -0.02 1.54
N LEU A 77 -7.62 -1.16 1.37
CA LEU A 77 -8.26 -2.33 0.77
C LEU A 77 -9.53 -2.70 1.52
N GLN A 78 -9.49 -2.61 2.84
CA GLN A 78 -10.64 -2.94 3.68
C GLN A 78 -11.72 -1.87 3.55
N LEU A 79 -11.29 -0.62 3.34
CA LEU A 79 -12.24 0.49 3.20
C LEU A 79 -12.96 0.41 1.87
N LEU A 80 -12.25 0.02 0.83
CA LEU A 80 -12.83 -0.10 -0.51
C LEU A 80 -14.04 -1.01 -0.49
N SER A 81 -14.00 -2.04 0.34
CA SER A 81 -15.10 -2.99 0.44
C SER A 81 -16.39 -2.28 0.86
N SER A 82 -16.24 -1.15 1.53
CA SER A 82 -17.39 -0.37 2.00
C SER A 82 -17.47 0.97 1.27
N SER A 83 -16.63 1.13 0.25
CA SER A 83 -16.60 2.37 -0.53
C SER A 83 -17.46 2.24 -1.78
N THR A 84 -17.22 3.11 -2.75
CA THR A 84 -17.97 3.10 -4.00
C THR A 84 -17.08 2.73 -5.18
N LEU A 85 -15.81 3.12 -5.10
CA LEU A 85 -14.86 2.82 -6.17
C LEU A 85 -15.52 2.95 -7.54
N GLY A 86 -16.21 4.06 -7.75
CA GLY A 86 -16.88 4.29 -9.03
C GLY A 86 -16.11 5.24 -9.92
N ALA A 87 -14.78 5.08 -9.95
CA ALA A 87 -13.93 5.92 -10.77
C ALA A 87 -12.47 5.52 -10.64
N VAL A 88 -11.58 6.38 -11.14
CA VAL A 88 -10.14 6.10 -11.07
C VAL A 88 -9.35 7.40 -10.98
N ASP A 89 -9.78 8.41 -11.72
CA ASP A 89 -9.11 9.71 -11.74
C ASP A 89 -7.61 9.54 -11.99
N THR A 90 -7.27 9.14 -13.21
CA THR A 90 -5.88 8.93 -13.58
C THR A 90 -5.15 10.27 -13.70
N THR A 91 -5.90 11.36 -13.65
CA THR A 91 -5.33 12.69 -13.75
C THR A 91 -4.73 13.14 -12.42
N SER A 92 -5.16 12.49 -11.35
CA SER A 92 -4.67 12.82 -10.01
C SER A 92 -3.51 11.90 -9.61
N ILE A 93 -3.17 10.97 -10.49
CA ILE A 93 -2.09 10.03 -10.24
C ILE A 93 -0.82 10.76 -9.78
N GLY A 94 -0.53 11.88 -10.44
CA GLY A 94 0.65 12.66 -10.09
C GLY A 94 0.63 13.13 -8.65
N LEU A 95 -0.56 13.48 -8.16
CA LEU A 95 -0.72 13.94 -6.79
C LEU A 95 -0.61 12.79 -5.80
N THR A 96 -1.28 11.69 -6.12
CA THR A 96 -1.26 10.50 -5.26
C THR A 96 0.14 9.90 -5.19
N SER A 97 0.75 9.68 -6.35
CA SER A 97 2.09 9.11 -6.41
C SER A 97 3.10 10.02 -5.75
N ASN A 98 2.86 11.33 -5.81
CA ASN A 98 3.75 12.31 -5.21
C ASN A 98 3.54 12.40 -3.70
N SER A 99 2.29 12.23 -3.27
CA SER A 99 1.96 12.29 -1.86
C SER A 99 2.47 11.06 -1.12
N VAL A 100 2.25 9.89 -1.72
CA VAL A 100 2.69 8.63 -1.13
C VAL A 100 4.20 8.61 -0.94
N SER A 101 4.92 9.17 -1.92
CA SER A 101 6.37 9.21 -1.86
C SER A 101 6.84 10.10 -0.71
N LYS A 102 6.23 11.27 -0.59
CA LYS A 102 6.59 12.22 0.46
C LYS A 102 6.16 11.70 1.82
N ALA A 103 4.99 11.06 1.87
CA ALA A 103 4.45 10.52 3.12
C ALA A 103 5.30 9.36 3.61
N VAL A 104 5.62 8.42 2.71
CA VAL A 104 6.43 7.27 3.05
C VAL A 104 7.81 7.68 3.53
N ALA A 105 8.41 8.64 2.84
CA ALA A 105 9.73 9.13 3.19
C ALA A 105 9.66 10.07 4.40
N GLN A 106 8.47 10.59 4.66
CA GLN A 106 8.28 11.51 5.78
C GLN A 106 8.20 10.74 7.10
N ALA A 107 7.63 9.55 7.06
CA ALA A 107 7.50 8.71 8.25
C ALA A 107 8.61 7.67 8.31
N LEU A 108 8.87 7.02 7.18
CA LEU A 108 9.90 6.00 7.10
C LEU A 108 11.27 6.62 6.89
N ALA A 109 11.48 7.18 5.70
CA ALA A 109 12.75 7.82 5.37
C ALA A 109 12.95 9.10 6.17
N PRO B 1 18.41 -1.27 0.74
CA PRO B 1 17.65 -0.50 -0.25
C PRO B 1 16.81 0.60 0.39
N SER B 2 17.47 1.66 0.84
CA SER B 2 16.79 2.78 1.48
C SER B 2 15.64 3.28 0.61
N PHE B 3 14.68 3.94 1.24
CA PHE B 3 13.52 4.47 0.52
C PHE B 3 13.89 5.74 -0.24
N GLY B 4 15.06 6.29 0.08
CA GLY B 4 15.51 7.51 -0.58
C GLY B 4 15.90 7.28 -2.02
N LEU B 5 16.59 6.17 -2.28
CA LEU B 5 17.03 5.83 -3.62
C LEU B 5 15.87 5.31 -4.47
N VAL B 6 14.96 4.58 -3.83
CA VAL B 6 13.81 4.03 -4.52
C VAL B 6 12.79 5.12 -4.83
N LEU B 7 12.69 6.11 -3.94
CA LEU B 7 11.76 7.21 -4.12
C LEU B 7 12.33 8.25 -5.08
N ASN B 8 13.64 8.20 -5.29
CA ASN B 8 14.30 9.14 -6.19
C ASN B 8 14.74 8.45 -7.47
N SER B 9 14.61 7.13 -7.50
CA SER B 9 15.00 6.34 -8.67
C SER B 9 14.23 6.79 -9.90
N PRO B 10 14.72 6.41 -11.09
CA PRO B 10 14.09 6.75 -12.37
C PRO B 10 12.77 6.03 -12.57
N ASN B 11 12.52 5.03 -11.73
CA ASN B 11 11.28 4.25 -11.83
C ASN B 11 10.61 4.12 -10.46
N GLY B 12 10.91 5.06 -9.57
CA GLY B 12 10.32 5.04 -8.25
C GLY B 12 8.83 5.27 -8.27
N LEU B 13 8.39 6.40 -7.73
CA LEU B 13 6.97 6.72 -7.68
C LEU B 13 6.69 8.03 -8.40
N ARG B 14 7.57 9.01 -8.21
CA ARG B 14 7.43 10.31 -8.85
C ARG B 14 7.72 10.23 -10.34
N SER B 15 8.18 9.06 -10.78
CA SER B 15 8.49 8.84 -12.19
C SER B 15 7.22 8.61 -13.00
N PRO B 16 7.31 8.86 -14.31
CA PRO B 16 6.19 8.69 -15.23
C PRO B 16 5.83 7.23 -15.44
N GLN B 17 6.84 6.36 -15.42
CA GLN B 17 6.63 4.93 -15.60
C GLN B 17 5.83 4.35 -14.44
N ALA B 18 5.99 4.93 -13.27
CA ALA B 18 5.28 4.47 -12.08
C ALA B 18 3.79 4.83 -12.15
N LYS B 19 3.49 5.99 -12.70
CA LYS B 19 2.11 6.45 -12.84
C LYS B 19 1.34 5.54 -13.78
N ALA B 20 1.99 5.11 -14.85
CA ALA B 20 1.36 4.23 -15.83
C ALA B 20 1.04 2.87 -15.23
N ARG B 21 1.98 2.34 -14.45
CA ARG B 21 1.79 1.04 -13.82
C ARG B 21 0.63 1.08 -12.82
N ILE B 22 0.56 2.15 -12.05
CA ILE B 22 -0.50 2.31 -11.06
C ILE B 22 -1.88 2.39 -11.73
N ASN B 23 -1.91 3.01 -12.90
CA ASN B 23 -3.16 3.15 -13.65
C ASN B 23 -3.84 1.79 -13.84
N ASN B 24 -3.05 0.80 -14.23
CA ASN B 24 -3.58 -0.55 -14.45
C ASN B 24 -4.05 -1.16 -13.14
N LEU B 25 -3.33 -0.87 -12.05
CA LEU B 25 -3.69 -1.40 -10.75
C LEU B 25 -4.95 -0.73 -10.21
N ALA B 26 -5.11 0.55 -10.52
CA ALA B 26 -6.28 1.30 -10.08
C ALA B 26 -7.57 0.63 -10.54
N SER B 27 -7.48 -0.12 -11.64
CA SER B 27 -8.64 -0.81 -12.19
C SER B 27 -8.69 -2.27 -11.71
N ALA B 28 -7.53 -2.90 -11.64
CA ALA B 28 -7.43 -4.29 -11.20
C ALA B 28 -7.75 -4.40 -9.72
N LEU B 29 -7.12 -3.56 -8.91
CA LEU B 29 -7.33 -3.57 -7.47
C LEU B 29 -8.80 -3.34 -7.13
N SER B 30 -9.39 -2.31 -7.73
CA SER B 30 -10.78 -1.98 -7.49
C SER B 30 -11.69 -3.15 -7.86
N THR B 31 -11.29 -3.88 -8.90
CA THR B 31 -12.07 -5.03 -9.36
C THR B 31 -11.94 -6.21 -8.39
N ALA B 32 -10.81 -6.27 -7.70
CA ALA B 32 -10.56 -7.34 -6.74
C ALA B 32 -11.31 -7.10 -5.44
N VAL B 33 -11.31 -5.85 -4.99
CA VAL B 33 -12.00 -5.49 -3.75
C VAL B 33 -13.41 -5.01 -4.03
N GLY B 34 -14.30 -5.21 -3.06
CA GLY B 34 -15.68 -4.79 -3.22
C GLY B 34 -16.62 -5.48 -2.26
N ARG B 35 -17.33 -6.48 -2.76
CA ARG B 35 -18.28 -7.24 -1.93
C ARG B 35 -17.60 -8.45 -1.30
N ASN B 36 -16.44 -8.82 -1.84
CA ASN B 36 -15.69 -9.96 -1.33
C ASN B 36 -14.50 -9.50 -0.49
N GLY B 37 -14.43 -8.20 -0.24
CA GLY B 37 -13.34 -7.66 0.55
C GLY B 37 -12.10 -7.39 -0.29
N VAL B 38 -11.60 -8.42 -0.95
CA VAL B 38 -10.41 -8.29 -1.78
C VAL B 38 -10.07 -9.61 -2.47
N ASP B 39 -9.87 -9.54 -3.78
CA ASP B 39 -9.53 -10.74 -4.56
C ASP B 39 -8.03 -10.86 -4.76
N VAL B 40 -7.41 -11.78 -4.02
CA VAL B 40 -5.98 -12.00 -4.11
C VAL B 40 -5.55 -12.23 -5.56
N ASN B 41 -6.43 -12.87 -6.33
CA ASN B 41 -6.14 -13.16 -7.73
C ASN B 41 -5.94 -11.88 -8.53
N ALA B 42 -6.88 -10.94 -8.37
CA ALA B 42 -6.80 -9.67 -9.07
C ALA B 42 -5.80 -8.73 -8.41
N PHE B 43 -5.57 -8.93 -7.11
CA PHE B 43 -4.64 -8.11 -6.36
C PHE B 43 -3.20 -8.48 -6.68
N THR B 44 -2.89 -9.77 -6.57
CA THR B 44 -1.54 -10.26 -6.85
C THR B 44 -1.22 -10.17 -8.34
N SER B 45 -2.26 -10.25 -9.18
CA SER B 45 -2.09 -10.18 -10.62
C SER B 45 -1.46 -8.86 -11.03
N GLY B 46 -1.86 -7.78 -10.36
CA GLY B 46 -1.32 -6.46 -10.67
C GLY B 46 0.10 -6.30 -10.18
N LEU B 47 0.41 -6.88 -9.03
CA LEU B 47 1.74 -6.79 -8.45
C LEU B 47 2.75 -7.56 -9.31
N ARG B 48 2.33 -8.70 -9.83
CA ARG B 48 3.19 -9.52 -10.67
C ARG B 48 3.69 -8.74 -11.88
N ALA B 49 2.80 -7.96 -12.48
CA ALA B 49 3.15 -7.16 -13.65
C ALA B 49 4.02 -5.96 -13.25
N THR B 50 3.76 -5.40 -12.08
CA THR B 50 4.51 -4.27 -11.59
C THR B 50 5.93 -4.67 -11.19
N LEU B 51 6.05 -5.78 -10.49
CA LEU B 51 7.34 -6.28 -10.05
C LEU B 51 8.25 -6.57 -11.24
N SER B 52 7.69 -7.21 -12.27
CA SER B 52 8.44 -7.55 -13.47
C SER B 52 8.82 -6.28 -14.24
N ASN B 53 7.90 -5.33 -14.29
CA ASN B 53 8.13 -4.07 -15.00
C ASN B 53 9.25 -3.28 -14.34
N LEU B 54 9.23 -3.21 -13.02
CA LEU B 54 10.25 -2.48 -12.27
C LEU B 54 11.57 -3.25 -12.24
N GLY B 55 11.47 -4.57 -12.37
CA GLY B 55 12.66 -5.40 -12.37
C GLY B 55 13.52 -5.18 -13.59
N ASP B 56 13.01 -4.42 -14.55
CA ASP B 56 13.74 -4.13 -15.78
C ASP B 56 13.59 -2.66 -16.17
N SER B 57 13.18 -1.84 -15.21
CA SER B 57 12.99 -0.41 -15.46
C SER B 57 14.30 0.34 -15.28
N GLY B 58 15.23 -0.26 -14.53
CA GLY B 58 16.50 0.38 -14.30
C GLY B 58 16.96 0.23 -12.86
N MET B 59 16.10 -0.34 -12.02
CA MET B 59 16.42 -0.54 -10.61
C MET B 59 16.87 -1.97 -10.35
N SER B 60 16.94 -2.35 -9.07
CA SER B 60 17.35 -3.69 -8.70
C SER B 60 16.14 -4.57 -8.40
N PRO B 61 16.36 -5.89 -8.41
CA PRO B 61 15.29 -6.87 -8.15
C PRO B 61 14.86 -6.87 -6.69
N ASN B 62 15.57 -6.12 -5.86
CA ASN B 62 15.26 -6.03 -4.43
C ASN B 62 14.49 -4.75 -4.14
N GLU B 63 14.78 -3.69 -4.88
CA GLU B 63 14.10 -2.41 -4.69
C GLU B 63 12.68 -2.47 -5.23
N ALA B 64 12.50 -3.15 -6.35
CA ALA B 64 11.19 -3.29 -6.97
C ALA B 64 10.21 -3.96 -6.03
N LYS B 65 10.72 -4.85 -5.19
CA LYS B 65 9.89 -5.58 -4.24
C LYS B 65 9.28 -4.63 -3.21
N VAL B 66 10.05 -3.61 -2.83
CA VAL B 66 9.59 -2.64 -1.85
C VAL B 66 8.91 -1.46 -2.53
N GLU B 67 9.37 -1.14 -3.74
CA GLU B 67 8.81 -0.03 -4.50
C GLU B 67 7.38 -0.34 -4.94
N VAL B 68 7.14 -1.60 -5.31
CA VAL B 68 5.82 -2.02 -5.76
C VAL B 68 4.77 -1.77 -4.69
N LEU B 69 5.14 -1.98 -3.43
CA LEU B 69 4.23 -1.77 -2.31
C LEU B 69 3.64 -0.36 -2.35
N LEU B 70 4.47 0.62 -2.68
CA LEU B 70 4.03 2.00 -2.75
C LEU B 70 3.16 2.23 -4.00
N GLU B 71 3.53 1.59 -5.10
CA GLU B 71 2.79 1.72 -6.34
C GLU B 71 1.36 1.19 -6.19
N ALA B 72 1.22 0.15 -5.38
CA ALA B 72 -0.09 -0.46 -5.15
C ALA B 72 -0.97 0.46 -4.30
N LEU B 73 -0.34 1.22 -3.42
CA LEU B 73 -1.06 2.15 -2.54
C LEU B 73 -1.61 3.33 -3.34
N THR B 74 -0.82 3.82 -4.29
CA THR B 74 -1.22 4.95 -5.12
C THR B 74 -2.50 4.63 -5.89
N ALA B 75 -2.61 3.40 -6.36
CA ALA B 75 -3.79 2.98 -7.10
C ALA B 75 -5.04 2.99 -6.23
N ALA B 76 -4.87 2.61 -4.97
CA ALA B 76 -5.98 2.58 -4.03
C ALA B 76 -6.30 3.98 -3.50
N LEU B 77 -5.26 4.70 -3.09
CA LEU B 77 -5.42 6.06 -2.57
C LEU B 77 -6.12 6.95 -3.59
N GLN B 78 -5.68 6.87 -4.84
CA GLN B 78 -6.26 7.67 -5.91
C GLN B 78 -7.72 7.31 -6.14
N LEU B 79 -8.04 6.03 -5.94
CA LEU B 79 -9.40 5.54 -6.12
C LEU B 79 -10.31 6.04 -5.00
N LEU B 80 -9.79 6.04 -3.77
CA LEU B 80 -10.56 6.50 -2.62
C LEU B 80 -11.09 7.91 -2.84
N SER B 81 -10.31 8.73 -3.54
CA SER B 81 -10.71 10.10 -3.83
C SER B 81 -11.99 10.14 -4.65
N SER B 82 -12.27 9.05 -5.36
CA SER B 82 -13.46 8.96 -6.18
C SER B 82 -14.44 7.94 -5.61
N SER B 83 -14.14 7.43 -4.42
CA SER B 83 -15.00 6.45 -3.77
C SER B 83 -15.95 7.12 -2.79
N THR B 84 -16.47 6.35 -1.86
CA THR B 84 -17.40 6.86 -0.85
C THR B 84 -16.80 6.79 0.54
N LEU B 85 -15.95 5.80 0.78
CA LEU B 85 -15.31 5.62 2.07
C LEU B 85 -16.28 5.94 3.21
N GLY B 86 -17.46 5.32 3.16
CA GLY B 86 -18.46 5.55 4.19
C GLY B 86 -18.51 4.42 5.21
N ALA B 87 -17.35 3.91 5.59
CA ALA B 87 -17.27 2.82 6.56
C ALA B 87 -15.83 2.42 6.82
N VAL B 88 -15.64 1.27 7.46
CA VAL B 88 -14.30 0.78 7.77
C VAL B 88 -14.27 -0.75 7.79
N ASP B 89 -15.32 -1.35 8.33
CA ASP B 89 -15.41 -2.80 8.41
C ASP B 89 -14.16 -3.39 9.05
N THR B 90 -13.98 -3.12 10.34
CA THR B 90 -12.82 -3.63 11.08
C THR B 90 -12.93 -5.13 11.29
N THR B 91 -14.09 -5.70 10.98
CA THR B 91 -14.31 -7.13 11.14
C THR B 91 -13.71 -7.91 9.99
N SER B 92 -13.44 -7.21 8.89
CA SER B 92 -12.86 -7.85 7.71
C SER B 92 -11.35 -7.65 7.67
N ILE B 93 -10.82 -6.96 8.67
CA ILE B 93 -9.39 -6.71 8.76
C ILE B 93 -8.59 -7.98 8.59
N GLY B 94 -9.01 -9.03 9.29
CA GLY B 94 -8.31 -10.31 9.20
C GLY B 94 -8.19 -10.81 7.78
N LEU B 95 -9.24 -10.57 6.98
CA LEU B 95 -9.25 -11.00 5.59
C LEU B 95 -8.36 -10.09 4.73
N THR B 96 -8.47 -8.79 4.96
CA THR B 96 -7.67 -7.82 4.21
C THR B 96 -6.18 -8.01 4.49
N SER B 97 -5.82 -8.05 5.76
CA SER B 97 -4.43 -8.22 6.15
C SER B 97 -3.88 -9.57 5.68
N ASN B 98 -4.76 -10.56 5.61
CA ASN B 98 -4.38 -11.89 5.17
C ASN B 98 -4.23 -11.94 3.65
N SER B 99 -5.07 -11.18 2.95
CA SER B 99 -5.03 -11.14 1.49
C SER B 99 -3.78 -10.43 1.00
N VAL B 100 -3.45 -9.31 1.65
CA VAL B 100 -2.27 -8.54 1.27
C VAL B 100 -1.00 -9.35 1.47
N SER B 101 -0.95 -10.12 2.56
CA SER B 101 0.22 -10.93 2.86
C SER B 101 0.40 -12.04 1.84
N LYS B 102 -0.70 -12.73 1.51
CA LYS B 102 -0.66 -13.81 0.54
C LYS B 102 -0.46 -13.26 -0.87
N ALA B 103 -1.10 -12.14 -1.17
CA ALA B 103 -0.98 -11.51 -2.49
C ALA B 103 0.43 -11.00 -2.71
N VAL B 104 0.99 -10.33 -1.71
CA VAL B 104 2.34 -9.78 -1.81
C VAL B 104 3.37 -10.89 -1.96
N ALA B 105 3.20 -11.96 -1.20
CA ALA B 105 4.12 -13.09 -1.24
C ALA B 105 3.83 -13.98 -2.45
N GLN B 106 2.66 -13.76 -3.07
CA GLN B 106 2.27 -14.55 -4.23
C GLN B 106 2.81 -13.94 -5.52
N ALA B 107 2.91 -12.62 -5.54
CA ALA B 107 3.43 -11.90 -6.71
C ALA B 107 4.89 -11.53 -6.52
N LEU B 108 5.25 -11.17 -5.29
CA LEU B 108 6.62 -10.78 -4.98
C LEU B 108 7.41 -11.96 -4.42
N ALA B 109 7.07 -12.38 -3.21
CA ALA B 109 7.75 -13.50 -2.56
C ALA B 109 7.35 -14.83 -3.21
N PRO A 1 14.61 -7.35 2.66
CA PRO A 1 13.61 -7.88 3.61
C PRO A 1 12.58 -8.77 2.93
N SER A 2 12.89 -10.06 2.83
CA SER A 2 11.99 -11.01 2.20
C SER A 2 10.58 -10.91 2.78
N PHE A 3 9.58 -11.06 1.93
CA PHE A 3 8.19 -10.98 2.37
C PHE A 3 7.77 -12.26 3.09
N GLY A 4 8.67 -13.24 3.12
CA GLY A 4 8.38 -14.49 3.78
C GLY A 4 8.58 -14.43 5.28
N LEU A 5 9.72 -13.88 5.70
CA LEU A 5 10.04 -13.76 7.11
C LEU A 5 9.20 -12.68 7.77
N VAL A 6 9.01 -11.56 7.07
CA VAL A 6 8.22 -10.45 7.58
C VAL A 6 6.77 -10.86 7.77
N LEU A 7 6.27 -11.69 6.86
CA LEU A 7 4.88 -12.15 6.94
C LEU A 7 4.74 -13.29 7.94
N ASN A 8 5.87 -13.90 8.29
CA ASN A 8 5.88 -15.01 9.24
C ASN A 8 6.24 -14.53 10.63
N SER A 9 6.74 -13.30 10.73
CA SER A 9 7.13 -12.72 12.00
C SER A 9 5.91 -12.57 12.92
N PRO A 10 6.18 -12.41 14.22
CA PRO A 10 5.12 -12.25 15.23
C PRO A 10 4.41 -10.91 15.12
N ASN A 11 4.96 -10.03 14.27
CA ASN A 11 4.37 -8.71 14.07
C ASN A 11 4.21 -8.41 12.58
N GLY A 12 4.12 -9.46 11.78
CA GLY A 12 3.96 -9.29 10.35
C GLY A 12 2.64 -8.65 9.98
N LEU A 13 1.82 -9.37 9.21
CA LEU A 13 0.52 -8.87 8.78
C LEU A 13 -0.60 -9.71 9.37
N ARG A 14 -0.41 -11.03 9.35
CA ARG A 14 -1.41 -11.95 9.88
C ARG A 14 -1.48 -11.87 11.40
N SER A 15 -0.56 -11.11 11.99
CA SER A 15 -0.52 -10.94 13.44
C SER A 15 -1.63 -10.00 13.91
N PRO A 16 -2.00 -10.12 15.20
CA PRO A 16 -3.04 -9.28 15.80
C PRO A 16 -2.59 -7.83 15.95
N GLN A 17 -1.29 -7.63 16.15
CA GLN A 17 -0.74 -6.29 16.31
C GLN A 17 -0.85 -5.49 15.02
N ALA A 18 -0.79 -6.19 13.89
CA ALA A 18 -0.88 -5.56 12.59
C ALA A 18 -2.30 -5.09 12.30
N LYS A 19 -3.28 -5.89 12.72
CA LYS A 19 -4.68 -5.56 12.52
C LYS A 19 -5.06 -4.27 13.25
N ALA A 20 -4.53 -4.11 14.45
CA ALA A 20 -4.80 -2.92 15.25
C ALA A 20 -4.20 -1.68 14.61
N ARG A 21 -2.99 -1.80 14.10
CA ARG A 21 -2.29 -0.68 13.46
C ARG A 21 -3.05 -0.23 12.22
N ILE A 22 -3.58 -1.19 11.47
CA ILE A 22 -4.32 -0.89 10.26
C ILE A 22 -5.63 -0.18 10.57
N ASN A 23 -6.26 -0.56 11.68
CA ASN A 23 -7.51 0.06 12.10
C ASN A 23 -7.39 1.58 12.14
N ASN A 24 -6.29 2.06 12.73
CA ASN A 24 -6.06 3.50 12.83
C ASN A 24 -5.87 4.12 11.46
N LEU A 25 -5.25 3.38 10.55
CA LEU A 25 -5.02 3.87 9.19
C LEU A 25 -6.32 3.92 8.40
N ALA A 26 -7.20 2.95 8.64
CA ALA A 26 -8.48 2.89 7.96
C ALA A 26 -9.28 4.18 8.19
N SER A 27 -9.01 4.84 9.30
CA SER A 27 -9.71 6.08 9.63
C SER A 27 -8.91 7.29 9.17
N ALA A 28 -7.59 7.23 9.34
CA ALA A 28 -6.71 8.33 8.94
C ALA A 28 -6.66 8.46 7.42
N LEU A 29 -6.45 7.35 6.74
CA LEU A 29 -6.38 7.33 5.29
C LEU A 29 -7.70 7.81 4.67
N SER A 30 -8.81 7.34 5.24
CA SER A 30 -10.12 7.72 4.76
C SER A 30 -10.35 9.22 4.87
N THR A 31 -9.82 9.81 5.93
CA THR A 31 -9.96 11.24 6.16
C THR A 31 -8.91 12.03 5.38
N ALA A 32 -7.79 11.39 5.10
CA ALA A 32 -6.71 12.02 4.35
C ALA A 32 -7.04 12.10 2.86
N VAL A 33 -7.62 11.02 2.34
CA VAL A 33 -7.98 10.96 0.93
C VAL A 33 -9.46 11.29 0.73
N GLY A 34 -9.74 12.16 -0.24
CA GLY A 34 -11.11 12.55 -0.52
C GLY A 34 -11.23 13.45 -1.73
N ARG A 35 -11.46 14.74 -1.49
CA ARG A 35 -11.60 15.71 -2.57
C ARG A 35 -10.29 16.46 -2.79
N ASN A 36 -9.34 16.28 -1.87
CA ASN A 36 -8.05 16.94 -1.97
C ASN A 36 -6.97 15.96 -2.47
N GLY A 37 -7.40 14.77 -2.85
CA GLY A 37 -6.47 13.77 -3.34
C GLY A 37 -5.93 12.90 -2.23
N VAL A 38 -5.26 13.52 -1.26
CA VAL A 38 -4.69 12.80 -0.13
C VAL A 38 -3.95 13.74 0.82
N ASP A 39 -4.10 13.50 2.11
CA ASP A 39 -3.45 14.34 3.12
C ASP A 39 -2.19 13.65 3.65
N VAL A 40 -1.03 14.14 3.22
CA VAL A 40 0.24 13.58 3.66
C VAL A 40 0.38 13.62 5.17
N ASN A 41 -0.14 14.69 5.77
CA ASN A 41 -0.07 14.86 7.22
C ASN A 41 -0.76 13.68 7.93
N ALA A 42 -1.96 13.34 7.47
CA ALA A 42 -2.71 12.24 8.06
C ALA A 42 -2.15 10.89 7.61
N PHE A 43 -1.73 10.82 6.35
CA PHE A 43 -1.18 9.59 5.79
C PHE A 43 0.12 9.21 6.50
N THR A 44 1.07 10.15 6.51
CA THR A 44 2.36 9.91 7.15
C THR A 44 2.21 9.74 8.65
N SER A 45 1.18 10.37 9.21
CA SER A 45 0.93 10.29 10.65
C SER A 45 0.70 8.84 11.08
N GLY A 46 0.04 8.07 10.22
CA GLY A 46 -0.23 6.69 10.52
C GLY A 46 1.00 5.81 10.44
N LEU A 47 1.82 6.04 9.41
CA LEU A 47 3.04 5.27 9.20
C LEU A 47 4.00 5.45 10.38
N ARG A 48 4.04 6.67 10.91
CA ARG A 48 4.92 6.98 12.04
C ARG A 48 4.55 6.14 13.25
N ALA A 49 3.25 5.93 13.46
CA ALA A 49 2.77 5.15 14.59
C ALA A 49 3.01 3.66 14.36
N THR A 50 2.79 3.22 13.13
CA THR A 50 2.98 1.81 12.78
C THR A 50 4.46 1.44 12.80
N LEU A 51 5.28 2.26 12.17
CA LEU A 51 6.72 2.01 12.11
C LEU A 51 7.31 1.92 13.52
N SER A 52 6.84 2.80 14.40
CA SER A 52 7.33 2.82 15.78
C SER A 52 6.91 1.57 16.53
N ASN A 53 5.65 1.16 16.32
CA ASN A 53 5.13 -0.03 16.98
C ASN A 53 5.83 -1.29 16.49
N LEU A 54 6.13 -1.32 15.19
CA LEU A 54 6.81 -2.47 14.59
C LEU A 54 8.30 -2.46 14.94
N GLY A 55 8.87 -1.26 15.02
CA GLY A 55 10.28 -1.13 15.34
C GLY A 55 10.60 -1.64 16.74
N ASP A 56 9.57 -1.87 17.53
CA ASP A 56 9.75 -2.36 18.90
C ASP A 56 8.83 -3.55 19.17
N SER A 57 8.34 -4.17 18.10
CA SER A 57 7.45 -5.32 18.24
C SER A 57 8.25 -6.62 18.34
N GLY A 58 9.48 -6.59 17.87
CA GLY A 58 10.34 -7.76 17.92
C GLY A 58 11.03 -8.03 16.61
N MET A 59 10.71 -7.24 15.59
CA MET A 59 11.31 -7.39 14.27
C MET A 59 12.52 -6.48 14.11
N SER A 60 12.94 -6.26 12.87
CA SER A 60 14.08 -5.41 12.59
C SER A 60 13.64 -4.02 12.14
N PRO A 61 14.55 -3.04 12.23
CA PRO A 61 14.27 -1.65 11.83
C PRO A 61 14.12 -1.50 10.32
N ASN A 62 14.59 -2.50 9.58
CA ASN A 62 14.51 -2.48 8.12
C ASN A 62 13.22 -3.15 7.65
N GLU A 63 12.85 -4.25 8.31
CA GLU A 63 11.64 -4.97 7.94
C GLU A 63 10.39 -4.16 8.24
N ALA A 64 10.43 -3.41 9.35
CA ALA A 64 9.30 -2.58 9.74
C ALA A 64 8.99 -1.54 8.68
N LYS A 65 10.00 -1.14 7.93
CA LYS A 65 9.83 -0.14 6.87
C LYS A 65 9.00 -0.71 5.73
N VAL A 66 9.25 -1.97 5.39
CA VAL A 66 8.52 -2.63 4.31
C VAL A 66 7.21 -3.21 4.81
N GLU A 67 7.18 -3.62 6.08
CA GLU A 67 5.98 -4.19 6.67
C GLU A 67 4.86 -3.14 6.74
N VAL A 68 5.22 -1.93 7.15
CA VAL A 68 4.25 -0.84 7.27
C VAL A 68 3.58 -0.57 5.93
N LEU A 69 4.34 -0.69 4.86
CA LEU A 69 3.81 -0.46 3.52
C LEU A 69 2.57 -1.30 3.27
N LEU A 70 2.60 -2.54 3.73
CA LEU A 70 1.48 -3.46 3.56
C LEU A 70 0.34 -3.11 4.52
N GLU A 71 0.69 -2.68 5.73
CA GLU A 71 -0.30 -2.31 6.72
C GLU A 71 -1.14 -1.13 6.25
N ALA A 72 -0.49 -0.21 5.53
CA ALA A 72 -1.17 0.97 5.01
C ALA A 72 -2.17 0.60 3.92
N LEU A 73 -1.83 -0.42 3.14
CA LEU A 73 -2.69 -0.88 2.06
C LEU A 73 -3.93 -1.59 2.60
N THR A 74 -3.74 -2.36 3.66
CA THR A 74 -4.83 -3.09 4.28
C THR A 74 -5.94 -2.15 4.74
N ALA A 75 -5.54 -0.97 5.23
CA ALA A 75 -6.49 0.02 5.70
C ALA A 75 -7.34 0.56 4.54
N ALA A 76 -6.72 0.69 3.38
CA ALA A 76 -7.42 1.19 2.20
C ALA A 76 -8.25 0.09 1.54
N LEU A 77 -7.64 -1.07 1.37
CA LEU A 77 -8.32 -2.20 0.75
C LEU A 77 -9.60 -2.53 1.49
N GLN A 78 -9.52 -2.59 2.82
CA GLN A 78 -10.69 -2.89 3.63
C GLN A 78 -11.76 -1.81 3.49
N LEU A 79 -11.31 -0.58 3.30
CA LEU A 79 -12.23 0.56 3.15
C LEU A 79 -12.95 0.49 1.80
N LEU A 80 -12.21 0.08 0.76
CA LEU A 80 -12.78 -0.02 -0.57
C LEU A 80 -14.02 -0.91 -0.58
N SER A 81 -13.99 -1.95 0.26
CA SER A 81 -15.11 -2.88 0.35
C SER A 81 -16.39 -2.16 0.79
N SER A 82 -16.21 -1.03 1.46
CA SER A 82 -17.34 -0.24 1.93
C SER A 82 -17.44 1.09 1.19
N SER A 83 -16.62 1.24 0.16
CA SER A 83 -16.62 2.45 -0.64
C SER A 83 -17.50 2.30 -1.88
N THR A 84 -17.28 3.17 -2.87
CA THR A 84 -18.06 3.13 -4.10
C THR A 84 -17.18 2.78 -5.29
N LEU A 85 -15.90 3.15 -5.22
CA LEU A 85 -14.96 2.87 -6.30
C LEU A 85 -15.62 3.05 -7.66
N GLY A 86 -16.26 4.19 -7.87
CA GLY A 86 -16.91 4.46 -9.13
C GLY A 86 -16.12 5.39 -10.02
N ALA A 87 -14.80 5.20 -10.06
CA ALA A 87 -13.93 6.03 -10.87
C ALA A 87 -12.47 5.59 -10.75
N VAL A 88 -11.56 6.44 -11.20
CA VAL A 88 -10.13 6.13 -11.14
C VAL A 88 -9.30 7.41 -11.02
N ASP A 89 -9.69 8.43 -11.78
CA ASP A 89 -8.98 9.71 -11.76
C ASP A 89 -7.49 9.50 -11.98
N THR A 90 -7.13 9.09 -13.19
CA THR A 90 -5.73 8.85 -13.54
C THR A 90 -4.96 10.16 -13.63
N THR A 91 -5.68 11.27 -13.58
CA THR A 91 -5.06 12.59 -13.66
C THR A 91 -4.46 13.00 -12.32
N SER A 92 -4.95 12.39 -11.24
CA SER A 92 -4.47 12.69 -9.90
C SER A 92 -3.34 11.74 -9.50
N ILE A 93 -3.02 10.81 -10.40
CA ILE A 93 -1.96 9.84 -10.15
C ILE A 93 -0.68 10.54 -9.69
N GLY A 94 -0.32 11.61 -10.38
CA GLY A 94 0.88 12.35 -10.02
C GLY A 94 0.84 12.88 -8.60
N LEU A 95 -0.33 13.31 -8.16
CA LEU A 95 -0.51 13.84 -6.82
C LEU A 95 -0.50 12.71 -5.79
N THR A 96 -1.21 11.63 -6.09
CA THR A 96 -1.29 10.49 -5.20
C THR A 96 0.08 9.81 -5.04
N SER A 97 0.71 9.53 -6.17
CA SER A 97 2.02 8.88 -6.16
C SER A 97 3.06 9.77 -5.47
N ASN A 98 2.89 11.07 -5.61
CA ASN A 98 3.81 12.04 -5.01
C ASN A 98 3.58 12.15 -3.52
N SER A 99 2.32 12.02 -3.10
CA SER A 99 1.97 12.10 -1.69
C SER A 99 2.51 10.91 -0.91
N VAL A 100 2.28 9.71 -1.45
CA VAL A 100 2.74 8.48 -0.81
C VAL A 100 4.26 8.49 -0.66
N SER A 101 4.95 9.00 -1.68
CA SER A 101 6.41 9.06 -1.65
C SER A 101 6.91 9.99 -0.55
N LYS A 102 6.29 11.17 -0.45
CA LYS A 102 6.66 12.15 0.55
C LYS A 102 6.23 11.68 1.94
N ALA A 103 5.07 11.06 2.02
CA ALA A 103 4.54 10.56 3.29
C ALA A 103 5.37 9.39 3.80
N VAL A 104 5.63 8.42 2.92
CA VAL A 104 6.40 7.24 3.28
C VAL A 104 7.81 7.63 3.72
N ALA A 105 8.41 8.58 3.01
CA ALA A 105 9.76 9.05 3.33
C ALA A 105 9.74 10.04 4.48
N GLN A 106 8.56 10.61 4.74
CA GLN A 106 8.41 11.58 5.83
C GLN A 106 8.28 10.89 7.17
N ALA A 107 7.63 9.73 7.17
CA ALA A 107 7.44 8.97 8.40
C ALA A 107 8.48 7.86 8.51
N LEU A 108 8.72 7.16 7.40
CA LEU A 108 9.70 6.07 7.39
C LEU A 108 11.06 6.57 6.93
N ALA A 109 11.14 6.95 5.66
CA ALA A 109 12.39 7.45 5.09
C ALA A 109 13.45 6.35 5.04
N PRO B 1 16.71 -1.52 1.17
CA PRO B 1 16.29 -0.61 0.10
C PRO B 1 15.66 0.66 0.64
N SER B 2 16.50 1.64 0.97
CA SER B 2 16.03 2.91 1.50
C SER B 2 14.95 3.50 0.60
N PHE B 3 14.02 4.23 1.21
CA PHE B 3 12.93 4.86 0.47
C PHE B 3 13.42 6.11 -0.26
N GLY B 4 14.59 6.59 0.12
CA GLY B 4 15.15 7.78 -0.51
C GLY B 4 15.65 7.51 -1.92
N LEU B 5 16.37 6.41 -2.09
CA LEU B 5 16.91 6.04 -3.40
C LEU B 5 15.80 5.53 -4.31
N VAL B 6 14.91 4.72 -3.77
CA VAL B 6 13.79 4.16 -4.53
C VAL B 6 12.86 5.27 -5.01
N LEU B 7 12.67 6.29 -4.18
CA LEU B 7 11.80 7.40 -4.52
C LEU B 7 12.52 8.39 -5.44
N ASN B 8 13.84 8.30 -5.48
CA ASN B 8 14.64 9.18 -6.32
C ASN B 8 15.04 8.49 -7.62
N SER B 9 14.82 7.18 -7.67
CA SER B 9 15.16 6.40 -8.86
C SER B 9 14.37 6.87 -10.07
N PRO B 10 14.85 6.50 -11.27
CA PRO B 10 14.19 6.87 -12.53
C PRO B 10 12.86 6.16 -12.73
N ASN B 11 12.59 5.17 -11.88
CA ASN B 11 11.35 4.41 -11.96
C ASN B 11 10.71 4.27 -10.59
N GLY B 12 11.02 5.21 -9.70
CA GLY B 12 10.46 5.17 -8.35
C GLY B 12 8.95 5.35 -8.35
N LEU B 13 8.50 6.49 -7.86
CA LEU B 13 7.07 6.78 -7.79
C LEU B 13 6.74 8.08 -8.53
N ARG B 14 7.60 9.08 -8.37
CA ARG B 14 7.41 10.37 -9.01
C ARG B 14 7.67 10.27 -10.51
N SER B 15 8.16 9.12 -10.94
CA SER B 15 8.47 8.89 -12.35
C SER B 15 7.19 8.62 -13.15
N PRO B 16 7.25 8.89 -14.46
CA PRO B 16 6.10 8.67 -15.36
C PRO B 16 5.81 7.19 -15.57
N GLN B 17 6.85 6.37 -15.52
CA GLN B 17 6.69 4.94 -15.71
C GLN B 17 5.93 4.30 -14.54
N ALA B 18 6.08 4.90 -13.35
CA ALA B 18 5.40 4.40 -12.16
C ALA B 18 3.91 4.72 -12.21
N LYS B 19 3.58 5.89 -12.74
CA LYS B 19 2.19 6.32 -12.84
C LYS B 19 1.39 5.40 -13.77
N ALA B 20 2.04 4.97 -14.85
CA ALA B 20 1.39 4.08 -15.81
C ALA B 20 1.09 2.72 -15.19
N ARG B 21 2.04 2.21 -14.40
CA ARG B 21 1.87 0.92 -13.75
C ARG B 21 0.72 0.96 -12.74
N ILE B 22 0.67 2.03 -11.96
CA ILE B 22 -0.38 2.19 -10.96
C ILE B 22 -1.76 2.27 -11.61
N ASN B 23 -1.82 2.89 -12.79
CA ASN B 23 -3.08 3.01 -13.52
C ASN B 23 -3.75 1.65 -13.69
N ASN B 24 -2.97 0.66 -14.07
CA ASN B 24 -3.50 -0.69 -14.27
C ASN B 24 -3.99 -1.28 -12.95
N LEU B 25 -3.27 -0.98 -11.86
CA LEU B 25 -3.64 -1.47 -10.55
C LEU B 25 -4.91 -0.78 -10.03
N ALA B 26 -5.05 0.50 -10.36
CA ALA B 26 -6.21 1.27 -9.94
C ALA B 26 -7.50 0.62 -10.43
N SER B 27 -7.40 -0.13 -11.52
CA SER B 27 -8.57 -0.80 -12.09
C SER B 27 -8.64 -2.25 -11.64
N ALA B 28 -7.49 -2.92 -11.62
CA ALA B 28 -7.42 -4.32 -11.21
C ALA B 28 -7.70 -4.46 -9.72
N LEU B 29 -7.04 -3.63 -8.91
CA LEU B 29 -7.23 -3.67 -7.46
C LEU B 29 -8.68 -3.38 -7.10
N SER B 30 -9.24 -2.32 -7.67
CA SER B 30 -10.62 -1.94 -7.40
C SER B 30 -11.57 -3.08 -7.76
N THR B 31 -11.25 -3.81 -8.81
CA THR B 31 -12.07 -4.92 -9.27
C THR B 31 -11.94 -6.12 -8.33
N ALA B 32 -10.78 -6.23 -7.69
CA ALA B 32 -10.53 -7.33 -6.77
C ALA B 32 -11.23 -7.11 -5.43
N VAL B 33 -11.24 -5.87 -4.98
CA VAL B 33 -11.88 -5.51 -3.71
C VAL B 33 -13.29 -4.99 -3.93
N GLY B 34 -14.16 -5.19 -2.96
CA GLY B 34 -15.53 -4.74 -3.07
C GLY B 34 -16.47 -5.48 -2.14
N ARG B 35 -17.25 -6.40 -2.69
CA ARG B 35 -18.21 -7.16 -1.90
C ARG B 35 -17.55 -8.44 -1.36
N ASN B 36 -16.40 -8.80 -1.93
CA ASN B 36 -15.68 -9.98 -1.50
C ASN B 36 -14.48 -9.61 -0.65
N GLY B 37 -14.36 -8.32 -0.33
CA GLY B 37 -13.25 -7.85 0.49
C GLY B 37 -12.01 -7.55 -0.34
N VAL B 38 -11.50 -8.57 -1.02
CA VAL B 38 -10.31 -8.41 -1.85
C VAL B 38 -9.95 -9.70 -2.55
N ASP B 39 -9.78 -9.64 -3.88
CA ASP B 39 -9.43 -10.80 -4.66
C ASP B 39 -7.93 -10.90 -4.86
N VAL B 40 -7.28 -11.81 -4.14
CA VAL B 40 -5.84 -11.99 -4.23
C VAL B 40 -5.42 -12.23 -5.69
N ASN B 41 -6.26 -12.93 -6.44
CA ASN B 41 -5.97 -13.22 -7.84
C ASN B 41 -5.75 -11.93 -8.63
N ALA B 42 -6.66 -10.97 -8.45
CA ALA B 42 -6.57 -9.70 -9.14
C ALA B 42 -5.52 -8.80 -8.49
N PHE B 43 -5.42 -8.86 -7.17
CA PHE B 43 -4.47 -8.05 -6.42
C PHE B 43 -3.04 -8.45 -6.76
N THR B 44 -2.74 -9.74 -6.59
CA THR B 44 -1.40 -10.26 -6.88
C THR B 44 -1.09 -10.18 -8.37
N SER B 45 -2.12 -10.22 -9.20
CA SER B 45 -1.96 -10.15 -10.63
C SER B 45 -1.28 -8.83 -11.05
N GLY B 46 -1.63 -7.76 -10.33
CA GLY B 46 -1.05 -6.47 -10.63
C GLY B 46 0.39 -6.35 -10.19
N LEU B 47 0.70 -6.86 -9.00
CA LEU B 47 2.05 -6.81 -8.47
C LEU B 47 3.03 -7.55 -9.38
N ARG B 48 2.55 -8.66 -9.96
CA ARG B 48 3.38 -9.46 -10.85
C ARG B 48 3.80 -8.66 -12.07
N ALA B 49 2.87 -7.87 -12.61
CA ALA B 49 3.14 -7.05 -13.78
C ALA B 49 4.01 -5.85 -13.41
N THR B 50 3.72 -5.25 -12.27
CA THR B 50 4.47 -4.09 -11.80
C THR B 50 5.91 -4.47 -11.43
N LEU B 51 6.05 -5.55 -10.68
CA LEU B 51 7.37 -6.03 -10.27
C LEU B 51 8.25 -6.31 -11.48
N SER B 52 7.69 -6.98 -12.47
CA SER B 52 8.43 -7.32 -13.69
C SER B 52 8.86 -6.06 -14.42
N ASN B 53 7.96 -5.08 -14.49
CA ASN B 53 8.25 -3.81 -15.17
C ASN B 53 9.36 -3.06 -14.46
N LEU B 54 9.29 -3.01 -13.13
CA LEU B 54 10.29 -2.32 -12.33
C LEU B 54 11.60 -3.09 -12.32
N GLY B 55 11.51 -4.41 -12.38
CA GLY B 55 12.70 -5.24 -12.37
C GLY B 55 13.54 -5.04 -13.62
N ASP B 56 12.99 -4.34 -14.60
CA ASP B 56 13.70 -4.08 -15.85
C ASP B 56 13.58 -2.62 -16.25
N SER B 57 13.19 -1.78 -15.30
CA SER B 57 13.05 -0.35 -15.55
C SER B 57 14.37 0.38 -15.37
N GLY B 58 15.25 -0.21 -14.57
CA GLY B 58 16.56 0.40 -14.33
C GLY B 58 16.99 0.27 -12.87
N MET B 59 16.08 -0.19 -12.02
CA MET B 59 16.38 -0.35 -10.61
C MET B 59 16.86 -1.76 -10.30
N SER B 60 16.89 -2.12 -9.02
CA SER B 60 17.32 -3.45 -8.61
C SER B 60 16.13 -4.35 -8.36
N PRO B 61 16.38 -5.68 -8.35
CA PRO B 61 15.33 -6.68 -8.12
C PRO B 61 14.83 -6.67 -6.68
N ASN B 62 15.51 -5.91 -5.82
CA ASN B 62 15.13 -5.82 -4.42
C ASN B 62 14.30 -4.56 -4.17
N GLU B 63 14.61 -3.50 -4.89
CA GLU B 63 13.89 -2.23 -4.74
C GLU B 63 12.49 -2.33 -5.34
N ALA B 64 12.39 -3.07 -6.44
CA ALA B 64 11.10 -3.24 -7.11
C ALA B 64 10.09 -3.94 -6.21
N LYS B 65 10.59 -4.79 -5.32
CA LYS B 65 9.73 -5.52 -4.40
C LYS B 65 9.08 -4.57 -3.39
N VAL B 66 9.85 -3.58 -2.95
CA VAL B 66 9.35 -2.60 -2.00
C VAL B 66 8.65 -1.44 -2.70
N GLU B 67 9.12 -1.12 -3.90
CA GLU B 67 8.54 -0.02 -4.67
C GLU B 67 7.10 -0.35 -5.07
N VAL B 68 6.87 -1.60 -5.47
CA VAL B 68 5.54 -2.04 -5.87
C VAL B 68 4.53 -1.82 -4.75
N LEU B 69 4.95 -2.05 -3.52
CA LEU B 69 4.09 -1.88 -2.37
C LEU B 69 3.50 -0.48 -2.33
N LEU B 70 4.31 0.51 -2.69
CA LEU B 70 3.87 1.90 -2.70
C LEU B 70 2.90 2.15 -3.85
N GLU B 71 3.18 1.57 -5.01
CA GLU B 71 2.34 1.72 -6.18
C GLU B 71 0.94 1.17 -5.93
N ALA B 72 0.88 0.03 -5.26
CA ALA B 72 -0.39 -0.61 -4.94
C ALA B 72 -1.29 0.31 -4.14
N LEU B 73 -0.69 1.10 -3.25
CA LEU B 73 -1.43 2.04 -2.42
C LEU B 73 -1.91 3.23 -3.25
N THR B 74 -1.06 3.70 -4.16
CA THR B 74 -1.38 4.83 -5.01
C THR B 74 -2.66 4.55 -5.82
N ALA B 75 -2.80 3.31 -6.28
CA ALA B 75 -3.96 2.93 -7.07
C ALA B 75 -5.23 2.99 -6.24
N ALA B 76 -5.12 2.64 -4.96
CA ALA B 76 -6.26 2.65 -4.05
C ALA B 76 -6.53 4.06 -3.54
N LEU B 77 -5.48 4.76 -3.13
CA LEU B 77 -5.62 6.11 -2.63
C LEU B 77 -6.31 7.01 -3.64
N GLN B 78 -5.86 6.94 -4.89
CA GLN B 78 -6.44 7.75 -5.96
C GLN B 78 -7.91 7.38 -6.19
N LEU B 79 -8.23 6.11 -5.97
CA LEU B 79 -9.60 5.63 -6.16
C LEU B 79 -10.51 6.14 -5.04
N LEU B 80 -9.98 6.15 -3.82
CA LEU B 80 -10.75 6.62 -2.67
C LEU B 80 -11.27 8.03 -2.90
N SER B 81 -10.48 8.85 -3.60
CA SER B 81 -10.86 10.23 -3.89
C SER B 81 -12.16 10.27 -4.68
N SER B 82 -12.46 9.19 -5.39
CA SER B 82 -13.68 9.10 -6.19
C SER B 82 -14.63 8.06 -5.62
N SER B 83 -14.29 7.52 -4.44
CA SER B 83 -15.12 6.51 -3.80
C SER B 83 -16.09 7.16 -2.82
N THR B 84 -16.59 6.36 -1.88
CA THR B 84 -17.53 6.85 -0.88
C THR B 84 -16.93 6.79 0.52
N LEU B 85 -16.05 5.83 0.74
CA LEU B 85 -15.41 5.67 2.04
C LEU B 85 -16.37 5.98 3.17
N GLY B 86 -17.50 5.27 3.20
CA GLY B 86 -18.49 5.48 4.24
C GLY B 86 -18.52 4.36 5.25
N ALA B 87 -17.35 3.86 5.62
CA ALA B 87 -17.24 2.77 6.58
C ALA B 87 -15.79 2.40 6.85
N VAL B 88 -15.57 1.25 7.47
CA VAL B 88 -14.23 0.78 7.78
C VAL B 88 -14.17 -0.74 7.80
N ASP B 89 -15.19 -1.36 8.39
CA ASP B 89 -15.27 -2.81 8.49
C ASP B 89 -13.99 -3.37 9.11
N THR B 90 -13.79 -3.09 10.39
CA THR B 90 -12.61 -3.56 11.11
C THR B 90 -12.68 -5.06 11.34
N THR B 91 -13.83 -5.66 11.04
CA THR B 91 -14.03 -7.09 11.21
C THR B 91 -13.40 -7.87 10.06
N SER B 92 -13.22 -7.20 8.93
CA SER B 92 -12.63 -7.84 7.75
C SER B 92 -11.12 -7.61 7.70
N ILE B 93 -10.61 -6.90 8.71
CA ILE B 93 -9.18 -6.61 8.77
C ILE B 93 -8.35 -7.88 8.61
N GLY B 94 -8.72 -8.92 9.35
CA GLY B 94 -8.00 -10.17 9.27
C GLY B 94 -7.95 -10.73 7.87
N LEU B 95 -9.04 -10.56 7.13
CA LEU B 95 -9.12 -11.04 5.75
C LEU B 95 -8.31 -10.17 4.82
N THR B 96 -8.43 -8.85 4.98
CA THR B 96 -7.71 -7.90 4.15
C THR B 96 -6.21 -8.01 4.37
N SER B 97 -5.79 -7.97 5.64
CA SER B 97 -4.37 -8.07 5.98
C SER B 97 -3.80 -9.41 5.55
N ASN B 98 -4.64 -10.44 5.57
CA ASN B 98 -4.22 -11.79 5.18
C ASN B 98 -4.10 -11.90 3.67
N SER B 99 -4.97 -11.20 2.96
CA SER B 99 -4.97 -11.23 1.50
C SER B 99 -3.70 -10.58 0.95
N VAL B 100 -3.38 -9.39 1.45
CA VAL B 100 -2.19 -8.67 1.01
C VAL B 100 -0.93 -9.50 1.25
N SER B 101 -0.90 -10.21 2.37
CA SER B 101 0.25 -11.03 2.72
C SER B 101 0.45 -12.15 1.71
N LYS B 102 -0.64 -12.83 1.37
CA LYS B 102 -0.59 -13.93 0.41
C LYS B 102 -0.36 -13.39 -1.00
N ALA B 103 -0.98 -12.26 -1.32
CA ALA B 103 -0.83 -11.65 -2.64
C ALA B 103 0.59 -11.16 -2.86
N VAL B 104 1.12 -10.43 -1.88
CA VAL B 104 2.47 -9.89 -1.97
C VAL B 104 3.50 -11.02 -2.05
N ALA B 105 3.28 -12.08 -1.28
CA ALA B 105 4.19 -13.22 -1.28
C ALA B 105 3.90 -14.15 -2.44
N GLN B 106 2.78 -13.93 -3.12
CA GLN B 106 2.38 -14.75 -4.26
C GLN B 106 2.93 -14.17 -5.55
N ALA B 107 2.97 -12.85 -5.64
CA ALA B 107 3.46 -12.17 -6.83
C ALA B 107 4.93 -11.76 -6.66
N LEU B 108 5.27 -11.31 -5.47
CA LEU B 108 6.63 -10.88 -5.18
C LEU B 108 7.40 -11.97 -4.43
N ALA B 109 6.99 -12.22 -3.18
CA ALA B 109 7.62 -13.24 -2.37
C ALA B 109 9.09 -12.92 -2.13
#